data_8SAZ
#
_entry.id   8SAZ
#
_cell.length_a   1.00
_cell.length_b   1.00
_cell.length_c   1.00
_cell.angle_alpha   90.00
_cell.angle_beta   90.00
_cell.angle_gamma   90.00
#
_symmetry.space_group_name_H-M   'P 1'
#
loop_
_entity.id
_entity.type
_entity.pdbx_description
1 polymer 'Envelope glycoprotein gp160'
2 polymer 'CH848.10.17.SOSIP gp41'
3 polymer 'DH270.I5.6 variable heavy chain'
4 polymer 'DH270.I5.6 variable light chain'
5 branched alpha-D-mannopyranose-(1-3)-[alpha-D-mannopyranose-(1-6)]beta-D-mannopyranose-(1-4)-2-acetamido-2-deoxy-beta-D-glucopyranose-(1-4)-2-acetamido-2-deoxy-beta-D-glucopyranose
6 branched alpha-D-mannopyranose-(1-2)-alpha-D-mannopyranose-(1-2)-alpha-D-mannopyranose-(1-3)-[alpha-D-mannopyranose-(1-2)-alpha-D-mannopyranose-(1-6)-[alpha-D-mannopyranose-(1-3)]alpha-D-mannopyranose-(1-6)]beta-D-mannopyranose-(1-4)-2-acetamido-2-deoxy-beta-D-glucopyranose-(1-4)-2-acetamido-2-deoxy-beta-D-glucopyranose
7 branched alpha-D-mannopyranose-(1-3)-beta-D-mannopyranose-(1-4)-2-acetamido-2-deoxy-beta-D-glucopyranose-(1-4)-2-acetamido-2-deoxy-beta-D-glucopyranose
8 branched beta-D-mannopyranose-(1-4)-2-acetamido-2-deoxy-beta-D-glucopyranose-(1-4)-2-acetamido-2-deoxy-beta-D-glucopyranose
#
loop_
_entity_poly.entity_id
_entity_poly.type
_entity_poly.pdbx_seq_one_letter_code
_entity_poly.pdbx_strand_id
1 'polypeptide(L)'
;AENLWVTVYYGVPVWKEAKTTLFCASDARAYEKEVHNVWATHACVPTDPSPQELVLGNVTENFNMWKNDMVDQMHEDIIS
LWDQSLKPCVKLTPLCVTLICSNATVKNGTVEEMKNCSFNTTTEIRDKEKKEYALFYKPDIVPLSETNNTSEYRLINCNT
SACTQACPKVTFEPIPIHYCAPAGYAILKCNDETFNGTGPCSNVSTVQCTHGIRPVVSTQLLLNGSLAEKEIVIRSENLT
NNAKIIIVHLHTPVEIVCTRPNNNTRKSVRIGPGQTFYATGDIIGDIKQAHCNISEEKWNDTLQKVGIELQKHFPNKTIK
YNQSAGGDMEITTHSFNCGGEFFYCNTSNLFNGTYNGTYISTNSSANSTSTITLQCRIKQIINMWQGVGRCMYAPPIAGN
ITCRSNITGLLLTRDGGTNSNETETFRPAGGDMRDNWRSELYKYKVVKIEPLGVAPTRCKRRVVGRRRRRR
;
A,E,K
2 'polypeptide(L)'
;AVGIGAVFLGFLGAAGSTMGAASMTLTVQARNLLSGTVWGIKQLQARVLAVERYLRDQQLLGIWGCSGKLICCTNVPWNS
SWSNRNLSEIWDNMTWLQWDKEISNYTQIIYGLLEESQNQQEKNEQDLLALD
;
B,F,L
3 'polypeptide(L)'
;QVQLVQSGAEVKKPGASVKVSCKASGYTFTDYYIHWVRQAPGQGLEWMGWINPNTGRTNSAQKFQGRVTMTRDTSISTAY
MELSRLRSDDTAVYYCARGGWIGLYYDSSGYPNFDYWGQGTLVTVSS
;
C,H,M
4 'polypeptide(L)'
;QSALTQPASVSGSPGQSITISCTGTSYDVGSYNLVSWYQQHPGKAPKLMIYEVSKRPSGVSNRFSGSKSGNTASLTISGL
QAEDEADYYCCSYAGSSTVVFGGGTKLTVL
;
D,I,N
#
loop_
_chem_comp.id
_chem_comp.type
_chem_comp.name
_chem_comp.formula
BMA D-saccharide, beta linking beta-D-mannopyranose 'C6 H12 O6'
MAN D-saccharide, alpha linking alpha-D-mannopyranose 'C6 H12 O6'
NAG D-saccharide, beta linking 2-acetamido-2-deoxy-beta-D-glucopyranose 'C8 H15 N O6'
#
# COMPACT_ATOMS: atom_id res chain seq x y z
N GLU A 2 -15.54 65.06 -17.98
CA GLU A 2 -15.33 65.42 -16.54
C GLU A 2 -15.72 64.25 -15.64
N ASN A 3 -17.00 63.91 -15.64
CA ASN A 3 -17.50 62.82 -14.81
C ASN A 3 -17.13 61.48 -15.43
N LEU A 4 -16.54 60.60 -14.63
CA LEU A 4 -16.15 59.26 -15.08
C LEU A 4 -16.44 58.28 -13.95
N TRP A 5 -16.97 57.11 -14.32
CA TRP A 5 -17.38 56.08 -13.39
C TRP A 5 -16.62 54.79 -13.66
N VAL A 6 -16.37 54.03 -12.59
CA VAL A 6 -15.67 52.76 -12.72
C VAL A 6 -16.55 51.76 -13.45
N THR A 7 -15.97 51.06 -14.42
CA THR A 7 -16.58 49.93 -15.09
C THR A 7 -15.68 48.71 -14.92
N VAL A 8 -16.27 47.58 -14.57
CA VAL A 8 -15.53 46.35 -14.30
C VAL A 8 -15.58 45.48 -15.54
N TYR A 9 -14.42 45.03 -15.99
CA TYR A 9 -14.28 44.13 -17.14
C TYR A 9 -13.87 42.76 -16.65
N TYR A 10 -14.45 41.73 -17.27
CA TYR A 10 -14.11 40.34 -17.00
C TYR A 10 -13.81 39.66 -18.33
N GLY A 11 -12.98 38.63 -18.29
CA GLY A 11 -12.44 38.03 -19.50
C GLY A 11 -11.27 38.79 -20.07
N VAL A 12 -10.49 39.47 -19.23
CA VAL A 12 -9.42 40.36 -19.70
C VAL A 12 -8.21 39.52 -20.10
N PRO A 13 -7.39 39.95 -21.07
CA PRO A 13 -6.09 39.28 -21.30
C PRO A 13 -4.98 39.80 -20.39
N VAL A 14 -4.98 39.30 -19.16
CA VAL A 14 -4.00 39.66 -18.14
C VAL A 14 -3.55 38.37 -17.46
N TRP A 15 -2.30 38.35 -16.99
CA TRP A 15 -1.75 37.14 -16.39
C TRP A 15 -0.67 37.48 -15.37
N LYS A 16 -0.29 36.48 -14.60
CA LYS A 16 0.92 36.48 -13.78
C LYS A 16 1.60 35.13 -13.92
N GLU A 17 2.92 35.09 -13.82
CA GLU A 17 3.63 33.82 -13.77
C GLU A 17 3.50 33.22 -12.37
N ALA A 18 3.12 31.95 -12.30
CA ALA A 18 2.74 31.34 -11.04
C ALA A 18 2.95 29.83 -11.09
N LYS A 19 2.77 29.20 -9.93
CA LYS A 19 3.00 27.76 -9.78
C LYS A 19 1.70 26.99 -10.00
N THR A 20 1.84 25.75 -10.51
CA THR A 20 0.71 24.83 -10.59
C THR A 20 1.22 23.46 -11.00
N THR A 21 0.42 22.44 -10.68
CA THR A 21 0.63 21.11 -11.24
C THR A 21 0.14 21.09 -12.69
N LEU A 22 0.85 20.33 -13.52
CA LEU A 22 0.57 20.21 -14.94
C LEU A 22 0.22 18.76 -15.27
N PHE A 23 -0.65 18.59 -16.27
CA PHE A 23 -1.05 17.26 -16.69
C PHE A 23 0.14 16.56 -17.35
N CYS A 24 0.02 15.25 -17.53
CA CYS A 24 0.71 14.60 -18.63
C CYS A 24 0.03 14.98 -19.94
N ALA A 25 0.61 14.52 -21.05
CA ALA A 25 -0.14 14.28 -22.28
C ALA A 25 0.76 13.49 -23.22
N SER A 26 0.13 12.68 -24.07
CA SER A 26 0.88 11.79 -24.94
C SER A 26 0.09 11.60 -26.22
N ASP A 27 0.80 11.21 -27.27
CA ASP A 27 0.14 10.98 -28.56
C ASP A 27 -0.67 9.68 -28.51
N ALA A 28 -1.56 9.53 -29.49
CA ALA A 28 -2.56 8.47 -29.43
C ALA A 28 -1.97 7.09 -29.74
N ARG A 29 -0.86 7.03 -30.48
CA ARG A 29 -0.38 5.74 -30.97
C ARG A 29 0.06 4.82 -29.84
N ALA A 30 0.55 5.39 -28.73
CA ALA A 30 1.06 4.57 -27.63
C ALA A 30 -0.03 3.76 -26.95
N TYR A 31 -1.30 4.12 -27.13
CA TYR A 31 -2.39 3.49 -26.38
C TYR A 31 -2.80 2.13 -26.93
N GLU A 32 -2.08 1.60 -27.91
CA GLU A 32 -2.30 0.22 -28.34
C GLU A 32 -1.68 -0.79 -27.37
N LYS A 33 -0.81 -0.34 -26.47
CA LYS A 33 0.00 -1.25 -25.67
C LYS A 33 -0.75 -1.67 -24.40
N GLU A 34 -0.07 -2.42 -23.54
CA GLU A 34 -0.69 -3.05 -22.39
C GLU A 34 -0.65 -2.13 -21.17
N VAL A 35 -1.20 -2.64 -20.06
CA VAL A 35 -1.15 -1.89 -18.81
C VAL A 35 0.25 -2.00 -18.21
N HIS A 36 0.67 -0.93 -17.51
CA HIS A 36 1.99 -0.80 -16.90
C HIS A 36 3.13 -0.69 -17.92
N ASN A 37 2.80 -0.69 -19.22
CA ASN A 37 3.78 -0.71 -20.30
C ASN A 37 3.28 0.25 -21.38
N VAL A 38 3.58 1.55 -21.26
CA VAL A 38 4.28 2.28 -20.20
C VAL A 38 3.48 3.49 -19.73
N TRP A 39 3.98 4.10 -18.65
CA TRP A 39 3.44 5.31 -18.01
C TRP A 39 2.93 6.36 -18.98
N ALA A 40 3.61 6.55 -20.11
CA ALA A 40 3.11 7.46 -21.14
C ALA A 40 1.70 7.09 -21.59
N THR A 41 1.36 5.79 -21.54
CA THR A 41 -0.01 5.31 -21.72
C THR A 41 -0.69 5.07 -20.39
N HIS A 42 0.01 4.44 -19.45
CA HIS A 42 -0.62 3.91 -18.24
C HIS A 42 -0.92 5.00 -17.20
N ALA A 43 -0.17 6.10 -17.21
CA ALA A 43 -0.30 7.13 -16.18
C ALA A 43 -0.44 8.53 -16.76
N CYS A 44 -0.95 8.67 -17.98
CA CYS A 44 -0.93 9.93 -18.70
C CYS A 44 -2.09 9.99 -19.69
N VAL A 45 -2.62 11.20 -19.87
CA VAL A 45 -3.86 11.43 -20.60
C VAL A 45 -3.61 11.39 -22.11
N PRO A 46 -4.47 10.77 -22.93
CA PRO A 46 -4.31 10.90 -24.39
C PRO A 46 -4.63 12.31 -24.84
N THR A 47 -3.87 12.79 -25.83
CA THR A 47 -4.03 14.18 -26.26
C THR A 47 -3.43 14.35 -27.66
N ASP A 48 -4.26 14.82 -28.59
CA ASP A 48 -3.74 15.45 -29.80
C ASP A 48 -3.10 16.78 -29.39
N PRO A 49 -1.90 17.14 -29.92
CA PRO A 49 -1.33 18.44 -29.54
C PRO A 49 -2.17 19.61 -30.07
N SER A 50 -3.32 19.81 -29.42
CA SER A 50 -4.31 20.80 -29.80
C SER A 50 -4.75 21.54 -28.54
N PRO A 51 -5.14 22.83 -28.64
CA PRO A 51 -5.16 23.73 -29.82
C PRO A 51 -3.77 24.09 -30.31
N GLN A 52 -3.65 24.41 -31.60
CA GLN A 52 -2.35 24.61 -32.19
C GLN A 52 -1.71 25.89 -31.65
N GLU A 53 -0.46 26.12 -32.07
CA GLU A 53 0.28 27.28 -31.60
C GLU A 53 -0.34 28.55 -32.13
N LEU A 54 -0.42 29.57 -31.27
CA LEU A 54 -0.93 30.88 -31.62
C LEU A 54 0.09 31.92 -31.18
N VAL A 55 0.70 32.61 -32.15
CA VAL A 55 1.67 33.64 -31.83
C VAL A 55 0.94 34.89 -31.36
N LEU A 56 1.51 35.57 -30.36
CA LEU A 56 0.98 36.80 -29.82
C LEU A 56 1.65 37.98 -30.52
N GLY A 57 0.83 38.92 -31.01
CA GLY A 57 1.34 39.98 -31.86
C GLY A 57 2.36 40.88 -31.20
N ASN A 58 2.22 41.15 -29.90
CA ASN A 58 3.13 42.05 -29.20
C ASN A 58 3.02 41.75 -27.72
N VAL A 59 4.14 41.41 -27.09
CA VAL A 59 4.17 41.06 -25.68
C VAL A 59 5.47 41.54 -25.07
N THR A 60 5.37 42.02 -23.82
CA THR A 60 6.53 42.33 -22.99
C THR A 60 6.64 41.22 -21.94
N GLU A 61 7.78 40.55 -21.90
CA GLU A 61 7.92 39.33 -21.13
C GLU A 61 9.36 39.15 -20.70
N ASN A 62 9.54 38.47 -19.56
CA ASN A 62 10.85 38.07 -19.05
C ASN A 62 10.85 36.57 -18.78
N PHE A 63 11.92 35.90 -19.20
CA PHE A 63 12.10 34.47 -19.03
C PHE A 63 13.34 34.21 -18.18
N ASN A 64 13.27 33.19 -17.32
CA ASN A 64 14.43 32.68 -16.59
C ASN A 64 14.29 31.17 -16.53
N MET A 65 15.29 30.44 -17.03
CA MET A 65 15.19 28.99 -17.18
C MET A 65 15.72 28.22 -15.98
N TRP A 66 16.59 28.81 -15.17
CA TRP A 66 17.18 28.10 -14.03
C TRP A 66 16.30 28.10 -12.80
N LYS A 67 15.46 29.13 -12.61
CA LYS A 67 14.52 29.17 -11.50
C LYS A 67 13.15 28.61 -11.86
N ASN A 68 12.98 28.04 -13.06
CA ASN A 68 11.70 27.49 -13.47
C ASN A 68 11.29 26.34 -12.57
N ASP A 69 10.03 26.34 -12.14
CA ASP A 69 9.52 25.26 -11.29
C ASP A 69 9.03 24.07 -12.09
N MET A 70 8.84 24.23 -13.40
CA MET A 70 8.33 23.14 -14.23
C MET A 70 9.30 21.97 -14.27
N VAL A 71 10.59 22.24 -14.33
CA VAL A 71 11.59 21.17 -14.33
C VAL A 71 11.63 20.44 -12.98
N ASP A 72 11.48 21.15 -11.87
CA ASP A 72 11.36 20.50 -10.58
C ASP A 72 10.11 19.63 -10.50
N GLN A 73 9.01 20.09 -11.08
CA GLN A 73 7.80 19.27 -11.15
C GLN A 73 8.04 18.00 -11.97
N MET A 74 8.75 18.13 -13.09
CA MET A 74 9.08 16.97 -13.89
C MET A 74 9.94 15.98 -13.12
N HIS A 75 10.91 16.49 -12.36
CA HIS A 75 11.73 15.63 -11.51
C HIS A 75 10.86 14.86 -10.52
N GLU A 76 9.99 15.59 -9.80
CA GLU A 76 9.10 14.94 -8.84
C GLU A 76 8.27 13.86 -9.52
N ASP A 77 7.69 14.17 -10.68
CA ASP A 77 6.86 13.21 -11.39
C ASP A 77 7.65 11.97 -11.77
N ILE A 78 8.86 12.15 -12.30
CA ILE A 78 9.61 11.02 -12.84
C ILE A 78 10.03 10.08 -11.71
N ILE A 79 10.61 10.61 -10.63
CA ILE A 79 11.01 9.72 -9.54
C ILE A 79 9.80 9.08 -8.85
N SER A 80 8.76 9.88 -8.58
CA SER A 80 7.60 9.29 -7.89
C SER A 80 6.90 8.28 -8.77
N LEU A 81 7.03 8.38 -10.09
CA LEU A 81 6.47 7.38 -10.99
C LEU A 81 7.36 6.16 -11.11
N TRP A 82 8.68 6.33 -11.04
CA TRP A 82 9.57 5.18 -11.04
C TRP A 82 9.34 4.32 -9.82
N ASP A 83 9.12 4.97 -8.66
CA ASP A 83 8.82 4.24 -7.44
C ASP A 83 7.56 3.40 -7.60
N GLN A 84 6.55 3.97 -8.26
CA GLN A 84 5.32 3.22 -8.55
C GLN A 84 5.60 2.06 -9.51
N SER A 85 6.44 2.29 -10.51
CA SER A 85 6.71 1.26 -11.51
C SER A 85 7.51 0.08 -10.95
N LEU A 86 8.30 0.30 -9.91
CA LEU A 86 9.06 -0.80 -9.31
C LEU A 86 8.27 -1.59 -8.27
N LYS A 87 7.09 -1.13 -7.88
CA LYS A 87 6.27 -1.81 -6.88
C LYS A 87 5.87 -3.24 -7.25
N PRO A 88 5.30 -3.50 -8.43
CA PRO A 88 4.69 -4.81 -8.68
C PRO A 88 5.66 -5.94 -9.00
N CYS A 89 6.97 -5.77 -8.81
CA CYS A 89 7.96 -6.76 -9.20
C CYS A 89 8.67 -7.34 -7.98
N VAL A 90 9.29 -8.51 -8.18
CA VAL A 90 9.91 -9.25 -7.08
C VAL A 90 11.09 -8.46 -6.54
N LYS A 91 11.34 -8.58 -5.23
CA LYS A 91 12.37 -7.78 -4.56
C LYS A 91 13.62 -8.62 -4.26
N LEU A 92 13.83 -9.68 -5.04
CA LEU A 92 14.93 -10.62 -4.82
C LEU A 92 14.92 -11.09 -3.36
N THR A 93 16.04 -10.87 -2.61
CA THR A 93 16.26 -11.04 -1.16
C THR A 93 17.01 -12.34 -0.84
N PRO A 94 16.63 -13.52 -1.35
CA PRO A 94 17.48 -14.69 -1.11
C PRO A 94 18.87 -14.61 -1.70
N LEU A 95 19.09 -13.75 -2.70
CA LEU A 95 20.39 -13.70 -3.35
C LEU A 95 21.44 -12.93 -2.56
N CYS A 96 21.17 -12.58 -1.31
CA CYS A 96 22.24 -12.12 -0.43
C CYS A 96 23.12 -13.27 0.06
N VAL A 97 22.76 -14.52 -0.25
CA VAL A 97 23.62 -15.66 0.03
C VAL A 97 24.98 -15.47 -0.64
N THR A 98 26.00 -16.11 -0.07
CA THR A 98 27.34 -16.06 -0.63
C THR A 98 27.38 -16.66 -2.03
N LEU A 99 28.28 -16.13 -2.84
CA LEU A 99 28.56 -16.66 -4.17
C LEU A 99 29.98 -17.22 -4.16
N ILE A 100 30.12 -18.47 -4.59
CA ILE A 100 31.42 -19.11 -4.78
C ILE A 100 31.70 -19.09 -6.28
N CYS A 101 32.67 -18.28 -6.69
CA CYS A 101 32.90 -17.97 -8.10
C CYS A 101 34.29 -18.45 -8.48
N SER A 102 34.38 -19.11 -9.64
CA SER A 102 35.64 -19.69 -10.09
C SER A 102 36.70 -18.61 -10.29
N ASN A 103 37.90 -18.88 -9.78
CA ASN A 103 39.00 -17.91 -9.80
C ASN A 103 39.78 -18.02 -11.12
N ALA A 104 39.19 -17.45 -12.17
CA ALA A 104 39.82 -17.47 -13.48
C ALA A 104 40.96 -16.46 -13.54
N THR A 105 42.01 -16.82 -14.28
CA THR A 105 43.17 -15.95 -14.51
C THR A 105 43.55 -16.01 -15.98
N VAL A 106 43.91 -14.85 -16.53
CA VAL A 106 44.20 -14.72 -17.95
C VAL A 106 45.46 -13.88 -18.10
N LYS A 107 46.13 -14.03 -19.26
CA LYS A 107 47.31 -13.23 -19.58
C LYS A 107 46.92 -11.86 -20.11
N ASN A 108 46.11 -11.11 -19.36
CA ASN A 108 45.61 -9.81 -19.77
C ASN A 108 44.87 -9.92 -21.11
N GLY A 109 43.76 -10.64 -21.06
CA GLY A 109 42.99 -10.93 -22.26
C GLY A 109 42.46 -9.72 -22.99
N THR A 110 42.35 -8.57 -22.33
CA THR A 110 41.92 -7.32 -22.94
C THR A 110 40.43 -7.36 -23.34
N VAL A 111 39.68 -8.34 -22.83
CA VAL A 111 38.23 -8.40 -23.01
C VAL A 111 37.64 -8.90 -21.70
N GLU A 112 36.69 -8.16 -21.15
CA GLU A 112 36.18 -8.46 -19.82
C GLU A 112 35.52 -9.84 -19.79
N GLU A 113 36.01 -10.71 -18.92
CA GLU A 113 35.61 -12.11 -18.91
C GLU A 113 34.30 -12.36 -18.19
N MET A 114 33.92 -11.48 -17.26
CA MET A 114 32.82 -11.73 -16.31
C MET A 114 33.20 -12.87 -15.37
N LYS A 115 32.40 -13.09 -14.32
CA LYS A 115 32.66 -14.14 -13.35
C LYS A 115 31.46 -15.07 -13.28
N ASN A 116 31.75 -16.37 -13.30
CA ASN A 116 30.76 -17.43 -13.30
C ASN A 116 30.66 -17.98 -11.88
N CYS A 117 29.51 -17.74 -11.25
CA CYS A 117 29.30 -18.01 -9.83
C CYS A 117 28.31 -19.16 -9.64
N SER A 118 28.22 -19.61 -8.38
CA SER A 118 27.36 -20.74 -8.01
C SER A 118 26.80 -20.49 -6.62
N PHE A 119 25.59 -20.99 -6.38
CA PHE A 119 24.89 -20.71 -5.13
C PHE A 119 23.66 -21.60 -5.00
N ASN A 120 23.01 -21.50 -3.85
CA ASN A 120 21.86 -22.33 -3.51
C ASN A 120 20.56 -21.55 -3.70
N THR A 121 19.54 -22.25 -4.20
CA THR A 121 18.24 -21.64 -4.47
C THR A 121 17.14 -22.60 -4.04
N THR A 122 15.95 -22.04 -3.81
CA THR A 122 14.81 -22.84 -3.37
C THR A 122 14.11 -23.48 -4.57
N THR A 123 13.76 -24.76 -4.41
CA THR A 123 12.96 -25.47 -5.40
C THR A 123 11.48 -25.18 -5.14
N GLU A 124 10.59 -25.98 -5.72
CA GLU A 124 9.15 -25.79 -5.50
C GLU A 124 8.72 -26.06 -4.02
N ILE A 125 9.61 -26.53 -3.16
CA ILE A 125 9.36 -26.73 -1.74
C ILE A 125 10.22 -25.75 -0.97
N ARG A 126 9.70 -25.23 0.14
CA ARG A 126 10.46 -24.33 0.99
C ARG A 126 11.73 -24.98 1.53
N ASP A 127 11.71 -26.27 1.83
CA ASP A 127 12.71 -26.91 2.66
C ASP A 127 13.87 -27.56 1.91
N LYS A 128 13.72 -27.84 0.62
CA LYS A 128 14.79 -28.40 -0.20
C LYS A 128 15.37 -27.32 -1.12
N GLU A 129 16.68 -27.14 -1.05
CA GLU A 129 17.40 -26.22 -1.90
C GLU A 129 18.06 -26.99 -3.04
N LYS A 130 18.69 -26.24 -3.96
CA LYS A 130 19.48 -26.85 -5.03
C LYS A 130 20.57 -25.87 -5.44
N LYS A 131 21.71 -26.43 -5.88
CA LYS A 131 22.78 -25.60 -6.41
C LYS A 131 22.40 -25.07 -7.78
N GLU A 132 22.72 -23.81 -8.02
CA GLU A 132 22.51 -23.15 -9.30
C GLU A 132 23.80 -22.43 -9.69
N TYR A 133 23.81 -21.88 -10.90
CA TYR A 133 24.90 -21.06 -11.38
C TYR A 133 24.34 -19.97 -12.28
N ALA A 134 25.08 -18.86 -12.35
CA ALA A 134 24.67 -17.72 -13.15
C ALA A 134 25.86 -16.81 -13.35
N LEU A 135 26.16 -16.50 -14.62
CA LEU A 135 27.22 -15.57 -14.93
C LEU A 135 26.81 -14.15 -14.56
N PHE A 136 27.71 -13.43 -13.91
CA PHE A 136 27.48 -12.06 -13.47
C PHE A 136 28.60 -11.16 -13.99
N TYR A 137 28.25 -9.93 -14.34
CA TYR A 137 29.26 -8.93 -14.64
C TYR A 137 30.10 -8.66 -13.40
N LYS A 138 31.39 -8.43 -13.61
CA LYS A 138 32.31 -8.24 -12.49
C LYS A 138 31.98 -7.06 -11.57
N PRO A 139 31.60 -5.87 -12.07
CA PRO A 139 31.45 -4.72 -11.16
C PRO A 139 30.40 -4.90 -10.09
N ASP A 140 29.42 -5.78 -10.28
CA ASP A 140 28.35 -5.98 -9.32
C ASP A 140 28.68 -7.02 -8.26
N ILE A 141 29.88 -7.59 -8.28
CA ILE A 141 30.26 -8.70 -7.41
C ILE A 141 31.46 -8.27 -6.59
N VAL A 142 31.36 -8.39 -5.28
CA VAL A 142 32.32 -7.84 -4.32
C VAL A 142 32.95 -8.99 -3.55
N PRO A 143 34.28 -9.00 -3.34
CA PRO A 143 34.86 -10.03 -2.46
C PRO A 143 34.43 -9.84 -1.02
N LEU A 144 34.39 -10.95 -0.28
CA LEU A 144 33.81 -10.99 1.05
C LEU A 144 34.85 -11.03 2.17
N SER A 145 35.87 -11.88 2.04
CA SER A 145 36.80 -12.12 3.13
C SER A 145 37.65 -10.88 3.41
N GLU A 146 37.94 -10.67 4.70
CA GLU A 146 39.00 -9.73 5.06
C GLU A 146 40.37 -10.33 4.80
N THR A 147 40.50 -11.65 4.86
CA THR A 147 41.72 -12.33 4.47
C THR A 147 41.87 -12.28 2.94
N ASN A 148 42.96 -12.89 2.46
CA ASN A 148 43.24 -12.94 1.03
C ASN A 148 42.56 -14.11 0.34
N ASN A 149 41.24 -14.26 0.52
CA ASN A 149 40.50 -15.32 -0.15
C ASN A 149 40.08 -14.88 -1.55
N THR A 150 39.97 -15.84 -2.46
CA THR A 150 39.51 -15.62 -3.82
C THR A 150 38.34 -16.50 -4.22
N SER A 151 37.90 -17.42 -3.35
CA SER A 151 36.88 -18.38 -3.73
C SER A 151 35.47 -17.83 -3.61
N GLU A 152 35.23 -16.89 -2.68
CA GLU A 152 33.89 -16.52 -2.26
C GLU A 152 33.62 -15.06 -2.59
N TYR A 153 32.34 -14.74 -2.81
CA TYR A 153 31.93 -13.42 -3.27
C TYR A 153 30.49 -13.16 -2.83
N ARG A 154 30.04 -11.92 -3.03
CA ARG A 154 28.65 -11.55 -2.77
C ARG A 154 28.28 -10.41 -3.70
N LEU A 155 26.97 -10.22 -3.88
CA LEU A 155 26.47 -9.11 -4.71
C LEU A 155 26.76 -7.77 -4.03
N ILE A 156 26.88 -6.72 -4.85
CA ILE A 156 27.29 -5.42 -4.33
C ILE A 156 26.28 -4.87 -3.34
N ASN A 157 24.99 -5.12 -3.55
CA ASN A 157 23.97 -4.74 -2.58
C ASN A 157 23.94 -5.75 -1.44
N CYS A 158 22.91 -5.66 -0.58
CA CYS A 158 22.79 -6.35 0.71
C CYS A 158 23.65 -5.67 1.78
N ASN A 159 24.42 -4.65 1.40
CA ASN A 159 24.99 -3.71 2.35
C ASN A 159 24.15 -2.44 2.45
N THR A 160 23.29 -2.17 1.46
CA THR A 160 22.51 -0.95 1.39
C THR A 160 21.01 -1.24 1.47
N SER A 161 20.52 -2.13 0.63
CA SER A 161 19.09 -2.46 0.58
C SER A 161 18.90 -3.69 -0.29
N ALA A 162 17.66 -4.18 -0.32
CA ALA A 162 17.30 -5.29 -1.17
C ALA A 162 16.84 -4.77 -2.52
N CYS A 163 17.55 -5.16 -3.58
CA CYS A 163 17.24 -4.66 -4.91
C CYS A 163 16.01 -5.36 -5.46
N THR A 164 15.35 -4.69 -6.41
CA THR A 164 14.13 -5.19 -7.03
C THR A 164 14.36 -5.41 -8.52
N GLN A 165 14.06 -6.62 -8.97
CA GLN A 165 14.17 -6.92 -10.39
C GLN A 165 13.10 -6.16 -11.15
N ALA A 166 13.48 -5.53 -12.26
CA ALA A 166 12.51 -4.92 -13.14
C ALA A 166 11.83 -6.00 -13.95
N CYS A 167 10.50 -6.03 -13.92
CA CYS A 167 9.75 -7.02 -14.68
C CYS A 167 10.03 -6.82 -16.17
N PRO A 168 10.41 -7.86 -16.93
CA PRO A 168 10.68 -7.64 -18.36
C PRO A 168 9.44 -7.29 -19.17
N LYS A 169 8.24 -7.35 -18.60
CA LYS A 169 7.04 -6.96 -19.34
C LYS A 169 6.96 -5.45 -19.55
N VAL A 170 7.65 -4.65 -18.74
CA VAL A 170 7.61 -3.19 -18.82
C VAL A 170 8.96 -2.72 -19.33
N THR A 171 8.95 -1.85 -20.35
CA THR A 171 10.16 -1.45 -21.03
C THR A 171 10.71 -0.14 -20.44
N PHE A 172 11.77 0.37 -21.07
CA PHE A 172 12.45 1.58 -20.65
C PHE A 172 12.61 2.59 -21.78
N GLU A 173 11.88 2.44 -22.88
CA GLU A 173 12.07 3.32 -24.01
C GLU A 173 11.61 4.74 -23.66
N PRO A 174 12.23 5.79 -24.24
CA PRO A 174 11.85 7.16 -23.88
C PRO A 174 10.69 7.68 -24.73
N ILE A 175 9.48 7.24 -24.41
CA ILE A 175 8.29 7.66 -25.13
C ILE A 175 8.09 9.15 -24.85
N PRO A 176 7.82 9.99 -25.84
CA PRO A 176 7.73 11.43 -25.56
C PRO A 176 6.55 11.76 -24.66
N ILE A 177 6.72 12.79 -23.83
CA ILE A 177 5.69 13.28 -22.93
C ILE A 177 5.36 14.71 -23.33
N HIS A 178 4.06 15.02 -23.32
CA HIS A 178 3.57 16.37 -23.55
C HIS A 178 3.03 16.90 -22.22
N TYR A 179 3.49 18.08 -21.81
CA TYR A 179 3.05 18.71 -20.57
C TYR A 179 2.01 19.77 -20.88
N CYS A 180 0.81 19.60 -20.33
CA CYS A 180 -0.33 20.45 -20.58
C CYS A 180 -0.72 21.18 -19.30
N ALA A 181 -0.91 22.48 -19.38
CA ALA A 181 -1.34 23.25 -18.21
C ALA A 181 -2.86 23.11 -18.02
N PRO A 182 -3.36 23.19 -16.79
CA PRO A 182 -4.80 23.02 -16.58
C PRO A 182 -5.57 24.28 -16.94
N ALA A 183 -6.88 24.21 -16.79
CA ALA A 183 -7.75 25.34 -17.10
C ALA A 183 -7.46 26.51 -16.15
N GLY A 184 -7.60 27.72 -16.68
CA GLY A 184 -7.26 28.92 -15.95
C GLY A 184 -5.80 29.31 -16.02
N TYR A 185 -4.93 28.42 -16.50
CA TYR A 185 -3.51 28.65 -16.64
C TYR A 185 -3.14 28.66 -18.13
N ALA A 186 -1.92 29.11 -18.41
CA ALA A 186 -1.44 29.14 -19.77
C ALA A 186 0.08 29.02 -19.76
N ILE A 187 0.62 28.60 -20.90
CA ILE A 187 2.07 28.50 -21.11
C ILE A 187 2.43 29.45 -22.25
N LEU A 188 3.39 30.34 -21.98
CA LEU A 188 3.92 31.26 -22.97
C LEU A 188 5.29 30.76 -23.42
N LYS A 189 5.47 30.65 -24.72
CA LYS A 189 6.64 30.04 -25.33
C LYS A 189 7.52 31.15 -25.90
N CYS A 190 8.75 31.25 -25.40
CA CYS A 190 9.69 32.24 -25.92
C CYS A 190 10.11 31.81 -27.32
N ASN A 191 9.48 32.41 -28.33
CA ASN A 191 9.72 32.04 -29.71
C ASN A 191 10.97 32.66 -30.29
N ASP A 192 11.71 33.48 -29.53
CA ASP A 192 12.90 34.14 -30.03
C ASP A 192 14.01 33.11 -30.24
N GLU A 193 14.75 33.26 -31.34
CA GLU A 193 15.77 32.30 -31.71
C GLU A 193 17.12 32.56 -31.04
N THR A 194 17.32 33.74 -30.45
CA THR A 194 18.59 34.11 -29.83
C THR A 194 18.53 34.15 -28.31
N PHE A 195 17.49 33.59 -27.69
CA PHE A 195 17.37 33.63 -26.25
C PHE A 195 18.46 32.79 -25.60
N ASN A 196 19.04 33.30 -24.50
CA ASN A 196 20.25 32.74 -23.89
C ASN A 196 20.05 32.36 -22.42
N GLY A 197 18.81 32.15 -21.98
CA GLY A 197 18.54 31.60 -20.66
C GLY A 197 18.18 32.61 -19.59
N THR A 198 17.99 33.88 -19.94
CA THR A 198 17.59 34.88 -18.95
C THR A 198 17.15 36.14 -19.69
N GLY A 199 16.68 37.11 -18.91
CA GLY A 199 16.36 38.42 -19.42
C GLY A 199 15.05 38.46 -20.20
N PRO A 200 14.83 39.53 -20.96
CA PRO A 200 13.59 39.64 -21.73
C PRO A 200 13.66 38.91 -23.06
N CYS A 201 12.54 38.29 -23.43
CA CYS A 201 12.34 37.72 -24.76
C CYS A 201 11.71 38.75 -25.67
N SER A 202 11.97 38.61 -26.98
CA SER A 202 11.44 39.55 -27.96
C SER A 202 10.14 39.07 -28.57
N ASN A 203 10.02 37.77 -28.86
CA ASN A 203 8.88 37.21 -29.57
C ASN A 203 8.33 36.05 -28.75
N VAL A 204 7.02 36.05 -28.53
CA VAL A 204 6.36 35.12 -27.63
C VAL A 204 5.14 34.53 -28.31
N SER A 205 4.87 33.25 -28.03
CA SER A 205 3.68 32.56 -28.46
C SER A 205 3.05 31.87 -27.26
N THR A 206 1.83 31.37 -27.44
CA THR A 206 1.14 30.58 -26.42
C THR A 206 0.75 29.23 -27.00
N VAL A 207 0.95 28.19 -26.21
CA VAL A 207 0.66 26.82 -26.60
C VAL A 207 0.04 26.11 -25.40
N GLN A 208 -1.03 25.35 -25.65
CA GLN A 208 -1.69 24.65 -24.56
C GLN A 208 -0.83 23.53 -23.99
N CYS A 209 -0.08 22.83 -24.84
CA CYS A 209 0.63 21.63 -24.47
C CYS A 209 2.02 21.63 -25.07
N THR A 210 3.04 21.56 -24.20
CA THR A 210 4.42 21.49 -24.69
C THR A 210 4.64 20.19 -25.44
N HIS A 211 5.48 20.25 -26.48
CA HIS A 211 5.61 19.15 -27.42
C HIS A 211 6.96 18.45 -27.29
N GLY A 212 6.91 17.13 -27.14
CA GLY A 212 8.06 16.29 -27.43
C GLY A 212 9.18 16.32 -26.42
N ILE A 213 8.88 16.25 -25.13
CA ILE A 213 9.92 16.04 -24.13
C ILE A 213 10.15 14.54 -23.98
N ARG A 214 11.39 14.10 -24.18
CA ARG A 214 11.77 12.71 -24.06
C ARG A 214 12.49 12.48 -22.73
N PRO A 215 11.94 11.69 -21.78
CA PRO A 215 12.73 11.44 -20.56
C PRO A 215 13.88 10.47 -20.80
N VAL A 216 14.95 11.00 -21.38
CA VAL A 216 16.18 10.26 -21.66
C VAL A 216 17.26 10.77 -20.73
N VAL A 217 17.93 9.85 -20.03
CA VAL A 217 18.84 10.17 -18.95
C VAL A 217 20.26 9.83 -19.39
N SER A 218 21.15 10.80 -19.30
CA SER A 218 22.57 10.59 -19.56
C SER A 218 23.36 11.58 -18.72
N THR A 219 24.63 11.27 -18.48
CA THR A 219 25.46 12.06 -17.58
C THR A 219 26.24 13.15 -18.29
N GLN A 220 26.83 12.88 -19.46
CA GLN A 220 27.74 13.80 -20.11
C GLN A 220 27.21 14.25 -21.48
N LEU A 221 26.90 13.30 -22.35
CA LEU A 221 26.32 13.62 -23.65
C LEU A 221 24.81 13.52 -23.60
N LEU A 222 24.14 14.48 -24.22
CA LEU A 222 22.68 14.53 -24.27
C LEU A 222 22.22 13.85 -25.55
N LEU A 223 21.44 12.77 -25.40
CA LEU A 223 21.05 11.94 -26.52
C LEU A 223 19.61 12.23 -26.94
N ASN A 224 19.39 12.30 -28.26
CA ASN A 224 18.04 12.39 -28.84
C ASN A 224 17.28 13.60 -28.32
N GLY A 225 17.95 14.76 -28.24
CA GLY A 225 17.30 16.00 -27.85
C GLY A 225 16.89 16.84 -29.05
N SER A 226 16.23 17.95 -28.75
CA SER A 226 15.85 18.90 -29.79
C SER A 226 17.05 19.75 -30.19
N LEU A 227 17.00 20.26 -31.42
CA LEU A 227 18.11 20.98 -32.02
C LEU A 227 17.81 22.46 -32.09
N ALA A 228 18.82 23.28 -31.80
CA ALA A 228 18.65 24.73 -31.83
C ALA A 228 18.50 25.24 -33.26
N GLU A 229 17.98 26.46 -33.38
CA GLU A 229 17.69 27.03 -34.69
C GLU A 229 18.88 27.76 -35.29
N LYS A 230 19.89 28.10 -34.49
CA LYS A 230 20.96 28.99 -34.88
C LYS A 230 22.23 28.57 -34.13
N GLU A 231 23.19 29.49 -33.95
CA GLU A 231 24.52 29.22 -33.40
C GLU A 231 24.46 28.32 -32.16
N ILE A 232 25.57 27.63 -31.92
CA ILE A 232 25.63 26.64 -30.85
C ILE A 232 25.69 27.40 -29.54
N VAL A 233 24.52 27.67 -28.96
CA VAL A 233 24.41 28.63 -27.87
C VAL A 233 24.95 28.01 -26.59
N ILE A 234 25.70 28.79 -25.84
CA ILE A 234 26.11 28.42 -24.48
C ILE A 234 25.09 28.99 -23.50
N ARG A 235 24.73 28.19 -22.50
CA ARG A 235 23.82 28.61 -21.44
C ARG A 235 24.44 28.30 -20.09
N SER A 236 24.36 29.25 -19.17
CA SER A 236 24.84 29.05 -17.81
C SER A 236 24.12 30.00 -16.88
N GLU A 237 23.81 29.52 -15.68
CA GLU A 237 23.18 30.37 -14.68
C GLU A 237 24.11 31.49 -14.24
N ASN A 238 25.41 31.21 -14.22
CA ASN A 238 26.42 32.18 -13.81
C ASN A 238 27.74 31.77 -14.43
N LEU A 239 28.62 32.76 -14.63
CA LEU A 239 29.98 32.51 -15.06
C LEU A 239 31.01 33.14 -14.14
N THR A 240 30.57 33.84 -13.09
CA THR A 240 31.45 34.14 -11.97
C THR A 240 31.61 32.91 -11.08
N ASN A 241 30.52 32.18 -10.87
CA ASN A 241 30.53 30.92 -10.13
C ASN A 241 30.85 29.80 -11.11
N ASN A 242 32.13 29.44 -11.17
CA ASN A 242 32.58 28.42 -12.12
C ASN A 242 31.96 27.06 -11.84
N ALA A 243 31.55 26.80 -10.60
CA ALA A 243 30.92 25.53 -10.27
C ALA A 243 29.57 25.34 -10.94
N LYS A 244 28.93 26.42 -11.40
CA LYS A 244 27.68 26.30 -12.13
C LYS A 244 27.89 25.48 -13.39
N ILE A 245 27.11 24.41 -13.54
CA ILE A 245 27.25 23.56 -14.72
C ILE A 245 26.84 24.33 -15.97
N ILE A 246 27.65 24.19 -17.02
CA ILE A 246 27.49 24.94 -18.26
C ILE A 246 26.97 23.99 -19.33
N ILE A 247 25.86 24.36 -19.95
CA ILE A 247 25.12 23.48 -20.86
C ILE A 247 25.30 24.01 -22.28
N VAL A 248 25.72 23.14 -23.19
CA VAL A 248 25.97 23.47 -24.58
C VAL A 248 24.91 22.77 -25.44
N HIS A 249 24.31 23.52 -26.36
CA HIS A 249 23.19 23.05 -27.17
C HIS A 249 23.58 23.18 -28.64
N LEU A 250 23.81 22.05 -29.29
CA LEU A 250 24.35 22.04 -30.64
C LEU A 250 23.31 22.44 -31.67
N HIS A 251 23.79 22.76 -32.87
CA HIS A 251 22.95 23.15 -34.00
C HIS A 251 22.70 21.97 -34.94
N THR A 252 23.71 21.13 -35.16
CA THR A 252 23.63 19.94 -36.00
C THR A 252 24.03 18.71 -35.20
N PRO A 253 23.50 17.53 -35.52
CA PRO A 253 23.75 16.36 -34.69
C PRO A 253 25.04 15.62 -35.06
N VAL A 254 25.52 14.83 -34.10
CA VAL A 254 26.64 13.91 -34.30
C VAL A 254 26.10 12.51 -34.03
N GLU A 255 26.19 11.65 -35.04
CA GLU A 255 25.68 10.29 -34.89
C GLU A 255 26.60 9.47 -33.99
N ILE A 256 26.01 8.72 -33.07
CA ILE A 256 26.71 7.79 -32.20
C ILE A 256 25.99 6.46 -32.25
N VAL A 257 26.76 5.38 -32.37
CA VAL A 257 26.23 4.03 -32.37
C VAL A 257 27.03 3.19 -31.38
N CYS A 258 26.30 2.49 -30.49
CA CYS A 258 26.89 1.65 -29.47
C CYS A 258 26.30 0.25 -29.58
N THR A 259 27.07 -0.76 -29.18
CA THR A 259 26.65 -2.14 -29.35
C THR A 259 27.38 -3.03 -28.37
N ARG A 260 26.75 -4.16 -28.06
CA ARG A 260 27.34 -5.23 -27.26
C ARG A 260 27.46 -6.47 -28.13
N PRO A 261 28.63 -6.77 -28.70
CA PRO A 261 28.71 -7.91 -29.65
C PRO A 261 28.40 -9.26 -29.03
N ASN A 262 28.49 -9.40 -27.71
CA ASN A 262 28.34 -10.71 -27.09
C ASN A 262 26.91 -11.22 -27.24
N ASN A 263 26.79 -12.53 -27.49
CA ASN A 263 25.48 -13.18 -27.65
C ASN A 263 25.07 -13.86 -26.34
N ASN A 264 24.72 -13.02 -25.36
CA ASN A 264 24.28 -13.53 -24.08
C ASN A 264 22.97 -14.29 -24.23
N THR A 265 22.69 -15.17 -23.26
CA THR A 265 21.47 -15.97 -23.24
C THR A 265 20.87 -15.92 -21.84
N ARG A 266 19.57 -15.68 -21.79
CA ARG A 266 18.86 -15.58 -20.52
C ARG A 266 18.83 -16.93 -19.81
N LYS A 267 18.76 -16.89 -18.48
CA LYS A 267 18.52 -18.05 -17.65
C LYS A 267 17.35 -17.74 -16.72
N SER A 268 16.61 -18.79 -16.35
CA SER A 268 15.50 -18.68 -15.41
C SER A 268 15.88 -19.44 -14.14
N VAL A 269 15.88 -18.74 -13.01
CA VAL A 269 16.18 -19.31 -11.70
C VAL A 269 14.98 -19.05 -10.81
N ARG A 270 14.37 -20.13 -10.32
CA ARG A 270 13.18 -19.99 -9.49
C ARG A 270 13.56 -19.63 -8.06
N ILE A 271 12.95 -18.55 -7.57
CA ILE A 271 13.18 -18.05 -6.22
C ILE A 271 11.86 -18.05 -5.46
N GLY A 272 11.56 -19.15 -4.79
CA GLY A 272 10.36 -19.23 -3.98
C GLY A 272 9.10 -19.26 -4.83
N PRO A 273 7.94 -19.14 -4.19
CA PRO A 273 6.67 -19.31 -4.92
C PRO A 273 6.41 -18.17 -5.90
N GLY A 274 5.95 -18.52 -7.09
CA GLY A 274 5.35 -17.59 -8.02
C GLY A 274 6.23 -16.45 -8.48
N GLN A 275 7.54 -16.66 -8.59
CA GLN A 275 8.43 -15.61 -9.06
C GLN A 275 9.75 -16.24 -9.47
N THR A 276 10.46 -15.55 -10.38
CA THR A 276 11.69 -16.05 -10.97
C THR A 276 12.74 -14.95 -10.98
N PHE A 277 14.00 -15.38 -10.97
CA PHE A 277 15.16 -14.50 -11.05
C PHE A 277 15.89 -14.77 -12.35
N TYR A 278 16.09 -13.72 -13.15
CA TYR A 278 16.68 -13.84 -14.48
C TYR A 278 18.15 -13.42 -14.43
N ALA A 279 18.99 -14.22 -15.08
CA ALA A 279 20.42 -13.95 -15.14
C ALA A 279 20.96 -14.51 -16.45
N THR A 280 22.26 -14.28 -16.69
CA THR A 280 22.91 -14.76 -17.89
C THR A 280 23.30 -16.22 -17.70
N GLY A 281 22.83 -17.08 -18.59
CA GLY A 281 23.12 -18.50 -18.50
C GLY A 281 24.42 -18.90 -19.17
N ASP A 282 24.63 -18.42 -20.39
CA ASP A 282 25.84 -18.73 -21.14
C ASP A 282 26.03 -17.68 -22.23
N ILE A 283 27.27 -17.57 -22.70
CA ILE A 283 27.62 -16.71 -23.82
C ILE A 283 27.89 -17.61 -25.01
N ILE A 284 27.05 -17.51 -26.04
CA ILE A 284 27.26 -18.22 -27.28
C ILE A 284 28.30 -17.48 -28.11
N GLY A 285 29.08 -18.23 -28.89
CA GLY A 285 30.10 -17.59 -29.70
C GLY A 285 31.29 -17.16 -28.85
N ASP A 286 32.12 -16.31 -29.45
CA ASP A 286 33.34 -15.83 -28.82
C ASP A 286 33.06 -14.56 -28.01
N ILE A 287 33.98 -14.26 -27.10
CA ILE A 287 33.85 -13.15 -26.17
C ILE A 287 34.50 -11.91 -26.78
N LYS A 288 33.79 -10.77 -26.72
CA LYS A 288 34.28 -9.53 -27.33
C LYS A 288 33.87 -8.37 -26.43
N GLN A 289 34.14 -7.15 -26.91
CA GLN A 289 34.09 -5.93 -26.11
C GLN A 289 33.00 -5.00 -26.65
N ALA A 290 32.19 -4.45 -25.73
CA ALA A 290 31.19 -3.46 -26.10
C ALA A 290 31.84 -2.08 -26.23
N HIS A 291 31.14 -1.17 -26.90
CA HIS A 291 31.79 0.09 -27.30
C HIS A 291 30.76 1.07 -27.82
N CYS A 292 31.24 2.27 -28.15
CA CYS A 292 30.51 3.28 -28.89
C CYS A 292 31.41 3.85 -29.98
N ASN A 293 30.86 3.98 -31.19
CA ASN A 293 31.56 4.58 -32.32
C ASN A 293 30.94 5.93 -32.64
N ILE A 294 31.80 6.90 -32.94
CA ILE A 294 31.40 8.26 -33.31
C ILE A 294 32.18 8.67 -34.54
N SER A 295 31.51 9.36 -35.47
CA SER A 295 32.18 9.90 -36.64
C SER A 295 33.28 10.86 -36.20
N GLU A 296 34.45 10.75 -36.86
CA GLU A 296 35.64 11.42 -36.35
C GLU A 296 35.65 12.91 -36.72
N GLU A 297 35.68 13.21 -38.02
CA GLU A 297 35.79 14.59 -38.44
C GLU A 297 34.55 15.39 -38.05
N LYS A 298 33.38 14.74 -37.96
CA LYS A 298 32.20 15.43 -37.48
C LYS A 298 32.36 15.87 -36.03
N TRP A 299 32.91 15.01 -35.17
CA TRP A 299 33.13 15.44 -33.79
C TRP A 299 34.21 16.52 -33.71
N ASN A 300 35.26 16.41 -34.52
CA ASN A 300 36.30 17.45 -34.54
C ASN A 300 35.70 18.80 -34.92
N ASP A 301 34.90 18.82 -36.00
CA ASP A 301 34.25 20.04 -36.45
C ASP A 301 33.29 20.56 -35.39
N THR A 302 32.53 19.66 -34.75
CA THR A 302 31.57 20.08 -33.74
C THR A 302 32.26 20.73 -32.55
N LEU A 303 33.35 20.14 -32.09
CA LEU A 303 34.08 20.71 -30.96
C LEU A 303 34.74 22.03 -31.34
N GLN A 304 35.26 22.17 -32.56
CA GLN A 304 35.79 23.46 -32.98
C GLN A 304 34.70 24.51 -33.08
N LYS A 305 33.49 24.10 -33.50
CA LYS A 305 32.38 25.05 -33.56
C LYS A 305 31.98 25.51 -32.16
N VAL A 306 31.92 24.58 -31.22
CA VAL A 306 31.71 24.94 -29.82
C VAL A 306 32.82 25.87 -29.35
N GLY A 307 34.03 25.66 -29.84
CA GLY A 307 35.13 26.56 -29.54
C GLY A 307 34.91 27.98 -30.01
N ILE A 308 34.46 28.16 -31.26
CA ILE A 308 34.24 29.53 -31.73
C ILE A 308 33.09 30.16 -30.96
N GLU A 309 32.06 29.39 -30.62
CA GLU A 309 30.95 29.97 -29.87
C GLU A 309 31.32 30.18 -28.41
N LEU A 310 32.09 29.26 -27.82
CA LEU A 310 32.48 29.41 -26.41
C LEU A 310 33.55 30.47 -26.22
N GLN A 311 34.21 30.89 -27.31
CA GLN A 311 35.37 31.79 -27.24
C GLN A 311 35.02 33.12 -26.60
N LYS A 312 33.80 33.61 -26.83
CA LYS A 312 33.48 35.01 -26.56
C LYS A 312 33.53 35.34 -25.07
N HIS A 313 33.01 34.46 -24.21
CA HIS A 313 32.96 34.71 -22.78
C HIS A 313 34.26 34.34 -22.06
N PHE A 314 35.24 33.81 -22.78
CA PHE A 314 36.62 33.65 -22.31
C PHE A 314 37.52 34.30 -23.35
N PRO A 315 37.52 35.65 -23.41
CA PRO A 315 37.85 36.32 -24.69
C PRO A 315 39.27 36.10 -25.18
N ASN A 316 40.28 36.43 -24.37
CA ASN A 316 41.67 36.38 -24.81
C ASN A 316 42.30 35.01 -24.59
N LYS A 317 41.53 34.02 -24.16
CA LYS A 317 42.05 32.75 -23.71
C LYS A 317 41.72 31.63 -24.70
N THR A 318 42.35 30.48 -24.48
CA THR A 318 42.16 29.32 -25.34
C THR A 318 40.93 28.55 -24.93
N ILE A 319 40.40 27.76 -25.85
CA ILE A 319 39.36 26.78 -25.57
C ILE A 319 40.02 25.42 -25.71
N LYS A 320 40.51 24.89 -24.58
CA LYS A 320 41.22 23.62 -24.53
C LYS A 320 40.41 22.65 -23.67
N TYR A 321 40.39 21.39 -24.08
CA TYR A 321 39.53 20.37 -23.50
C TYR A 321 40.35 19.27 -22.86
N ASN A 322 39.80 18.69 -21.81
CA ASN A 322 40.44 17.62 -21.05
C ASN A 322 39.37 16.60 -20.66
N GLN A 323 39.84 15.44 -20.20
CA GLN A 323 38.95 14.41 -19.68
C GLN A 323 38.19 14.93 -18.46
N SER A 324 37.22 14.16 -17.98
CA SER A 324 36.64 14.45 -16.67
C SER A 324 37.72 14.33 -15.60
N ALA A 325 37.41 14.83 -14.41
CA ALA A 325 38.42 14.91 -13.35
C ALA A 325 38.56 13.61 -12.57
N GLY A 326 38.14 12.48 -13.14
CA GLY A 326 38.26 11.23 -12.46
C GLY A 326 37.16 11.05 -11.42
N GLY A 327 37.38 10.09 -10.53
CA GLY A 327 36.48 9.80 -9.44
C GLY A 327 35.66 8.56 -9.69
N ASP A 328 34.46 8.56 -9.11
CA ASP A 328 33.54 7.43 -9.22
C ASP A 328 33.17 7.18 -10.67
N MET A 329 33.02 5.90 -11.02
CA MET A 329 32.69 5.55 -12.41
C MET A 329 31.32 6.10 -12.81
N GLU A 330 30.34 6.03 -11.91
CA GLU A 330 29.01 6.51 -12.22
C GLU A 330 28.98 8.02 -12.50
N ILE A 331 30.02 8.75 -12.09
CA ILE A 331 30.14 10.18 -12.34
C ILE A 331 30.94 10.41 -13.62
N THR A 332 32.13 9.79 -13.71
CA THR A 332 33.06 10.13 -14.77
C THR A 332 32.61 9.62 -16.14
N THR A 333 31.94 8.47 -16.20
CA THR A 333 31.64 7.82 -17.46
C THR A 333 30.31 8.30 -18.03
N HIS A 334 30.21 8.28 -19.35
CA HIS A 334 28.98 8.60 -20.07
C HIS A 334 28.04 7.42 -19.93
N SER A 335 27.10 7.51 -18.99
CA SER A 335 26.22 6.40 -18.62
C SER A 335 24.85 6.61 -19.24
N PHE A 336 24.34 5.56 -19.89
CA PHE A 336 23.04 5.61 -20.54
C PHE A 336 22.53 4.18 -20.69
N ASN A 337 21.28 4.06 -21.15
CA ASN A 337 20.68 2.77 -21.45
C ASN A 337 20.63 2.55 -22.96
N CYS A 338 21.18 1.42 -23.40
CA CYS A 338 21.18 1.02 -24.80
C CYS A 338 20.08 0.01 -25.08
N GLY A 339 18.83 0.39 -24.82
CA GLY A 339 17.71 -0.50 -25.07
C GLY A 339 17.54 -1.62 -24.08
N GLY A 340 18.11 -1.51 -22.88
CA GLY A 340 17.96 -2.53 -21.85
C GLY A 340 19.20 -2.76 -21.02
N GLU A 341 20.37 -2.49 -21.61
CA GLU A 341 21.65 -2.65 -20.93
C GLU A 341 22.22 -1.28 -20.57
N PHE A 342 22.59 -1.11 -19.31
CA PHE A 342 23.10 0.17 -18.81
C PHE A 342 24.59 0.24 -19.09
N PHE A 343 24.96 1.00 -20.12
CA PHE A 343 26.36 1.15 -20.49
C PHE A 343 27.03 2.22 -19.63
N TYR A 344 28.35 2.10 -19.50
CA TYR A 344 29.18 3.06 -18.77
C TYR A 344 30.46 3.24 -19.58
N CYS A 345 30.60 4.40 -20.23
CA CYS A 345 31.58 4.59 -21.28
C CYS A 345 32.69 5.55 -20.84
N ASN A 346 33.94 5.15 -21.06
CA ASN A 346 35.09 6.01 -20.83
C ASN A 346 35.23 6.97 -22.01
N THR A 347 35.10 8.26 -21.75
CA THR A 347 35.05 9.29 -22.79
C THR A 347 36.40 9.92 -23.09
N SER A 348 37.49 9.39 -22.55
CA SER A 348 38.79 10.07 -22.66
C SER A 348 39.26 10.19 -24.09
N ASN A 349 38.81 9.31 -24.99
CA ASN A 349 39.16 9.46 -26.40
C ASN A 349 38.54 10.69 -27.02
N LEU A 350 37.36 11.11 -26.53
CA LEU A 350 36.64 12.19 -27.18
C LEU A 350 37.23 13.56 -26.85
N PHE A 351 37.44 13.85 -25.58
CA PHE A 351 37.79 15.19 -25.12
C PHE A 351 39.30 15.33 -24.93
N ASN A 352 40.02 15.54 -26.03
CA ASN A 352 41.48 15.67 -25.99
C ASN A 352 41.90 16.50 -27.20
N GLY A 353 42.24 17.76 -26.96
CA GLY A 353 42.65 18.64 -28.02
C GLY A 353 42.61 20.09 -27.57
N THR A 354 42.82 20.98 -28.54
CA THR A 354 42.82 22.41 -28.28
C THR A 354 42.41 23.14 -29.55
N TYR A 355 42.06 24.41 -29.39
CA TYR A 355 41.57 25.24 -30.48
C TYR A 355 42.27 26.60 -30.45
N ASN A 356 42.48 27.18 -31.64
CA ASN A 356 43.26 28.40 -31.80
C ASN A 356 42.52 29.46 -32.64
N GLY A 357 41.19 29.47 -32.58
CA GLY A 357 40.41 30.63 -32.99
C GLY A 357 40.10 30.75 -34.47
N THR A 358 40.49 29.77 -35.31
CA THR A 358 40.17 29.80 -36.73
C THR A 358 39.56 28.49 -37.16
N TYR A 359 38.55 28.58 -38.02
CA TYR A 359 37.79 27.43 -38.47
C TYR A 359 38.54 26.69 -39.57
N ILE A 360 38.40 25.37 -39.58
CA ILE A 360 39.17 24.48 -40.44
C ILE A 360 38.21 23.54 -41.15
N SER A 361 38.60 23.13 -42.36
CA SER A 361 37.72 22.33 -43.21
C SER A 361 37.78 20.85 -42.82
N THR A 362 36.87 20.08 -43.43
CA THR A 362 36.81 18.63 -43.22
C THR A 362 37.87 17.86 -43.99
N ASN A 363 38.60 18.50 -44.90
CA ASN A 363 39.67 17.89 -45.67
C ASN A 363 41.00 18.45 -45.20
N SER A 364 42.10 17.69 -45.35
CA SER A 364 42.24 16.37 -45.95
C SER A 364 41.74 15.25 -45.05
N SER A 365 41.40 14.12 -45.67
CA SER A 365 40.88 12.95 -44.96
C SER A 365 41.54 11.69 -45.51
N ALA A 366 42.09 10.87 -44.62
CA ALA A 366 42.61 9.57 -45.04
C ALA A 366 41.47 8.69 -45.55
N ASN A 367 40.39 8.62 -44.78
CA ASN A 367 39.18 7.92 -45.22
C ASN A 367 38.04 8.38 -44.30
N SER A 368 36.98 8.94 -44.90
CA SER A 368 35.91 9.54 -44.11
C SER A 368 35.11 8.52 -43.32
N THR A 369 35.23 7.22 -43.61
CA THR A 369 34.50 6.21 -42.87
C THR A 369 35.14 5.87 -41.53
N SER A 370 36.34 6.38 -41.25
CA SER A 370 36.99 6.10 -39.97
C SER A 370 36.26 6.78 -38.82
N THR A 371 36.29 6.12 -37.66
CA THR A 371 35.54 6.56 -36.49
C THR A 371 36.39 6.45 -35.24
N ILE A 372 36.18 7.39 -34.32
CA ILE A 372 36.75 7.27 -32.97
C ILE A 372 35.88 6.30 -32.17
N THR A 373 36.54 5.50 -31.33
CA THR A 373 35.89 4.43 -30.57
C THR A 373 36.11 4.62 -29.08
N LEU A 374 35.06 4.33 -28.31
CA LEU A 374 35.09 4.36 -26.86
C LEU A 374 34.96 2.94 -26.32
N GLN A 375 35.36 2.74 -25.07
CA GLN A 375 35.27 1.44 -24.41
C GLN A 375 34.32 1.55 -23.22
N CYS A 376 33.38 0.61 -23.13
CA CYS A 376 32.20 0.76 -22.28
C CYS A 376 31.99 -0.53 -21.51
N ARG A 377 31.76 -0.42 -20.20
CA ARG A 377 31.41 -1.58 -19.40
C ARG A 377 29.92 -1.55 -19.05
N ILE A 378 29.42 -2.68 -18.55
CA ILE A 378 27.99 -2.91 -18.37
C ILE A 378 27.74 -3.41 -16.96
N LYS A 379 26.63 -2.99 -16.37
CA LYS A 379 26.21 -3.40 -15.04
C LYS A 379 24.84 -4.05 -15.11
N GLN A 380 24.41 -4.57 -13.96
CA GLN A 380 23.03 -5.01 -13.75
C GLN A 380 22.41 -4.43 -12.49
N ILE A 381 23.21 -4.06 -11.49
CA ILE A 381 22.73 -3.43 -10.26
C ILE A 381 22.93 -1.93 -10.44
N ILE A 382 21.83 -1.18 -10.50
CA ILE A 382 21.83 0.22 -10.92
C ILE A 382 21.34 1.09 -9.76
N ASN A 383 22.19 2.03 -9.34
CA ASN A 383 21.86 3.01 -8.31
C ASN A 383 21.91 4.41 -8.91
N MET A 384 20.73 5.00 -9.09
CA MET A 384 20.54 6.12 -10.00
C MET A 384 19.70 7.30 -9.47
N TRP A 385 18.62 7.05 -8.74
CA TRP A 385 17.91 8.08 -7.98
C TRP A 385 17.80 7.73 -6.51
N GLN A 386 17.85 8.77 -5.67
CA GLN A 386 17.70 8.66 -4.23
C GLN A 386 16.24 8.80 -3.83
N GLY A 387 15.87 8.10 -2.76
CA GLY A 387 14.50 8.14 -2.26
C GLY A 387 13.51 7.32 -3.07
N VAL A 388 13.99 6.57 -4.07
CA VAL A 388 13.12 5.83 -4.99
C VAL A 388 13.15 4.35 -4.64
N GLY A 389 13.62 4.02 -3.45
CA GLY A 389 14.01 2.66 -3.15
C GLY A 389 15.35 2.26 -3.73
N ARG A 390 16.10 3.21 -4.31
CA ARG A 390 17.39 3.03 -4.94
C ARG A 390 17.50 1.75 -5.79
N CYS A 391 18.36 0.80 -5.40
CA CYS A 391 18.99 -0.09 -6.38
C CYS A 391 17.96 -0.96 -7.10
N MET A 392 18.14 -1.08 -8.41
CA MET A 392 17.27 -1.85 -9.28
C MET A 392 18.14 -2.84 -10.04
N TYR A 393 17.73 -4.11 -10.05
CA TYR A 393 18.44 -5.15 -10.79
C TYR A 393 17.87 -5.20 -12.21
N ALA A 394 18.68 -4.82 -13.19
CA ALA A 394 18.24 -4.83 -14.57
C ALA A 394 18.29 -6.26 -15.11
N PRO A 395 17.21 -6.80 -15.69
CA PRO A 395 17.26 -8.17 -16.17
C PRO A 395 18.13 -8.28 -17.40
N PRO A 396 18.50 -9.50 -17.80
CA PRO A 396 19.30 -9.64 -19.02
C PRO A 396 18.42 -9.61 -20.26
N ILE A 397 19.06 -9.40 -21.41
CA ILE A 397 18.42 -9.40 -22.71
C ILE A 397 19.26 -10.22 -23.67
N ALA A 398 18.62 -11.13 -24.40
CA ALA A 398 19.32 -12.09 -25.24
C ALA A 398 19.73 -11.45 -26.55
N GLY A 399 20.47 -12.21 -27.35
CA GLY A 399 20.89 -11.74 -28.65
C GLY A 399 21.90 -10.62 -28.54
N ASN A 400 21.93 -9.78 -29.57
CA ASN A 400 22.82 -8.63 -29.66
C ASN A 400 21.99 -7.38 -29.86
N ILE A 401 22.57 -6.23 -29.51
CA ILE A 401 21.83 -4.97 -29.42
C ILE A 401 22.64 -3.84 -30.04
N THR A 402 21.91 -2.88 -30.63
CA THR A 402 22.50 -1.66 -31.16
C THR A 402 21.50 -0.54 -30.99
N CYS A 403 22.00 0.64 -30.63
CA CYS A 403 21.18 1.77 -30.22
C CYS A 403 21.70 3.06 -30.87
N ARG A 404 21.83 3.04 -32.20
CA ARG A 404 22.29 4.21 -32.94
C ARG A 404 21.42 5.42 -32.63
N SER A 405 22.08 6.53 -32.28
CA SER A 405 21.40 7.70 -31.76
C SER A 405 22.19 8.95 -32.14
N ASN A 406 21.68 10.10 -31.73
CA ASN A 406 22.24 11.40 -32.07
C ASN A 406 22.74 12.11 -30.81
N ILE A 407 23.92 12.69 -30.89
CA ILE A 407 24.42 13.58 -29.85
C ILE A 407 23.99 15.00 -30.19
N THR A 408 23.34 15.67 -29.24
CA THR A 408 22.79 17.00 -29.46
C THR A 408 23.12 18.00 -28.34
N GLY A 409 24.06 17.68 -27.46
CA GLY A 409 24.42 18.61 -26.41
C GLY A 409 25.55 18.05 -25.58
N LEU A 410 26.14 18.94 -24.78
CA LEU A 410 27.22 18.60 -23.86
C LEU A 410 26.95 19.23 -22.51
N LEU A 411 27.39 18.54 -21.46
CA LEU A 411 27.42 19.07 -20.11
C LEU A 411 28.87 19.12 -19.64
N LEU A 412 29.34 20.31 -19.29
CA LEU A 412 30.76 20.58 -19.08
C LEU A 412 30.97 21.25 -17.73
N THR A 413 32.23 21.31 -17.32
CA THR A 413 32.63 21.97 -16.09
C THR A 413 34.04 22.50 -16.26
N ARG A 414 34.36 23.57 -15.53
CA ARG A 414 35.59 24.32 -15.69
C ARG A 414 36.40 24.29 -14.41
N ASP A 415 37.72 24.22 -14.56
CA ASP A 415 38.62 24.23 -13.41
C ASP A 415 38.94 25.67 -13.00
N GLY A 416 39.81 25.80 -12.00
CA GLY A 416 40.19 27.11 -11.53
C GLY A 416 41.24 27.76 -12.41
N GLY A 417 41.36 29.08 -12.26
CA GLY A 417 42.35 29.85 -13.02
C GLY A 417 43.77 29.44 -12.70
N THR A 418 44.65 29.54 -13.68
CA THR A 418 46.06 29.13 -13.54
C THR A 418 46.97 30.25 -14.03
N ASN A 419 47.74 30.81 -13.10
CA ASN A 419 48.91 31.67 -13.40
C ASN A 419 48.58 32.81 -14.35
N SER A 420 47.32 33.26 -14.36
CA SER A 420 46.84 34.22 -15.35
C SER A 420 47.07 33.73 -16.77
N ASN A 421 47.01 32.41 -16.99
CA ASN A 421 47.41 31.79 -18.23
C ASN A 421 46.17 31.27 -18.95
N GLU A 422 46.25 31.23 -20.29
CA GLU A 422 45.10 30.97 -21.14
C GLU A 422 44.70 29.50 -21.20
N THR A 423 45.46 28.58 -20.60
CA THR A 423 45.23 27.14 -20.75
C THR A 423 44.22 26.59 -19.75
N GLU A 424 43.35 27.42 -19.19
CA GLU A 424 42.28 26.91 -18.34
C GLU A 424 41.33 26.05 -19.17
N THR A 425 41.06 24.85 -18.69
CA THR A 425 40.49 23.78 -19.50
C THR A 425 39.10 23.40 -19.02
N PHE A 426 38.34 22.79 -19.93
CA PHE A 426 36.99 22.34 -19.65
C PHE A 426 36.97 20.83 -19.50
N ARG A 427 36.04 20.33 -18.68
CA ARG A 427 35.91 18.92 -18.38
C ARG A 427 34.44 18.50 -18.54
N PRO A 428 34.15 17.33 -19.11
CA PRO A 428 32.77 16.82 -19.03
C PRO A 428 32.41 16.49 -17.60
N ALA A 429 31.13 16.67 -17.27
CA ALA A 429 30.64 16.32 -15.95
C ALA A 429 29.12 16.33 -15.97
N GLY A 430 28.54 15.85 -14.87
CA GLY A 430 27.10 15.78 -14.74
C GLY A 430 26.70 14.85 -13.60
N GLY A 431 25.41 14.75 -13.34
CA GLY A 431 24.91 13.95 -12.25
C GLY A 431 23.68 14.55 -11.59
N ASP A 432 23.52 15.87 -11.73
CA ASP A 432 22.27 16.52 -11.32
C ASP A 432 21.31 16.38 -12.50
N MET A 433 20.26 15.60 -12.29
CA MET A 433 19.44 15.12 -13.40
C MET A 433 18.38 16.14 -13.82
N ARG A 434 18.11 17.14 -12.99
CA ARG A 434 17.33 18.28 -13.45
C ARG A 434 17.98 18.95 -14.65
N ASP A 435 19.31 18.94 -14.72
CA ASP A 435 20.01 19.59 -15.83
C ASP A 435 19.66 18.95 -17.17
N ASN A 436 19.41 17.64 -17.18
CA ASN A 436 19.02 16.98 -18.43
C ASN A 436 17.69 17.52 -18.93
N TRP A 437 16.68 17.58 -18.05
CA TRP A 437 15.37 18.03 -18.48
C TRP A 437 15.32 19.54 -18.64
N ARG A 438 16.20 20.28 -17.96
CA ARG A 438 16.25 21.72 -18.13
C ARG A 438 16.65 22.11 -19.54
N SER A 439 17.42 21.27 -20.23
CA SER A 439 17.84 21.58 -21.59
C SER A 439 16.68 21.62 -22.57
N GLU A 440 15.57 20.93 -22.27
CA GLU A 440 14.40 20.90 -23.14
C GLU A 440 13.33 21.89 -22.74
N LEU A 441 13.31 22.34 -21.48
CA LEU A 441 12.29 23.25 -20.97
C LEU A 441 12.73 24.72 -21.00
N TYR A 442 13.83 25.04 -21.68
CA TYR A 442 14.29 26.42 -21.75
C TYR A 442 13.34 27.34 -22.51
N LYS A 443 12.38 26.79 -23.25
CA LYS A 443 11.48 27.61 -24.05
C LYS A 443 10.27 28.11 -23.27
N TYR A 444 9.78 27.32 -22.31
CA TYR A 444 8.42 27.46 -21.81
C TYR A 444 8.40 28.17 -20.46
N LYS A 445 7.23 28.72 -20.13
CA LYS A 445 6.93 29.30 -18.83
C LYS A 445 5.43 29.36 -18.66
N VAL A 446 4.97 29.12 -17.44
CA VAL A 446 3.56 28.95 -17.12
C VAL A 446 3.04 30.22 -16.46
N VAL A 447 1.77 30.58 -16.75
CA VAL A 447 1.17 31.80 -16.21
C VAL A 447 -0.26 31.52 -15.76
N LYS A 448 -0.68 32.24 -14.73
CA LYS A 448 -2.06 32.25 -14.25
C LYS A 448 -2.78 33.44 -14.86
N ILE A 449 -3.95 33.19 -15.44
CA ILE A 449 -4.77 34.26 -15.99
C ILE A 449 -5.56 34.91 -14.87
N GLU A 450 -5.49 36.25 -14.80
CA GLU A 450 -6.23 37.06 -13.83
C GLU A 450 -7.27 37.86 -14.61
N PRO A 451 -8.42 37.26 -14.93
CA PRO A 451 -9.30 37.85 -15.96
C PRO A 451 -10.20 38.99 -15.49
N LEU A 452 -10.10 39.43 -14.23
CA LEU A 452 -10.98 40.45 -13.68
C LEU A 452 -10.18 41.73 -13.45
N GLY A 453 -10.73 42.87 -13.87
CA GLY A 453 -10.03 44.13 -13.79
C GLY A 453 -11.00 45.30 -13.74
N VAL A 454 -10.42 46.50 -13.64
CA VAL A 454 -11.17 47.73 -13.42
C VAL A 454 -10.60 48.82 -14.32
N ALA A 455 -11.47 49.73 -14.78
CA ALA A 455 -11.04 50.91 -15.53
C ALA A 455 -12.23 51.86 -15.64
N PRO A 456 -11.99 53.15 -15.83
CA PRO A 456 -13.11 54.10 -15.97
C PRO A 456 -13.56 54.28 -17.41
N THR A 457 -14.75 54.85 -17.54
CA THR A 457 -15.28 55.24 -18.85
C THR A 457 -16.51 56.11 -18.61
N ARG A 458 -16.90 56.85 -19.66
CA ARG A 458 -18.02 57.77 -19.56
C ARG A 458 -19.35 57.01 -19.56
N CYS A 459 -19.65 56.32 -18.47
CA CYS A 459 -20.88 55.53 -18.38
C CYS A 459 -21.24 55.36 -16.90
N LYS A 460 -22.24 56.11 -16.45
CA LYS A 460 -22.84 55.84 -15.15
C LYS A 460 -23.63 54.54 -15.22
N ARG A 461 -24.10 54.09 -14.05
CA ARG A 461 -25.12 53.04 -14.04
C ARG A 461 -26.49 53.68 -14.27
N ARG A 462 -27.38 52.91 -14.91
CA ARG A 462 -28.70 53.43 -15.22
C ARG A 462 -29.50 53.72 -13.96
N VAL A 463 -29.25 52.97 -12.89
CA VAL A 463 -30.00 53.13 -11.65
C VAL A 463 -29.66 54.47 -11.02
N LEU B 9 -8.65 35.57 -32.63
CA LEU B 9 -7.72 36.00 -31.57
C LEU B 9 -7.57 34.96 -30.46
N GLY B 10 -8.59 34.13 -30.21
CA GLY B 10 -8.41 33.00 -29.33
C GLY B 10 -8.10 33.40 -27.90
N PHE B 11 -7.26 32.60 -27.25
CA PHE B 11 -7.07 32.70 -25.81
C PHE B 11 -6.44 34.03 -25.41
N LEU B 12 -5.33 34.42 -26.05
CA LEU B 12 -4.57 35.59 -25.64
C LEU B 12 -4.08 36.43 -26.82
N GLY B 13 -4.63 36.22 -28.02
CA GLY B 13 -4.20 37.01 -29.16
C GLY B 13 -4.47 38.50 -29.01
N ALA B 14 -5.49 38.87 -28.22
CA ALA B 14 -5.78 40.27 -27.99
C ALA B 14 -4.79 40.93 -27.02
N ALA B 15 -3.95 40.16 -26.35
CA ALA B 15 -3.00 40.74 -25.40
C ALA B 15 -1.99 41.60 -26.13
N GLY B 16 -1.63 42.72 -25.51
CA GLY B 16 -0.68 43.65 -26.09
C GLY B 16 -1.34 44.71 -26.95
N SER B 17 -2.36 44.31 -27.70
CA SER B 17 -3.16 45.28 -28.43
C SER B 17 -3.84 46.25 -27.45
N THR B 18 -4.35 47.35 -28.00
CA THR B 18 -4.91 48.40 -27.17
C THR B 18 -6.11 47.90 -26.38
N MET B 19 -6.41 48.59 -25.29
CA MET B 19 -7.56 48.23 -24.46
C MET B 19 -8.87 48.33 -25.23
N GLY B 20 -8.94 49.24 -26.20
CA GLY B 20 -10.12 49.29 -27.05
C GLY B 20 -10.32 48.03 -27.85
N ALA B 21 -9.24 47.52 -28.44
CA ALA B 21 -9.33 46.26 -29.19
C ALA B 21 -9.67 45.10 -28.26
N ALA B 22 -9.04 45.05 -27.09
CA ALA B 22 -9.26 43.96 -26.15
C ALA B 22 -10.61 44.04 -25.46
N SER B 23 -11.32 45.17 -25.56
CA SER B 23 -12.66 45.25 -24.99
C SER B 23 -13.60 44.25 -25.63
N MET B 24 -13.37 43.94 -26.90
CA MET B 24 -14.08 42.87 -27.59
C MET B 24 -13.32 41.55 -27.41
N THR B 25 -14.00 40.45 -27.70
CA THR B 25 -13.49 39.09 -27.58
C THR B 25 -13.33 38.67 -26.12
N LEU B 26 -14.02 39.30 -25.19
CA LEU B 26 -13.98 38.84 -23.81
C LEU B 26 -14.64 37.46 -23.68
N THR B 27 -15.63 37.18 -24.53
CA THR B 27 -16.31 35.90 -24.48
C THR B 27 -15.37 34.75 -24.83
N VAL B 28 -14.33 35.02 -25.61
CA VAL B 28 -13.40 33.95 -25.98
C VAL B 28 -12.59 33.49 -24.77
N GLN B 29 -12.22 34.42 -23.88
CA GLN B 29 -11.47 34.06 -22.68
C GLN B 29 -12.36 33.51 -21.58
N ALA B 30 -13.60 34.00 -21.48
CA ALA B 30 -14.52 33.46 -20.47
C ALA B 30 -14.85 32.00 -20.75
N ARG B 31 -14.81 31.60 -22.01
CA ARG B 31 -15.17 30.24 -22.42
C ARG B 31 -14.04 29.23 -22.25
N ASN B 32 -12.91 29.62 -21.65
CA ASN B 32 -11.72 28.80 -21.59
C ASN B 32 -11.32 28.45 -20.15
N LEU B 33 -12.28 27.98 -19.36
CA LEU B 33 -12.03 27.49 -18.00
C LEU B 33 -12.54 26.06 -17.89
N LEU B 34 -12.20 25.23 -18.88
CA LEU B 34 -12.61 23.82 -18.91
C LEU B 34 -11.48 23.01 -19.52
N SER B 35 -11.02 21.98 -18.82
CA SER B 35 -9.97 21.12 -19.36
C SER B 35 -9.76 19.91 -18.47
N GLY B 36 -9.32 18.81 -19.09
CA GLY B 36 -8.61 17.76 -18.40
C GLY B 36 -9.44 16.52 -18.11
N THR B 37 -8.76 15.38 -18.15
CA THR B 37 -9.19 14.15 -17.50
C THR B 37 -7.98 13.57 -16.79
N VAL B 38 -8.24 12.68 -15.83
CA VAL B 38 -7.39 12.53 -14.65
C VAL B 38 -6.64 11.21 -14.68
N TRP B 39 -5.34 11.27 -14.34
CA TRP B 39 -4.64 10.19 -13.65
C TRP B 39 -4.19 10.72 -12.30
N GLY B 40 -4.38 9.91 -11.26
CA GLY B 40 -3.87 10.28 -9.95
C GLY B 40 -4.64 11.42 -9.31
N ILE B 41 -4.26 11.80 -8.10
CA ILE B 41 -4.99 12.82 -7.37
C ILE B 41 -4.52 14.22 -7.74
N LYS B 42 -3.35 14.36 -8.40
CA LYS B 42 -2.86 15.67 -8.79
C LYS B 42 -3.80 16.36 -9.77
N GLN B 43 -4.23 15.64 -10.80
CA GLN B 43 -5.12 16.22 -11.80
C GLN B 43 -6.50 16.50 -11.23
N LEU B 44 -6.96 15.65 -10.32
CA LEU B 44 -8.21 15.90 -9.60
C LEU B 44 -8.11 17.17 -8.77
N GLN B 45 -6.97 17.35 -8.11
CA GLN B 45 -6.71 18.60 -7.39
C GLN B 45 -6.76 19.79 -8.34
N ALA B 46 -6.18 19.65 -9.53
CA ALA B 46 -6.21 20.73 -10.51
C ALA B 46 -7.64 21.07 -10.90
N ARG B 47 -8.48 20.05 -11.13
CA ARG B 47 -9.87 20.30 -11.49
C ARG B 47 -10.61 21.05 -10.38
N VAL B 48 -10.47 20.59 -9.13
CA VAL B 48 -11.20 21.23 -8.04
C VAL B 48 -10.69 22.66 -7.83
N LEU B 49 -9.37 22.86 -7.96
CA LEU B 49 -8.81 24.20 -7.84
C LEU B 49 -9.37 25.13 -8.91
N ALA B 50 -9.45 24.64 -10.15
CA ALA B 50 -9.99 25.45 -11.24
C ALA B 50 -11.44 25.83 -10.98
N VAL B 51 -12.24 24.87 -10.52
CA VAL B 51 -13.66 25.15 -10.29
C VAL B 51 -13.83 26.20 -9.19
N GLU B 52 -13.09 26.02 -8.08
CA GLU B 52 -13.19 27.00 -6.99
C GLU B 52 -12.72 28.37 -7.43
N ARG B 53 -11.61 28.42 -8.18
CA ARG B 53 -11.07 29.69 -8.64
C ARG B 53 -12.03 30.40 -9.58
N TYR B 54 -12.71 29.65 -10.46
CA TYR B 54 -13.69 30.26 -11.35
C TYR B 54 -14.89 30.80 -10.55
N LEU B 55 -15.42 29.98 -9.64
CA LEU B 55 -16.57 30.43 -8.86
C LEU B 55 -16.25 31.64 -8.00
N ARG B 56 -14.99 31.80 -7.57
CA ARG B 56 -14.63 32.97 -6.79
C ARG B 56 -14.86 34.25 -7.59
N ASP B 57 -14.40 34.30 -8.84
CA ASP B 57 -14.68 35.46 -9.68
C ASP B 57 -16.17 35.58 -9.99
N GLN B 58 -16.83 34.45 -10.25
CA GLN B 58 -18.25 34.49 -10.64
C GLN B 58 -19.11 35.07 -9.53
N GLN B 59 -18.88 34.64 -8.29
CA GLN B 59 -19.73 35.00 -7.16
C GLN B 59 -19.28 36.31 -6.53
N LEU B 60 -18.13 36.83 -6.95
CA LEU B 60 -17.64 38.12 -6.46
C LEU B 60 -18.07 39.22 -7.43
N LEU B 61 -18.05 38.94 -8.73
CA LEU B 61 -18.57 39.89 -9.70
C LEU B 61 -20.07 40.07 -9.52
N GLY B 62 -20.77 39.02 -9.10
CA GLY B 62 -22.21 39.12 -8.91
C GLY B 62 -22.62 40.04 -7.78
N ILE B 63 -21.82 40.08 -6.70
CA ILE B 63 -22.16 40.91 -5.55
C ILE B 63 -22.15 42.38 -5.92
N TRP B 64 -21.39 42.78 -6.93
CA TRP B 64 -21.40 44.16 -7.41
C TRP B 64 -22.58 44.46 -8.32
N GLY B 65 -23.58 43.58 -8.41
CA GLY B 65 -24.72 43.81 -9.28
C GLY B 65 -24.47 43.53 -10.73
N CYS B 66 -23.28 43.03 -11.10
CA CYS B 66 -22.93 42.81 -12.49
C CYS B 66 -23.30 41.39 -12.92
N SER B 67 -24.59 41.05 -12.79
CA SER B 67 -25.09 39.81 -13.36
C SER B 67 -25.28 39.90 -14.87
N GLY B 68 -25.18 41.09 -15.44
CA GLY B 68 -25.22 41.25 -16.88
C GLY B 68 -23.91 40.85 -17.55
N LYS B 69 -23.55 39.57 -17.39
CA LYS B 69 -22.31 39.02 -17.92
C LYS B 69 -21.08 39.82 -17.47
N LEU B 70 -20.39 40.51 -18.40
CA LEU B 70 -18.97 40.76 -18.21
C LEU B 70 -18.50 42.16 -18.63
N ILE B 71 -19.40 43.09 -18.93
CA ILE B 71 -19.10 44.52 -18.92
C ILE B 71 -20.23 45.22 -18.19
N CYS B 72 -19.88 46.02 -17.19
CA CYS B 72 -20.84 46.46 -16.17
C CYS B 72 -20.40 47.79 -15.59
N CYS B 73 -21.08 48.86 -15.98
CA CYS B 73 -20.86 50.15 -15.35
C CYS B 73 -21.43 50.14 -13.93
N THR B 74 -20.89 51.01 -13.08
CA THR B 74 -21.38 51.18 -11.72
C THR B 74 -21.36 52.66 -11.35
N ASN B 75 -21.87 52.96 -10.16
CA ASN B 75 -22.09 54.35 -9.76
C ASN B 75 -20.87 55.00 -9.12
N VAL B 76 -19.85 54.24 -8.76
CA VAL B 76 -18.70 54.79 -8.02
C VAL B 76 -17.83 55.59 -8.99
N PRO B 77 -17.41 56.81 -8.66
CA PRO B 77 -16.62 57.60 -9.62
C PRO B 77 -15.15 57.23 -9.58
N TRP B 78 -14.41 57.74 -10.57
CA TRP B 78 -12.96 57.60 -10.60
C TRP B 78 -12.30 58.70 -9.79
N ASN B 79 -11.64 58.30 -8.70
CA ASN B 79 -10.78 59.22 -7.95
C ASN B 79 -9.52 59.42 -8.78
N SER B 80 -9.35 60.62 -9.32
CA SER B 80 -8.35 60.84 -10.36
C SER B 80 -6.93 60.64 -9.85
N SER B 81 -6.72 60.69 -8.54
CA SER B 81 -5.40 60.43 -7.98
C SER B 81 -4.90 59.02 -8.30
N TRP B 82 -5.82 58.08 -8.54
CA TRP B 82 -5.43 56.72 -8.86
C TRP B 82 -4.63 56.62 -10.16
N SER B 83 -5.01 57.39 -11.18
CA SER B 83 -4.36 57.34 -12.49
C SER B 83 -3.85 58.71 -12.91
N ASN B 84 -4.63 59.76 -12.64
CA ASN B 84 -4.31 61.13 -13.07
C ASN B 84 -4.15 61.18 -14.60
N ARG B 85 -5.20 60.79 -15.31
CA ARG B 85 -5.14 60.66 -16.76
C ARG B 85 -6.49 60.99 -17.38
N ASN B 86 -6.43 61.39 -18.65
CA ASN B 86 -7.62 61.60 -19.47
C ASN B 86 -7.99 60.27 -20.12
N LEU B 87 -9.28 60.14 -20.47
CA LEU B 87 -9.80 58.89 -21.02
C LEU B 87 -9.11 58.46 -22.31
N SER B 88 -8.48 59.39 -23.04
CA SER B 88 -7.74 59.02 -24.23
C SER B 88 -6.44 58.29 -23.87
N GLU B 89 -5.68 58.83 -22.92
CA GLU B 89 -4.41 58.22 -22.53
C GLU B 89 -4.60 56.87 -21.87
N ILE B 90 -5.72 56.66 -21.17
CA ILE B 90 -5.98 55.37 -20.55
C ILE B 90 -6.24 54.29 -21.60
N TRP B 91 -6.88 54.66 -22.71
CA TRP B 91 -7.61 53.71 -23.53
C TRP B 91 -7.09 53.57 -24.96
N ASP B 92 -6.74 54.68 -25.61
CA ASP B 92 -6.48 54.67 -27.04
C ASP B 92 -5.15 54.03 -27.43
N ASN B 93 -4.17 53.99 -26.53
CA ASN B 93 -2.82 53.52 -26.86
C ASN B 93 -2.37 52.42 -25.91
N MET B 94 -2.72 52.53 -24.63
CA MET B 94 -2.29 51.57 -23.64
C MET B 94 -3.01 50.24 -23.82
N THR B 95 -2.38 49.17 -23.33
CA THR B 95 -2.93 47.82 -23.38
C THR B 95 -3.34 47.38 -21.98
N TRP B 96 -4.31 46.46 -21.91
CA TRP B 96 -4.81 45.96 -20.64
C TRP B 96 -3.70 45.33 -19.81
N LEU B 97 -2.76 44.66 -20.48
CA LEU B 97 -1.77 43.82 -19.80
C LEU B 97 -0.88 44.65 -18.89
N GLN B 98 -0.48 45.84 -19.32
CA GLN B 98 0.29 46.76 -18.49
C GLN B 98 -0.61 47.61 -17.60
N TRP B 99 -1.85 47.84 -18.01
CA TRP B 99 -2.78 48.60 -17.19
C TRP B 99 -3.05 47.91 -15.87
N ASP B 100 -3.15 46.58 -15.89
CA ASP B 100 -3.30 45.84 -14.64
C ASP B 100 -2.11 46.06 -13.72
N LYS B 101 -0.90 46.06 -14.27
CA LYS B 101 0.29 46.32 -13.47
C LYS B 101 0.24 47.72 -12.87
N GLU B 102 -0.16 48.71 -13.68
CA GLU B 102 -0.18 50.09 -13.20
C GLU B 102 -1.22 50.28 -12.09
N ILE B 103 -2.40 49.67 -12.24
CA ILE B 103 -3.48 49.84 -11.27
C ILE B 103 -3.37 48.91 -10.07
N SER B 104 -2.33 48.06 -10.04
CA SER B 104 -2.33 46.91 -9.14
C SER B 104 -2.38 47.28 -7.66
N ASN B 105 -2.03 48.52 -7.31
CA ASN B 105 -1.84 48.86 -5.90
C ASN B 105 -3.17 49.14 -5.20
N TYR B 106 -4.13 49.73 -5.91
CA TYR B 106 -5.25 50.42 -5.27
C TYR B 106 -6.50 49.55 -5.10
N THR B 107 -6.40 48.23 -5.28
CA THR B 107 -7.60 47.43 -5.55
C THR B 107 -8.54 47.32 -4.35
N GLN B 108 -8.01 47.35 -3.12
CA GLN B 108 -8.84 47.04 -1.96
C GLN B 108 -9.95 48.07 -1.77
N ILE B 109 -9.62 49.37 -1.84
CA ILE B 109 -10.62 50.40 -1.64
C ILE B 109 -11.65 50.36 -2.76
N ILE B 110 -11.20 50.06 -3.98
CA ILE B 110 -12.11 49.98 -5.12
C ILE B 110 -13.12 48.86 -4.89
N TYR B 111 -12.64 47.68 -4.48
CA TYR B 111 -13.54 46.56 -4.23
C TYR B 111 -14.48 46.83 -3.07
N GLY B 112 -14.01 47.48 -2.01
CA GLY B 112 -14.88 47.85 -0.91
C GLY B 112 -15.98 48.81 -1.33
N LEU B 113 -15.62 49.82 -2.13
CA LEU B 113 -16.62 50.76 -2.64
C LEU B 113 -17.64 50.04 -3.50
N LEU B 114 -17.18 49.18 -4.41
CA LEU B 114 -18.10 48.46 -5.29
C LEU B 114 -19.00 47.51 -4.52
N GLU B 115 -18.53 46.98 -3.38
CA GLU B 115 -19.38 46.17 -2.53
C GLU B 115 -20.43 46.99 -1.81
N GLU B 116 -20.01 48.06 -1.12
CA GLU B 116 -20.93 48.82 -0.28
C GLU B 116 -21.95 49.58 -1.11
N SER B 117 -21.57 50.08 -2.28
CA SER B 117 -22.50 50.85 -3.10
C SER B 117 -23.69 50.00 -3.53
N GLN B 118 -23.44 48.77 -3.96
CA GLN B 118 -24.54 47.89 -4.34
C GLN B 118 -25.25 47.35 -3.09
N ASN B 119 -24.53 47.19 -1.98
CA ASN B 119 -25.19 46.78 -0.75
C ASN B 119 -26.25 47.78 -0.31
N GLN B 120 -25.98 49.07 -0.50
CA GLN B 120 -26.94 50.10 -0.09
C GLN B 120 -27.93 50.44 -1.21
N GLN B 121 -27.57 50.18 -2.47
CA GLN B 121 -28.47 50.50 -3.57
C GLN B 121 -29.61 49.49 -3.69
N GLU B 122 -29.38 48.25 -3.27
CA GLU B 122 -30.33 47.18 -3.56
C GLU B 122 -31.64 47.37 -2.82
N LYS B 123 -31.60 47.96 -1.63
CA LYS B 123 -32.83 48.17 -0.86
C LYS B 123 -33.76 49.16 -1.54
N ASN B 124 -33.20 50.10 -2.31
CA ASN B 124 -34.03 51.10 -2.97
C ASN B 124 -34.91 50.48 -4.05
N GLU B 125 -34.57 49.28 -4.54
CA GLU B 125 -35.47 48.57 -5.44
C GLU B 125 -36.72 48.10 -4.72
N GLN B 126 -36.63 47.78 -3.43
CA GLN B 126 -37.82 47.58 -2.61
C GLN B 126 -38.54 48.91 -2.37
N ASP B 127 -37.78 49.94 -1.99
CA ASP B 127 -38.39 51.19 -1.56
C ASP B 127 -39.18 51.84 -2.68
N LEU B 128 -38.65 51.80 -3.90
CA LEU B 128 -39.35 52.37 -5.06
C LEU B 128 -40.26 51.35 -5.72
N LEU B 129 -40.66 50.31 -4.98
CA LEU B 129 -41.64 49.33 -5.45
C LEU B 129 -42.72 49.08 -4.40
N ALA B 130 -42.51 49.57 -3.16
CA ALA B 130 -43.47 49.35 -2.09
C ALA B 130 -44.61 50.37 -2.11
N LEU B 131 -44.55 51.39 -2.97
CA LEU B 131 -45.60 52.40 -3.00
C LEU B 131 -46.94 51.80 -3.39
N ASP B 132 -46.96 50.83 -4.30
CA ASP B 132 -48.19 50.19 -4.72
C ASP B 132 -48.74 49.29 -3.62
N GLN C 1 57.20 -17.20 -46.45
CA GLN C 1 55.79 -17.33 -46.89
C GLN C 1 54.97 -18.16 -45.89
N VAL C 2 53.77 -17.66 -45.61
CA VAL C 2 52.83 -18.35 -44.73
C VAL C 2 52.53 -19.74 -45.27
N GLN C 3 52.50 -20.71 -44.35
CA GLN C 3 52.14 -22.09 -44.67
C GLN C 3 51.54 -22.74 -43.43
N LEU C 4 50.61 -23.67 -43.67
CA LEU C 4 50.05 -24.52 -42.63
C LEU C 4 50.61 -25.92 -42.80
N VAL C 5 51.10 -26.50 -41.70
CA VAL C 5 51.73 -27.81 -41.71
C VAL C 5 51.11 -28.66 -40.62
N GLN C 6 51.07 -29.97 -40.86
CA GLN C 6 50.44 -30.93 -39.96
C GLN C 6 51.34 -32.15 -39.81
N SER C 7 51.12 -32.89 -38.72
CA SER C 7 51.72 -34.20 -38.58
C SER C 7 51.23 -35.12 -39.70
N GLY C 8 52.11 -36.01 -40.15
CA GLY C 8 51.80 -36.85 -41.29
C GLY C 8 50.71 -37.86 -41.01
N ALA C 9 50.69 -38.89 -41.85
CA ALA C 9 49.66 -39.94 -41.76
C ALA C 9 49.73 -40.64 -40.41
N GLU C 10 48.56 -40.99 -39.87
CA GLU C 10 48.41 -41.46 -38.51
C GLU C 10 47.96 -42.92 -38.51
N VAL C 11 48.42 -43.66 -37.51
CA VAL C 11 48.00 -45.04 -37.28
C VAL C 11 47.64 -45.19 -35.81
N LYS C 12 46.50 -45.83 -35.55
CA LYS C 12 45.99 -46.08 -34.20
C LYS C 12 45.28 -47.43 -34.21
N LYS C 13 44.47 -47.70 -33.20
CA LYS C 13 43.47 -48.76 -33.26
C LYS C 13 42.18 -48.22 -32.66
N PRO C 14 41.03 -48.82 -32.99
CA PRO C 14 39.75 -48.22 -32.60
C PRO C 14 39.59 -48.08 -31.09
N GLY C 15 38.94 -46.99 -30.68
CA GLY C 15 38.69 -46.71 -29.28
C GLY C 15 39.70 -45.76 -28.67
N ALA C 16 40.91 -45.75 -29.21
CA ALA C 16 41.96 -44.88 -28.69
C ALA C 16 41.74 -43.44 -29.11
N SER C 17 42.20 -42.51 -28.27
CA SER C 17 42.08 -41.09 -28.58
C SER C 17 43.25 -40.64 -29.44
N VAL C 18 43.00 -39.63 -30.29
CA VAL C 18 43.96 -39.15 -31.28
C VAL C 18 44.23 -37.67 -31.02
N LYS C 19 45.44 -37.24 -31.37
CA LYS C 19 46.05 -36.01 -30.87
C LYS C 19 46.71 -35.26 -32.04
N VAL C 20 45.94 -35.05 -33.13
CA VAL C 20 46.46 -34.42 -34.33
C VAL C 20 46.99 -33.03 -34.02
N SER C 21 48.10 -32.66 -34.66
CA SER C 21 48.79 -31.40 -34.41
C SER C 21 48.85 -30.58 -35.69
N CYS C 22 48.72 -29.26 -35.55
CA CYS C 22 48.74 -28.32 -36.68
C CYS C 22 49.71 -27.20 -36.36
N LYS C 23 50.75 -27.07 -37.18
CA LYS C 23 51.81 -26.09 -36.96
C LYS C 23 51.50 -24.84 -37.78
N ALA C 24 51.58 -23.68 -37.11
CA ALA C 24 51.41 -22.38 -37.76
C ALA C 24 52.79 -21.84 -38.12
N SER C 25 53.09 -21.78 -39.42
CA SER C 25 54.38 -21.38 -39.92
C SER C 25 54.30 -20.06 -40.68
N GLY C 26 55.15 -19.12 -40.30
CA GLY C 26 55.31 -17.90 -41.08
C GLY C 26 54.20 -16.88 -40.94
N TYR C 27 53.58 -16.78 -39.77
CA TYR C 27 52.62 -15.69 -39.54
C TYR C 27 52.37 -15.59 -38.04
N THR C 28 51.62 -14.56 -37.67
CA THR C 28 51.20 -14.41 -36.28
C THR C 28 50.11 -15.41 -35.95
N PHE C 29 50.47 -16.44 -35.17
CA PHE C 29 49.52 -17.43 -34.70
C PHE C 29 48.53 -16.85 -33.69
N THR C 30 48.77 -15.63 -33.20
CA THR C 30 47.88 -14.97 -32.26
C THR C 30 46.73 -14.22 -32.93
N ASP C 31 46.78 -13.99 -34.25
CA ASP C 31 45.95 -12.99 -34.91
C ASP C 31 44.87 -13.54 -35.83
N TYR C 32 44.81 -14.85 -36.07
CA TYR C 32 43.81 -15.45 -36.95
C TYR C 32 43.13 -16.62 -36.26
N TYR C 33 41.84 -16.77 -36.54
CA TYR C 33 41.11 -17.96 -36.11
C TYR C 33 41.60 -19.18 -36.88
N ILE C 34 41.45 -20.34 -36.24
CA ILE C 34 41.83 -21.62 -36.83
C ILE C 34 40.59 -22.52 -36.79
N HIS C 35 40.37 -23.26 -37.88
CA HIS C 35 39.20 -24.11 -38.03
C HIS C 35 39.64 -25.52 -38.42
N TRP C 36 38.94 -26.52 -37.90
CA TRP C 36 39.21 -27.93 -38.17
C TRP C 36 38.12 -28.49 -39.06
N VAL C 37 38.51 -29.24 -40.08
CA VAL C 37 37.59 -29.84 -41.05
C VAL C 37 37.93 -31.31 -41.20
N ARG C 38 36.91 -32.16 -41.16
CA ARG C 38 37.06 -33.59 -41.42
C ARG C 38 36.69 -33.88 -42.86
N GLN C 39 37.39 -34.85 -43.46
CA GLN C 39 37.08 -35.35 -44.80
C GLN C 39 37.22 -36.87 -44.76
N ALA C 40 36.09 -37.57 -44.72
CA ALA C 40 36.14 -39.02 -44.82
C ALA C 40 36.75 -39.39 -46.17
N PRO C 41 37.47 -40.52 -46.27
CA PRO C 41 38.36 -40.71 -47.42
C PRO C 41 37.61 -40.80 -48.73
N GLY C 42 37.81 -39.79 -49.57
CA GLY C 42 37.10 -39.69 -50.84
C GLY C 42 35.68 -39.18 -50.73
N GLN C 43 35.31 -38.52 -49.63
CA GLN C 43 33.96 -38.05 -49.38
C GLN C 43 33.96 -36.55 -49.12
N GLY C 44 32.80 -36.03 -48.76
CA GLY C 44 32.65 -34.60 -48.57
C GLY C 44 33.18 -34.14 -47.22
N LEU C 45 33.27 -32.82 -47.08
CA LEU C 45 33.86 -32.22 -45.88
C LEU C 45 32.82 -32.12 -44.76
N GLU C 46 33.27 -32.41 -43.54
CA GLU C 46 32.48 -32.23 -42.33
C GLU C 46 33.23 -31.28 -41.41
N TRP C 47 32.48 -30.44 -40.70
CA TRP C 47 33.07 -29.35 -39.91
C TRP C 47 33.15 -29.78 -38.44
N MET C 48 34.30 -29.50 -37.81
CA MET C 48 34.58 -29.95 -36.46
C MET C 48 34.48 -28.83 -35.42
N GLY C 49 35.23 -27.76 -35.59
CA GLY C 49 35.22 -26.66 -34.64
C GLY C 49 36.32 -25.67 -34.95
N TRP C 50 36.47 -24.70 -34.04
CA TRP C 50 37.51 -23.69 -34.15
C TRP C 50 38.23 -23.55 -32.81
N ILE C 51 39.26 -22.71 -32.83
CA ILE C 51 40.03 -22.38 -31.63
C ILE C 51 40.57 -20.96 -31.77
N ASN C 52 40.50 -20.19 -30.69
CA ASN C 52 41.06 -18.85 -30.63
C ASN C 52 42.36 -18.93 -29.84
N PRO C 53 43.54 -18.81 -30.47
CA PRO C 53 44.78 -18.90 -29.68
C PRO C 53 44.94 -17.78 -28.65
N ASN C 54 44.78 -16.53 -29.07
CA ASN C 54 45.02 -15.41 -28.17
C ASN C 54 44.09 -15.43 -26.97
N THR C 55 42.88 -15.96 -27.15
CA THR C 55 41.94 -16.12 -26.04
C THR C 55 42.02 -17.50 -25.41
N GLY C 56 42.32 -18.54 -26.20
CA GLY C 56 42.25 -19.91 -25.74
C GLY C 56 40.87 -20.52 -25.77
N ARG C 57 39.84 -19.73 -26.05
CA ARG C 57 38.47 -20.23 -26.05
C ARG C 57 38.21 -21.02 -27.33
N THR C 58 37.31 -21.99 -27.23
CA THR C 58 37.03 -22.92 -28.32
C THR C 58 35.53 -23.17 -28.39
N ASN C 59 35.12 -23.84 -29.47
CA ASN C 59 33.79 -24.42 -29.58
C ASN C 59 33.84 -25.57 -30.57
N SER C 60 33.44 -26.75 -30.12
CA SER C 60 33.33 -27.94 -30.95
C SER C 60 31.91 -28.06 -31.45
N ALA C 61 31.75 -28.64 -32.64
CA ALA C 61 30.43 -28.75 -33.23
C ALA C 61 29.53 -29.62 -32.35
N GLN C 62 28.22 -29.40 -32.48
CA GLN C 62 27.24 -30.13 -31.66
C GLN C 62 27.34 -31.63 -31.86
N LYS C 63 27.84 -32.08 -33.01
CA LYS C 63 27.99 -33.51 -33.26
C LYS C 63 29.08 -34.13 -32.40
N PHE C 64 29.97 -33.32 -31.80
CA PHE C 64 31.12 -33.83 -31.06
C PHE C 64 31.33 -33.18 -29.70
N GLN C 65 30.38 -32.37 -29.21
CA GLN C 65 30.59 -31.66 -27.95
C GLN C 65 30.72 -32.66 -26.80
N GLY C 66 31.74 -32.45 -25.97
CA GLY C 66 32.09 -33.41 -24.94
C GLY C 66 33.03 -34.52 -25.39
N ARG C 67 33.42 -34.52 -26.66
CA ARG C 67 34.30 -35.56 -27.22
C ARG C 67 35.50 -34.95 -27.93
N VAL C 68 35.33 -33.74 -28.46
CA VAL C 68 36.38 -33.01 -29.15
C VAL C 68 36.70 -31.76 -28.36
N THR C 69 37.98 -31.49 -28.14
CA THR C 69 38.41 -30.29 -27.41
C THR C 69 39.80 -29.92 -27.90
N MET C 70 39.93 -28.69 -28.40
CA MET C 70 41.20 -28.23 -28.96
C MET C 70 41.99 -27.44 -27.93
N THR C 71 43.32 -27.52 -28.03
CA THR C 71 44.23 -26.78 -27.17
C THR C 71 45.41 -26.32 -28.02
N ARG C 72 46.26 -25.49 -27.41
CA ARG C 72 47.43 -24.96 -28.09
C ARG C 72 48.48 -24.56 -27.06
N ASP C 73 49.70 -24.36 -27.55
CA ASP C 73 50.81 -23.84 -26.76
C ASP C 73 51.59 -22.90 -27.67
N THR C 74 51.55 -21.59 -27.36
CA THR C 74 52.12 -20.60 -28.26
C THR C 74 53.63 -20.74 -28.40
N SER C 75 54.31 -21.24 -27.36
CA SER C 75 55.76 -21.35 -27.40
C SER C 75 56.25 -22.34 -28.45
N ILE C 76 55.39 -23.24 -28.92
CA ILE C 76 55.72 -24.21 -29.96
C ILE C 76 54.84 -24.02 -31.20
N SER C 77 54.03 -22.96 -31.24
CA SER C 77 53.36 -22.50 -32.46
C SER C 77 52.47 -23.57 -33.07
N THR C 78 51.78 -24.34 -32.23
CA THR C 78 51.03 -25.51 -32.68
C THR C 78 49.65 -25.52 -32.02
N ALA C 79 48.65 -25.91 -32.81
CA ALA C 79 47.32 -26.23 -32.31
C ALA C 79 47.15 -27.75 -32.31
N TYR C 80 46.24 -28.22 -31.46
CA TYR C 80 46.02 -29.64 -31.27
C TYR C 80 44.53 -29.96 -31.32
N MET C 81 44.17 -31.04 -32.00
CA MET C 81 42.80 -31.55 -32.03
C MET C 81 42.77 -32.87 -31.25
N GLU C 82 42.22 -32.82 -30.04
CA GLU C 82 42.01 -34.02 -29.25
C GLU C 82 40.63 -34.60 -29.56
N LEU C 83 40.58 -35.92 -29.71
CA LEU C 83 39.35 -36.62 -30.08
C LEU C 83 39.37 -37.98 -29.39
N SER C 84 38.42 -38.19 -28.48
CA SER C 84 38.38 -39.36 -27.61
C SER C 84 37.20 -40.25 -27.97
N ARG C 85 37.19 -41.46 -27.41
CA ARG C 85 36.15 -42.46 -27.65
C ARG C 85 35.97 -42.70 -29.14
N LEU C 86 37.10 -42.84 -29.84
CA LEU C 86 37.12 -42.96 -31.30
C LEU C 86 36.33 -44.15 -31.80
N ARG C 87 35.24 -43.88 -32.53
CA ARG C 87 34.57 -44.91 -33.31
C ARG C 87 35.32 -45.12 -34.62
N SER C 88 35.13 -46.29 -35.22
CA SER C 88 35.69 -46.53 -36.55
C SER C 88 34.97 -45.71 -37.62
N ASP C 89 33.81 -45.12 -37.31
CA ASP C 89 33.17 -44.19 -38.22
C ASP C 89 33.97 -42.90 -38.39
N ASP C 90 34.94 -42.65 -37.51
CA ASP C 90 35.83 -41.51 -37.62
C ASP C 90 36.97 -41.73 -38.61
N THR C 91 36.91 -42.77 -39.44
CA THR C 91 37.87 -42.96 -40.51
C THR C 91 37.83 -41.75 -41.44
N ALA C 92 38.89 -40.93 -41.42
CA ALA C 92 38.84 -39.69 -42.19
C ALA C 92 40.20 -39.00 -42.19
N VAL C 93 40.33 -38.07 -43.13
CA VAL C 93 41.43 -37.10 -43.11
C VAL C 93 40.97 -35.88 -42.32
N TYR C 94 41.84 -35.38 -41.45
CA TYR C 94 41.57 -34.20 -40.64
C TYR C 94 42.42 -33.04 -41.13
N TYR C 95 41.76 -31.91 -41.42
CA TYR C 95 42.40 -30.73 -41.96
C TYR C 95 42.50 -29.63 -40.90
N CYS C 96 43.37 -28.67 -41.16
CA CYS C 96 43.56 -27.50 -40.32
C CYS C 96 43.77 -26.29 -41.23
N ALA C 97 42.94 -25.25 -41.01
CA ALA C 97 42.88 -24.11 -41.92
C ALA C 97 42.90 -22.81 -41.13
N ARG C 98 43.28 -21.73 -41.82
CA ARG C 98 43.38 -20.41 -41.24
C ARG C 98 42.08 -19.65 -41.53
N GLY C 99 41.40 -19.22 -40.47
CA GLY C 99 40.12 -18.55 -40.58
C GLY C 99 40.24 -17.04 -40.65
N GLY C 100 39.22 -16.36 -40.13
CA GLY C 100 39.16 -14.92 -40.23
C GLY C 100 40.13 -14.24 -39.28
N TRP C 101 40.20 -12.92 -39.41
CA TRP C 101 41.12 -12.11 -38.62
C TRP C 101 40.50 -11.79 -37.25
N ILE C 102 41.30 -11.97 -36.21
CA ILE C 102 40.84 -11.73 -34.84
C ILE C 102 40.87 -10.24 -34.56
N GLY C 103 39.85 -9.75 -33.86
CA GLY C 103 39.82 -8.37 -33.43
C GLY C 103 39.15 -8.26 -32.08
N LEU C 104 39.55 -7.24 -31.33
CA LEU C 104 38.92 -6.98 -30.04
C LEU C 104 37.45 -6.67 -30.21
N TYR C 105 37.09 -6.00 -31.30
CA TYR C 105 35.71 -5.74 -31.64
C TYR C 105 35.30 -6.72 -32.72
N TYR C 106 34.02 -6.73 -33.10
CA TYR C 106 33.53 -7.47 -34.26
C TYR C 106 33.70 -8.97 -34.01
N ASP C 107 33.14 -9.83 -34.85
CA ASP C 107 33.14 -11.27 -34.56
C ASP C 107 33.23 -12.03 -35.88
N SER C 108 34.42 -12.58 -36.16
CA SER C 108 34.68 -13.42 -37.32
C SER C 108 34.81 -14.89 -36.95
N SER C 109 34.34 -15.29 -35.77
CA SER C 109 34.51 -16.67 -35.33
C SER C 109 33.79 -17.66 -36.24
N GLY C 110 32.59 -17.32 -36.70
CA GLY C 110 31.79 -18.18 -37.53
C GLY C 110 31.82 -17.88 -39.01
N TYR C 111 32.75 -17.04 -39.49
CA TYR C 111 32.79 -16.73 -40.91
C TYR C 111 33.42 -17.88 -41.69
N PRO C 112 32.77 -18.39 -42.76
CA PRO C 112 33.48 -19.34 -43.63
C PRO C 112 34.40 -18.63 -44.63
N ASN C 113 35.58 -18.23 -44.15
CA ASN C 113 36.60 -17.59 -44.95
C ASN C 113 37.94 -18.33 -44.84
N PHE C 114 37.90 -19.65 -45.02
CA PHE C 114 39.11 -20.46 -44.87
C PHE C 114 40.06 -20.14 -46.02
N ASP C 115 41.17 -19.47 -45.70
CA ASP C 115 42.11 -18.99 -46.72
C ASP C 115 43.10 -20.07 -47.16
N TYR C 116 43.76 -20.72 -46.22
CA TYR C 116 44.79 -21.72 -46.49
C TYR C 116 44.49 -22.96 -45.67
N TRP C 117 45.14 -24.07 -46.04
CA TRP C 117 44.86 -25.38 -45.48
C TRP C 117 46.15 -26.10 -45.14
N GLY C 118 46.10 -26.93 -44.09
CA GLY C 118 47.19 -27.83 -43.79
C GLY C 118 47.08 -29.12 -44.58
N GLN C 119 48.23 -29.75 -44.83
CA GLN C 119 48.27 -30.89 -45.74
C GLN C 119 47.62 -32.17 -45.17
N GLY C 120 47.16 -32.20 -43.92
CA GLY C 120 46.25 -33.23 -43.47
C GLY C 120 46.95 -34.51 -43.04
N THR C 121 46.14 -35.43 -42.51
CA THR C 121 46.61 -36.73 -42.06
C THR C 121 45.45 -37.73 -42.09
N LEU C 122 45.67 -38.88 -42.72
CA LEU C 122 44.66 -39.92 -42.78
C LEU C 122 44.82 -40.85 -41.58
N VAL C 123 43.75 -41.02 -40.81
CA VAL C 123 43.79 -41.81 -39.57
C VAL C 123 43.37 -43.24 -39.91
N THR C 124 44.21 -44.20 -39.51
CA THR C 124 44.06 -45.61 -39.89
C THR C 124 43.51 -46.41 -38.70
N VAL C 125 42.22 -46.71 -38.74
CA VAL C 125 41.58 -47.60 -37.78
C VAL C 125 40.46 -48.34 -38.49
N SER C 126 40.20 -49.57 -38.03
CA SER C 126 39.06 -50.35 -38.52
C SER C 126 38.81 -51.55 -37.61
N GLN D 1 25.72 -36.09 -42.61
CA GLN D 1 25.04 -35.56 -43.83
C GLN D 1 24.83 -34.06 -43.70
N SER D 2 24.90 -33.37 -44.83
CA SER D 2 24.75 -31.92 -44.85
C SER D 2 23.30 -31.52 -44.61
N ALA D 3 23.11 -30.50 -43.78
CA ALA D 3 21.81 -29.85 -43.72
C ALA D 3 21.50 -29.11 -45.01
N LEU D 4 22.54 -28.58 -45.67
CA LEU D 4 22.38 -27.92 -46.95
C LEU D 4 22.24 -28.97 -48.05
N THR D 5 21.23 -28.82 -48.90
CA THR D 5 21.09 -29.64 -50.09
C THR D 5 21.89 -29.02 -51.22
N GLN D 6 22.48 -29.85 -52.07
CA GLN D 6 23.17 -29.35 -53.25
C GLN D 6 23.40 -30.49 -54.22
N PRO D 7 23.43 -30.24 -55.53
CA PRO D 7 23.66 -31.32 -56.50
C PRO D 7 24.98 -32.07 -56.27
N ALA D 8 25.14 -33.16 -57.02
CA ALA D 8 26.33 -34.00 -56.96
C ALA D 8 27.15 -33.97 -58.24
N SER D 9 26.59 -33.53 -59.36
CA SER D 9 27.35 -33.46 -60.60
C SER D 9 26.54 -32.72 -61.65
N VAL D 10 27.25 -31.90 -62.43
CA VAL D 10 26.74 -31.32 -63.67
C VAL D 10 27.85 -31.42 -64.71
N SER D 11 27.52 -31.99 -65.87
CA SER D 11 28.50 -32.39 -66.86
C SER D 11 28.32 -31.57 -68.13
N GLY D 12 29.34 -31.64 -69.00
CA GLY D 12 29.34 -30.86 -70.23
C GLY D 12 30.68 -30.80 -70.94
N SER D 13 31.10 -29.59 -71.28
CA SER D 13 32.27 -29.36 -72.11
C SER D 13 32.79 -27.96 -71.80
N PRO D 14 33.99 -27.61 -72.29
CA PRO D 14 34.54 -26.28 -71.98
C PRO D 14 33.69 -25.14 -72.54
N GLY D 15 33.78 -23.99 -71.87
CA GLY D 15 33.16 -22.77 -72.34
C GLY D 15 31.74 -22.51 -71.87
N GLN D 16 31.12 -23.45 -71.16
CA GLN D 16 29.70 -23.32 -70.81
C GLN D 16 29.48 -22.40 -69.61
N SER D 17 28.23 -22.30 -69.16
CA SER D 17 27.88 -21.64 -67.92
C SER D 17 26.95 -22.55 -67.14
N ILE D 18 26.98 -22.40 -65.80
CA ILE D 18 26.43 -23.39 -64.87
C ILE D 18 25.63 -22.65 -63.80
N THR D 19 24.70 -23.37 -63.16
CA THR D 19 24.12 -22.94 -61.90
C THR D 19 23.94 -24.17 -61.02
N ILE D 20 24.55 -24.15 -59.84
CA ILE D 20 24.55 -25.27 -58.90
C ILE D 20 23.89 -24.79 -57.61
N SER D 21 22.84 -25.48 -57.18
CA SER D 21 21.90 -24.92 -56.19
C SER D 21 22.21 -25.46 -54.80
N CYS D 22 22.98 -24.69 -54.04
CA CYS D 22 23.05 -24.89 -52.59
C CYS D 22 21.85 -24.26 -51.91
N THR D 23 21.13 -25.05 -51.10
CA THR D 23 19.84 -24.68 -50.55
C THR D 23 19.85 -24.77 -49.04
N GLY D 24 19.22 -23.80 -48.39
CA GLY D 24 19.02 -23.79 -46.95
C GLY D 24 17.62 -23.30 -46.62
N THR D 25 17.51 -22.58 -45.51
CA THR D 25 16.24 -21.99 -45.08
C THR D 25 16.55 -20.71 -44.31
N SER D 26 15.57 -20.22 -43.56
CA SER D 26 15.70 -18.93 -42.89
C SER D 26 16.86 -18.94 -41.89
N TYR D 27 17.10 -20.08 -41.25
CA TYR D 27 18.03 -20.12 -40.12
C TYR D 27 19.49 -20.01 -40.53
N ASP D 28 19.87 -20.48 -41.72
CA ASP D 28 21.27 -20.49 -42.14
C ASP D 28 21.51 -19.59 -43.34
N VAL D 29 20.71 -19.76 -44.42
CA VAL D 29 20.95 -19.00 -45.64
C VAL D 29 20.08 -17.76 -45.70
N GLY D 30 18.83 -17.84 -45.25
CA GLY D 30 17.91 -16.72 -45.42
C GLY D 30 18.30 -15.50 -44.60
N SER D 31 18.64 -15.71 -43.33
CA SER D 31 18.86 -14.58 -42.43
C SER D 31 20.19 -13.89 -42.65
N TYR D 32 21.19 -14.58 -43.22
CA TYR D 32 22.57 -14.12 -43.22
C TYR D 32 23.13 -14.11 -44.64
N ASN D 33 24.18 -13.31 -44.80
CA ASN D 33 24.93 -13.21 -46.05
C ASN D 33 26.19 -14.06 -46.06
N LEU D 34 26.37 -14.95 -45.07
CA LEU D 34 27.60 -15.72 -44.93
C LEU D 34 27.45 -17.02 -45.71
N VAL D 35 27.87 -16.97 -46.97
CA VAL D 35 27.82 -18.12 -47.87
C VAL D 35 29.11 -18.12 -48.68
N SER D 36 29.65 -19.32 -48.93
CA SER D 36 30.92 -19.47 -49.62
C SER D 36 30.90 -20.74 -50.43
N TRP D 37 31.85 -20.85 -51.36
CA TRP D 37 32.01 -22.02 -52.21
C TRP D 37 33.48 -22.43 -52.22
N TYR D 38 33.73 -23.73 -52.17
CA TYR D 38 35.08 -24.28 -52.06
C TYR D 38 35.30 -25.30 -53.17
N GLN D 39 36.40 -25.14 -53.91
CA GLN D 39 36.79 -26.14 -54.89
C GLN D 39 37.50 -27.30 -54.21
N GLN D 40 37.31 -28.50 -54.77
CA GLN D 40 37.86 -29.74 -54.21
C GLN D 40 38.30 -30.62 -55.39
N HIS D 41 39.58 -30.49 -55.75
CA HIS D 41 40.12 -31.36 -56.79
C HIS D 41 40.20 -32.79 -56.26
N PRO D 42 40.22 -33.79 -57.16
CA PRO D 42 40.23 -35.18 -56.69
C PRO D 42 41.49 -35.53 -55.90
N GLY D 43 41.33 -35.78 -54.60
CA GLY D 43 42.44 -36.14 -53.74
C GLY D 43 43.26 -34.97 -53.23
N LYS D 44 42.87 -33.74 -53.52
CA LYS D 44 43.59 -32.56 -53.10
C LYS D 44 42.89 -31.89 -51.93
N ALA D 45 43.60 -30.96 -51.29
CA ALA D 45 42.99 -30.16 -50.23
C ALA D 45 41.99 -29.19 -50.85
N PRO D 46 40.96 -28.76 -50.11
CA PRO D 46 40.00 -27.82 -50.68
C PRO D 46 40.64 -26.46 -50.94
N LYS D 47 40.06 -25.74 -51.91
CA LYS D 47 40.50 -24.42 -52.31
C LYS D 47 39.31 -23.48 -52.28
N LEU D 48 39.49 -22.31 -51.67
CA LEU D 48 38.43 -21.32 -51.62
C LEU D 48 38.23 -20.70 -53.00
N MET D 49 36.97 -20.61 -53.42
CA MET D 49 36.60 -20.05 -54.71
C MET D 49 35.78 -18.78 -54.54
N ILE D 50 34.71 -18.85 -53.74
CA ILE D 50 33.77 -17.75 -53.53
C ILE D 50 33.62 -17.57 -52.03
N TYR D 51 33.62 -16.32 -51.56
CA TYR D 51 33.40 -16.02 -50.15
C TYR D 51 32.46 -14.83 -50.00
N GLU D 52 31.58 -14.93 -49.01
CA GLU D 52 30.61 -13.88 -48.69
C GLU D 52 29.73 -13.56 -49.90
N VAL D 53 28.93 -14.56 -50.27
CA VAL D 53 28.03 -14.52 -51.43
C VAL D 53 28.85 -14.51 -52.71
N SER D 54 29.51 -13.38 -53.01
CA SER D 54 30.36 -13.33 -54.20
C SER D 54 31.48 -12.32 -54.00
N LYS D 55 32.64 -12.80 -53.53
CA LYS D 55 33.93 -12.18 -53.70
C LYS D 55 34.95 -13.29 -53.89
N ARG D 56 35.98 -13.02 -54.70
CA ARG D 56 36.90 -14.05 -55.17
C ARG D 56 38.31 -13.83 -54.65
N PRO D 57 39.02 -14.85 -54.16
CA PRO D 57 40.43 -14.66 -53.76
C PRO D 57 41.34 -14.44 -54.96
N SER D 58 42.61 -14.22 -54.65
CA SER D 58 43.66 -14.24 -55.66
C SER D 58 43.95 -15.68 -56.06
N GLY D 59 44.40 -15.86 -57.29
CA GLY D 59 44.50 -17.19 -57.87
C GLY D 59 43.19 -17.77 -58.34
N VAL D 60 42.11 -16.99 -58.28
CA VAL D 60 40.79 -17.39 -58.72
C VAL D 60 40.32 -16.36 -59.75
N SER D 61 39.80 -16.85 -60.87
CA SER D 61 39.57 -16.05 -62.06
C SER D 61 38.12 -15.58 -62.12
N ASN D 62 37.85 -14.74 -63.12
CA ASN D 62 36.48 -14.33 -63.44
C ASN D 62 35.72 -15.39 -64.22
N ARG D 63 36.28 -16.60 -64.35
CA ARG D 63 35.52 -17.76 -64.81
C ARG D 63 34.46 -18.22 -63.81
N PHE D 64 34.47 -17.69 -62.58
CA PHE D 64 33.61 -18.13 -61.49
C PHE D 64 32.76 -16.96 -61.01
N SER D 65 31.54 -17.26 -60.57
CA SER D 65 30.65 -16.25 -60.03
C SER D 65 29.55 -16.93 -59.22
N GLY D 66 28.77 -16.11 -58.53
CA GLY D 66 27.67 -16.62 -57.73
C GLY D 66 26.83 -15.46 -57.23
N SER D 67 25.65 -15.81 -56.70
CA SER D 67 24.74 -14.77 -56.22
C SER D 67 23.69 -15.41 -55.30
N LYS D 68 23.19 -14.59 -54.38
CA LYS D 68 22.18 -15.02 -53.42
C LYS D 68 20.79 -14.97 -54.06
N SER D 69 19.95 -15.93 -53.68
CA SER D 69 18.53 -15.91 -54.00
C SER D 69 17.76 -16.53 -52.83
N GLY D 70 17.38 -15.68 -51.87
CA GLY D 70 16.58 -16.11 -50.74
C GLY D 70 17.20 -17.22 -49.92
N ASN D 71 16.61 -18.41 -49.99
CA ASN D 71 17.11 -19.59 -49.28
C ASN D 71 17.90 -20.52 -50.20
N THR D 72 18.32 -20.06 -51.38
CA THR D 72 19.27 -20.78 -52.21
C THR D 72 20.22 -19.80 -52.87
N ALA D 73 21.52 -20.07 -52.73
CA ALA D 73 22.57 -19.31 -53.39
C ALA D 73 23.44 -20.28 -54.16
N SER D 74 23.81 -19.89 -55.38
CA SER D 74 24.31 -20.84 -56.36
C SER D 74 25.65 -20.41 -56.93
N LEU D 75 26.38 -21.40 -57.44
CA LEU D 75 27.68 -21.21 -58.08
C LEU D 75 27.49 -21.12 -59.59
N THR D 76 27.95 -20.01 -60.17
CA THR D 76 27.84 -19.76 -61.61
C THR D 76 29.24 -19.72 -62.21
N ILE D 77 29.67 -20.85 -62.77
CA ILE D 77 30.91 -20.90 -63.52
C ILE D 77 30.64 -20.35 -64.92
N SER D 78 31.68 -19.81 -65.55
CA SER D 78 31.60 -19.35 -66.93
C SER D 78 32.97 -19.54 -67.57
N GLY D 79 32.96 -19.78 -68.89
CA GLY D 79 34.22 -20.05 -69.57
C GLY D 79 34.90 -21.31 -69.07
N LEU D 80 34.17 -22.42 -68.98
CA LEU D 80 34.63 -23.67 -68.40
C LEU D 80 35.98 -24.13 -68.93
N GLN D 81 36.75 -24.82 -68.09
CA GLN D 81 38.01 -25.43 -68.45
C GLN D 81 38.05 -26.84 -67.88
N ALA D 82 38.72 -27.74 -68.62
CA ALA D 82 38.94 -29.09 -68.09
C ALA D 82 39.87 -29.08 -66.89
N GLU D 83 40.73 -28.06 -66.79
CA GLU D 83 41.63 -27.95 -65.65
C GLU D 83 40.86 -27.77 -64.35
N ASP D 84 39.69 -27.13 -64.39
CA ASP D 84 38.86 -26.91 -63.21
C ASP D 84 37.85 -28.02 -62.99
N GLU D 85 38.08 -29.21 -63.56
CA GLU D 85 37.15 -30.31 -63.46
C GLU D 85 37.20 -30.94 -62.07
N ALA D 86 36.76 -30.20 -61.06
CA ALA D 86 36.90 -30.57 -59.66
C ALA D 86 35.53 -30.77 -59.02
N ASP D 87 35.55 -31.21 -57.75
CA ASP D 87 34.36 -31.17 -56.93
C ASP D 87 34.15 -29.75 -56.40
N TYR D 88 32.92 -29.46 -55.97
CA TYR D 88 32.58 -28.15 -55.46
C TYR D 88 31.60 -28.30 -54.29
N TYR D 89 31.90 -27.62 -53.18
CA TYR D 89 31.15 -27.73 -51.95
C TYR D 89 30.77 -26.34 -51.47
N CYS D 90 29.46 -26.09 -51.34
CA CYS D 90 29.02 -24.83 -50.77
C CYS D 90 29.28 -24.83 -49.26
N CYS D 91 29.25 -23.64 -48.68
CA CYS D 91 29.54 -23.48 -47.26
C CYS D 91 28.84 -22.22 -46.76
N SER D 92 28.35 -22.27 -45.53
CA SER D 92 27.57 -21.15 -45.00
C SER D 92 27.49 -21.21 -43.49
N TYR D 93 27.38 -20.03 -42.88
CA TYR D 93 27.07 -19.90 -41.47
C TYR D 93 25.66 -20.42 -41.21
N ALA D 94 25.46 -20.96 -39.99
CA ALA D 94 24.19 -21.61 -39.65
C ALA D 94 23.71 -21.25 -38.25
N GLY D 95 23.86 -19.99 -37.85
CA GLY D 95 23.36 -19.59 -36.55
C GLY D 95 24.15 -20.23 -35.42
N SER D 96 23.72 -19.91 -34.20
CA SER D 96 24.51 -20.20 -33.01
C SER D 96 25.92 -19.65 -33.25
N SER D 97 26.92 -20.51 -33.36
CA SER D 97 28.15 -20.16 -34.08
C SER D 97 28.69 -21.46 -34.64
N THR D 98 28.32 -21.77 -35.89
CA THR D 98 28.70 -23.01 -36.54
C THR D 98 28.93 -22.74 -38.03
N VAL D 99 29.54 -23.72 -38.70
CA VAL D 99 29.79 -23.66 -40.12
C VAL D 99 29.37 -25.00 -40.74
N VAL D 100 28.67 -24.94 -41.87
CA VAL D 100 28.05 -26.10 -42.49
C VAL D 100 28.48 -26.14 -43.95
N PHE D 101 28.50 -27.35 -44.50
CA PHE D 101 28.89 -27.62 -45.89
C PHE D 101 27.72 -28.24 -46.62
N GLY D 102 27.92 -28.59 -47.89
CA GLY D 102 26.88 -29.20 -48.69
C GLY D 102 27.39 -29.76 -50.01
N GLY D 103 26.73 -30.84 -50.44
CA GLY D 103 26.83 -31.29 -51.82
C GLY D 103 28.07 -32.09 -52.12
N GLY D 104 28.16 -32.54 -53.38
CA GLY D 104 29.30 -33.27 -53.90
C GLY D 104 29.62 -32.91 -55.33
N THR D 105 29.44 -31.63 -55.71
CA THR D 105 29.28 -31.27 -57.12
C THR D 105 30.55 -31.48 -57.94
N LYS D 106 30.65 -32.65 -58.56
CA LYS D 106 31.74 -32.97 -59.49
C LYS D 106 31.49 -32.30 -60.84
N LEU D 107 32.31 -31.32 -61.19
CA LEU D 107 32.28 -30.79 -62.55
C LEU D 107 32.90 -31.80 -63.50
N THR D 108 32.31 -31.94 -64.68
CA THR D 108 32.79 -32.85 -65.71
C THR D 108 32.88 -32.08 -67.03
N VAL D 109 34.01 -32.24 -67.72
CA VAL D 109 34.31 -31.44 -68.90
C VAL D 109 34.89 -32.34 -69.99
N LEU D 110 34.08 -32.70 -70.97
CA LEU D 110 34.53 -33.51 -72.10
C LEU D 110 35.04 -32.61 -73.22
N GLU E 2 -52.02 45.60 5.21
CA GLU E 2 -52.90 44.44 4.92
C GLU E 2 -52.20 43.44 4.00
N ASN E 3 -51.95 43.86 2.77
CA ASN E 3 -51.29 42.99 1.81
C ASN E 3 -49.80 42.89 2.13
N LEU E 4 -49.32 41.65 2.25
CA LEU E 4 -47.91 41.38 2.50
C LEU E 4 -47.47 40.22 1.60
N TRP E 5 -46.32 40.38 0.99
CA TRP E 5 -45.78 39.42 0.04
C TRP E 5 -44.48 38.84 0.57
N VAL E 6 -44.24 37.57 0.24
CA VAL E 6 -43.10 36.85 0.78
C VAL E 6 -41.83 37.26 0.03
N THR E 7 -40.77 37.55 0.80
CA THR E 7 -39.47 37.92 0.27
C THR E 7 -38.44 36.94 0.79
N VAL E 8 -37.48 36.58 -0.07
CA VAL E 8 -36.44 35.61 0.26
C VAL E 8 -35.14 36.36 0.54
N TYR E 9 -34.51 36.03 1.65
CA TYR E 9 -33.22 36.60 2.05
C TYR E 9 -32.17 35.52 1.97
N TYR E 10 -30.98 35.90 1.50
CA TYR E 10 -29.81 35.02 1.44
C TYR E 10 -28.65 35.74 2.10
N GLY E 11 -27.70 34.96 2.62
CA GLY E 11 -26.67 35.50 3.47
C GLY E 11 -27.09 35.72 4.91
N VAL E 12 -28.06 34.96 5.39
CA VAL E 12 -28.65 35.19 6.71
C VAL E 12 -27.69 34.72 7.79
N PRO E 13 -27.67 35.33 9.00
CA PRO E 13 -26.92 34.73 10.12
C PRO E 13 -27.73 33.68 10.89
N VAL E 14 -27.78 32.47 10.33
CA VAL E 14 -28.52 31.35 10.89
C VAL E 14 -27.63 30.11 10.79
N TRP E 15 -27.77 29.20 11.76
CA TRP E 15 -26.92 28.03 11.81
C TRP E 15 -27.64 26.87 12.46
N LYS E 16 -27.07 25.68 12.30
CA LYS E 16 -27.40 24.48 13.07
C LYS E 16 -26.10 23.81 13.49
N GLU E 17 -26.09 23.18 14.66
CA GLU E 17 -24.95 22.37 15.05
C GLU E 17 -24.99 21.03 14.32
N ALA E 18 -23.89 20.67 13.67
CA ALA E 18 -23.88 19.55 12.74
C ALA E 18 -22.49 18.95 12.65
N LYS E 19 -22.40 17.86 11.90
CA LYS E 19 -21.16 17.10 11.77
C LYS E 19 -20.38 17.54 10.53
N THR E 20 -19.06 17.45 10.61
CA THR E 20 -18.20 17.66 9.44
C THR E 20 -16.78 17.26 9.80
N THR E 21 -15.99 17.00 8.75
CA THR E 21 -14.55 16.87 8.92
C THR E 21 -13.92 18.26 9.03
N LEU E 22 -12.85 18.33 9.82
CA LEU E 22 -12.14 19.59 10.08
C LEU E 22 -10.69 19.47 9.63
N PHE E 23 -10.14 20.60 9.21
CA PHE E 23 -8.75 20.63 8.76
C PHE E 23 -7.82 20.39 9.94
N CYS E 24 -6.55 20.11 9.66
CA CYS E 24 -5.50 20.48 10.59
C CYS E 24 -5.30 21.98 10.56
N ALA E 25 -4.41 22.46 11.40
CA ALA E 25 -3.69 23.70 11.17
C ALA E 25 -2.58 23.82 12.19
N SER E 26 -1.49 24.48 11.80
CA SER E 26 -0.31 24.57 12.64
C SER E 26 0.39 25.88 12.37
N ASP E 27 1.18 26.33 13.35
CA ASP E 27 1.90 27.57 13.20
C ASP E 27 3.05 27.41 12.20
N ALA E 28 3.58 28.54 11.74
CA ALA E 28 4.51 28.52 10.62
C ALA E 28 5.89 28.01 11.01
N ARG E 29 6.27 28.14 12.28
CA ARG E 29 7.66 27.83 12.66
C ARG E 29 7.99 26.36 12.49
N ALA E 30 6.99 25.47 12.59
CA ALA E 30 7.26 24.04 12.50
C ALA E 30 7.74 23.64 11.11
N TYR E 31 7.47 24.45 10.08
CA TYR E 31 7.74 24.08 8.70
C TYR E 31 9.21 24.22 8.32
N GLU E 32 10.10 24.52 9.26
CA GLU E 32 11.54 24.46 9.00
C GLU E 32 12.05 23.04 8.96
N LYS E 33 11.30 22.06 9.47
CA LYS E 33 11.80 20.72 9.69
C LYS E 33 11.64 19.85 8.45
N GLU E 34 11.96 18.57 8.57
CA GLU E 34 12.05 17.67 7.43
C GLU E 34 10.71 16.98 7.17
N VAL E 35 10.71 16.12 6.16
CA VAL E 35 9.52 15.32 5.87
C VAL E 35 9.41 14.18 6.87
N HIS E 36 8.16 13.84 7.22
CA HIS E 36 7.83 12.81 8.21
C HIS E 36 8.21 13.20 9.63
N ASN E 37 8.75 14.42 9.83
CA ASN E 37 9.22 14.90 11.12
C ASN E 37 8.75 16.36 11.27
N VAL E 38 7.51 16.58 11.70
CA VAL E 38 6.43 15.65 12.06
C VAL E 38 5.12 16.04 11.37
N TRP E 39 4.13 15.17 11.53
CA TRP E 39 2.77 15.34 11.02
C TRP E 39 2.21 16.74 11.12
N ALA E 40 2.50 17.46 12.21
CA ALA E 40 2.09 18.85 12.33
C ALA E 40 2.60 19.70 11.16
N THR E 41 3.75 19.33 10.60
CA THR E 41 4.26 19.88 9.35
C THR E 41 3.91 19.00 8.16
N HIS E 42 4.10 17.69 8.32
CA HIS E 42 4.06 16.77 7.18
C HIS E 42 2.65 16.45 6.72
N ALA E 43 1.64 16.54 7.60
CA ALA E 43 0.29 16.12 7.28
C ALA E 43 -0.76 17.17 7.66
N CYS E 44 -0.39 18.45 7.70
CA CYS E 44 -1.25 19.49 8.24
C CYS E 44 -0.91 20.83 7.60
N VAL E 45 -1.95 21.64 7.39
CA VAL E 45 -1.88 22.87 6.60
C VAL E 45 -1.21 24.00 7.40
N PRO E 46 -0.32 24.80 6.81
CA PRO E 46 0.17 25.98 7.54
C PRO E 46 -0.92 27.03 7.67
N THR E 47 -1.03 27.63 8.86
CA THR E 47 -2.11 28.58 9.13
C THR E 47 -1.69 29.52 10.24
N ASP E 48 -1.67 30.82 9.94
CA ASP E 48 -1.72 31.83 10.98
C ASP E 48 -3.09 31.76 11.66
N PRO E 49 -3.18 31.81 13.01
CA PRO E 49 -4.52 31.74 13.62
C PRO E 49 -5.37 32.96 13.28
N SER E 50 -5.86 32.98 12.04
CA SER E 50 -6.60 34.08 11.45
C SER E 50 -7.82 33.50 10.73
N PRO E 51 -8.94 34.25 10.65
CA PRO E 51 -9.25 35.56 11.24
C PRO E 51 -9.36 35.52 12.76
N GLN E 52 -9.11 36.65 13.43
CA GLN E 52 -9.02 36.67 14.87
C GLN E 52 -10.40 36.41 15.49
N GLU E 53 -10.40 36.30 16.82
CA GLU E 53 -11.64 36.02 17.53
C GLU E 53 -12.58 37.21 17.44
N LEU E 54 -13.86 36.91 17.20
CA LEU E 54 -14.92 37.92 17.14
C LEU E 54 -16.02 37.49 18.09
N VAL E 55 -16.22 38.26 19.16
CA VAL E 55 -17.28 37.97 20.12
C VAL E 55 -18.62 38.37 19.51
N LEU E 56 -19.65 37.56 19.77
CA LEU E 56 -21.01 37.82 19.31
C LEU E 56 -21.76 38.56 20.40
N GLY E 57 -22.42 39.65 20.03
CA GLY E 57 -23.03 40.53 21.01
C GLY E 57 -24.10 39.90 21.87
N ASN E 58 -24.88 38.99 21.31
CA ASN E 58 -25.96 38.34 22.04
C ASN E 58 -26.35 37.07 21.31
N VAL E 59 -26.27 35.93 21.97
CA VAL E 59 -26.58 34.64 21.37
C VAL E 59 -27.31 33.77 22.38
N THR E 60 -28.31 33.05 21.90
CA THR E 60 -28.98 32.00 22.67
C THR E 60 -28.42 30.66 22.20
N GLU E 61 -27.72 29.96 23.09
CA GLU E 61 -26.88 28.84 22.71
C GLU E 61 -26.92 27.77 23.79
N ASN E 62 -26.77 26.52 23.38
CA ASN E 62 -26.65 25.38 24.28
C ASN E 62 -25.49 24.49 23.84
N PHE E 63 -24.89 23.81 24.82
CA PHE E 63 -23.67 23.04 24.62
C PHE E 63 -23.80 21.66 25.27
N ASN E 64 -22.89 20.77 24.87
CA ASN E 64 -22.69 19.49 25.54
C ASN E 64 -21.35 18.94 25.07
N MET E 65 -20.41 18.74 26.00
CA MET E 65 -19.05 18.37 25.63
C MET E 65 -18.81 16.87 25.61
N TRP E 66 -19.67 16.06 26.25
CA TRP E 66 -19.48 14.61 26.23
C TRP E 66 -20.02 13.95 24.97
N LYS E 67 -21.02 14.56 24.32
CA LYS E 67 -21.53 14.06 23.05
C LYS E 67 -20.89 14.74 21.85
N ASN E 68 -19.89 15.58 22.05
CA ASN E 68 -19.23 16.27 20.94
C ASN E 68 -18.56 15.27 20.02
N ASP E 69 -18.76 15.45 18.71
CA ASP E 69 -18.14 14.57 17.72
C ASP E 69 -16.72 15.01 17.36
N MET E 70 -16.33 16.23 17.73
CA MET E 70 -15.00 16.72 17.39
C MET E 70 -13.90 15.89 18.05
N VAL E 71 -14.11 15.48 19.29
CA VAL E 71 -13.12 14.66 19.98
C VAL E 71 -13.01 13.27 19.37
N ASP E 72 -14.13 12.68 18.94
CA ASP E 72 -14.08 11.42 18.22
C ASP E 72 -13.33 11.56 16.89
N GLN E 73 -13.55 12.68 16.20
CA GLN E 73 -12.79 12.94 14.98
C GLN E 73 -11.30 13.05 15.26
N MET E 74 -10.93 13.73 16.35
CA MET E 74 -9.52 13.81 16.73
C MET E 74 -8.95 12.43 17.04
N HIS E 75 -9.72 11.58 17.73
CA HIS E 75 -9.28 10.22 17.98
C HIS E 75 -9.00 9.49 16.67
N GLU E 76 -9.96 9.54 15.74
CA GLU E 76 -9.78 8.87 14.45
C GLU E 76 -8.53 9.39 13.75
N ASP E 77 -8.35 10.71 13.73
CA ASP E 77 -7.21 11.31 13.05
C ASP E 77 -5.89 10.83 13.66
N ILE E 78 -5.80 10.85 15.00
CA ILE E 78 -4.54 10.51 15.65
C ILE E 78 -4.21 9.03 15.43
N ILE E 79 -5.19 8.14 15.57
CA ILE E 79 -4.93 6.72 15.39
C ILE E 79 -4.50 6.44 13.95
N SER E 80 -5.28 6.93 12.98
CA SER E 80 -4.98 6.64 11.58
C SER E 80 -3.66 7.30 11.15
N LEU E 81 -3.28 8.41 11.80
CA LEU E 81 -2.02 9.05 11.47
C LEU E 81 -0.84 8.32 12.09
N TRP E 82 -1.00 7.76 13.29
CA TRP E 82 0.06 6.94 13.86
C TRP E 82 0.30 5.70 13.01
N ASP E 83 -0.79 5.10 12.52
CA ASP E 83 -0.64 3.93 11.65
C ASP E 83 0.16 4.29 10.39
N GLN E 84 -0.10 5.47 9.83
CA GLN E 84 0.67 5.94 8.69
C GLN E 84 2.13 6.17 9.07
N SER E 85 2.37 6.74 10.25
CA SER E 85 3.73 7.08 10.67
C SER E 85 4.58 5.85 10.97
N LEU E 86 3.97 4.72 11.33
CA LEU E 86 4.72 3.50 11.59
C LEU E 86 4.99 2.68 10.33
N LYS E 87 4.40 3.04 9.19
CA LYS E 87 4.60 2.30 7.94
C LYS E 87 6.05 2.26 7.46
N PRO E 88 6.77 3.38 7.36
CA PRO E 88 8.06 3.35 6.65
C PRO E 88 9.23 2.79 7.45
N CYS E 89 9.00 2.13 8.58
CA CYS E 89 10.07 1.67 9.45
C CYS E 89 10.12 0.14 9.50
N VAL E 90 11.27 -0.39 9.89
CA VAL E 90 11.49 -1.83 9.90
C VAL E 90 10.56 -2.48 10.92
N LYS E 91 10.08 -3.68 10.60
CA LYS E 91 9.07 -4.35 11.41
C LYS E 91 9.70 -5.41 12.33
N LEU E 92 11.00 -5.25 12.63
CA LEU E 92 11.78 -6.26 13.32
C LEU E 92 11.55 -7.63 12.67
N THR E 93 11.11 -8.66 13.45
CA THR E 93 10.66 -10.00 13.08
C THR E 93 11.75 -11.05 13.34
N PRO E 94 13.02 -10.86 12.94
CA PRO E 94 14.02 -11.87 13.33
C PRO E 94 14.26 -11.98 14.82
N LEU E 95 13.89 -10.98 15.63
CA LEU E 95 14.18 -11.02 17.05
C LEU E 95 13.23 -11.91 17.84
N CYS E 96 12.40 -12.73 17.20
CA CYS E 96 11.65 -13.75 17.93
C CYS E 96 12.52 -14.93 18.33
N VAL E 97 13.78 -14.97 17.90
CA VAL E 97 14.72 -15.99 18.36
C VAL E 97 14.82 -15.96 19.89
N THR E 98 15.19 -17.10 20.47
CA THR E 98 15.37 -17.18 21.90
C THR E 98 16.46 -16.22 22.37
N LEU E 99 16.31 -15.73 23.60
CA LEU E 99 17.33 -14.97 24.29
C LEU E 99 17.85 -15.80 25.45
N ILE E 100 19.16 -16.00 25.51
CA ILE E 100 19.81 -16.65 26.64
C ILE E 100 20.43 -15.54 27.47
N CYS E 101 19.87 -15.33 28.66
CA CYS E 101 20.11 -14.11 29.44
C CYS E 101 20.76 -14.52 30.75
N SER E 102 21.84 -13.83 31.13
CA SER E 102 22.61 -14.20 32.31
C SER E 102 21.75 -14.11 33.56
N ASN E 103 21.83 -15.14 34.41
CA ASN E 103 21.00 -15.24 35.60
C ASN E 103 21.65 -14.49 36.78
N ALA E 104 21.51 -13.17 36.73
CA ALA E 104 22.06 -12.33 37.79
C ALA E 104 21.20 -12.42 39.05
N THR E 105 21.87 -12.39 40.21
CA THR E 105 21.20 -12.41 41.50
C THR E 105 21.87 -11.37 42.40
N VAL E 106 21.05 -10.66 43.18
CA VAL E 106 21.51 -9.57 44.02
C VAL E 106 20.84 -9.70 45.38
N LYS E 107 21.45 -9.09 46.40
CA LYS E 107 20.89 -9.06 47.74
C LYS E 107 19.86 -7.94 47.88
N ASN E 108 18.87 -7.92 46.99
CA ASN E 108 17.85 -6.87 46.98
C ASN E 108 18.49 -5.49 46.83
N GLY E 109 19.11 -5.30 45.66
CA GLY E 109 19.87 -4.09 45.38
C GLY E 109 19.05 -2.81 45.40
N THR E 110 17.72 -2.91 45.29
CA THR E 110 16.82 -1.76 45.35
C THR E 110 17.00 -0.81 44.15
N VAL E 111 17.66 -1.27 43.10
CA VAL E 111 17.76 -0.53 41.84
C VAL E 111 17.69 -1.56 40.72
N GLU E 112 16.72 -1.40 39.82
CA GLU E 112 16.45 -2.42 38.82
C GLU E 112 17.65 -2.58 37.89
N GLU E 113 18.08 -3.83 37.73
CA GLU E 113 19.37 -4.13 37.12
C GLU E 113 19.32 -4.23 35.60
N MET E 114 18.13 -4.48 35.03
CA MET E 114 17.96 -4.89 33.63
C MET E 114 18.59 -6.26 33.43
N LYS E 115 18.31 -6.90 32.29
CA LYS E 115 18.87 -8.21 31.97
C LYS E 115 19.67 -8.13 30.70
N ASN E 116 20.92 -8.62 30.78
CA ASN E 116 21.88 -8.58 29.69
C ASN E 116 21.76 -9.91 28.96
N CYS E 117 21.30 -9.84 27.71
CA CYS E 117 20.93 -11.01 26.93
C CYS E 117 21.83 -11.19 25.72
N SER E 118 21.79 -12.40 25.16
CA SER E 118 22.62 -12.80 24.03
C SER E 118 21.79 -13.61 23.05
N PHE E 119 22.04 -13.41 21.76
CA PHE E 119 21.23 -14.02 20.72
C PHE E 119 21.94 -13.93 19.39
N ASN E 120 21.35 -14.57 18.38
CA ASN E 120 21.93 -14.67 17.04
C ASN E 120 21.30 -13.66 16.11
N THR E 121 22.12 -13.08 15.22
CA THR E 121 21.68 -12.08 14.25
C THR E 121 22.35 -12.31 12.91
N THR E 122 21.68 -11.84 11.86
CA THR E 122 22.18 -12.04 10.49
C THR E 122 23.27 -11.03 10.18
N THR E 123 24.38 -11.53 9.65
CA THR E 123 25.47 -10.68 9.18
C THR E 123 25.14 -10.19 7.76
N GLU E 124 26.13 -9.63 7.06
CA GLU E 124 25.89 -9.05 5.74
C GLU E 124 25.63 -10.08 4.64
N ILE E 125 25.57 -11.37 4.99
CA ILE E 125 25.14 -12.43 4.09
C ILE E 125 23.96 -13.13 4.73
N ARG E 126 22.98 -13.52 3.91
CA ARG E 126 21.80 -14.23 4.39
C ARG E 126 22.14 -15.51 5.14
N ASP E 127 23.21 -16.21 4.75
CA ASP E 127 23.49 -17.55 5.24
C ASP E 127 24.34 -17.61 6.51
N LYS E 128 25.32 -16.73 6.68
CA LYS E 128 26.16 -16.72 7.88
C LYS E 128 25.51 -15.93 8.98
N GLU E 129 25.71 -16.39 10.22
CA GLU E 129 25.07 -15.88 11.42
C GLU E 129 26.15 -15.49 12.43
N LYS E 130 25.79 -14.63 13.39
CA LYS E 130 26.73 -14.25 14.43
C LYS E 130 26.00 -14.01 15.75
N LYS E 131 26.71 -14.27 16.84
CA LYS E 131 26.20 -13.99 18.17
C LYS E 131 26.27 -12.49 18.45
N GLU E 132 25.23 -11.97 19.10
CA GLU E 132 25.15 -10.57 19.51
C GLU E 132 24.67 -10.52 20.95
N TYR E 133 24.71 -9.33 21.52
CA TYR E 133 24.21 -9.09 22.87
C TYR E 133 23.60 -7.70 22.95
N ALA E 134 22.65 -7.55 23.87
CA ALA E 134 21.96 -6.27 24.03
C ALA E 134 21.21 -6.28 25.36
N LEU E 135 21.41 -5.23 26.15
CA LEU E 135 20.69 -5.10 27.41
C LEU E 135 19.24 -4.71 27.14
N PHE E 136 18.32 -5.39 27.82
CA PHE E 136 16.90 -5.15 27.69
C PHE E 136 16.31 -4.89 29.07
N TYR E 137 15.32 -3.99 29.12
CA TYR E 137 14.57 -3.79 30.34
C TYR E 137 13.80 -5.07 30.68
N LYS E 138 13.74 -5.38 31.97
CA LYS E 138 13.12 -6.62 32.41
C LYS E 138 11.65 -6.80 32.00
N PRO E 139 10.77 -5.79 32.09
CA PRO E 139 9.34 -6.04 31.81
C PRO E 139 9.06 -6.54 30.41
N ASP E 140 9.93 -6.28 29.44
CA ASP E 140 9.71 -6.68 28.05
C ASP E 140 10.23 -8.07 27.73
N ILE E 141 10.76 -8.80 28.72
CA ILE E 141 11.43 -10.08 28.50
C ILE E 141 10.71 -11.11 29.35
N VAL E 142 10.28 -12.20 28.71
CA VAL E 142 9.40 -13.20 29.32
C VAL E 142 10.15 -14.53 29.35
N PRO E 143 10.11 -15.30 30.45
CA PRO E 143 10.69 -16.65 30.40
C PRO E 143 9.91 -17.57 29.48
N LEU E 144 10.63 -18.54 28.91
CA LEU E 144 10.10 -19.36 27.83
C LEU E 144 9.62 -20.73 28.30
N SER E 145 10.40 -21.40 29.15
CA SER E 145 10.09 -22.78 29.50
C SER E 145 8.88 -22.87 30.42
N GLU E 146 8.11 -23.95 30.27
CA GLU E 146 7.13 -24.31 31.28
C GLU E 146 7.79 -24.84 32.54
N THR E 147 8.97 -25.46 32.40
CA THR E 147 9.75 -25.87 33.56
C THR E 147 10.38 -24.65 34.23
N ASN E 148 11.09 -24.90 35.32
CA ASN E 148 11.76 -23.84 36.08
C ASN E 148 13.13 -23.50 35.53
N ASN E 149 13.23 -23.21 34.22
CA ASN E 149 14.50 -22.84 33.63
C ASN E 149 14.80 -21.36 33.87
N THR E 150 16.07 -21.08 34.17
CA THR E 150 16.54 -19.72 34.41
C THR E 150 17.36 -19.15 33.26
N SER E 151 17.67 -19.95 32.24
CA SER E 151 18.67 -19.55 31.25
C SER E 151 18.07 -18.84 30.05
N GLU E 152 16.88 -19.23 29.62
CA GLU E 152 16.35 -18.85 28.30
C GLU E 152 15.16 -17.93 28.46
N TYR E 153 14.99 -17.03 27.49
CA TYR E 153 13.98 -15.97 27.56
C TYR E 153 13.55 -15.61 26.14
N ARG E 154 12.52 -14.76 26.06
CA ARG E 154 12.02 -14.27 24.78
C ARG E 154 11.39 -12.90 24.99
N LEU E 155 11.26 -12.14 23.91
CA LEU E 155 10.59 -10.85 23.99
C LEU E 155 9.11 -11.04 24.27
N ILE E 156 8.49 -10.03 24.90
CA ILE E 156 7.09 -10.15 25.30
C ILE E 156 6.17 -10.27 24.09
N ASN E 157 6.57 -9.68 22.96
CA ASN E 157 5.85 -9.87 21.70
C ASN E 157 6.28 -11.20 21.08
N CYS E 158 5.93 -11.42 19.81
CA CYS E 158 5.99 -12.74 19.14
C CYS E 158 4.96 -13.71 19.72
N ASN E 159 3.93 -13.17 20.38
CA ASN E 159 2.73 -13.92 20.71
C ASN E 159 1.46 -13.19 20.25
N THR E 160 1.55 -11.91 19.90
CA THR E 160 0.41 -11.12 19.45
C THR E 160 0.64 -10.58 18.05
N SER E 161 1.84 -10.07 17.78
CA SER E 161 2.17 -9.50 16.49
C SER E 161 3.65 -9.17 16.46
N ALA E 162 4.13 -8.74 15.30
CA ALA E 162 5.52 -8.32 15.13
C ALA E 162 5.61 -6.81 15.31
N CYS E 163 6.34 -6.38 16.32
CA CYS E 163 6.46 -4.95 16.60
C CYS E 163 7.33 -4.27 15.57
N THR E 164 7.12 -2.96 15.41
CA THR E 164 7.84 -2.15 14.44
C THR E 164 8.66 -1.09 15.17
N GLN E 165 9.95 -1.08 14.90
CA GLN E 165 10.82 -0.06 15.47
C GLN E 165 10.41 1.32 14.96
N ALA E 166 10.32 2.28 15.87
CA ALA E 166 10.11 3.66 15.46
C ALA E 166 11.42 4.21 14.91
N CYS E 167 11.39 4.75 13.69
CA CYS E 167 12.58 5.32 13.10
C CYS E 167 13.06 6.49 13.95
N PRO E 168 14.34 6.55 14.35
CA PRO E 168 14.77 7.69 15.19
C PRO E 168 14.74 9.02 14.47
N LYS E 169 14.53 9.05 13.16
CA LYS E 169 14.49 10.32 12.42
C LYS E 169 13.23 11.12 12.75
N VAL E 170 12.16 10.48 13.18
CA VAL E 170 10.88 11.13 13.47
C VAL E 170 10.70 11.13 14.98
N THR E 171 10.30 12.28 15.54
CA THR E 171 10.23 12.45 16.98
C THR E 171 8.81 12.21 17.50
N PHE E 172 8.63 12.46 18.78
CA PHE E 172 7.36 12.25 19.48
C PHE E 172 6.90 13.48 20.24
N GLU E 173 7.48 14.65 19.98
CA GLU E 173 7.15 15.83 20.77
C GLU E 173 5.72 16.26 20.48
N PRO E 174 5.00 16.86 21.46
CA PRO E 174 3.59 17.25 21.23
C PRO E 174 3.47 18.65 20.62
N ILE E 175 3.72 18.73 19.31
CA ILE E 175 3.63 20.00 18.59
C ILE E 175 2.16 20.41 18.59
N PRO E 176 1.80 21.66 18.88
CA PRO E 176 0.37 22.01 18.96
C PRO E 176 -0.32 21.88 17.60
N ILE E 177 -1.60 21.51 17.66
CA ILE E 177 -2.45 21.36 16.48
C ILE E 177 -3.60 22.35 16.61
N HIS E 178 -3.91 23.03 15.51
CA HIS E 178 -5.05 23.93 15.40
C HIS E 178 -6.09 23.26 14.52
N TYR E 179 -7.32 23.13 15.02
CA TYR E 179 -8.41 22.52 14.27
C TYR E 179 -9.27 23.62 13.66
N CYS E 180 -9.40 23.60 12.34
CA CYS E 180 -10.08 24.62 11.57
C CYS E 180 -11.27 24.00 10.84
N ALA E 181 -12.43 24.67 10.91
CA ALA E 181 -13.59 24.15 10.20
C ALA E 181 -13.56 24.60 8.74
N PRO E 182 -14.14 23.82 7.83
CA PRO E 182 -14.10 24.21 6.41
C PRO E 182 -15.11 25.31 6.12
N ALA E 183 -15.13 25.72 4.84
CA ALA E 183 -16.06 26.76 4.42
C ALA E 183 -17.50 26.28 4.55
N GLY E 184 -18.39 27.23 4.82
CA GLY E 184 -19.79 26.94 5.05
C GLY E 184 -20.13 26.55 6.48
N TYR E 185 -19.13 26.30 7.31
CA TYR E 185 -19.30 25.94 8.72
C TYR E 185 -18.68 27.00 9.60
N ALA E 186 -18.89 26.86 10.90
CA ALA E 186 -18.27 27.76 11.87
C ALA E 186 -18.12 27.03 13.19
N ILE E 187 -17.27 27.58 14.05
CA ILE E 187 -17.09 27.09 15.41
C ILE E 187 -17.52 28.19 16.36
N LEU E 188 -18.44 27.86 17.28
CA LEU E 188 -18.91 28.76 18.30
C LEU E 188 -18.26 28.39 19.62
N LYS E 189 -17.58 29.36 20.23
CA LYS E 189 -16.75 29.14 21.41
C LYS E 189 -17.48 29.66 22.64
N CYS E 190 -17.76 28.78 23.58
CA CYS E 190 -18.38 29.16 24.85
C CYS E 190 -17.38 29.98 25.64
N ASN E 191 -17.51 31.31 25.57
CA ASN E 191 -16.59 32.22 26.24
C ASN E 191 -16.90 32.40 27.72
N ASP E 192 -17.92 31.73 28.25
CA ASP E 192 -18.31 31.90 29.65
C ASP E 192 -17.27 31.24 30.56
N GLU E 193 -16.99 31.90 31.68
CA GLU E 193 -15.96 31.41 32.59
C GLU E 193 -16.48 30.36 33.57
N THR E 194 -17.79 30.34 33.84
CA THR E 194 -18.39 29.42 34.80
C THR E 194 -19.01 28.20 34.16
N PHE E 195 -18.76 27.97 32.86
CA PHE E 195 -19.38 26.84 32.17
C PHE E 195 -18.87 25.52 32.74
N ASN E 196 -19.80 24.57 32.91
CA ASN E 196 -19.52 23.31 33.61
C ASN E 196 -19.80 22.08 32.74
N GLY E 197 -19.83 22.23 31.42
CA GLY E 197 -19.87 21.09 30.52
C GLY E 197 -21.22 20.78 29.89
N THR E 198 -22.25 21.55 30.17
CA THR E 198 -23.57 21.28 29.60
C THR E 198 -24.45 22.49 29.82
N GLY E 199 -25.65 22.43 29.25
CA GLY E 199 -26.63 23.47 29.42
C GLY E 199 -26.34 24.69 28.57
N PRO E 200 -26.96 25.82 28.90
CA PRO E 200 -26.73 27.05 28.12
C PRO E 200 -25.47 27.78 28.54
N CYS E 201 -24.80 28.39 27.56
CA CYS E 201 -23.72 29.34 27.82
C CYS E 201 -24.27 30.75 27.78
N SER E 202 -23.70 31.62 28.59
CA SER E 202 -24.13 33.02 28.63
C SER E 202 -23.45 33.86 27.56
N ASN E 203 -22.19 33.56 27.23
CA ASN E 203 -21.38 34.42 26.38
C ASN E 203 -20.66 33.54 25.35
N VAL E 204 -20.82 33.87 24.07
CA VAL E 204 -20.33 33.05 22.97
C VAL E 204 -19.51 33.92 22.02
N SER E 205 -18.49 33.31 21.43
CA SER E 205 -17.69 33.92 20.38
C SER E 205 -17.58 32.95 19.22
N THR E 206 -17.05 33.44 18.10
CA THR E 206 -16.78 32.61 16.93
C THR E 206 -15.32 32.75 16.53
N VAL E 207 -14.70 31.62 16.22
CA VAL E 207 -13.29 31.56 15.86
C VAL E 207 -13.16 30.57 14.71
N GLN E 208 -12.36 30.95 13.70
CA GLN E 208 -12.17 30.08 12.55
C GLN E 208 -11.35 28.84 12.89
N CYS E 209 -10.37 28.98 13.79
CA CYS E 209 -9.42 27.91 14.08
C CYS E 209 -9.16 27.83 15.58
N THR E 210 -9.47 26.66 16.17
CA THR E 210 -9.18 26.43 17.57
C THR E 210 -7.68 26.46 17.81
N HIS E 211 -7.28 26.96 18.99
CA HIS E 211 -5.89 27.29 19.28
C HIS E 211 -5.30 26.31 20.29
N GLY E 212 -4.16 25.72 19.93
CA GLY E 212 -3.25 25.13 20.90
C GLY E 212 -3.70 23.84 21.54
N ILE E 213 -4.20 22.89 20.77
CA ILE E 213 -4.42 21.54 21.30
C ILE E 213 -3.14 20.74 21.16
N ARG E 214 -2.63 20.25 22.29
CA ARG E 214 -1.40 19.46 22.32
C ARG E 214 -1.75 17.99 22.39
N PRO E 215 -1.40 17.15 21.39
CA PRO E 215 -1.67 15.71 21.57
C PRO E 215 -0.67 15.05 22.52
N VAL E 216 -0.91 15.23 23.81
CA VAL E 216 -0.10 14.67 24.88
C VAL E 216 -0.95 13.63 25.60
N VAL E 217 -0.39 12.43 25.75
CA VAL E 217 -1.13 11.26 26.24
C VAL E 217 -0.61 10.91 27.63
N SER E 218 -1.51 10.84 28.59
CA SER E 218 -1.19 10.37 29.93
C SER E 218 -2.43 9.71 30.53
N THR E 219 -2.21 8.83 31.50
CA THR E 219 -3.29 8.03 32.04
C THR E 219 -3.99 8.68 33.24
N GLN E 220 -3.25 9.27 34.17
CA GLN E 220 -3.81 9.75 35.42
C GLN E 220 -3.67 11.27 35.57
N LEU E 221 -2.45 11.78 35.44
CA LEU E 221 -2.22 13.23 35.49
C LEU E 221 -2.20 13.79 34.07
N LEU E 222 -2.73 15.00 33.93
CA LEU E 222 -2.79 15.69 32.63
C LEU E 222 -1.64 16.69 32.57
N LEU E 223 -0.76 16.52 31.59
CA LEU E 223 0.47 17.28 31.50
C LEU E 223 0.37 18.35 30.41
N ASN E 224 0.85 19.55 30.73
CA ASN E 224 0.98 20.64 29.76
C ASN E 224 -0.35 21.01 29.11
N GLY E 225 -1.43 21.04 29.92
CA GLY E 225 -2.72 21.45 29.43
C GLY E 225 -3.02 22.92 29.72
N SER E 226 -4.16 23.36 29.20
CA SER E 226 -4.60 24.73 29.45
C SER E 226 -5.16 24.87 30.86
N LEU E 227 -5.21 26.11 31.34
CA LEU E 227 -5.59 26.42 32.71
C LEU E 227 -6.91 27.17 32.75
N ALA E 228 -7.77 26.79 33.69
CA ALA E 228 -9.08 27.43 33.82
C ALA E 228 -8.94 28.85 34.36
N GLU E 229 -9.96 29.66 34.09
CA GLU E 229 -9.93 31.07 34.45
C GLU E 229 -10.37 31.33 35.88
N LYS E 230 -10.95 30.32 36.55
CA LYS E 230 -11.65 30.51 37.82
C LYS E 230 -11.50 29.23 38.63
N GLU E 231 -12.40 28.97 39.58
CA GLU E 231 -12.33 27.87 40.53
C GLU E 231 -12.00 26.54 39.84
N ILE E 232 -11.51 25.60 40.64
CA ILE E 232 -11.07 24.33 40.11
C ILE E 232 -12.32 23.53 39.81
N VAL E 233 -12.82 23.67 38.58
CA VAL E 233 -14.14 23.13 38.24
C VAL E 233 -14.06 21.61 38.13
N ILE E 234 -15.03 20.94 38.73
CA ILE E 234 -15.24 19.51 38.52
C ILE E 234 -16.17 19.34 37.33
N ARG E 235 -15.86 18.37 36.49
CA ARG E 235 -16.68 18.03 35.33
C ARG E 235 -16.95 16.53 35.29
N SER E 236 -18.19 16.18 34.94
CA SER E 236 -18.60 14.79 34.78
C SER E 236 -19.85 14.73 33.91
N GLU E 237 -19.94 13.67 33.11
CA GLU E 237 -21.15 13.47 32.31
C GLU E 237 -22.35 13.16 33.21
N ASN E 238 -22.11 12.48 34.32
CA ASN E 238 -23.16 12.10 35.25
C ASN E 238 -22.50 11.84 36.60
N LEU E 239 -23.30 11.92 37.67
CA LEU E 239 -22.84 11.58 39.00
C LEU E 239 -23.77 10.59 39.70
N THR E 240 -24.90 10.22 39.07
CA THR E 240 -25.62 9.03 39.50
C THR E 240 -24.88 7.77 39.05
N ASN E 241 -24.32 7.79 37.84
CA ASN E 241 -23.49 6.71 37.33
C ASN E 241 -22.05 6.97 37.79
N ASN E 242 -21.69 6.33 38.91
CA ASN E 242 -20.38 6.53 39.50
C ASN E 242 -19.27 6.08 38.57
N ALA E 243 -19.54 5.12 37.68
CA ALA E 243 -18.54 4.63 36.75
C ALA E 243 -18.12 5.70 35.74
N LYS E 244 -18.93 6.74 35.54
CA LYS E 244 -18.53 7.84 34.67
C LYS E 244 -17.27 8.50 35.22
N ILE E 245 -16.23 8.57 34.39
CA ILE E 245 -14.98 9.17 34.80
C ILE E 245 -15.19 10.66 35.06
N ILE E 246 -14.54 11.16 36.11
CA ILE E 246 -14.70 12.53 36.57
C ILE E 246 -13.39 13.28 36.33
N ILE E 247 -13.48 14.41 35.64
CA ILE E 247 -12.31 15.15 35.16
C ILE E 247 -12.21 16.43 35.97
N VAL E 248 -11.03 16.67 36.53
CA VAL E 248 -10.75 17.84 37.36
C VAL E 248 -9.77 18.72 36.60
N HIS E 249 -10.08 20.02 36.53
CA HIS E 249 -9.31 20.99 35.75
C HIS E 249 -8.80 22.06 36.70
N LEU E 250 -7.48 22.11 36.87
CA LEU E 250 -6.89 22.97 37.88
C LEU E 250 -6.81 24.43 37.42
N HIS E 251 -6.71 25.32 38.41
CA HIS E 251 -6.57 26.75 38.16
C HIS E 251 -5.10 27.16 38.05
N THR E 252 -4.25 26.68 38.97
CA THR E 252 -2.83 26.95 38.98
C THR E 252 -2.05 25.65 38.79
N PRO E 253 -0.84 25.71 38.22
CA PRO E 253 -0.12 24.48 37.91
C PRO E 253 0.71 23.95 39.07
N VAL E 254 1.07 22.68 38.97
CA VAL E 254 2.00 22.02 39.87
C VAL E 254 3.17 21.52 39.03
N GLU E 255 4.38 21.96 39.35
CA GLU E 255 5.54 21.55 38.57
C GLU E 255 5.92 20.11 38.90
N ILE E 256 6.23 19.34 37.87
CA ILE E 256 6.71 17.97 37.99
C ILE E 256 7.93 17.82 37.10
N VAL E 257 8.98 17.21 37.63
CA VAL E 257 10.21 16.95 36.88
C VAL E 257 10.56 15.47 37.06
N CYS E 258 10.83 14.80 35.95
CA CYS E 258 11.15 13.38 35.93
C CYS E 258 12.46 13.20 35.19
N THR E 259 13.21 12.16 35.54
CA THR E 259 14.52 11.98 34.94
C THR E 259 14.97 10.52 35.06
N ARG E 260 15.88 10.13 34.18
CA ARG E 260 16.51 8.82 34.19
C ARG E 260 18.01 9.02 34.41
N PRO E 261 18.53 8.88 35.64
CA PRO E 261 19.96 9.19 35.85
C PRO E 261 20.92 8.29 35.08
N ASN E 262 20.49 7.11 34.63
CA ASN E 262 21.39 6.18 33.98
C ASN E 262 21.89 6.73 32.66
N ASN E 263 23.19 6.51 32.38
CA ASN E 263 23.83 6.96 31.15
C ASN E 263 23.90 5.80 30.16
N ASN E 264 22.75 5.47 29.59
CA ASN E 264 22.69 4.40 28.61
C ASN E 264 23.43 4.81 27.34
N THR E 265 23.79 3.81 26.53
CA THR E 265 24.49 4.03 25.28
C THR E 265 23.88 3.14 24.20
N ARG E 266 23.58 3.74 23.06
CA ARG E 266 22.95 3.02 21.96
C ARG E 266 23.90 1.99 21.38
N LYS E 267 23.32 0.91 20.84
CA LYS E 267 24.03 -0.10 20.08
C LYS E 267 23.35 -0.27 18.73
N SER E 268 24.14 -0.59 17.72
CA SER E 268 23.65 -0.85 16.37
C SER E 268 23.81 -2.32 16.06
N VAL E 269 22.67 -2.99 15.82
CA VAL E 269 22.64 -4.41 15.49
C VAL E 269 21.99 -4.53 14.12
N ARG E 270 22.74 -5.07 13.16
CA ARG E 270 22.22 -5.20 11.81
C ARG E 270 21.26 -6.38 11.71
N ILE E 271 20.14 -6.16 11.03
CA ILE E 271 19.11 -7.18 10.83
C ILE E 271 18.79 -7.28 9.35
N GLY E 272 19.50 -8.16 8.64
CA GLY E 272 19.24 -8.36 7.24
C GLY E 272 19.66 -7.16 6.41
N PRO E 273 19.29 -7.15 5.13
CA PRO E 273 19.75 -6.09 4.23
C PRO E 273 19.10 -4.75 4.55
N GLY E 274 19.92 -3.71 4.60
CA GLY E 274 19.45 -2.33 4.58
C GLY E 274 18.57 -1.92 5.74
N GLN E 275 18.84 -2.38 6.96
CA GLN E 275 18.08 -1.98 8.12
C GLN E 275 18.81 -2.43 9.37
N THR E 276 18.59 -1.70 10.47
CA THR E 276 19.30 -1.91 11.71
C THR E 276 18.31 -1.95 12.87
N PHE E 277 18.71 -2.67 13.93
CA PHE E 277 17.97 -2.76 15.17
C PHE E 277 18.78 -2.11 16.29
N TYR E 278 18.18 -1.14 16.97
CA TYR E 278 18.86 -0.35 17.99
C TYR E 278 18.48 -0.86 19.37
N ALA E 279 19.48 -0.99 20.24
CA ALA E 279 19.28 -1.47 21.61
C ALA E 279 20.35 -0.85 22.50
N THR E 280 20.18 -1.02 23.81
CA THR E 280 21.15 -0.51 24.77
C THR E 280 22.37 -1.41 24.79
N GLY E 281 23.54 -0.83 24.55
CA GLY E 281 24.77 -1.60 24.48
C GLY E 281 25.46 -1.74 25.81
N ASP E 282 25.57 -0.64 26.56
CA ASP E 282 26.23 -0.65 27.86
C ASP E 282 25.75 0.54 28.65
N ILE E 283 25.90 0.44 29.97
CA ILE E 283 25.54 1.51 30.90
C ILE E 283 26.84 2.10 31.46
N ILE E 284 27.12 3.34 31.11
CA ILE E 284 28.29 4.04 31.63
C ILE E 284 27.98 4.55 33.03
N GLY E 285 29.00 4.59 33.88
CA GLY E 285 28.78 5.05 35.24
C GLY E 285 28.06 4.00 36.08
N ASP E 286 27.53 4.47 37.20
CA ASP E 286 26.85 3.61 38.16
C ASP E 286 25.35 3.52 37.84
N ILE E 287 24.70 2.50 38.41
CA ILE E 287 23.30 2.21 38.14
C ILE E 287 22.43 2.87 39.20
N LYS E 288 21.36 3.54 38.76
CA LYS E 288 20.50 4.31 39.65
C LYS E 288 19.05 4.19 39.17
N GLN E 289 18.16 4.92 39.82
CA GLN E 289 16.72 4.72 39.70
C GLN E 289 16.06 5.95 39.09
N ALA E 290 15.16 5.74 38.13
CA ALA E 290 14.42 6.83 37.52
C ALA E 290 13.21 7.22 38.40
N HIS E 291 12.67 8.42 38.18
CA HIS E 291 11.68 8.94 39.11
C HIS E 291 10.98 10.16 38.56
N CYS E 292 10.06 10.67 39.39
CA CYS E 292 9.43 11.98 39.23
C CYS E 292 9.39 12.68 40.59
N ASN E 293 9.77 13.97 40.59
CA ASN E 293 9.71 14.81 41.78
C ASN E 293 8.62 15.85 41.61
N ILE E 294 7.86 16.08 42.69
CA ILE E 294 6.77 17.05 42.72
C ILE E 294 6.91 17.88 43.98
N SER E 295 6.66 19.19 43.86
CA SER E 295 6.67 20.08 45.01
C SER E 295 5.65 19.61 46.03
N GLU E 296 6.05 19.60 47.31
CA GLU E 296 5.24 18.91 48.32
C GLU E 296 4.06 19.78 48.76
N GLU E 297 4.33 20.95 49.34
CA GLU E 297 3.25 21.78 49.86
C GLU E 297 2.35 22.26 48.74
N LYS E 298 2.87 22.45 47.54
CA LYS E 298 2.03 22.81 46.41
C LYS E 298 1.02 21.70 46.10
N TRP E 299 1.45 20.44 46.09
CA TRP E 299 0.50 19.36 45.86
C TRP E 299 -0.50 19.23 47.00
N ASN E 300 -0.04 19.42 48.25
CA ASN E 300 -0.97 19.37 49.38
C ASN E 300 -2.04 20.44 49.25
N ASP E 301 -1.62 21.67 48.96
CA ASP E 301 -2.56 22.77 48.77
C ASP E 301 -3.48 22.51 47.59
N THR E 302 -2.95 21.96 46.50
CA THR E 302 -3.77 21.68 45.33
C THR E 302 -4.82 20.62 45.63
N LEU E 303 -4.45 19.57 46.35
CA LEU E 303 -5.41 18.50 46.62
C LEU E 303 -6.42 18.89 47.70
N GLN E 304 -6.11 19.88 48.52
CA GLN E 304 -7.14 20.45 49.40
C GLN E 304 -8.04 21.41 48.63
N LYS E 305 -7.46 22.13 47.66
CA LYS E 305 -8.25 23.06 46.86
C LYS E 305 -9.24 22.32 45.98
N VAL E 306 -8.83 21.16 45.46
CA VAL E 306 -9.79 20.29 44.77
C VAL E 306 -10.87 19.83 45.72
N GLY E 307 -10.54 19.64 47.00
CA GLY E 307 -11.54 19.20 47.96
C GLY E 307 -12.60 20.25 48.21
N ILE E 308 -12.20 21.51 48.35
CA ILE E 308 -13.18 22.55 48.66
C ILE E 308 -14.18 22.75 47.52
N GLU E 309 -13.80 22.38 46.28
CA GLU E 309 -14.71 22.45 45.15
C GLU E 309 -15.48 21.13 44.96
N LEU E 310 -14.80 20.00 45.18
CA LEU E 310 -15.46 18.71 45.07
C LEU E 310 -16.45 18.45 46.20
N GLN E 311 -16.38 19.25 47.26
CA GLN E 311 -17.20 19.00 48.45
C GLN E 311 -18.69 19.13 48.16
N LYS E 312 -19.05 19.99 47.21
CA LYS E 312 -20.43 20.44 47.10
C LYS E 312 -21.37 19.38 46.53
N HIS E 313 -20.88 18.52 45.63
CA HIS E 313 -21.68 17.44 45.07
C HIS E 313 -21.60 16.15 45.89
N PHE E 314 -20.80 16.15 46.96
CA PHE E 314 -20.83 15.11 47.99
C PHE E 314 -20.99 15.82 49.33
N PRO E 315 -22.18 16.37 49.61
CA PRO E 315 -22.27 17.52 50.52
C PRO E 315 -21.85 17.25 51.96
N ASN E 316 -22.47 16.28 52.61
CA ASN E 316 -22.22 16.03 54.03
C ASN E 316 -21.05 15.09 54.27
N LYS E 317 -20.32 14.70 53.22
CA LYS E 317 -19.35 13.62 53.28
C LYS E 317 -17.93 14.16 53.17
N THR E 318 -16.97 13.26 53.41
CA THR E 318 -15.56 13.62 53.38
C THR E 318 -15.01 13.56 51.97
N ILE E 319 -13.91 14.27 51.75
CA ILE E 319 -13.13 14.17 50.53
C ILE E 319 -11.83 13.47 50.93
N LYS E 320 -11.82 12.15 50.82
CA LYS E 320 -10.69 11.31 51.17
C LYS E 320 -10.19 10.60 49.92
N TYR E 321 -8.86 10.48 49.81
CA TYR E 321 -8.22 9.99 48.61
C TYR E 321 -7.44 8.71 48.90
N ASN E 322 -7.36 7.86 47.88
CA ASN E 322 -6.70 6.58 47.97
C ASN E 322 -5.95 6.33 46.67
N GLN E 323 -5.07 5.33 46.69
CA GLN E 323 -4.36 4.90 45.50
C GLN E 323 -5.35 4.40 44.44
N SER E 324 -4.86 4.14 43.24
CA SER E 324 -5.66 3.41 42.26
C SER E 324 -5.99 2.02 42.81
N ALA E 325 -6.94 1.34 42.17
CA ALA E 325 -7.43 0.07 42.69
C ALA E 325 -6.58 -1.11 42.25
N GLY E 326 -5.32 -0.87 41.88
CA GLY E 326 -4.46 -1.95 41.46
C GLY E 326 -4.77 -2.38 40.03
N GLY E 327 -4.23 -3.53 39.67
CA GLY E 327 -4.46 -4.13 38.37
C GLY E 327 -3.24 -4.08 37.48
N ASP E 328 -3.51 -4.00 36.18
CA ASP E 328 -2.45 -3.98 35.17
C ASP E 328 -1.57 -2.75 35.38
N MET E 329 -0.26 -2.94 35.19
CA MET E 329 0.68 -1.85 35.46
C MET E 329 0.52 -0.73 34.44
N GLU E 330 0.05 -1.07 33.24
CA GLU E 330 -0.25 -0.05 32.25
C GLU E 330 -1.48 0.79 32.62
N ILE E 331 -2.31 0.30 33.54
CA ILE E 331 -3.52 1.00 33.96
C ILE E 331 -3.22 1.79 35.23
N THR E 332 -2.67 1.12 36.24
CA THR E 332 -2.52 1.73 37.56
C THR E 332 -1.49 2.85 37.55
N THR E 333 -0.45 2.75 36.72
CA THR E 333 0.67 3.68 36.79
C THR E 333 0.43 4.89 35.91
N HIS E 334 0.99 6.02 36.33
CA HIS E 334 0.96 7.26 35.56
C HIS E 334 1.96 7.13 34.42
N SER E 335 1.47 6.81 33.22
CA SER E 335 2.30 6.48 32.08
C SER E 335 2.36 7.67 31.12
N PHE E 336 3.57 8.02 30.70
CA PHE E 336 3.78 9.14 29.79
C PHE E 336 5.13 8.96 29.12
N ASN E 337 5.40 9.80 28.13
CA ASN E 337 6.69 9.84 27.45
C ASN E 337 7.53 11.02 27.95
N CYS E 338 8.75 10.71 28.39
CA CYS E 338 9.68 11.73 28.87
C CYS E 338 10.69 12.06 27.77
N GLY E 339 10.21 12.50 26.62
CA GLY E 339 11.10 12.88 25.54
C GLY E 339 11.74 11.73 24.81
N GLY E 340 11.15 10.54 24.86
CA GLY E 340 11.68 9.38 24.15
C GLY E 340 11.55 8.08 24.92
N GLU E 341 11.54 8.16 26.25
CA GLU E 341 11.42 7.01 27.12
C GLU E 341 10.02 6.99 27.74
N PHE E 342 9.35 5.85 27.64
CA PHE E 342 7.99 5.70 28.15
C PHE E 342 8.05 5.31 29.62
N PHE E 343 7.81 6.29 30.48
CA PHE E 343 7.85 6.05 31.92
C PHE E 343 6.54 5.44 32.39
N TYR E 344 6.61 4.74 33.53
CA TYR E 344 5.44 4.14 34.18
C TYR E 344 5.61 4.32 35.68
N CYS E 345 4.91 5.30 36.26
CA CYS E 345 5.17 5.76 37.62
C CYS E 345 4.14 5.21 38.59
N ASN E 346 4.60 4.74 39.75
CA ASN E 346 3.71 4.37 40.85
C ASN E 346 3.33 5.64 41.61
N THR E 347 2.02 5.95 41.61
CA THR E 347 1.53 7.20 42.16
C THR E 347 1.11 7.11 43.62
N SER E 348 1.38 5.99 44.30
CA SER E 348 0.83 5.77 45.63
C SER E 348 1.31 6.79 46.65
N ASN E 349 2.46 7.42 46.42
CA ASN E 349 2.91 8.47 47.33
C ASN E 349 2.04 9.72 47.24
N LEU E 350 1.43 9.97 46.08
CA LEU E 350 0.70 11.21 45.87
C LEU E 350 -0.66 11.20 46.55
N PHE E 351 -1.46 10.17 46.30
CA PHE E 351 -2.86 10.15 46.71
C PHE E 351 -3.03 9.40 48.03
N ASN E 352 -2.75 10.08 49.15
CA ASN E 352 -2.86 9.47 50.47
C ASN E 352 -3.12 10.59 51.47
N GLY E 353 -4.36 10.73 51.90
CA GLY E 353 -4.72 11.77 52.84
C GLY E 353 -6.22 11.93 52.90
N THR E 354 -6.63 12.96 53.65
CA THR E 354 -8.05 13.28 53.82
C THR E 354 -8.18 14.77 54.08
N TYR E 355 -9.41 15.27 53.93
CA TYR E 355 -9.72 16.68 54.08
C TYR E 355 -10.97 16.86 54.94
N ASN E 356 -11.00 17.95 55.71
CA ASN E 356 -12.06 18.21 56.69
C ASN E 356 -12.67 19.60 56.53
N GLY E 357 -12.64 20.15 55.31
CA GLY E 357 -13.48 21.29 54.97
C GLY E 357 -12.90 22.67 55.23
N THR E 358 -11.77 22.77 55.91
CA THR E 358 -11.15 24.06 56.24
C THR E 358 -9.84 24.21 55.48
N TYR E 359 -9.68 25.36 54.83
CA TYR E 359 -8.46 25.64 54.08
C TYR E 359 -7.32 25.97 55.04
N ILE E 360 -6.12 25.51 54.67
CA ILE E 360 -4.94 25.56 55.53
C ILE E 360 -3.80 26.20 54.76
N SER E 361 -2.91 26.88 55.48
CA SER E 361 -1.85 27.66 54.88
C SER E 361 -0.66 26.78 54.51
N THR E 362 0.31 27.39 53.83
CA THR E 362 1.54 26.71 53.43
C THR E 362 2.58 26.63 54.55
N ASN E 363 2.34 27.28 55.69
CA ASN E 363 3.23 27.24 56.83
C ASN E 363 2.55 26.47 57.96
N SER E 364 3.32 25.85 58.86
CA SER E 364 4.78 25.82 58.99
C SER E 364 5.43 24.89 57.96
N SER E 365 6.72 25.11 57.71
CA SER E 365 7.49 24.35 56.75
C SER E 365 8.86 24.03 57.33
N ALA E 366 9.23 22.75 57.30
CA ALA E 366 10.59 22.36 57.69
C ALA E 366 11.60 22.93 56.71
N ASN E 367 11.35 22.75 55.41
CA ASN E 367 12.17 23.37 54.37
C ASN E 367 11.37 23.29 53.08
N SER E 368 11.13 24.46 52.47
CA SER E 368 10.24 24.52 51.31
C SER E 368 10.82 23.84 50.07
N THR E 369 12.12 23.53 50.05
CA THR E 369 12.72 22.86 48.91
C THR E 369 12.47 21.36 48.89
N SER E 370 11.89 20.79 49.94
CA SER E 370 11.63 19.36 49.97
C SER E 370 10.52 18.99 48.98
N THR E 371 10.59 17.76 48.47
CA THR E 371 9.69 17.29 47.43
C THR E 371 9.28 15.85 47.69
N ILE E 372 8.06 15.52 47.28
CA ILE E 372 7.62 14.13 47.26
C ILE E 372 8.13 13.47 45.97
N THR E 373 8.53 12.20 46.10
CA THR E 373 9.18 11.47 45.01
C THR E 373 8.39 10.22 44.66
N LEU E 374 8.35 9.91 43.36
CA LEU E 374 7.70 8.73 42.82
C LEU E 374 8.72 7.82 42.17
N GLN E 375 8.44 6.52 42.13
CA GLN E 375 9.30 5.53 41.51
C GLN E 375 8.65 4.99 40.25
N CYS E 376 9.41 5.01 39.15
CA CYS E 376 8.89 4.72 37.82
C CYS E 376 9.78 3.71 37.11
N ARG E 377 9.16 2.82 36.34
CA ARG E 377 9.84 1.89 35.47
C ARG E 377 9.85 2.42 34.04
N ILE E 378 10.59 1.72 33.16
CA ILE E 378 10.71 2.10 31.76
C ILE E 378 10.55 0.85 30.92
N LYS E 379 9.90 0.99 29.76
CA LYS E 379 9.73 -0.09 28.79
C LYS E 379 10.36 0.30 27.47
N GLN E 380 10.34 -0.65 26.53
CA GLN E 380 10.61 -0.41 25.12
C GLN E 380 9.54 -0.97 24.20
N ILE E 381 8.86 -2.05 24.61
CA ILE E 381 7.78 -2.65 23.81
C ILE E 381 6.47 -2.04 24.32
N ILE E 382 5.89 -1.15 23.53
CA ILE E 382 4.79 -0.29 23.98
C ILE E 382 3.51 -0.71 23.26
N ASN E 383 2.54 -1.23 24.02
CA ASN E 383 1.20 -1.50 23.55
C ASN E 383 0.23 -0.50 24.16
N MET E 384 -0.32 0.37 23.31
CA MET E 384 -1.12 1.49 23.78
C MET E 384 -2.51 1.59 23.14
N TRP E 385 -2.62 1.42 21.81
CA TRP E 385 -3.87 1.61 21.09
C TRP E 385 -4.22 0.37 20.27
N GLN E 386 -5.51 0.17 20.06
CA GLN E 386 -6.03 -0.97 19.30
C GLN E 386 -6.34 -0.56 17.87
N GLY E 387 -6.08 -1.49 16.94
CA GLY E 387 -6.32 -1.26 15.53
C GLY E 387 -5.26 -0.46 14.82
N VAL E 388 -4.17 -0.09 15.50
CA VAL E 388 -3.11 0.74 14.93
C VAL E 388 -1.93 -0.14 14.55
N GLY E 389 -2.14 -1.45 14.48
CA GLY E 389 -1.01 -2.37 14.44
C GLY E 389 -0.35 -2.59 15.78
N ARG E 390 -0.94 -2.07 16.86
CA ARG E 390 -0.46 -2.18 18.25
C ARG E 390 1.06 -2.04 18.39
N CYS E 391 1.76 -3.08 18.86
CA CYS E 391 3.02 -2.88 19.59
C CYS E 391 4.08 -2.19 18.75
N MET E 392 4.75 -1.23 19.37
CA MET E 392 5.82 -0.44 18.77
C MET E 392 7.03 -0.55 19.66
N TYR E 393 8.20 -0.82 19.08
CA TYR E 393 9.45 -0.88 19.82
C TYR E 393 10.06 0.52 19.85
N ALA E 394 10.07 1.13 21.02
CA ALA E 394 10.67 2.45 21.17
C ALA E 394 12.18 2.33 21.20
N PRO E 395 12.93 3.04 20.34
CA PRO E 395 14.38 2.84 20.32
C PRO E 395 15.02 3.47 21.55
N PRO E 396 16.28 3.15 21.84
CA PRO E 396 16.94 3.79 22.97
C PRO E 396 17.38 5.21 22.64
N ILE E 397 17.66 5.97 23.68
CA ILE E 397 18.20 7.32 23.57
C ILE E 397 19.38 7.45 24.54
N ALA E 398 20.49 7.99 24.05
CA ALA E 398 21.72 8.00 24.81
C ALA E 398 21.71 9.13 25.84
N GLY E 399 22.75 9.14 26.67
CA GLY E 399 22.87 10.20 27.66
C GLY E 399 21.80 10.11 28.72
N ASN E 400 21.49 11.26 29.32
CA ASN E 400 20.48 11.37 30.36
C ASN E 400 19.40 12.33 29.88
N ILE E 401 18.24 12.28 30.53
CA ILE E 401 17.06 13.01 30.07
C ILE E 401 16.32 13.62 31.25
N THR E 402 15.64 14.73 30.98
CA THR E 402 14.78 15.40 31.96
C THR E 402 13.66 16.11 31.21
N CYS E 403 12.45 16.03 31.76
CA CYS E 403 11.24 16.47 31.09
C CYS E 403 10.36 17.27 32.04
N ARG E 404 10.93 18.29 32.67
CA ARG E 404 10.19 19.14 33.58
C ARG E 404 8.94 19.71 32.92
N SER E 405 7.81 19.56 33.59
CA SER E 405 6.50 19.86 33.01
C SER E 405 5.55 20.30 34.11
N ASN E 406 4.32 20.61 33.72
CA ASN E 406 3.29 21.13 34.60
C ASN E 406 2.13 20.14 34.69
N ILE E 407 1.65 19.90 35.91
CA ILE E 407 0.41 19.17 36.12
C ILE E 407 -0.74 20.16 36.15
N THR E 408 -1.76 19.91 35.31
CA THR E 408 -2.88 20.82 35.18
C THR E 408 -4.24 20.13 35.23
N GLY E 409 -4.30 18.86 35.62
CA GLY E 409 -5.58 18.19 35.72
C GLY E 409 -5.41 16.81 36.34
N LEU E 410 -6.55 16.23 36.71
CA LEU E 410 -6.61 14.89 37.27
C LEU E 410 -7.75 14.12 36.62
N LEU E 411 -7.56 12.81 36.50
CA LEU E 411 -8.60 11.88 36.11
C LEU E 411 -8.81 10.90 37.27
N LEU E 412 -10.05 10.84 37.77
CA LEU E 412 -10.36 10.16 39.02
C LEU E 412 -11.54 9.22 38.83
N THR E 413 -11.73 8.34 39.81
CA THR E 413 -12.84 7.40 39.82
C THR E 413 -13.21 7.13 41.27
N ARG E 414 -14.49 6.80 41.48
CA ARG E 414 -15.09 6.70 42.80
C ARG E 414 -15.63 5.30 43.04
N ASP E 415 -15.46 4.81 44.27
CA ASP E 415 -16.02 3.53 44.66
C ASP E 415 -17.48 3.69 45.08
N GLY E 416 -18.09 2.57 45.49
CA GLY E 416 -19.48 2.58 45.90
C GLY E 416 -19.66 3.05 47.32
N GLY E 417 -20.93 3.22 47.70
CA GLY E 417 -21.27 3.65 49.04
C GLY E 417 -20.87 2.65 50.10
N THR E 418 -20.72 3.11 51.35
CA THR E 418 -20.31 2.26 52.45
C THR E 418 -21.05 2.67 53.72
N ASN E 419 -21.78 1.72 54.31
CA ASN E 419 -22.30 1.78 55.67
C ASN E 419 -23.06 3.08 55.98
N SER E 420 -23.59 3.75 54.97
CA SER E 420 -24.14 5.10 55.13
C SER E 420 -23.11 6.03 55.75
N ASN E 421 -21.85 5.86 55.34
CA ASN E 421 -20.71 6.49 55.99
C ASN E 421 -20.00 7.39 55.00
N GLU E 422 -19.36 8.44 55.52
CA GLU E 422 -18.80 9.53 54.72
C GLU E 422 -17.46 9.19 54.08
N THR E 423 -16.86 8.04 54.37
CA THR E 423 -15.49 7.74 53.95
C THR E 423 -15.40 7.15 52.54
N GLU E 424 -16.42 7.35 51.70
CA GLU E 424 -16.30 6.96 50.30
C GLU E 424 -15.18 7.74 49.63
N THR E 425 -14.28 7.03 48.96
CA THR E 425 -12.98 7.55 48.58
C THR E 425 -12.82 7.57 47.07
N PHE E 426 -11.91 8.44 46.62
CA PHE E 426 -11.62 8.62 45.20
C PHE E 426 -10.31 7.93 44.83
N ARG E 427 -10.22 7.49 43.57
CA ARG E 427 -9.06 6.77 43.07
C ARG E 427 -8.64 7.36 41.72
N PRO E 428 -7.35 7.52 41.44
CA PRO E 428 -6.95 7.85 40.07
C PRO E 428 -7.23 6.70 39.12
N ALA E 429 -7.55 7.04 37.88
CA ALA E 429 -7.78 6.03 36.85
C ALA E 429 -7.83 6.71 35.49
N GLY E 430 -7.83 5.88 34.45
CA GLY E 430 -7.88 6.38 33.09
C GLY E 430 -7.50 5.32 32.08
N GLY E 431 -7.48 5.69 30.80
CA GLY E 431 -7.12 4.79 29.73
C GLY E 431 -7.92 4.98 28.46
N ASP E 432 -9.08 5.61 28.57
CA ASP E 432 -9.85 6.02 27.39
C ASP E 432 -9.33 7.38 26.95
N MET E 433 -8.66 7.41 25.79
CA MET E 433 -7.92 8.60 25.40
C MET E 433 -8.81 9.80 25.13
N ARG E 434 -10.08 9.57 24.78
CA ARG E 434 -10.99 10.67 24.52
C ARG E 434 -11.05 11.61 25.70
N ASP E 435 -10.97 11.07 26.92
CA ASP E 435 -10.96 11.87 28.12
C ASP E 435 -9.81 12.87 28.12
N ASN E 436 -8.65 12.49 27.59
CA ASN E 436 -7.52 13.41 27.52
C ASN E 436 -7.81 14.58 26.59
N TRP E 437 -8.28 14.27 25.36
CA TRP E 437 -8.54 15.35 24.41
C TRP E 437 -9.83 16.09 24.74
N ARG E 438 -10.79 15.42 25.38
CA ARG E 438 -12.03 16.09 25.78
C ARG E 438 -11.78 17.20 26.78
N SER E 439 -10.71 17.10 27.57
CA SER E 439 -10.40 18.15 28.53
C SER E 439 -10.03 19.47 27.86
N GLU E 440 -9.57 19.44 26.61
CA GLU E 440 -9.18 20.63 25.88
C GLU E 440 -10.26 21.13 24.92
N LEU E 441 -11.19 20.27 24.51
CA LEU E 441 -12.24 20.62 23.56
C LEU E 441 -13.56 20.97 24.25
N TYR E 442 -13.57 21.15 25.57
CA TYR E 442 -14.80 21.51 26.27
C TYR E 442 -15.33 22.89 25.87
N LYS E 443 -14.52 23.72 25.23
CA LYS E 443 -14.96 25.07 24.87
C LYS E 443 -15.75 25.11 23.58
N TYR E 444 -15.41 24.28 22.60
CA TYR E 444 -15.77 24.50 21.21
C TYR E 444 -16.98 23.66 20.80
N LYS E 445 -17.63 24.09 19.72
CA LYS E 445 -18.71 23.37 19.08
C LYS E 445 -18.84 23.86 17.65
N VAL E 446 -19.12 22.95 16.73
CA VAL E 446 -19.14 23.22 15.29
C VAL E 446 -20.58 23.45 14.85
N VAL E 447 -20.77 24.32 13.85
CA VAL E 447 -22.09 24.59 13.30
C VAL E 447 -22.01 24.68 11.79
N LYS E 448 -23.16 24.44 11.16
CA LYS E 448 -23.34 24.59 9.72
C LYS E 448 -24.22 25.81 9.48
N ILE E 449 -23.78 26.70 8.59
CA ILE E 449 -24.54 27.90 8.27
C ILE E 449 -25.63 27.55 7.27
N GLU E 450 -26.87 27.98 7.56
CA GLU E 450 -28.02 27.80 6.68
C GLU E 450 -28.42 29.19 6.19
N PRO E 451 -27.73 29.71 5.17
CA PRO E 451 -27.83 31.16 4.88
C PRO E 451 -29.05 31.59 4.09
N LEU E 452 -29.99 30.69 3.78
CA LEU E 452 -31.17 31.00 3.00
C LEU E 452 -32.39 30.97 3.91
N GLY E 453 -33.21 32.02 3.83
CA GLY E 453 -34.36 32.16 4.72
C GLY E 453 -35.47 32.94 4.06
N VAL E 454 -36.58 33.05 4.78
CA VAL E 454 -37.84 33.56 4.24
C VAL E 454 -38.49 34.47 5.27
N ALA E 455 -39.17 35.52 4.80
CA ALA E 455 -39.97 36.38 5.67
C ALA E 455 -40.80 37.30 4.79
N PRO E 456 -41.92 37.85 5.30
CA PRO E 456 -42.72 38.79 4.51
C PRO E 456 -42.32 40.25 4.72
N THR E 457 -42.78 41.08 3.80
CA THR E 457 -42.62 42.52 3.91
C THR E 457 -43.50 43.19 2.87
N ARG E 458 -43.73 44.49 3.06
CA ARG E 458 -44.60 45.26 2.17
C ARG E 458 -43.92 45.55 0.84
N CYS E 459 -43.75 44.52 0.01
CA CYS E 459 -43.11 44.68 -1.29
C CYS E 459 -43.58 43.58 -2.22
N LYS E 460 -44.49 43.91 -3.14
CA LYS E 460 -44.79 43.00 -4.23
C LYS E 460 -43.60 42.93 -5.18
N ARG E 461 -43.64 41.96 -6.09
CA ARG E 461 -42.71 41.99 -7.21
C ARG E 461 -43.20 42.98 -8.26
N ARG E 462 -42.25 43.60 -8.96
CA ARG E 462 -42.60 44.62 -9.94
C ARG E 462 -43.41 44.04 -11.10
N VAL E 463 -43.17 42.77 -11.43
CA VAL E 463 -43.83 42.15 -12.56
C VAL E 463 -45.32 41.99 -12.28
N LEU F 9 -18.96 43.80 11.60
CA LEU F 9 -19.79 42.67 12.03
C LEU F 9 -19.29 41.33 11.52
N GLY F 10 -18.64 41.30 10.36
CA GLY F 10 -17.95 40.09 9.93
C GLY F 10 -18.89 38.91 9.70
N PHE F 11 -18.41 37.72 10.06
CA PHE F 11 -19.08 36.49 9.69
C PHE F 11 -20.44 36.36 10.37
N LEU F 12 -20.51 36.53 11.69
CA LEU F 12 -21.73 36.28 12.44
C LEU F 12 -22.03 37.32 13.50
N GLY F 13 -21.34 38.48 13.49
CA GLY F 13 -21.62 39.52 14.46
C GLY F 13 -23.04 40.04 14.39
N ALA F 14 -23.69 39.98 13.23
CA ALA F 14 -25.07 40.42 13.10
C ALA F 14 -26.06 39.46 13.75
N ALA F 15 -25.62 38.26 14.14
CA ALA F 15 -26.54 37.31 14.77
C ALA F 15 -26.99 37.83 16.14
N GLY F 16 -28.26 37.59 16.46
CA GLY F 16 -28.84 38.04 17.71
C GLY F 16 -29.43 39.42 17.62
N SER F 17 -28.75 40.33 16.91
CA SER F 17 -29.32 41.63 16.63
C SER F 17 -30.60 41.46 15.81
N THR F 18 -31.40 42.53 15.78
CA THR F 18 -32.72 42.47 15.18
C THR F 18 -32.62 42.15 13.68
N MET F 19 -33.75 41.69 13.13
CA MET F 19 -33.80 41.39 11.70
C MET F 19 -33.54 42.64 10.86
N GLY F 20 -33.94 43.82 11.36
CA GLY F 20 -33.62 45.04 10.64
C GLY F 20 -32.12 45.28 10.55
N ALA F 21 -31.41 45.04 11.65
CA ALA F 21 -29.96 45.20 11.63
C ALA F 21 -29.31 44.15 10.73
N ALA F 22 -29.77 42.91 10.81
CA ALA F 22 -29.18 41.83 10.04
C ALA F 22 -29.55 41.88 8.57
N SER F 23 -30.57 42.65 8.18
CA SER F 23 -30.92 42.78 6.77
C SER F 23 -29.77 43.37 5.96
N MET F 24 -28.94 44.20 6.57
CA MET F 24 -27.73 44.71 5.96
C MET F 24 -26.56 43.80 6.33
N THR F 25 -25.46 43.93 5.58
CA THR F 25 -24.26 43.11 5.72
C THR F 25 -24.50 41.66 5.33
N LEU F 26 -25.48 41.39 4.48
CA LEU F 26 -25.63 40.04 3.93
C LEU F 26 -24.44 39.69 3.03
N THR F 27 -23.85 40.70 2.38
CA THR F 27 -22.73 40.44 1.49
C THR F 27 -21.52 39.90 2.23
N VAL F 28 -21.39 40.21 3.52
CA VAL F 28 -20.25 39.73 4.28
C VAL F 28 -20.32 38.20 4.46
N GLN F 29 -21.51 37.66 4.65
CA GLN F 29 -21.68 36.22 4.80
C GLN F 29 -21.63 35.48 3.46
N ALA F 30 -22.13 36.11 2.39
CA ALA F 30 -22.09 35.47 1.08
C ALA F 30 -20.64 35.31 0.59
N ARG F 31 -19.74 36.17 1.05
CA ARG F 31 -18.36 36.18 0.61
C ARG F 31 -17.49 35.14 1.32
N ASN F 32 -18.06 34.33 2.21
CA ASN F 32 -17.29 33.48 3.12
C ASN F 32 -17.49 32.01 2.83
N LEU F 33 -17.39 31.62 1.55
CA LEU F 33 -17.48 30.24 1.10
C LEU F 33 -16.21 29.83 0.35
N LEU F 34 -15.06 30.15 0.95
CA LEU F 34 -13.76 29.68 0.49
C LEU F 34 -12.92 29.33 1.71
N SER F 35 -12.20 28.20 1.63
CA SER F 35 -11.25 27.83 2.67
C SER F 35 -10.42 26.65 2.23
N GLY F 36 -9.15 26.65 2.63
CA GLY F 36 -8.39 25.43 2.79
C GLY F 36 -7.45 25.10 1.64
N THR F 37 -6.37 24.40 2.02
CA THR F 37 -5.57 23.61 1.10
C THR F 37 -5.33 22.27 1.79
N VAL F 38 -5.00 21.25 1.00
CA VAL F 38 -5.37 19.87 1.30
C VAL F 38 -4.15 19.05 1.71
N TRP F 39 -4.31 18.27 2.78
CA TRP F 39 -3.62 17.00 2.97
C TRP F 39 -4.67 15.90 2.96
N GLY F 40 -4.38 14.81 2.26
CA GLY F 40 -5.25 13.65 2.29
C GLY F 40 -6.55 13.88 1.54
N ILE F 41 -7.41 12.86 1.50
CA ILE F 41 -8.66 12.97 0.75
C ILE F 41 -9.76 13.60 1.59
N LYS F 42 -9.59 13.66 2.92
CA LYS F 42 -10.62 14.26 3.77
C LYS F 42 -10.85 15.73 3.44
N GLN F 43 -9.77 16.49 3.28
CA GLN F 43 -9.91 17.91 3.01
C GLN F 43 -10.39 18.17 1.59
N LEU F 44 -9.99 17.33 0.65
CA LEU F 44 -10.54 17.42 -0.70
C LEU F 44 -12.04 17.13 -0.69
N GLN F 45 -12.45 16.15 0.11
CA GLN F 45 -13.88 15.88 0.30
C GLN F 45 -14.58 17.10 0.85
N ALA F 46 -13.97 17.78 1.82
CA ALA F 46 -14.56 19.00 2.36
C ALA F 46 -14.72 20.06 1.28
N ARG F 47 -13.70 20.23 0.43
CA ARG F 47 -13.79 21.22 -0.65
C ARG F 47 -14.95 20.90 -1.60
N VAL F 48 -15.04 19.66 -2.05
CA VAL F 48 -16.10 19.30 -3.00
C VAL F 48 -17.47 19.43 -2.34
N LEU F 49 -17.58 19.05 -1.07
CA LEU F 49 -18.84 19.20 -0.35
C LEU F 49 -19.25 20.66 -0.28
N ALA F 50 -18.29 21.54 0.02
CA ALA F 50 -18.60 22.97 0.12
C ALA F 50 -19.07 23.51 -1.21
N VAL F 51 -18.39 23.14 -2.30
CA VAL F 51 -18.77 23.65 -3.62
C VAL F 51 -20.18 23.20 -3.99
N GLU F 52 -20.47 21.91 -3.78
CA GLU F 52 -21.80 21.41 -4.11
C GLU F 52 -22.87 22.08 -3.25
N ARG F 53 -22.59 22.25 -1.96
CA ARG F 53 -23.55 22.87 -1.05
C ARG F 53 -23.82 24.32 -1.45
N TYR F 54 -22.79 25.06 -1.86
CA TYR F 54 -23.00 26.43 -2.30
C TYR F 54 -23.83 26.47 -3.58
N LEU F 55 -23.49 25.63 -4.56
CA LEU F 55 -24.23 25.64 -5.82
C LEU F 55 -25.68 25.24 -5.62
N ARG F 56 -25.96 24.42 -4.62
CA ARG F 56 -27.34 24.01 -4.34
C ARG F 56 -28.20 25.23 -4.01
N ASP F 57 -27.69 26.11 -3.14
CA ASP F 57 -28.41 27.35 -2.84
C ASP F 57 -28.42 28.29 -4.03
N GLN F 58 -27.30 28.38 -4.76
CA GLN F 58 -27.21 29.32 -5.87
C GLN F 58 -28.24 29.01 -6.95
N GLN F 59 -28.33 27.74 -7.35
CA GLN F 59 -29.20 27.33 -8.46
C GLN F 59 -30.64 27.07 -8.01
N LEU F 60 -30.89 27.12 -6.70
CA LEU F 60 -32.24 27.03 -6.16
C LEU F 60 -32.84 28.40 -5.95
N LEU F 61 -32.05 29.35 -5.46
CA LEU F 61 -32.50 30.73 -5.39
C LEU F 61 -32.74 31.28 -6.79
N GLY F 62 -31.96 30.82 -7.77
CA GLY F 62 -32.13 31.28 -9.13
C GLY F 62 -33.45 30.85 -9.75
N ILE F 63 -33.95 29.67 -9.39
CA ILE F 63 -35.21 29.19 -9.97
C ILE F 63 -36.38 30.09 -9.58
N TRP F 64 -36.30 30.76 -8.44
CA TRP F 64 -37.36 31.69 -8.04
C TRP F 64 -37.24 33.06 -8.72
N GLY F 65 -36.44 33.20 -9.76
CA GLY F 65 -36.30 34.47 -10.44
C GLY F 65 -35.43 35.47 -9.71
N CYS F 66 -34.80 35.07 -8.60
CA CYS F 66 -34.02 35.98 -7.78
C CYS F 66 -32.57 35.99 -8.20
N SER F 67 -32.33 36.31 -9.48
CA SER F 67 -30.97 36.54 -9.94
C SER F 67 -30.43 37.90 -9.52
N GLY F 68 -31.29 38.78 -8.98
CA GLY F 68 -30.85 40.04 -8.44
C GLY F 68 -30.19 39.88 -7.09
N LYS F 69 -29.07 39.16 -7.07
CA LYS F 69 -28.32 38.87 -5.86
C LYS F 69 -29.19 38.23 -4.77
N LEU F 70 -29.45 38.95 -3.66
CA LEU F 70 -29.75 38.28 -2.40
C LEU F 70 -30.85 38.93 -1.57
N ILE F 71 -31.61 39.88 -2.12
CA ILE F 71 -32.92 40.25 -1.58
C ILE F 71 -33.86 40.40 -2.75
N CYS F 72 -35.02 39.74 -2.67
CA CYS F 72 -35.83 39.46 -3.85
C CYS F 72 -37.29 39.32 -3.46
N CYS F 73 -38.11 40.31 -3.80
CA CYS F 73 -39.55 40.22 -3.57
C CYS F 73 -40.20 39.30 -4.60
N THR F 74 -41.14 38.49 -4.14
CA THR F 74 -41.89 37.56 -4.98
C THR F 74 -43.37 37.91 -4.92
N ASN F 75 -44.13 37.27 -5.83
CA ASN F 75 -45.55 37.58 -5.97
C ASN F 75 -46.45 36.73 -5.07
N VAL F 76 -45.88 35.82 -4.28
CA VAL F 76 -46.69 34.91 -3.46
C VAL F 76 -47.12 35.64 -2.20
N PRO F 77 -48.41 35.68 -1.84
CA PRO F 77 -48.79 36.37 -0.61
C PRO F 77 -48.52 35.50 0.63
N TRP F 78 -48.38 36.18 1.76
CA TRP F 78 -48.12 35.50 3.03
C TRP F 78 -49.44 35.02 3.64
N ASN F 79 -49.53 33.71 3.86
CA ASN F 79 -50.67 33.12 4.57
C ASN F 79 -50.45 33.38 6.06
N SER F 80 -51.35 34.19 6.64
CA SER F 80 -51.11 34.69 8.00
C SER F 80 -51.12 33.58 9.04
N SER F 81 -51.70 32.42 8.72
CA SER F 81 -51.70 31.30 9.65
C SER F 81 -50.29 30.83 9.97
N TRP F 82 -49.33 31.06 9.07
CA TRP F 82 -47.95 30.65 9.30
C TRP F 82 -47.33 31.35 10.51
N SER F 83 -47.62 32.64 10.70
CA SER F 83 -47.03 33.42 11.78
C SER F 83 -48.09 34.06 12.68
N ASN F 84 -49.17 34.54 12.08
CA ASN F 84 -50.22 35.27 12.81
C ASN F 84 -49.63 36.47 13.54
N ARG F 85 -48.99 37.36 12.77
CA ARG F 85 -48.25 38.48 13.35
C ARG F 85 -48.31 39.69 12.44
N ASN F 86 -48.11 40.85 13.05
CA ASN F 86 -47.98 42.11 12.34
C ASN F 86 -46.52 42.34 11.98
N LEU F 87 -46.29 43.14 10.93
CA LEU F 87 -44.94 43.37 10.42
C LEU F 87 -44.01 43.96 11.46
N SER F 88 -44.54 44.65 12.47
CA SER F 88 -43.68 45.18 13.53
C SER F 88 -43.16 44.06 14.43
N GLU F 89 -44.04 43.14 14.86
CA GLU F 89 -43.62 42.07 15.75
C GLU F 89 -42.67 41.10 15.07
N ILE F 90 -42.80 40.91 13.75
CA ILE F 90 -41.89 40.03 13.03
C ILE F 90 -40.48 40.60 13.00
N TRP F 91 -40.36 41.91 12.84
CA TRP F 91 -39.17 42.55 12.29
C TRP F 91 -38.43 43.44 13.28
N ASP F 92 -39.15 44.22 14.09
CA ASP F 92 -38.52 45.29 14.87
C ASP F 92 -37.74 44.79 16.08
N ASN F 93 -38.10 43.65 16.66
CA ASN F 93 -37.52 43.17 17.91
C ASN F 93 -36.91 41.78 17.78
N MET F 94 -37.54 40.93 16.98
CA MET F 94 -37.07 39.56 16.81
C MET F 94 -35.75 39.56 16.03
N THR F 95 -35.04 38.43 16.13
CA THR F 95 -33.80 38.20 15.40
C THR F 95 -33.98 37.05 14.41
N TRP F 96 -33.18 37.09 13.34
CA TRP F 96 -33.25 36.05 12.30
C TRP F 96 -33.01 34.66 12.88
N LEU F 97 -32.10 34.58 13.87
CA LEU F 97 -31.61 33.29 14.35
C LEU F 97 -32.73 32.46 14.97
N GLN F 98 -33.65 33.11 15.67
CA GLN F 98 -34.82 32.44 16.23
C GLN F 98 -35.99 32.39 15.24
N TRP F 99 -36.04 33.36 14.32
CA TRP F 99 -37.09 33.34 13.30
C TRP F 99 -37.00 32.11 12.43
N ASP F 100 -35.79 31.69 12.10
CA ASP F 100 -35.63 30.46 11.34
C ASP F 100 -36.18 29.26 12.10
N LYS F 101 -35.94 29.20 13.41
CA LYS F 101 -36.50 28.12 14.21
C LYS F 101 -38.02 28.17 14.20
N GLU F 102 -38.60 29.36 14.33
CA GLU F 102 -40.05 29.49 14.39
C GLU F 102 -40.69 29.09 13.07
N ILE F 103 -40.10 29.49 11.94
CA ILE F 103 -40.70 29.23 10.64
C ILE F 103 -40.35 27.84 10.10
N SER F 104 -39.59 27.05 10.87
CA SER F 104 -38.90 25.88 10.29
C SER F 104 -39.86 24.81 9.77
N ASN F 105 -41.13 24.84 10.18
CA ASN F 105 -42.02 23.72 9.87
C ASN F 105 -42.60 23.83 8.45
N TYR F 106 -42.84 25.05 7.97
CA TYR F 106 -43.76 25.27 6.85
C TYR F 106 -43.05 25.34 5.49
N THR F 107 -41.79 24.94 5.39
CA THR F 107 -40.95 25.38 4.26
C THR F 107 -41.38 24.75 2.93
N GLN F 108 -41.94 23.54 2.95
CA GLN F 108 -42.18 22.83 1.69
C GLN F 108 -43.20 23.56 0.82
N ILE F 109 -44.33 23.97 1.39
CA ILE F 109 -45.36 24.65 0.62
C ILE F 109 -44.83 25.98 0.11
N ILE F 110 -44.03 26.67 0.93
CA ILE F 110 -43.48 27.97 0.53
C ILE F 110 -42.59 27.80 -0.68
N TYR F 111 -41.69 26.81 -0.63
CA TYR F 111 -40.79 26.58 -1.76
C TYR F 111 -41.53 26.13 -3.01
N GLY F 112 -42.55 25.29 -2.86
CA GLY F 112 -43.35 24.88 -4.00
C GLY F 112 -44.07 26.05 -4.65
N LEU F 113 -44.66 26.94 -3.83
CA LEU F 113 -45.30 28.13 -4.38
C LEU F 113 -44.30 29.01 -5.09
N LEU F 114 -43.15 29.25 -4.47
CA LEU F 114 -42.13 30.11 -5.07
C LEU F 114 -41.58 29.52 -6.36
N GLU F 115 -41.61 28.20 -6.51
CA GLU F 115 -41.20 27.58 -7.77
C GLU F 115 -42.27 27.72 -8.84
N GLU F 116 -43.51 27.33 -8.53
CA GLU F 116 -44.57 27.29 -9.53
C GLU F 116 -44.95 28.69 -10.00
N SER F 117 -44.92 29.67 -9.11
CA SER F 117 -45.31 31.03 -9.49
C SER F 117 -44.38 31.59 -10.56
N GLN F 118 -43.07 31.41 -10.39
CA GLN F 118 -42.16 31.90 -11.41
C GLN F 118 -42.19 30.98 -12.63
N ASN F 119 -42.49 29.69 -12.43
CA ASN F 119 -42.59 28.79 -13.58
C ASN F 119 -43.71 29.23 -14.51
N GLN F 120 -44.82 29.72 -13.96
CA GLN F 120 -45.92 30.17 -14.80
C GLN F 120 -45.79 31.64 -15.20
N GLN F 121 -44.99 32.43 -14.46
CA GLN F 121 -44.86 33.85 -14.79
C GLN F 121 -43.93 34.08 -15.98
N GLU F 122 -42.94 33.21 -16.17
CA GLU F 122 -41.89 33.51 -17.14
C GLU F 122 -42.41 33.54 -18.57
N LYS F 123 -43.42 32.73 -18.88
CA LYS F 123 -43.96 32.69 -20.24
C LYS F 123 -44.59 34.03 -20.62
N ASN F 124 -45.10 34.76 -19.63
CA ASN F 124 -45.72 36.06 -19.93
C ASN F 124 -44.71 37.08 -20.41
N GLU F 125 -43.42 36.89 -20.14
CA GLU F 125 -42.40 37.73 -20.73
C GLU F 125 -42.27 37.51 -22.23
N GLN F 126 -42.52 36.28 -22.71
CA GLN F 126 -42.67 36.06 -24.14
C GLN F 126 -43.97 36.66 -24.65
N ASP F 127 -45.07 36.41 -23.94
CA ASP F 127 -46.38 36.78 -24.44
C ASP F 127 -46.52 38.29 -24.58
N LEU F 128 -45.98 39.04 -23.62
CA LEU F 128 -46.02 40.50 -23.67
C LEU F 128 -44.82 41.07 -24.43
N LEU F 129 -44.17 40.25 -25.26
CA LEU F 129 -43.11 40.69 -26.15
C LEU F 129 -43.33 40.18 -27.57
N ALA F 130 -44.30 39.26 -27.76
CA ALA F 130 -44.55 38.70 -29.08
C ALA F 130 -45.50 39.56 -29.91
N LEU F 131 -46.08 40.62 -29.33
CA LEU F 131 -47.02 41.44 -30.08
C LEU F 131 -46.35 42.12 -31.27
N ASP F 132 -45.09 42.50 -31.14
CA ASP F 132 -44.37 43.13 -32.24
C ASP F 132 -44.01 42.11 -33.31
N GLN G 1 35.65 7.25 66.24
CA GLN G 1 35.96 8.19 65.12
C GLN G 1 36.26 7.41 63.84
N VAL G 2 35.78 7.95 62.72
CA VAL G 2 36.00 7.30 61.42
C VAL G 2 37.47 7.35 61.05
N GLN G 3 37.97 6.27 60.47
CA GLN G 3 39.35 6.18 60.04
C GLN G 3 39.45 5.20 58.88
N LEU G 4 40.39 5.47 57.98
CA LEU G 4 40.74 4.57 56.89
C LEU G 4 42.11 3.97 57.17
N VAL G 5 42.20 2.65 57.10
CA VAL G 5 43.43 1.91 57.39
C VAL G 5 43.68 0.93 56.27
N GLN G 6 44.95 0.56 56.08
CA GLN G 6 45.37 -0.31 55.00
C GLN G 6 46.43 -1.28 55.51
N SER G 7 46.64 -2.34 54.74
CA SER G 7 47.80 -3.19 54.94
C SER G 7 49.07 -2.36 54.74
N GLY G 8 50.09 -2.64 55.55
CA GLY G 8 51.29 -1.84 55.56
C GLY G 8 52.13 -2.00 54.31
N ALA G 9 53.39 -1.61 54.44
CA ALA G 9 54.32 -1.63 53.31
C ALA G 9 54.45 -3.03 52.73
N GLU G 10 54.51 -3.11 51.41
CA GLU G 10 54.38 -4.36 50.67
C GLU G 10 55.69 -4.71 49.98
N VAL G 11 55.96 -6.00 49.86
CA VAL G 11 57.11 -6.52 49.13
C VAL G 11 56.63 -7.65 48.21
N LYS G 12 57.09 -7.62 46.97
CA LYS G 12 56.76 -8.61 45.95
C LYS G 12 57.98 -8.81 45.07
N LYS G 13 57.80 -9.39 43.89
CA LYS G 13 58.77 -9.29 42.81
C LYS G 13 58.02 -9.03 41.52
N PRO G 14 58.70 -8.48 40.49
CA PRO G 14 57.97 -8.03 39.30
C PRO G 14 57.22 -9.15 38.59
N GLY G 15 56.07 -8.80 38.02
CA GLY G 15 55.24 -9.74 37.29
C GLY G 15 54.14 -10.33 38.15
N ALA G 16 54.37 -10.45 39.45
CA ALA G 16 53.38 -11.03 40.34
C ALA G 16 52.22 -10.06 40.57
N SER G 17 51.03 -10.62 40.74
CA SER G 17 49.86 -9.81 41.05
C SER G 17 49.85 -9.45 42.55
N VAL G 18 49.23 -8.30 42.85
CA VAL G 18 49.19 -7.75 44.20
C VAL G 18 47.73 -7.53 44.58
N LYS G 19 47.44 -7.61 45.88
CA LYS G 19 46.08 -7.54 46.43
C LYS G 19 46.13 -6.66 47.68
N VAL G 20 45.91 -5.36 47.48
CA VAL G 20 45.99 -4.40 48.58
C VAL G 20 44.64 -4.31 49.27
N SER G 21 44.65 -4.47 50.59
CA SER G 21 43.44 -4.53 51.40
C SER G 21 43.25 -3.22 52.15
N CYS G 22 42.01 -2.72 52.17
CA CYS G 22 41.65 -1.45 52.80
C CYS G 22 40.53 -1.70 53.80
N LYS G 23 40.70 -1.19 55.02
CA LYS G 23 39.76 -1.40 56.11
C LYS G 23 38.94 -0.13 56.31
N ALA G 24 37.62 -0.28 56.35
CA ALA G 24 36.71 0.80 56.67
C ALA G 24 36.37 0.74 58.16
N SER G 25 36.95 1.65 58.94
CA SER G 25 36.83 1.64 60.39
C SER G 25 35.94 2.79 60.86
N GLY G 26 34.97 2.47 61.70
CA GLY G 26 34.21 3.49 62.40
C GLY G 26 33.19 4.23 61.58
N TYR G 27 32.64 3.61 60.53
CA TYR G 27 31.54 4.23 59.79
C TYR G 27 30.86 3.15 58.96
N THR G 28 29.74 3.53 58.35
CA THR G 28 29.02 2.63 57.46
C THR G 28 29.78 2.42 56.16
N PHE G 29 30.28 1.21 55.95
CA PHE G 29 30.93 0.86 54.70
C PHE G 29 29.94 0.75 53.54
N THR G 30 28.63 0.78 53.81
CA THR G 30 27.61 0.63 52.79
C THR G 30 27.16 1.95 52.17
N ASP G 31 27.58 3.10 52.72
CA ASP G 31 26.94 4.38 52.42
C ASP G 31 27.84 5.38 51.70
N TYR G 32 29.12 5.07 51.46
CA TYR G 32 30.04 5.98 50.80
C TYR G 32 30.80 5.27 49.70
N TYR G 33 31.03 5.97 48.60
CA TYR G 33 31.93 5.48 47.56
C TYR G 33 33.36 5.47 48.07
N ILE G 34 34.15 4.53 47.55
CA ILE G 34 35.56 4.39 47.87
C ILE G 34 36.34 4.56 46.57
N HIS G 35 37.45 5.29 46.64
CA HIS G 35 38.28 5.59 45.48
C HIS G 35 39.72 5.20 45.76
N TRP G 36 40.41 4.69 44.74
CA TRP G 36 41.80 4.28 44.82
C TRP G 36 42.66 5.28 44.05
N VAL G 37 43.76 5.69 44.66
CA VAL G 37 44.69 6.66 44.08
C VAL G 37 46.10 6.09 44.18
N ARG G 38 46.83 6.15 43.06
CA ARG G 38 48.24 5.78 43.03
C ARG G 38 49.09 7.03 43.22
N GLN G 39 50.24 6.85 43.87
CA GLN G 39 51.24 7.91 44.02
C GLN G 39 52.61 7.26 43.85
N ALA G 40 53.23 7.46 42.69
CA ALA G 40 54.59 7.00 42.50
C ALA G 40 55.49 7.71 43.52
N PRO G 41 56.56 7.06 43.99
CA PRO G 41 57.23 7.53 45.21
C PRO G 41 57.84 8.91 45.03
N GLY G 42 57.27 9.89 45.74
CA GLY G 42 57.69 11.27 45.63
C GLY G 42 57.18 12.00 44.41
N GLN G 43 56.13 11.49 43.76
CA GLN G 43 55.61 12.04 42.52
C GLN G 43 54.12 12.38 42.69
N GLY G 44 53.49 12.76 41.58
CA GLY G 44 52.11 13.19 41.64
C GLY G 44 51.13 12.03 41.66
N LEU G 45 49.87 12.37 41.94
CA LEU G 45 48.84 11.35 42.10
C LEU G 45 48.29 10.91 40.76
N GLU G 46 48.02 9.61 40.64
CA GLU G 46 47.36 9.01 39.49
C GLU G 46 46.13 8.27 39.98
N TRP G 47 45.04 8.35 39.20
CA TRP G 47 43.73 7.86 39.62
C TRP G 47 43.52 6.46 39.06
N MET G 48 43.00 5.56 39.90
CA MET G 48 42.85 4.15 39.57
C MET G 48 41.41 3.74 39.30
N GLY G 49 40.51 3.97 40.26
CA GLY G 49 39.13 3.58 40.08
C GLY G 49 38.37 3.73 41.38
N TRP G 50 37.11 3.28 41.36
CA TRP G 50 36.25 3.29 42.54
C TRP G 50 35.57 1.94 42.69
N ILE G 51 34.84 1.82 43.80
CA ILE G 51 34.04 0.63 44.09
C ILE G 51 32.82 1.05 44.90
N ASN G 52 31.67 0.45 44.57
CA ASN G 52 30.45 0.66 45.33
C ASN G 52 30.22 -0.58 46.18
N PRO G 53 30.41 -0.52 47.50
CA PRO G 53 30.21 -1.76 48.29
C PRO G 53 28.77 -2.26 48.30
N ASN G 54 27.80 -1.37 48.53
CA ASN G 54 26.41 -1.78 48.63
C ASN G 54 25.92 -2.40 47.32
N THR G 55 26.43 -1.92 46.19
CA THR G 55 26.08 -2.48 44.89
C THR G 55 27.07 -3.55 44.43
N GLY G 56 28.34 -3.41 44.80
CA GLY G 56 29.39 -4.27 44.30
C GLY G 56 29.94 -3.88 42.95
N ARG G 57 29.34 -2.89 42.29
CA ARG G 57 29.77 -2.47 40.97
C ARG G 57 31.04 -1.61 41.06
N THR G 58 31.88 -1.71 40.04
CA THR G 58 33.17 -1.04 40.02
C THR G 58 33.41 -0.44 38.64
N ASN G 59 34.42 0.41 38.56
CA ASN G 59 34.99 0.85 37.29
C ASN G 59 36.45 1.20 37.50
N SER G 60 37.31 0.57 36.71
CA SER G 60 38.74 0.86 36.70
C SER G 60 39.04 1.83 35.57
N ALA G 61 40.05 2.66 35.75
CA ALA G 61 40.40 3.66 34.75
C ALA G 61 40.79 2.98 33.44
N GLN G 62 40.66 3.73 32.34
CA GLN G 62 41.00 3.20 31.03
C GLN G 62 42.45 2.78 30.95
N LYS G 63 43.32 3.39 31.75
CA LYS G 63 44.74 3.04 31.77
C LYS G 63 44.98 1.64 32.31
N PHE G 64 44.00 1.05 33.03
CA PHE G 64 44.19 -0.23 33.69
C PHE G 64 43.04 -1.20 33.46
N GLN G 65 42.11 -0.91 32.55
CA GLN G 65 40.94 -1.76 32.39
C GLN G 65 41.37 -3.14 31.89
N GLY G 66 40.81 -4.18 32.51
CA GLY G 66 41.24 -5.53 32.25
C GLY G 66 42.45 -5.99 33.03
N ARG G 67 42.99 -5.14 33.90
CA ARG G 67 44.18 -5.46 34.70
C ARG G 67 43.93 -5.19 36.19
N VAL G 68 43.06 -4.24 36.50
CA VAL G 68 42.72 -3.86 37.87
C VAL G 68 41.24 -4.10 38.09
N THR G 69 40.90 -4.77 39.18
CA THR G 69 39.51 -5.08 39.50
C THR G 69 39.36 -5.13 41.02
N MET G 70 38.51 -4.26 41.57
CA MET G 70 38.32 -4.18 43.00
C MET G 70 37.20 -5.09 43.46
N THR G 71 37.27 -5.52 44.72
CA THR G 71 36.25 -6.35 45.34
C THR G 71 36.21 -6.01 46.83
N ARG G 72 35.18 -6.53 47.50
CA ARG G 72 34.98 -6.26 48.92
C ARG G 72 34.25 -7.44 49.57
N ASP G 73 34.36 -7.50 50.90
CA ASP G 73 33.63 -8.47 51.71
C ASP G 73 33.19 -7.74 52.97
N THR G 74 31.89 -7.44 53.07
CA THR G 74 31.40 -6.59 54.14
C THR G 74 31.58 -7.22 55.51
N SER G 75 31.58 -8.55 55.59
CA SER G 75 31.70 -9.23 56.88
C SER G 75 33.05 -8.96 57.55
N ILE G 76 34.06 -8.55 56.78
CA ILE G 76 35.38 -8.21 57.31
C ILE G 76 35.73 -6.74 57.04
N SER G 77 34.78 -5.96 56.50
CA SER G 77 34.97 -4.52 56.30
C SER G 77 36.16 -4.23 55.39
N THR G 78 36.43 -5.12 54.44
CA THR G 78 37.63 -5.09 53.62
C THR G 78 37.27 -4.68 52.19
N ALA G 79 38.05 -3.76 51.63
CA ALA G 79 38.04 -3.46 50.21
C ALA G 79 39.37 -3.87 49.62
N TYR G 80 39.32 -4.50 48.45
CA TYR G 80 40.52 -5.04 47.80
C TYR G 80 40.82 -4.26 46.53
N MET G 81 42.11 -4.19 46.20
CA MET G 81 42.58 -3.68 44.91
C MET G 81 43.40 -4.78 44.26
N GLU G 82 42.82 -5.47 43.28
CA GLU G 82 43.55 -6.46 42.50
C GLU G 82 44.33 -5.74 41.41
N LEU G 83 45.51 -6.26 41.10
CA LEU G 83 46.38 -5.67 40.08
C LEU G 83 47.32 -6.76 39.58
N SER G 84 47.12 -7.20 38.34
CA SER G 84 47.82 -8.33 37.75
C SER G 84 48.79 -7.84 36.67
N ARG G 85 49.67 -8.75 36.23
CA ARG G 85 50.65 -8.46 35.19
C ARG G 85 51.49 -7.25 35.56
N LEU G 86 51.91 -7.20 36.83
CA LEU G 86 52.60 -6.06 37.40
C LEU G 86 53.90 -5.73 36.65
N ARG G 87 53.93 -4.56 36.01
CA ARG G 87 55.18 -3.99 35.51
C ARG G 87 55.91 -3.31 36.66
N SER G 88 57.22 -3.14 36.49
CA SER G 88 57.99 -2.36 37.46
C SER G 88 57.67 -0.87 37.38
N ASP G 89 56.97 -0.43 36.33
CA ASP G 89 56.46 0.94 36.29
C ASP G 89 55.37 1.19 37.32
N ASP G 90 54.81 0.12 37.92
CA ASP G 90 53.83 0.24 38.99
C ASP G 90 54.47 0.50 40.35
N THR G 91 55.76 0.83 40.41
CA THR G 91 56.39 1.24 41.65
C THR G 91 55.68 2.47 42.20
N ALA G 92 54.94 2.32 43.29
CA ALA G 92 54.14 3.43 43.78
C ALA G 92 53.51 3.10 45.12
N VAL G 93 53.05 4.16 45.80
CA VAL G 93 52.19 4.03 46.96
C VAL G 93 50.74 4.03 46.49
N TYR G 94 49.93 3.15 47.08
CA TYR G 94 48.51 3.03 46.76
C TYR G 94 47.68 3.48 47.95
N TYR G 95 46.67 4.30 47.69
CA TYR G 95 45.85 4.91 48.72
C TYR G 95 44.41 4.41 48.63
N CYS G 96 43.74 4.41 49.77
CA CYS G 96 42.32 4.12 49.88
C CYS G 96 41.63 5.30 50.54
N ALA G 97 40.63 5.86 49.87
CA ALA G 97 40.00 7.11 50.29
C ALA G 97 38.49 7.00 50.25
N ARG G 98 37.83 7.81 51.06
CA ARG G 98 36.37 7.80 51.19
C ARG G 98 35.80 8.90 50.30
N GLY G 99 34.94 8.52 49.37
CA GLY G 99 34.37 9.43 48.39
C GLY G 99 33.03 9.98 48.80
N GLY G 100 32.18 10.23 47.80
CA GLY G 100 30.90 10.86 48.05
C GLY G 100 29.90 9.91 48.69
N TRP G 101 28.73 10.46 48.99
CA TRP G 101 27.68 9.71 49.65
C TRP G 101 26.82 8.97 48.64
N ILE G 102 26.54 7.71 48.93
CA ILE G 102 25.74 6.89 48.04
C ILE G 102 24.27 7.20 48.26
N GLY G 103 23.52 7.25 47.17
CA GLY G 103 22.08 7.41 47.25
C GLY G 103 21.42 6.54 46.20
N LEU G 104 20.20 6.11 46.51
CA LEU G 104 19.41 5.44 45.49
C LEU G 104 19.20 6.32 44.27
N TYR G 105 19.04 7.62 44.46
CA TYR G 105 18.93 8.54 43.34
C TYR G 105 20.28 9.22 43.17
N TYR G 106 20.37 10.22 42.27
CA TYR G 106 21.55 11.07 42.21
C TYR G 106 22.75 10.24 41.76
N ASP G 107 23.88 10.85 41.43
CA ASP G 107 25.04 10.06 41.01
C ASP G 107 26.29 10.82 41.43
N SER G 108 26.88 10.39 42.53
CA SER G 108 28.11 10.96 43.07
C SER G 108 29.31 10.06 42.82
N SER G 109 29.20 9.13 41.86
CA SER G 109 30.29 8.19 41.62
C SER G 109 31.56 8.90 41.17
N GLY G 110 31.44 9.89 40.30
CA GLY G 110 32.58 10.59 39.74
C GLY G 110 32.94 11.90 40.38
N TYR G 111 32.39 12.22 41.54
CA TYR G 111 32.70 13.50 42.17
C TYR G 111 34.08 13.44 42.83
N PRO G 112 34.98 14.42 42.57
CA PRO G 112 36.22 14.46 43.37
C PRO G 112 36.01 15.14 44.71
N ASN G 113 35.48 14.37 45.67
CA ASN G 113 35.24 14.83 47.04
C ASN G 113 35.88 13.89 48.06
N PHE G 114 37.15 13.56 47.87
CA PHE G 114 37.82 12.60 48.73
C PHE G 114 38.03 13.20 50.12
N ASP G 115 37.24 12.75 51.10
CA ASP G 115 37.26 13.35 52.42
C ASP G 115 38.43 12.89 53.29
N TYR G 116 38.65 11.57 53.35
CA TYR G 116 39.70 11.00 54.18
C TYR G 116 40.52 10.01 53.34
N TRP G 117 41.68 9.64 53.87
CA TRP G 117 42.65 8.82 53.16
C TRP G 117 43.19 7.73 54.05
N GLY G 118 43.52 6.58 53.45
CA GLY G 118 44.20 5.53 54.16
C GLY G 118 45.71 5.75 54.18
N GLN G 119 46.37 5.17 55.18
CA GLN G 119 47.79 5.46 55.38
C GLN G 119 48.69 4.82 54.33
N GLY G 120 48.17 3.94 53.47
CA GLY G 120 48.87 3.55 52.26
C GLY G 120 49.91 2.46 52.46
N THR G 121 50.53 2.08 51.35
CA THR G 121 51.55 1.04 51.32
C THR G 121 52.44 1.24 50.10
N LEU G 122 53.75 1.23 50.32
CA LEU G 122 54.72 1.34 49.22
C LEU G 122 55.08 -0.06 48.74
N VAL G 123 54.91 -0.31 47.45
CA VAL G 123 55.11 -1.63 46.86
C VAL G 123 56.55 -1.71 46.36
N THR G 124 57.26 -2.77 46.75
CA THR G 124 58.69 -2.92 46.48
C THR G 124 58.89 -3.95 45.38
N VAL G 125 59.16 -3.48 44.16
CA VAL G 125 59.55 -4.33 43.05
C VAL G 125 60.50 -3.55 42.16
N SER G 126 61.43 -4.26 41.52
CA SER G 126 62.32 -3.66 40.53
C SER G 126 63.04 -4.75 39.74
N GLN H 1 50.84 10.72 32.76
CA GLN H 1 50.88 12.21 32.72
C GLN H 1 49.47 12.76 32.77
N SER H 2 49.33 13.92 33.42
CA SER H 2 48.03 14.55 33.57
C SER H 2 47.54 15.12 32.24
N ALA H 3 46.26 14.90 31.94
CA ALA H 3 45.63 15.64 30.86
C ALA H 3 45.48 17.11 31.24
N LEU H 4 45.26 17.39 32.53
CA LEU H 4 45.21 18.77 33.01
C LEU H 4 46.62 19.33 33.12
N THR H 5 46.83 20.51 32.53
CA THR H 5 48.09 21.23 32.70
C THR H 5 48.01 22.10 33.94
N GLN H 6 49.13 22.23 34.65
CA GLN H 6 49.16 23.09 35.83
C GLN H 6 50.61 23.37 36.19
N PRO H 7 50.92 24.54 36.78
CA PRO H 7 52.31 24.83 37.15
C PRO H 7 52.91 23.81 38.11
N ALA H 8 54.22 23.92 38.32
CA ALA H 8 54.97 23.05 39.21
C ALA H 8 55.50 23.77 40.46
N SER H 9 55.56 25.10 40.46
CA SER H 9 56.01 25.83 41.64
C SER H 9 55.75 27.32 41.46
N VAL H 10 55.33 27.95 42.54
CA VAL H 10 55.30 29.41 42.67
C VAL H 10 55.84 29.75 44.05
N SER H 11 56.82 30.66 44.10
CA SER H 11 57.61 30.90 45.29
C SER H 11 57.43 32.33 45.77
N GLY H 12 57.89 32.58 47.00
CA GLY H 12 57.73 33.89 47.62
C GLY H 12 58.00 33.92 49.11
N SER H 13 57.07 34.50 49.85
CA SER H 13 57.23 34.77 51.27
C SER H 13 55.84 34.80 51.91
N PRO H 14 55.76 34.84 53.24
CA PRO H 14 54.42 34.84 53.88
C PRO H 14 53.62 36.08 53.55
N GLY H 15 52.29 35.93 53.61
CA GLY H 15 51.36 37.02 53.46
C GLY H 15 50.91 37.32 52.04
N GLN H 16 51.45 36.65 51.04
CA GLN H 16 51.16 37.01 49.65
C GLN H 16 49.82 36.45 49.17
N SER H 17 49.54 36.63 47.88
CA SER H 17 48.43 35.99 47.19
C SER H 17 48.95 35.36 45.91
N ILE H 18 48.23 34.33 45.44
CA ILE H 18 48.72 33.44 44.39
C ILE H 18 47.57 33.19 43.40
N THR H 19 47.93 32.81 42.17
CA THR H 19 47.00 32.15 41.27
C THR H 19 47.75 31.07 40.52
N ILE H 20 47.24 29.83 40.61
CA ILE H 20 47.87 28.64 40.02
C ILE H 20 46.88 28.06 39.02
N SER H 21 47.31 27.91 37.77
CA SER H 21 46.39 27.71 36.65
C SER H 21 46.29 26.23 36.27
N CYS H 22 45.30 25.55 36.84
CA CYS H 22 44.88 24.25 36.33
C CYS H 22 44.01 24.45 35.10
N THR H 23 44.37 23.80 34.00
CA THR H 23 43.76 24.05 32.69
C THR H 23 43.21 22.75 32.12
N GLY H 24 42.03 22.83 31.50
CA GLY H 24 41.41 21.74 30.78
C GLY H 24 40.82 22.22 29.48
N THR H 25 39.69 21.63 29.10
CA THR H 25 38.99 22.00 27.88
C THR H 25 37.49 21.75 28.10
N SER H 26 36.74 21.71 27.01
CA SER H 26 35.28 21.57 27.11
C SER H 26 34.88 20.27 27.78
N TYR H 27 35.63 19.19 27.53
CA TYR H 27 35.21 17.86 27.93
C TYR H 27 35.32 17.60 29.43
N ASP H 28 36.24 18.27 30.12
CA ASP H 28 36.47 18.02 31.55
C ASP H 28 36.16 19.26 32.40
N VAL H 29 36.74 20.41 32.05
CA VAL H 29 36.58 21.60 32.87
C VAL H 29 35.45 22.49 32.34
N GLY H 30 35.33 22.61 31.02
CA GLY H 30 34.38 23.57 30.47
C GLY H 30 32.94 23.19 30.73
N SER H 31 32.59 21.92 30.51
CA SER H 31 31.19 21.51 30.57
C SER H 31 30.67 21.35 31.99
N TYR H 32 31.55 21.17 32.98
CA TYR H 32 31.16 20.74 34.31
C TYR H 32 31.75 21.66 35.37
N ASN H 33 31.10 21.66 36.53
CA ASN H 33 31.54 22.39 37.71
C ASN H 33 32.32 21.53 38.69
N LEU H 34 32.68 20.30 38.31
CA LEU H 34 33.34 19.37 39.22
C LEU H 34 34.84 19.59 39.13
N VAL H 35 35.34 20.48 39.98
CA VAL H 35 36.76 20.81 40.07
C VAL H 35 37.13 20.92 41.54
N SER H 36 38.32 20.42 41.89
CA SER H 36 38.76 20.38 43.27
C SER H 36 40.27 20.60 43.33
N TRP H 37 40.76 20.91 44.52
CA TRP H 37 42.18 21.10 44.80
C TRP H 37 42.55 20.29 46.02
N TYR H 38 43.77 19.76 46.03
CA TYR H 38 44.25 18.87 47.08
C TYR H 38 45.64 19.32 47.53
N GLN H 39 45.80 19.51 48.84
CA GLN H 39 47.11 19.79 49.40
C GLN H 39 47.90 18.50 49.55
N GLN H 40 49.22 18.59 49.37
CA GLN H 40 50.10 17.42 49.40
C GLN H 40 51.40 17.88 50.09
N HIS H 41 51.48 17.68 51.40
CA HIS H 41 52.70 17.99 52.12
C HIS H 41 53.80 16.99 51.71
N PRO H 42 55.07 17.34 51.90
CA PRO H 42 56.14 16.44 51.47
C PRO H 42 56.14 15.12 52.23
N GLY H 43 55.83 14.03 51.54
CA GLY H 43 55.82 12.72 52.14
C GLY H 43 54.57 12.36 52.90
N LYS H 44 53.55 13.23 52.89
CA LYS H 44 52.32 13.01 53.62
C LYS H 44 51.21 12.58 52.66
N ALA H 45 50.12 12.09 53.24
CA ALA H 45 48.95 11.77 52.43
C ALA H 45 48.30 13.08 51.95
N PRO H 46 47.60 13.06 50.82
CA PRO H 46 46.94 14.29 50.36
C PRO H 46 45.82 14.70 51.30
N LYS H 47 45.52 16.00 51.26
CA LYS H 47 44.45 16.60 52.05
C LYS H 47 43.52 17.34 51.11
N LEU H 48 42.23 17.01 51.13
CA LEU H 48 41.26 17.74 50.34
C LEU H 48 41.26 19.21 50.78
N MET H 49 41.31 20.10 49.80
CA MET H 49 41.44 21.53 50.06
C MET H 49 40.26 22.32 49.53
N ILE H 50 39.99 22.25 48.23
CA ILE H 50 38.89 22.95 47.59
C ILE H 50 38.05 21.90 46.89
N TYR H 51 36.73 21.98 47.03
CA TYR H 51 35.83 21.02 46.41
C TYR H 51 34.69 21.77 45.73
N GLU H 52 34.36 21.32 44.52
CA GLU H 52 33.25 21.86 43.73
C GLU H 52 33.46 23.35 43.48
N VAL H 53 34.50 23.64 42.69
CA VAL H 53 34.94 24.98 42.33
C VAL H 53 35.49 25.69 43.57
N SER H 54 34.62 26.09 44.49
CA SER H 54 35.08 26.74 45.72
C SER H 54 34.12 26.47 46.87
N LYS H 55 34.39 25.41 47.63
CA LYS H 55 33.93 25.24 49.00
C LYS H 55 35.05 24.57 49.78
N ARG H 56 35.09 24.82 51.09
CA ARG H 56 36.21 24.41 51.94
C ARG H 56 35.75 23.49 53.07
N PRO H 57 36.48 22.42 53.38
CA PRO H 57 36.11 21.56 54.55
C PRO H 57 36.46 22.21 55.87
N SER H 58 36.21 21.45 56.94
CA SER H 58 36.69 21.82 58.26
C SER H 58 38.18 21.52 58.38
N GLY H 59 38.84 22.24 59.28
CA GLY H 59 40.29 22.20 59.37
C GLY H 59 40.98 22.95 58.26
N VAL H 60 40.25 23.76 57.50
CA VAL H 60 40.76 24.52 56.38
C VAL H 60 40.28 25.96 56.54
N SER H 61 41.18 26.91 56.29
CA SER H 61 40.98 28.30 56.64
C SER H 61 40.54 29.13 55.44
N ASN H 62 40.21 30.39 55.72
CA ASN H 62 39.93 31.37 54.67
C ASN H 62 41.20 32.00 54.11
N ARG H 63 42.38 31.46 54.43
CA ARG H 63 43.62 31.83 53.78
C ARG H 63 43.68 31.37 52.32
N PHE H 64 42.73 30.56 51.87
CA PHE H 64 42.77 29.92 50.56
C PHE H 64 41.44 30.12 49.85
N SER H 65 41.49 30.14 48.52
CA SER H 65 40.29 30.35 47.72
C SER H 65 40.55 29.91 46.29
N GLY H 66 39.50 29.95 45.49
CA GLY H 66 39.59 29.58 44.08
C GLY H 66 38.30 29.93 43.37
N SER H 67 38.37 29.87 42.04
CA SER H 67 37.20 30.23 41.24
C SER H 67 37.38 29.71 39.82
N LYS H 68 36.24 29.46 39.16
CA LYS H 68 36.22 28.96 37.79
C LYS H 68 36.43 30.10 36.79
N SER H 69 37.08 29.77 35.67
CA SER H 69 37.17 30.67 34.52
C SER H 69 37.25 29.81 33.26
N GLY H 70 36.09 29.53 32.67
CA GLY H 70 36.02 28.81 31.41
C GLY H 70 36.67 27.43 31.46
N ASN H 71 37.79 27.29 30.76
CA ASN H 71 38.56 26.06 30.72
C ASN H 71 39.80 26.11 31.62
N THR H 72 39.86 27.05 32.56
CA THR H 72 40.89 27.07 33.59
C THR H 72 40.29 27.58 34.89
N ALA H 73 40.49 26.81 35.96
CA ALA H 73 40.11 27.19 37.31
C ALA H 73 41.33 27.09 38.20
N SER H 74 41.52 28.10 39.06
CA SER H 74 42.80 28.33 39.69
C SER H 74 42.70 28.38 41.21
N LEU H 75 43.81 28.07 41.86
CA LEU H 75 43.93 28.11 43.31
C LEU H 75 44.43 29.48 43.73
N THR H 76 43.63 30.20 44.52
CA THR H 76 43.95 31.55 44.99
C THR H 76 44.23 31.49 46.48
N ILE H 77 45.51 31.58 46.84
CA ILE H 77 45.92 31.56 48.23
C ILE H 77 45.95 33.03 48.71
N SER H 78 45.84 33.23 50.02
CA SER H 78 45.96 34.57 50.59
C SER H 78 46.44 34.46 52.03
N GLY H 79 47.25 35.43 52.45
CA GLY H 79 47.80 35.37 53.80
C GLY H 79 48.70 34.16 53.99
N LEU H 80 49.75 34.05 53.17
CA LEU H 80 50.58 32.85 53.12
C LEU H 80 51.20 32.53 54.47
N GLN H 81 51.44 31.25 54.70
CA GLN H 81 52.16 30.77 55.88
C GLN H 81 53.20 29.74 55.44
N ALA H 82 54.33 29.73 56.14
CA ALA H 82 55.36 28.73 55.86
C ALA H 82 54.88 27.33 56.23
N GLU H 83 53.95 27.22 57.17
CA GLU H 83 53.42 25.92 57.56
C GLU H 83 52.68 25.24 56.42
N ASP H 84 52.10 26.01 55.50
CA ASP H 84 51.35 25.48 54.37
C ASP H 84 52.22 25.29 53.13
N GLU H 85 53.54 25.22 53.30
CA GLU H 85 54.48 25.12 52.19
C GLU H 85 54.46 23.72 51.59
N ALA H 86 53.34 23.35 50.96
CA ALA H 86 53.11 22.01 50.48
C ALA H 86 53.00 21.99 48.96
N ASP H 87 52.88 20.78 48.41
CA ASP H 87 52.50 20.63 47.01
C ASP H 87 50.98 20.82 46.90
N TYR H 88 50.53 21.12 45.68
CA TYR H 88 49.11 21.32 45.41
C TYR H 88 48.76 20.72 44.05
N TYR H 89 47.68 19.94 44.02
CA TYR H 89 47.24 19.20 42.85
C TYR H 89 45.77 19.51 42.60
N CYS H 90 45.47 20.00 41.40
CA CYS H 90 44.07 20.18 41.01
C CYS H 90 43.46 18.83 40.68
N CYS H 91 42.13 18.80 40.64
CA CYS H 91 41.40 17.56 40.40
C CYS H 91 40.03 17.91 39.84
N SER H 92 39.56 17.10 38.89
CA SER H 92 38.31 17.41 38.21
C SER H 92 37.72 16.17 37.55
N TYR H 93 36.40 16.17 37.44
CA TYR H 93 35.68 15.19 36.64
C TYR H 93 36.03 15.37 35.16
N ALA H 94 36.01 14.26 34.42
CA ALA H 94 36.44 14.28 33.02
C ALA H 94 35.52 13.48 32.11
N GLY H 95 34.22 13.53 32.36
CA GLY H 95 33.30 12.83 31.48
C GLY H 95 33.43 11.32 31.63
N SER H 96 32.62 10.61 30.82
CA SER H 96 32.41 9.19 31.01
C SER H 96 32.03 8.97 32.47
N SER H 97 32.90 8.34 33.26
CA SER H 97 32.90 8.54 34.71
C SER H 97 34.33 8.30 35.16
N THR H 98 35.11 9.38 35.27
CA THR H 98 36.53 9.31 35.58
C THR H 98 36.91 10.52 36.41
N VAL H 99 38.07 10.44 37.04
CA VAL H 99 38.62 11.52 37.86
C VAL H 99 40.08 11.71 37.46
N VAL H 100 40.48 12.96 37.27
CA VAL H 100 41.79 13.31 36.72
C VAL H 100 42.45 14.32 37.67
N PHE H 101 43.78 14.33 37.66
CA PHE H 101 44.60 15.19 38.49
C PHE H 101 45.46 16.08 37.60
N GLY H 102 46.29 16.92 38.23
CA GLY H 102 47.16 17.80 37.48
C GLY H 102 48.23 18.45 38.33
N GLY H 103 49.38 18.68 37.71
CA GLY H 103 50.37 19.60 38.24
C GLY H 103 51.24 19.02 39.35
N GLY H 104 52.17 19.84 39.82
CA GLY H 104 53.06 19.50 40.92
C GLY H 104 53.34 20.68 41.84
N THR H 105 52.35 21.56 42.04
CA THR H 105 52.62 22.92 42.50
C THR H 105 53.16 22.99 43.93
N LYS H 106 54.48 23.00 44.05
CA LYS H 106 55.17 23.19 45.33
C LYS H 106 55.12 24.65 45.74
N LEU H 107 54.40 24.95 46.82
CA LEU H 107 54.48 26.28 47.41
C LEU H 107 55.83 26.44 48.10
N THR H 108 56.36 27.66 48.05
CA THR H 108 57.64 27.98 48.67
C THR H 108 57.50 29.31 49.39
N VAL H 109 57.99 29.35 50.64
CA VAL H 109 57.79 30.48 51.54
C VAL H 109 59.08 30.79 52.27
N LEU H 110 59.79 31.83 51.83
CA LEU H 110 61.02 32.26 52.50
C LEU H 110 60.70 33.32 53.55
N GLU I 2 -44.30 34.81 -40.40
CA GLU I 2 -43.13 35.00 -41.30
C GLU I 2 -41.85 35.12 -40.50
N ASN I 3 -41.76 36.18 -39.70
CA ASN I 3 -40.57 36.41 -38.90
C ASN I 3 -40.56 35.48 -37.68
N LEU I 4 -39.48 34.71 -37.54
CA LEU I 4 -39.30 33.81 -36.42
C LEU I 4 -37.87 33.93 -35.93
N TRP I 5 -37.70 33.99 -34.62
CA TRP I 5 -36.41 34.18 -33.98
C TRP I 5 -36.03 32.95 -33.18
N VAL I 6 -34.73 32.64 -33.16
CA VAL I 6 -34.25 31.45 -32.47
C VAL I 6 -34.32 31.66 -30.96
N THR I 7 -34.75 30.62 -30.25
CA THR I 7 -34.92 30.65 -28.80
C THR I 7 -34.25 29.42 -28.22
N VAL I 8 -33.70 29.57 -27.00
CA VAL I 8 -32.97 28.52 -26.32
C VAL I 8 -33.76 28.05 -25.11
N TYR I 9 -33.92 26.74 -25.00
CA TYR I 9 -34.58 26.10 -23.87
C TYR I 9 -33.56 25.30 -23.09
N TYR I 10 -33.68 25.33 -21.77
CA TYR I 10 -32.85 24.55 -20.86
C TYR I 10 -33.77 23.76 -19.94
N GLY I 11 -33.26 22.65 -19.42
CA GLY I 11 -34.10 21.70 -18.70
C GLY I 11 -34.90 20.80 -19.60
N VAL I 12 -34.42 20.53 -20.80
CA VAL I 12 -35.21 19.79 -21.80
C VAL I 12 -35.19 18.30 -21.45
N PRO I 13 -36.25 17.52 -21.77
CA PRO I 13 -36.13 16.05 -21.65
C PRO I 13 -35.50 15.40 -22.89
N VAL I 14 -34.17 15.44 -22.95
CA VAL I 14 -33.39 14.88 -24.04
C VAL I 14 -32.22 14.13 -23.43
N TRP I 15 -31.79 13.06 -24.10
CA TRP I 15 -30.73 12.22 -23.56
C TRP I 15 -29.95 11.55 -24.69
N LYS I 16 -28.80 11.00 -24.32
CA LYS I 16 -28.05 10.05 -25.14
C LYS I 16 -27.58 8.91 -24.26
N GLU I 17 -27.49 7.71 -24.82
CA GLU I 17 -26.90 6.59 -24.08
C GLU I 17 -25.38 6.74 -24.08
N ALA I 18 -24.77 6.65 -22.90
CA ALA I 18 -23.38 7.01 -22.74
C ALA I 18 -22.79 6.28 -21.54
N LYS I 19 -21.47 6.38 -21.42
CA LYS I 19 -20.72 5.69 -20.37
C LYS I 19 -20.61 6.53 -19.11
N THR I 20 -20.52 5.86 -17.96
CA THR I 20 -20.19 6.52 -16.71
C THR I 20 -19.95 5.47 -15.63
N THR I 21 -19.26 5.89 -14.57
CA THR I 21 -19.20 5.10 -13.35
C THR I 21 -20.49 5.28 -12.56
N LEU I 22 -20.90 4.20 -11.89
CA LEU I 22 -22.13 4.15 -11.12
C LEU I 22 -21.82 3.87 -9.66
N PHE I 23 -22.68 4.38 -8.78
CA PHE I 23 -22.52 4.18 -7.36
C PHE I 23 -22.78 2.72 -7.02
N CYS I 24 -22.39 2.30 -5.82
CA CYS I 24 -23.09 1.21 -5.16
C CYS I 24 -24.44 1.72 -4.67
N ALA I 25 -25.22 0.81 -4.09
CA ALA I 25 -26.24 1.16 -3.12
C ALA I 25 -26.76 -0.12 -2.49
N SER I 26 -27.17 -0.03 -1.24
CA SER I 26 -27.59 -1.21 -0.49
C SER I 26 -28.66 -0.80 0.51
N ASP I 27 -29.46 -1.78 0.91
CA ASP I 27 -30.51 -1.52 1.88
C ASP I 27 -29.91 -1.27 3.26
N ALA I 28 -30.72 -0.70 4.15
CA ALA I 28 -30.19 -0.19 5.41
C ALA I 28 -29.91 -1.30 6.42
N ARG I 29 -30.53 -2.48 6.25
CA ARG I 29 -30.43 -3.50 7.30
C ARG I 29 -29.03 -4.04 7.46
N ALA I 30 -28.24 -4.06 6.38
CA ALA I 30 -26.90 -4.65 6.44
C ALA I 30 -25.95 -3.84 7.32
N TYR I 31 -26.28 -2.59 7.63
CA TYR I 31 -25.34 -1.70 8.31
C TYR I 31 -25.27 -1.94 9.82
N GLU I 32 -25.92 -2.99 10.33
CA GLU I 32 -25.72 -3.37 11.72
C GLU I 32 -24.39 -4.10 11.93
N LYS I 33 -23.76 -4.57 10.86
CA LYS I 33 -22.62 -5.47 10.96
C LYS I 33 -21.32 -4.69 11.12
N GLU I 34 -20.20 -5.42 11.15
CA GLU I 34 -18.91 -4.84 11.48
C GLU I 34 -18.23 -4.29 10.24
N VAL I 35 -17.01 -3.75 10.44
CA VAL I 35 -16.21 -3.28 9.32
C VAL I 35 -15.61 -4.48 8.58
N HIS I 36 -15.45 -4.31 7.27
CA HIS I 36 -14.93 -5.35 6.36
C HIS I 36 -15.89 -6.52 6.19
N ASN I 37 -17.07 -6.47 6.84
CA ASN I 37 -18.02 -7.58 6.85
C ASN I 37 -19.42 -6.97 6.69
N VAL I 38 -19.87 -6.73 5.46
CA VAL I 38 -19.21 -6.89 4.15
C VAL I 38 -19.32 -5.62 3.31
N TRP I 39 -18.58 -5.65 2.19
CA TRP I 39 -18.53 -4.61 1.17
C TRP I 39 -19.87 -3.93 0.86
N ALA I 40 -20.96 -4.70 0.84
CA ALA I 40 -22.27 -4.10 0.64
C ALA I 40 -22.59 -3.05 1.68
N THR I 41 -22.00 -3.17 2.87
CA THR I 41 -21.97 -2.12 3.89
C THR I 41 -20.66 -1.36 3.89
N HIS I 42 -19.53 -2.06 3.79
CA HIS I 42 -18.23 -1.46 4.05
C HIS I 42 -17.73 -0.59 2.90
N ALA I 43 -18.17 -0.87 1.66
CA ALA I 43 -17.66 -0.18 0.48
C ALA I 43 -18.77 0.36 -0.41
N CYS I 44 -19.94 0.64 0.15
CA CYS I 44 -21.13 0.96 -0.63
C CYS I 44 -22.06 1.84 0.19
N VAL I 45 -22.78 2.71 -0.51
CA VAL I 45 -23.53 3.79 0.14
C VAL I 45 -24.87 3.24 0.65
N PRO I 46 -25.37 3.67 1.82
CA PRO I 46 -26.75 3.30 2.19
C PRO I 46 -27.75 4.06 1.34
N THR I 47 -28.80 3.36 0.92
CA THR I 47 -29.80 3.96 0.02
C THR I 47 -31.13 3.22 0.16
N ASP I 48 -32.18 3.97 0.48
CA ASP I 48 -33.53 3.48 0.24
C ASP I 48 -33.78 3.49 -1.26
N PRO I 49 -34.38 2.42 -1.86
CA PRO I 49 -34.59 2.48 -3.31
C PRO I 49 -35.59 3.56 -3.72
N SER I 50 -35.13 4.80 -3.67
CA SER I 50 -35.91 6.00 -3.91
C SER I 50 -35.08 6.92 -4.82
N PRO I 51 -35.74 7.73 -5.67
CA PRO I 51 -37.18 7.86 -5.95
C PRO I 51 -37.76 6.63 -6.65
N GLN I 52 -39.05 6.39 -6.46
CA GLN I 52 -39.66 5.15 -6.93
C GLN I 52 -39.71 5.13 -8.46
N GLU I 53 -40.16 4.01 -8.99
CA GLU I 53 -40.21 3.84 -10.43
C GLU I 53 -41.26 4.75 -11.04
N LEU I 54 -40.89 5.43 -12.12
CA LEU I 54 -41.79 6.30 -12.88
C LEU I 54 -41.81 5.84 -14.32
N VAL I 55 -42.97 5.36 -14.77
CA VAL I 55 -43.12 4.93 -16.15
C VAL I 55 -43.22 6.15 -17.05
N LEU I 56 -42.63 6.07 -18.23
CA LEU I 56 -42.70 7.12 -19.24
C LEU I 56 -43.83 6.79 -20.20
N GLY I 57 -44.70 7.76 -20.44
CA GLY I 57 -45.92 7.53 -21.19
C GLY I 57 -45.70 7.06 -22.62
N ASN I 58 -44.65 7.53 -23.28
CA ASN I 58 -44.39 7.17 -24.67
C ASN I 58 -42.93 7.48 -24.95
N VAL I 59 -42.17 6.47 -25.37
CA VAL I 59 -40.74 6.63 -25.66
C VAL I 59 -40.39 5.78 -26.87
N THR I 60 -39.54 6.34 -27.74
CA THR I 60 -38.92 5.58 -28.83
C THR I 60 -37.50 5.25 -28.39
N GLU I 61 -37.20 3.95 -28.27
CA GLU I 61 -36.01 3.49 -27.58
C GLU I 61 -35.48 2.22 -28.24
N ASN I 62 -34.16 2.02 -28.14
CA ASN I 62 -33.50 0.81 -28.60
C ASN I 62 -32.51 0.34 -27.54
N PHE I 63 -32.25 -0.96 -27.52
CA PHE I 63 -31.47 -1.62 -26.48
C PHE I 63 -30.51 -2.63 -27.09
N ASN I 64 -29.56 -3.06 -26.27
CA ASN I 64 -28.68 -4.19 -26.60
C ASN I 64 -28.00 -4.62 -25.31
N MET I 65 -28.20 -5.87 -24.90
CA MET I 65 -27.76 -6.32 -23.59
C MET I 65 -26.37 -6.94 -23.61
N TRP I 66 -25.81 -7.26 -24.78
CA TRP I 66 -24.49 -7.85 -24.87
C TRP I 66 -23.37 -6.83 -24.99
N LYS I 67 -23.65 -5.66 -25.56
CA LYS I 67 -22.68 -4.58 -25.63
C LYS I 67 -22.80 -3.60 -24.46
N ASN I 68 -23.66 -3.88 -23.48
CA ASN I 68 -23.82 -3.00 -22.32
C ASN I 68 -22.53 -2.90 -21.52
N ASP I 69 -22.17 -1.68 -21.12
CA ASP I 69 -20.95 -1.46 -20.36
C ASP I 69 -21.15 -1.63 -18.86
N MET I 70 -22.40 -1.63 -18.39
CA MET I 70 -22.65 -1.73 -16.96
C MET I 70 -22.16 -3.06 -16.40
N VAL I 71 -22.31 -4.14 -17.16
CA VAL I 71 -21.84 -5.44 -16.70
C VAL I 71 -20.30 -5.50 -16.63
N ASP I 72 -19.61 -4.89 -17.59
CA ASP I 72 -18.16 -4.79 -17.51
C ASP I 72 -17.73 -3.96 -16.31
N GLN I 73 -18.45 -2.88 -16.02
CA GLN I 73 -18.16 -2.10 -14.82
C GLN I 73 -18.36 -2.92 -13.56
N MET I 74 -19.42 -3.72 -13.52
CA MET I 74 -19.67 -4.59 -12.37
C MET I 74 -18.56 -5.61 -12.19
N HIS I 75 -18.09 -6.19 -13.30
CA HIS I 75 -16.95 -7.11 -13.21
C HIS I 75 -15.72 -6.41 -12.66
N GLU I 76 -15.41 -5.22 -13.18
CA GLU I 76 -14.26 -4.47 -12.67
C GLU I 76 -14.40 -4.22 -11.17
N ASP I 77 -15.59 -3.80 -10.74
CA ASP I 77 -15.81 -3.53 -9.33
C ASP I 77 -15.58 -4.77 -8.49
N ILE I 78 -16.13 -5.91 -8.91
CA ILE I 78 -16.06 -7.12 -8.09
C ILE I 78 -14.62 -7.62 -8.01
N ILE I 79 -13.90 -7.65 -9.13
CA ILE I 79 -12.52 -8.13 -9.09
C ILE I 79 -11.65 -7.21 -8.24
N SER I 80 -11.71 -5.90 -8.51
CA SER I 80 -10.85 -4.97 -7.77
C SER I 80 -11.23 -4.91 -6.30
N LEU I 81 -12.49 -5.23 -5.96
CA LEU I 81 -12.90 -5.23 -4.57
C LEU I 81 -12.48 -6.52 -3.86
N TRP I 82 -12.51 -7.65 -4.57
CA TRP I 82 -12.01 -8.89 -3.99
C TRP I 82 -10.53 -8.77 -3.66
N ASP I 83 -9.78 -8.11 -4.56
CA ASP I 83 -8.37 -7.86 -4.31
C ASP I 83 -8.17 -7.06 -3.02
N GLN I 84 -9.02 -6.05 -2.81
CA GLN I 84 -8.96 -5.28 -1.57
C GLN I 84 -9.33 -6.13 -0.36
N SER I 85 -10.34 -6.98 -0.50
CA SER I 85 -10.81 -7.79 0.62
C SER I 85 -9.81 -8.85 1.04
N LEU I 86 -8.94 -9.30 0.14
CA LEU I 86 -7.93 -10.29 0.50
C LEU I 86 -6.65 -9.67 1.05
N LYS I 87 -6.52 -8.34 1.03
CA LYS I 87 -5.33 -7.67 1.55
C LYS I 87 -5.08 -7.91 3.04
N PRO I 88 -6.05 -7.71 3.94
CA PRO I 88 -5.73 -7.69 5.37
C PRO I 88 -5.53 -9.06 6.02
N CYS I 89 -5.41 -10.15 5.25
CA CYS I 89 -5.32 -11.49 5.79
C CYS I 89 -3.95 -12.11 5.50
N VAL I 90 -3.62 -13.12 6.29
CA VAL I 90 -2.29 -13.75 6.21
C VAL I 90 -2.14 -14.42 4.85
N LYS I 91 -0.90 -14.40 4.32
CA LYS I 91 -0.63 -14.90 2.98
C LYS I 91 -0.05 -16.31 3.02
N LEU I 92 -0.31 -17.04 4.10
CA LEU I 92 0.30 -18.34 4.36
C LEU I 92 1.81 -18.25 4.15
N THR I 93 2.40 -19.11 3.26
CA THR I 93 3.77 -19.13 2.73
C THR I 93 4.65 -20.19 3.42
N PRO I 94 4.67 -20.31 4.75
CA PRO I 94 5.44 -21.43 5.33
C PRO I 94 4.94 -22.81 4.97
N LEU I 95 3.68 -22.96 4.55
CA LEU I 95 3.09 -24.28 4.40
C LEU I 95 3.56 -25.02 3.16
N CYS I 96 4.46 -24.46 2.35
CA CYS I 96 4.99 -25.22 1.22
C CYS I 96 6.11 -26.16 1.61
N VAL I 97 6.37 -26.34 2.92
CA VAL I 97 7.15 -27.47 3.38
C VAL I 97 6.50 -28.76 2.87
N THR I 98 7.32 -29.80 2.74
CA THR I 98 6.80 -31.10 2.29
C THR I 98 5.77 -31.63 3.27
N LEU I 99 4.72 -32.23 2.71
CA LEU I 99 3.70 -32.94 3.48
C LEU I 99 3.97 -34.43 3.34
N ILE I 100 4.13 -35.11 4.47
CA ILE I 100 4.26 -36.57 4.52
C ILE I 100 2.92 -37.12 4.98
N CYS I 101 2.19 -37.73 4.07
CA CYS I 101 0.80 -38.13 4.27
C CYS I 101 0.69 -39.64 4.20
N SER I 102 -0.03 -40.22 5.16
CA SER I 102 -0.15 -41.67 5.26
C SER I 102 -0.79 -42.25 4.01
N ASN I 103 -0.20 -43.34 3.50
CA ASN I 103 -0.64 -43.96 2.25
C ASN I 103 -1.76 -44.95 2.55
N ALA I 104 -2.96 -44.40 2.72
CA ALA I 104 -4.13 -45.23 3.00
C ALA I 104 -4.59 -45.94 1.73
N THR I 105 -5.10 -47.16 1.90
CA THR I 105 -5.65 -47.95 0.81
C THR I 105 -6.96 -48.59 1.27
N VAL I 106 -7.96 -48.58 0.39
CA VAL I 106 -9.30 -49.05 0.69
C VAL I 106 -9.78 -49.94 -0.45
N LYS I 107 -10.76 -50.79 -0.16
CA LYS I 107 -11.36 -51.64 -1.18
C LYS I 107 -12.44 -50.90 -1.95
N ASN I 108 -12.09 -49.75 -2.52
CA ASN I 108 -13.03 -48.88 -3.24
C ASN I 108 -14.22 -48.52 -2.34
N GLY I 109 -13.88 -47.78 -1.29
CA GLY I 109 -14.87 -47.41 -0.27
C GLY I 109 -16.05 -46.64 -0.78
N THR I 110 -15.93 -45.97 -1.93
CA THR I 110 -17.01 -45.20 -2.55
C THR I 110 -17.40 -43.96 -1.73
N VAL I 111 -16.57 -43.59 -0.75
CA VAL I 111 -16.74 -42.33 -0.02
C VAL I 111 -15.36 -41.71 0.14
N GLU I 112 -15.22 -40.43 -0.18
CA GLU I 112 -13.91 -39.84 -0.42
C GLU I 112 -13.18 -39.66 0.92
N GLU I 113 -12.01 -40.28 1.04
CA GLU I 113 -11.40 -40.43 2.37
C GLU I 113 -10.66 -39.20 2.85
N MET I 114 -10.16 -38.35 1.95
CA MET I 114 -9.21 -37.30 2.28
C MET I 114 -7.88 -37.90 2.74
N LYS I 115 -6.84 -37.07 2.82
CA LYS I 115 -5.51 -37.49 3.24
C LYS I 115 -5.07 -36.71 4.46
N ASN I 116 -4.54 -37.44 5.43
CA ASN I 116 -4.11 -36.91 6.72
C ASN I 116 -2.59 -36.75 6.66
N CYS I 117 -2.14 -35.50 6.62
CA CYS I 117 -0.75 -35.16 6.39
C CYS I 117 -0.09 -34.67 7.68
N SER I 118 1.23 -34.52 7.62
CA SER I 118 2.04 -34.10 8.76
C SER I 118 3.20 -33.24 8.27
N PHE I 119 3.59 -32.27 9.09
CA PHE I 119 4.59 -31.29 8.66
C PHE I 119 5.05 -30.47 9.86
N ASN I 120 6.06 -29.63 9.61
CA ASN I 120 6.71 -28.83 10.65
C ASN I 120 6.19 -27.40 10.60
N THR I 121 6.01 -26.82 11.79
CA THR I 121 5.49 -25.46 11.93
C THR I 121 6.27 -24.73 13.02
N THR I 122 6.23 -23.41 12.96
CA THR I 122 6.94 -22.58 13.92
C THR I 122 6.14 -22.42 15.21
N THR I 123 6.82 -22.54 16.34
CA THR I 123 6.23 -22.28 17.64
C THR I 123 6.31 -20.78 17.92
N GLU I 124 6.11 -20.38 19.19
CA GLU I 124 6.20 -18.97 19.55
C GLU I 124 7.64 -18.37 19.40
N ILE I 125 8.64 -19.17 19.05
CA ILE I 125 10.00 -18.72 18.80
C ILE I 125 10.31 -18.97 17.32
N ARG I 126 11.08 -18.05 16.73
CA ARG I 126 11.51 -18.21 15.34
C ARG I 126 12.27 -19.51 15.09
N ASP I 127 13.02 -20.00 16.08
CA ASP I 127 14.07 -20.99 15.84
C ASP I 127 13.69 -22.43 16.18
N LYS I 128 12.65 -22.66 16.98
CA LYS I 128 12.18 -24.01 17.30
C LYS I 128 10.91 -24.30 16.52
N GLU I 129 10.89 -25.42 15.81
CA GLU I 129 9.72 -25.91 15.10
C GLU I 129 9.07 -27.03 15.90
N LYS I 130 7.92 -27.49 15.40
CA LYS I 130 7.22 -28.63 15.97
C LYS I 130 6.45 -29.35 14.87
N LYS I 131 6.29 -30.66 15.04
CA LYS I 131 5.49 -31.43 14.10
C LYS I 131 4.01 -31.14 14.32
N GLU I 132 3.28 -31.05 13.21
CA GLU I 132 1.84 -30.79 13.22
C GLU I 132 1.18 -31.75 12.25
N TYR I 133 -0.15 -31.74 12.24
CA TYR I 133 -0.92 -32.53 11.29
C TYR I 133 -2.19 -31.77 10.94
N ALA I 134 -2.75 -32.11 9.78
CA ALA I 134 -3.99 -31.48 9.33
C ALA I 134 -4.56 -32.30 8.18
N LEU I 135 -5.83 -32.65 8.28
CA LEU I 135 -6.51 -33.34 7.19
C LEU I 135 -6.78 -32.38 6.05
N PHE I 136 -6.41 -32.78 4.84
CA PHE I 136 -6.58 -31.97 3.64
C PHE I 136 -7.37 -32.76 2.61
N TYR I 137 -8.21 -32.05 1.87
CA TYR I 137 -8.92 -32.67 0.75
C TYR I 137 -7.91 -33.08 -0.31
N LYS I 138 -8.18 -34.22 -0.95
CA LYS I 138 -7.25 -34.79 -1.92
C LYS I 138 -6.95 -33.89 -3.12
N PRO I 139 -7.90 -33.20 -3.74
CA PRO I 139 -7.58 -32.43 -4.97
C PRO I 139 -6.54 -31.34 -4.78
N ASP I 140 -6.34 -30.84 -3.57
CA ASP I 140 -5.38 -29.78 -3.30
C ASP I 140 -3.98 -30.28 -2.96
N ILE I 141 -3.77 -31.60 -2.99
CA ILE I 141 -2.51 -32.20 -2.55
C ILE I 141 -1.92 -32.96 -3.73
N VAL I 142 -0.69 -32.63 -4.08
CA VAL I 142 -0.03 -33.11 -5.30
C VAL I 142 1.17 -33.96 -4.89
N PRO I 143 1.41 -35.13 -5.51
CA PRO I 143 2.66 -35.84 -5.24
C PRO I 143 3.88 -35.07 -5.73
N LEU I 144 5.01 -35.28 -5.06
CA LEU I 144 6.21 -34.49 -5.27
C LEU I 144 7.27 -35.22 -6.10
N SER I 145 7.46 -36.51 -5.86
CA SER I 145 8.57 -37.23 -6.48
C SER I 145 8.29 -37.50 -7.96
N GLU I 146 9.36 -37.47 -8.75
CA GLU I 146 9.29 -38.02 -10.10
C GLU I 146 9.31 -39.54 -10.09
N THR I 147 9.93 -40.14 -9.08
CA THR I 147 9.87 -41.58 -8.89
C THR I 147 8.49 -41.99 -8.41
N ASN I 148 8.32 -43.30 -8.21
CA ASN I 148 7.05 -43.85 -7.74
C ASN I 148 6.91 -43.81 -6.22
N ASN I 149 7.13 -42.65 -5.61
CA ASN I 149 6.97 -42.51 -4.16
C ASN I 149 5.52 -42.21 -3.82
N THR I 150 5.11 -42.66 -2.63
CA THR I 150 3.77 -42.43 -2.10
C THR I 150 3.78 -41.77 -0.72
N SER I 151 4.96 -41.53 -0.14
CA SER I 151 5.03 -41.04 1.24
C SER I 151 4.91 -39.53 1.33
N GLU I 152 5.38 -38.80 0.33
CA GLU I 152 5.60 -37.35 0.42
C GLU I 152 4.66 -36.62 -0.54
N TYR I 153 4.31 -35.39 -0.19
CA TYR I 153 3.32 -34.62 -0.92
C TYR I 153 3.57 -33.13 -0.71
N ARG I 154 2.86 -32.31 -1.48
CA ARG I 154 2.93 -30.86 -1.37
C ARG I 154 1.58 -30.26 -1.77
N LEU I 155 1.34 -29.03 -1.33
CA LEU I 155 0.12 -28.33 -1.72
C LEU I 155 0.15 -28.00 -3.20
N ILE I 156 -1.03 -27.88 -3.80
CA ILE I 156 -1.13 -27.61 -5.24
C ILE I 156 -0.54 -26.25 -5.57
N ASN I 157 -0.58 -25.30 -4.63
CA ASN I 157 -0.06 -23.96 -4.87
C ASN I 157 1.47 -23.94 -4.72
N CYS I 158 2.05 -22.75 -4.67
CA CYS I 158 3.50 -22.50 -4.82
C CYS I 158 4.13 -23.31 -5.96
N ASN I 159 3.37 -23.46 -7.04
CA ASN I 159 3.92 -23.51 -8.37
C ASN I 159 3.47 -22.29 -9.18
N THR I 160 2.51 -21.50 -8.68
CA THR I 160 1.99 -20.32 -9.35
C THR I 160 2.14 -19.07 -8.48
N SER I 161 1.83 -19.20 -7.20
CA SER I 161 1.86 -18.06 -6.27
C SER I 161 1.63 -18.57 -4.86
N ALA I 162 1.68 -17.64 -3.91
CA ALA I 162 1.41 -17.95 -2.51
C ALA I 162 -0.03 -17.56 -2.20
N CYS I 163 -0.83 -18.54 -1.78
CA CYS I 163 -2.24 -18.30 -1.51
C CYS I 163 -2.41 -17.54 -0.20
N THR I 164 -3.55 -16.89 -0.06
CA THR I 164 -3.88 -16.09 1.11
C THR I 164 -5.14 -16.64 1.77
N GLN I 165 -5.04 -16.94 3.07
CA GLN I 165 -6.20 -17.41 3.81
C GLN I 165 -7.24 -16.31 3.89
N ALA I 166 -8.49 -16.66 3.63
CA ALA I 166 -9.58 -15.72 3.86
C ALA I 166 -9.87 -15.65 5.35
N CYS I 167 -9.88 -14.44 5.90
CA CYS I 167 -10.14 -14.27 7.32
C CYS I 167 -11.55 -14.75 7.63
N PRO I 168 -11.76 -15.59 8.66
CA PRO I 168 -13.14 -16.03 8.96
C PRO I 168 -14.04 -14.91 9.46
N LYS I 169 -13.50 -13.75 9.78
CA LYS I 169 -14.32 -12.63 10.26
C LYS I 169 -15.18 -12.04 9.15
N VAL I 170 -14.83 -12.26 7.88
CA VAL I 170 -15.54 -11.70 6.74
C VAL I 170 -16.17 -12.84 5.97
N THR I 171 -17.46 -12.70 5.66
CA THR I 171 -18.24 -13.79 5.07
C THR I 171 -18.24 -13.68 3.54
N PHE I 172 -19.02 -14.56 2.91
CA PHE I 172 -19.14 -14.64 1.46
C PHE I 172 -20.59 -14.62 0.99
N GLU I 173 -21.53 -14.23 1.85
CA GLU I 173 -22.94 -14.30 1.48
C GLU I 173 -23.25 -13.28 0.38
N PRO I 174 -24.20 -13.58 -0.53
CA PRO I 174 -24.48 -12.65 -1.64
C PRO I 174 -25.49 -11.57 -1.27
N ILE I 175 -25.02 -10.57 -0.53
CA ILE I 175 -25.87 -9.46 -0.11
C ILE I 175 -26.26 -8.68 -1.36
N PRO I 176 -27.53 -8.28 -1.55
CA PRO I 176 -27.89 -7.60 -2.80
C PRO I 176 -27.20 -6.25 -2.93
N ILE I 177 -26.91 -5.88 -4.18
CA ILE I 177 -26.32 -4.60 -4.52
C ILE I 177 -27.28 -3.84 -5.41
N HIS I 178 -27.43 -2.55 -5.15
CA HIS I 178 -28.22 -1.64 -5.96
C HIS I 178 -27.27 -0.70 -6.67
N TYR I 179 -27.39 -0.61 -8.00
CA TYR I 179 -26.54 0.26 -8.80
C TYR I 179 -27.29 1.54 -9.13
N CYS I 180 -26.75 2.67 -8.71
CA CYS I 180 -27.37 3.97 -8.82
C CYS I 180 -26.51 4.85 -9.73
N ALA I 181 -27.16 5.50 -10.71
CA ALA I 181 -26.40 6.38 -11.59
C ALA I 181 -26.21 7.75 -10.94
N PRO I 182 -25.11 8.45 -11.23
CA PRO I 182 -24.89 9.75 -10.58
C PRO I 182 -25.78 10.82 -11.19
N ALA I 183 -25.65 12.03 -10.63
CA ALA I 183 -26.44 13.16 -11.10
C ALA I 183 -26.07 13.49 -12.54
N GLY I 184 -27.06 14.02 -13.29
CA GLY I 184 -26.90 14.30 -14.69
C GLY I 184 -27.14 13.13 -15.61
N TYR I 185 -27.31 11.93 -15.07
CA TYR I 185 -27.55 10.71 -15.83
C TYR I 185 -28.92 10.15 -15.46
N ALA I 186 -29.31 9.09 -16.17
CA ALA I 186 -30.52 8.36 -15.84
C ALA I 186 -30.37 6.93 -16.35
N ILE I 187 -31.17 6.04 -15.77
CA ILE I 187 -31.28 4.65 -16.22
C ILE I 187 -32.69 4.46 -16.75
N LEU I 188 -32.79 4.01 -18.00
CA LEU I 188 -34.05 3.73 -18.64
C LEU I 188 -34.27 2.22 -18.64
N LYS I 189 -35.36 1.78 -18.02
CA LYS I 189 -35.65 0.38 -17.77
C LYS I 189 -36.67 -0.11 -18.79
N CYS I 190 -36.28 -1.09 -19.60
CA CYS I 190 -37.21 -1.67 -20.57
C CYS I 190 -38.25 -2.48 -19.82
N ASN I 191 -39.45 -1.90 -19.67
CA ASN I 191 -40.54 -2.54 -18.96
C ASN I 191 -41.31 -3.52 -19.83
N ASP I 192 -40.88 -3.76 -21.07
CA ASP I 192 -41.60 -4.63 -21.98
C ASP I 192 -41.48 -6.08 -21.52
N GLU I 193 -42.56 -6.84 -21.69
CA GLU I 193 -42.64 -8.19 -21.14
C GLU I 193 -42.23 -9.27 -22.14
N THR I 194 -41.89 -8.89 -23.38
CA THR I 194 -41.50 -9.83 -24.43
C THR I 194 -40.12 -9.55 -25.00
N PHE I 195 -39.30 -8.76 -24.31
CA PHE I 195 -37.99 -8.40 -24.84
C PHE I 195 -37.06 -9.61 -24.86
N ASN I 196 -36.27 -9.72 -25.93
CA ASN I 196 -35.48 -10.90 -26.22
C ASN I 196 -33.99 -10.62 -26.34
N GLY I 197 -33.54 -9.41 -25.98
CA GLY I 197 -32.14 -9.10 -25.85
C GLY I 197 -31.57 -8.14 -26.86
N THR I 198 -32.41 -7.51 -27.68
CA THR I 198 -31.95 -6.51 -28.65
C THR I 198 -33.17 -5.81 -29.23
N GLY I 199 -32.90 -4.85 -30.12
CA GLY I 199 -33.94 -4.20 -30.87
C GLY I 199 -34.68 -3.13 -30.09
N PRO I 200 -35.82 -2.68 -30.61
CA PRO I 200 -36.59 -1.63 -29.92
C PRO I 200 -37.43 -2.18 -28.78
N CYS I 201 -37.65 -1.33 -27.78
CA CYS I 201 -38.51 -1.64 -26.65
C CYS I 201 -39.87 -0.97 -26.85
N SER I 202 -40.92 -1.62 -26.36
CA SER I 202 -42.27 -1.09 -26.50
C SER I 202 -42.68 -0.23 -25.32
N ASN I 203 -42.18 -0.55 -24.11
CA ASN I 203 -42.59 0.14 -22.89
C ASN I 203 -41.36 0.33 -22.03
N VAL I 204 -41.13 1.57 -21.59
CA VAL I 204 -39.91 1.96 -20.90
C VAL I 204 -40.26 2.74 -19.65
N SER I 205 -39.44 2.57 -18.61
CA SER I 205 -39.55 3.32 -17.37
C SER I 205 -38.18 3.89 -17.01
N THR I 206 -38.17 4.75 -16.00
CA THR I 206 -36.94 5.31 -15.46
C THR I 206 -36.89 5.07 -13.96
N VAL I 207 -35.71 4.64 -13.50
CA VAL I 207 -35.46 4.32 -12.10
C VAL I 207 -34.10 4.85 -11.73
N GLN I 208 -34.02 5.48 -10.54
CA GLN I 208 -32.75 6.03 -10.10
C GLN I 208 -31.76 4.94 -9.71
N CYS I 209 -32.23 3.84 -9.12
CA CYS I 209 -31.38 2.81 -8.57
C CYS I 209 -31.91 1.42 -8.93
N THR I 210 -31.08 0.66 -9.64
CA THR I 210 -31.44 -0.71 -10.01
C THR I 210 -31.58 -1.57 -8.77
N HIS I 211 -32.55 -2.48 -8.78
CA HIS I 211 -32.94 -3.21 -7.58
C HIS I 211 -32.49 -4.67 -7.64
N GLY I 212 -31.71 -5.07 -6.65
CA GLY I 212 -31.58 -6.49 -6.30
C GLY I 212 -30.67 -7.31 -7.18
N ILE I 213 -29.47 -6.82 -7.48
CA ILE I 213 -28.46 -7.65 -8.13
C ILE I 213 -27.67 -8.37 -7.05
N ARG I 214 -27.66 -9.71 -7.13
CA ARG I 214 -26.97 -10.54 -6.16
C ARG I 214 -25.66 -11.03 -6.77
N PRO I 215 -24.48 -10.66 -6.24
CA PRO I 215 -23.25 -11.24 -6.82
C PRO I 215 -23.06 -12.70 -6.38
N VAL I 216 -23.76 -13.58 -7.08
CA VAL I 216 -23.69 -15.03 -6.86
C VAL I 216 -23.06 -15.64 -8.11
N VAL I 217 -22.01 -16.44 -7.90
CA VAL I 217 -21.17 -16.94 -8.97
C VAL I 217 -21.40 -18.44 -9.10
N SER I 218 -21.75 -18.88 -10.30
CA SER I 218 -21.87 -20.30 -10.61
C SER I 218 -21.53 -20.49 -12.08
N THR I 219 -21.15 -21.72 -12.43
CA THR I 219 -20.65 -22.01 -13.77
C THR I 219 -21.75 -22.44 -14.74
N GLN I 220 -22.65 -23.35 -14.31
CA GLN I 220 -23.62 -23.94 -15.22
C GLN I 220 -25.05 -23.54 -14.86
N LEU I 221 -25.47 -23.82 -13.63
CA LEU I 221 -26.79 -23.38 -13.18
C LEU I 221 -26.68 -22.02 -12.51
N LEU I 222 -27.73 -21.21 -12.67
CA LEU I 222 -27.82 -19.89 -12.06
C LEU I 222 -28.69 -20.00 -10.82
N LEU I 223 -28.15 -19.56 -9.68
CA LEU I 223 -28.79 -19.76 -8.38
C LEU I 223 -29.31 -18.43 -7.83
N ASN I 224 -30.54 -18.47 -7.32
CA ASN I 224 -31.15 -17.33 -6.61
C ASN I 224 -31.27 -16.09 -7.49
N GLY I 225 -31.48 -16.27 -8.80
CA GLY I 225 -31.69 -15.15 -9.68
C GLY I 225 -33.15 -14.73 -9.75
N SER I 226 -33.39 -13.60 -10.39
CA SER I 226 -34.75 -13.12 -10.59
C SER I 226 -35.46 -13.97 -11.65
N LEU I 227 -36.78 -14.03 -11.53
CA LEU I 227 -37.62 -14.88 -12.38
C LEU I 227 -38.28 -14.07 -13.47
N ALA I 228 -38.41 -14.68 -14.65
CA ALA I 228 -39.02 -14.01 -15.78
C ALA I 228 -40.53 -13.90 -15.61
N GLU I 229 -41.14 -13.07 -16.45
CA GLU I 229 -42.57 -12.78 -16.35
C GLU I 229 -43.43 -13.77 -17.13
N LYS I 230 -42.87 -14.43 -18.14
CA LYS I 230 -43.64 -15.11 -19.17
C LYS I 230 -42.81 -16.29 -19.66
N GLU I 231 -43.04 -16.75 -20.89
CA GLU I 231 -42.37 -17.91 -21.48
C GLU I 231 -40.88 -17.94 -21.19
N ILE I 232 -40.31 -19.13 -21.20
CA ILE I 232 -38.92 -19.33 -20.82
C ILE I 232 -38.09 -18.81 -21.98
N VAL I 233 -37.75 -17.52 -21.92
CA VAL I 233 -37.12 -16.84 -23.06
C VAL I 233 -35.70 -17.34 -23.24
N ILE I 234 -35.33 -17.59 -24.49
CA ILE I 234 -33.96 -17.86 -24.87
C ILE I 234 -33.32 -16.54 -25.31
N ARG I 235 -32.10 -16.29 -24.86
CA ARG I 235 -31.32 -15.11 -25.23
C ARG I 235 -29.95 -15.55 -25.75
N SER I 236 -29.53 -14.94 -26.86
CA SER I 236 -28.22 -15.20 -27.41
C SER I 236 -27.80 -14.02 -28.27
N GLU I 237 -26.51 -13.67 -28.19
CA GLU I 237 -26.00 -12.58 -29.02
C GLU I 237 -26.08 -12.92 -30.50
N ASN I 238 -25.87 -14.19 -30.85
CA ASN I 238 -25.94 -14.65 -32.22
C ASN I 238 -26.28 -16.14 -32.20
N LEU I 239 -26.86 -16.62 -33.30
CA LEU I 239 -27.12 -18.04 -33.49
C LEU I 239 -26.53 -18.55 -34.80
N THR I 240 -25.86 -17.69 -35.58
CA THR I 240 -24.96 -18.17 -36.62
C THR I 240 -23.64 -18.60 -36.03
N ASN I 241 -23.13 -17.83 -35.06
CA ASN I 241 -21.93 -18.20 -34.31
C ASN I 241 -22.35 -19.09 -33.15
N ASN I 242 -22.22 -20.40 -33.36
CA ASN I 242 -22.65 -21.36 -32.36
C ASN I 242 -21.84 -21.24 -31.07
N ALA I 243 -20.61 -20.73 -31.15
CA ALA I 243 -19.78 -20.60 -29.97
C ALA I 243 -20.32 -19.56 -28.99
N LYS I 244 -21.18 -18.65 -29.43
CA LYS I 244 -21.79 -17.69 -28.52
C LYS I 244 -22.60 -18.43 -27.46
N ILE I 245 -22.32 -18.13 -26.20
CA ILE I 245 -23.02 -18.79 -25.10
C ILE I 245 -24.49 -18.39 -25.11
N ILE I 246 -25.36 -19.37 -24.90
CA ILE I 246 -26.80 -19.21 -24.97
C ILE I 246 -27.36 -19.29 -23.55
N ILE I 247 -28.11 -18.27 -23.16
CA ILE I 247 -28.56 -18.09 -21.78
C ILE I 247 -30.06 -18.32 -21.75
N VAL I 248 -30.51 -19.20 -20.84
CA VAL I 248 -31.91 -19.55 -20.68
C VAL I 248 -32.39 -19.02 -19.34
N HIS I 249 -33.55 -18.36 -19.34
CA HIS I 249 -34.11 -17.70 -18.17
C HIS I 249 -35.47 -18.30 -17.88
N LEU I 250 -35.58 -19.01 -16.77
CA LEU I 250 -36.79 -19.78 -16.47
C LEU I 250 -37.91 -18.88 -15.98
N HIS I 251 -39.13 -19.42 -16.02
CA HIS I 251 -40.32 -18.73 -15.55
C HIS I 251 -40.66 -19.12 -14.11
N THR I 252 -40.50 -20.40 -13.76
CA THR I 252 -40.76 -20.92 -12.43
C THR I 252 -39.49 -21.59 -11.88
N PRO I 253 -39.32 -21.65 -10.56
CA PRO I 253 -38.05 -22.14 -10.02
C PRO I 253 -38.03 -23.64 -9.82
N VAL I 254 -36.82 -24.17 -9.72
CA VAL I 254 -36.56 -25.56 -9.36
C VAL I 254 -35.73 -25.55 -8.08
N GLU I 255 -36.25 -26.16 -7.03
CA GLU I 255 -35.54 -26.18 -5.75
C GLU I 255 -34.37 -27.15 -5.80
N ILE I 256 -33.23 -26.71 -5.26
CA ILE I 256 -32.03 -27.54 -5.13
C ILE I 256 -31.51 -27.38 -3.72
N VAL I 257 -31.13 -28.50 -3.11
CA VAL I 257 -30.55 -28.52 -1.76
C VAL I 257 -29.29 -29.36 -1.79
N CYS I 258 -28.21 -28.84 -1.22
CA CYS I 258 -26.92 -29.51 -1.15
C CYS I 258 -26.45 -29.51 0.30
N THR I 259 -25.59 -30.48 0.63
CA THR I 259 -25.17 -30.66 2.01
C THR I 259 -23.88 -31.46 2.06
N ARG I 260 -23.09 -31.21 3.11
CA ARG I 260 -21.96 -32.04 3.48
C ARG I 260 -22.32 -32.78 4.77
N PRO I 261 -22.67 -34.07 4.75
CA PRO I 261 -23.03 -34.73 6.01
C PRO I 261 -21.89 -34.83 7.01
N ASN I 262 -20.64 -34.70 6.57
CA ASN I 262 -19.51 -34.91 7.47
C ASN I 262 -19.44 -33.83 8.52
N ASN I 263 -19.10 -34.23 9.75
CA ASN I 263 -18.97 -33.32 10.88
C ASN I 263 -17.50 -32.96 11.10
N ASN I 264 -17.00 -32.09 10.22
CA ASN I 264 -15.62 -31.65 10.33
C ASN I 264 -15.44 -30.78 11.57
N THR I 265 -14.18 -30.65 12.00
CA THR I 265 -13.83 -29.84 13.16
C THR I 265 -12.59 -29.02 12.85
N ARG I 266 -12.65 -27.73 13.18
CA ARG I 266 -11.56 -26.82 12.90
C ARG I 266 -10.34 -27.16 13.76
N LYS I 267 -9.16 -26.84 13.23
CA LYS I 267 -7.91 -26.91 13.96
C LYS I 267 -7.17 -25.59 13.82
N SER I 268 -6.48 -25.19 14.88
CA SER I 268 -5.69 -23.96 14.91
C SER I 268 -4.22 -24.32 14.90
N VAL I 269 -3.53 -23.90 13.85
CA VAL I 269 -2.09 -24.13 13.68
C VAL I 269 -1.41 -22.76 13.63
N ARG I 270 -0.55 -22.49 14.61
CA ARG I 270 0.14 -21.22 14.67
C ARG I 270 1.25 -21.17 13.63
N ILE I 271 1.30 -20.07 12.88
CA ILE I 271 2.31 -19.87 11.85
C ILE I 271 2.95 -18.50 12.05
N GLY I 272 4.04 -18.46 12.80
CA GLY I 272 4.74 -17.21 13.01
C GLY I 272 3.99 -16.28 13.95
N PRO I 273 4.52 -15.07 14.13
CA PRO I 273 3.92 -14.16 15.12
C PRO I 273 2.58 -13.61 14.64
N GLY I 274 1.61 -13.60 15.56
CA GLY I 274 0.37 -12.87 15.37
C GLY I 274 -0.49 -13.34 14.22
N GLN I 275 -0.53 -14.63 13.92
CA GLN I 275 -1.38 -15.15 12.86
C GLN I 275 -1.47 -16.66 12.99
N THR I 276 -2.57 -17.22 12.49
CA THR I 276 -2.87 -18.64 12.63
C THR I 276 -3.33 -19.19 11.29
N PHE I 277 -3.13 -20.50 11.11
CA PHE I 277 -3.56 -21.24 9.93
C PHE I 277 -4.62 -22.25 10.35
N TYR I 278 -5.78 -22.20 9.68
CA TYR I 278 -6.93 -23.02 10.02
C TYR I 278 -7.05 -24.18 9.05
N ALA I 279 -7.27 -25.39 9.59
CA ALA I 279 -7.43 -26.59 8.79
C ALA I 279 -8.36 -27.54 9.53
N THR I 280 -8.66 -28.66 8.90
CA THR I 280 -9.52 -29.68 9.50
C THR I 280 -8.70 -30.54 10.44
N GLY I 281 -9.13 -30.64 11.69
CA GLY I 281 -8.40 -31.41 12.68
C GLY I 281 -8.83 -32.86 12.74
N ASP I 282 -10.14 -33.09 12.77
CA ASP I 282 -10.68 -34.44 12.86
C ASP I 282 -12.11 -34.44 12.34
N ILE I 283 -12.58 -35.62 11.97
CA ILE I 283 -13.96 -35.83 11.51
C ILE I 283 -14.68 -36.63 12.58
N ILE I 284 -15.67 -36.01 13.21
CA ILE I 284 -16.49 -36.70 14.19
C ILE I 284 -17.55 -37.52 13.45
N GLY I 285 -17.92 -38.66 14.03
CA GLY I 285 -18.90 -39.50 13.38
C GLY I 285 -18.29 -40.26 12.21
N ASP I 286 -19.18 -40.81 11.39
CA ASP I 286 -18.79 -41.63 10.25
C ASP I 286 -18.57 -40.76 9.01
N ILE I 287 -17.87 -41.33 8.04
CA ILE I 287 -17.52 -40.61 6.81
C ILE I 287 -18.59 -40.87 5.76
N LYS I 288 -19.04 -39.80 5.10
CA LYS I 288 -20.11 -39.90 4.12
C LYS I 288 -19.81 -38.94 2.96
N GLN I 289 -20.74 -38.89 2.01
CA GLN I 289 -20.53 -38.23 0.73
C GLN I 289 -21.41 -36.98 0.62
N ALA I 290 -20.81 -35.87 0.19
CA ALA I 290 -21.58 -34.66 -0.09
C ALA I 290 -22.30 -34.80 -1.42
N HIS I 291 -23.43 -34.09 -1.56
CA HIS I 291 -24.31 -34.30 -2.70
C HIS I 291 -25.23 -33.11 -2.87
N CYS I 292 -25.99 -33.13 -3.96
CA CYS I 292 -27.06 -32.18 -4.22
C CYS I 292 -28.29 -32.94 -4.68
N ASN I 293 -29.45 -32.56 -4.15
CA ASN I 293 -30.74 -33.17 -4.49
C ASN I 293 -31.60 -32.15 -5.23
N ILE I 294 -32.27 -32.61 -6.28
CA ILE I 294 -33.18 -31.81 -7.08
C ILE I 294 -34.48 -32.59 -7.26
N SER I 295 -35.61 -31.89 -7.19
CA SER I 295 -36.90 -32.52 -7.45
C SER I 295 -36.91 -33.08 -8.87
N GLU I 296 -37.41 -34.31 -9.01
CA GLU I 296 -37.22 -35.04 -10.26
C GLU I 296 -38.20 -34.59 -11.33
N GLU I 297 -39.51 -34.76 -11.08
CA GLU I 297 -40.49 -34.42 -12.10
C GLU I 297 -40.49 -32.93 -12.40
N LYS I 298 -40.16 -32.09 -11.42
CA LYS I 298 -40.04 -30.67 -11.69
C LYS I 298 -38.91 -30.38 -12.67
N TRP I 299 -37.75 -31.04 -12.53
CA TRP I 299 -36.69 -30.83 -13.51
C TRP I 299 -37.06 -31.38 -14.88
N ASN I 300 -37.73 -32.54 -14.92
CA ASN I 300 -38.16 -33.09 -16.20
C ASN I 300 -39.11 -32.12 -16.91
N ASP I 301 -40.10 -31.62 -16.18
CA ASP I 301 -41.03 -30.64 -16.73
C ASP I 301 -40.32 -29.37 -17.16
N THR I 302 -39.37 -28.91 -16.34
CA THR I 302 -38.64 -27.68 -16.67
C THR I 302 -37.84 -27.83 -17.94
N LEU I 303 -37.16 -28.97 -18.11
CA LEU I 303 -36.38 -29.19 -19.33
C LEU I 303 -37.27 -29.34 -20.55
N GLN I 304 -38.43 -30.02 -20.43
CA GLN I 304 -39.35 -30.06 -21.56
C GLN I 304 -39.91 -28.67 -21.89
N LYS I 305 -40.12 -27.85 -20.85
CA LYS I 305 -40.61 -26.49 -21.07
C LYS I 305 -39.56 -25.64 -21.78
N VAL I 306 -38.28 -25.83 -21.43
CA VAL I 306 -37.21 -25.21 -22.19
C VAL I 306 -37.20 -25.72 -23.62
N GLY I 307 -37.54 -26.99 -23.80
CA GLY I 307 -37.58 -27.56 -25.14
C GLY I 307 -38.61 -26.90 -26.04
N ILE I 308 -39.81 -26.68 -25.51
CA ILE I 308 -40.88 -26.12 -26.35
C ILE I 308 -40.56 -24.70 -26.78
N GLU I 309 -39.76 -23.96 -26.01
CA GLU I 309 -39.35 -22.61 -26.38
C GLU I 309 -38.09 -22.61 -27.24
N LEU I 310 -37.13 -23.49 -26.93
CA LEU I 310 -35.92 -23.60 -27.74
C LEU I 310 -36.20 -24.20 -29.11
N GLN I 311 -37.38 -24.82 -29.30
CA GLN I 311 -37.67 -25.52 -30.54
C GLN I 311 -37.71 -24.58 -31.74
N LYS I 312 -38.11 -23.32 -31.52
CA LYS I 312 -38.51 -22.46 -32.63
C LYS I 312 -37.33 -21.97 -33.45
N HIS I 313 -36.14 -21.82 -32.85
CA HIS I 313 -34.94 -21.44 -33.58
C HIS I 313 -34.12 -22.63 -34.06
N PHE I 314 -34.55 -23.84 -33.75
CA PHE I 314 -34.03 -25.07 -34.38
C PHE I 314 -35.25 -25.84 -34.90
N PRO I 315 -35.88 -25.35 -35.98
CA PRO I 315 -37.31 -25.63 -36.17
C PRO I 315 -37.66 -27.09 -36.39
N ASN I 316 -37.08 -27.73 -37.40
CA ASN I 316 -37.42 -29.11 -37.75
C ASN I 316 -36.62 -30.14 -36.97
N LYS I 317 -35.82 -29.71 -36.00
CA LYS I 317 -34.82 -30.56 -35.35
C LYS I 317 -35.23 -30.89 -33.92
N THR I 318 -34.51 -31.84 -33.34
CA THR I 318 -34.79 -32.30 -31.99
C THR I 318 -34.12 -31.39 -30.98
N ILE I 319 -34.68 -31.38 -29.76
CA ILE I 319 -34.05 -30.75 -28.61
C ILE I 319 -33.57 -31.89 -27.72
N LYS I 320 -32.32 -32.30 -27.93
CA LYS I 320 -31.71 -33.40 -27.20
C LYS I 320 -30.53 -32.86 -26.40
N TYR I 321 -30.36 -33.38 -25.19
CA TYR I 321 -29.40 -32.86 -24.23
C TYR I 321 -28.35 -33.89 -23.90
N ASN I 322 -27.16 -33.41 -23.56
CA ASN I 322 -26.02 -34.24 -23.24
C ASN I 322 -25.25 -33.59 -22.11
N GLN I 323 -24.32 -34.35 -21.52
CA GLN I 323 -23.43 -33.81 -20.50
C GLN I 323 -22.55 -32.71 -21.08
N SER I 324 -21.80 -32.02 -20.23
CA SER I 324 -20.74 -31.15 -20.73
C SER I 324 -19.73 -31.97 -21.51
N ALA I 325 -18.86 -31.28 -22.26
CA ALA I 325 -17.94 -31.96 -23.15
C ALA I 325 -16.67 -32.41 -22.45
N GLY I 326 -16.71 -32.57 -21.13
CA GLY I 326 -15.53 -32.99 -20.41
C GLY I 326 -14.58 -31.83 -20.23
N GLY I 327 -13.37 -32.18 -19.77
CA GLY I 327 -12.30 -31.22 -19.56
C GLY I 327 -11.97 -31.05 -18.09
N ASP I 328 -11.51 -29.84 -17.77
CA ASP I 328 -11.06 -29.53 -16.42
C ASP I 328 -12.23 -29.62 -15.44
N MET I 329 -11.91 -30.04 -14.21
CA MET I 329 -12.94 -30.18 -13.18
C MET I 329 -13.59 -28.83 -12.88
N GLU I 330 -12.81 -27.75 -12.90
CA GLU I 330 -13.37 -26.43 -12.61
C GLU I 330 -14.26 -25.91 -13.72
N ILE I 331 -14.21 -26.50 -14.91
CA ILE I 331 -15.04 -26.09 -16.04
C ILE I 331 -16.27 -26.98 -16.11
N THR I 332 -16.07 -28.30 -16.13
CA THR I 332 -17.17 -29.22 -16.38
C THR I 332 -18.18 -29.24 -15.24
N THR I 333 -17.74 -29.05 -14.00
CA THR I 333 -18.60 -29.24 -12.84
C THR I 333 -19.35 -27.96 -12.49
N HIS I 334 -20.55 -28.14 -11.95
CA HIS I 334 -21.35 -27.03 -11.44
C HIS I 334 -20.75 -26.57 -10.13
N SER I 335 -19.98 -25.48 -10.18
CA SER I 335 -19.18 -25.00 -9.06
C SER I 335 -19.86 -23.80 -8.42
N PHE I 336 -20.00 -23.84 -7.09
CA PHE I 336 -20.64 -22.76 -6.35
C PHE I 336 -20.19 -22.86 -4.90
N ASN I 337 -20.52 -21.82 -4.13
CA ASN I 337 -20.27 -21.81 -2.69
C ASN I 337 -21.55 -22.14 -1.93
N CYS I 338 -21.47 -23.15 -1.07
CA CYS I 338 -22.58 -23.59 -0.23
C CYS I 338 -22.45 -23.05 1.18
N GLY I 339 -22.37 -21.72 1.31
CA GLY I 339 -22.27 -21.10 2.62
C GLY I 339 -20.92 -21.20 3.28
N GLY I 340 -19.84 -21.36 2.51
CA GLY I 340 -18.50 -21.39 3.07
C GLY I 340 -17.56 -22.36 2.39
N GLU I 341 -18.10 -23.43 1.81
CA GLU I 341 -17.32 -24.43 1.09
C GLU I 341 -17.65 -24.37 -0.39
N PHE I 342 -16.63 -24.52 -1.22
CA PHE I 342 -16.77 -24.42 -2.68
C PHE I 342 -17.03 -25.82 -3.23
N PHE I 343 -18.30 -26.13 -3.49
CA PHE I 343 -18.68 -27.42 -4.03
C PHE I 343 -18.37 -27.48 -5.52
N TYR I 344 -18.17 -28.71 -6.02
CA TYR I 344 -17.95 -28.96 -7.44
C TYR I 344 -18.73 -30.22 -7.81
N CYS I 345 -19.85 -30.04 -8.51
CA CYS I 345 -20.82 -31.10 -8.73
C CYS I 345 -20.74 -31.66 -10.14
N ASN I 346 -20.80 -32.98 -10.25
CA ASN I 346 -20.93 -33.65 -11.54
C ASN I 346 -22.39 -33.65 -11.95
N THR I 347 -22.72 -32.96 -13.04
CA THR I 347 -24.09 -32.74 -13.47
C THR I 347 -24.63 -33.80 -14.42
N SER I 348 -23.88 -34.89 -14.65
CA SER I 348 -24.25 -35.83 -15.70
C SER I 348 -25.60 -36.50 -15.46
N ASN I 349 -26.05 -36.57 -14.20
CA ASN I 349 -27.38 -37.12 -13.94
C ASN I 349 -28.47 -36.21 -14.46
N LEU I 350 -28.23 -34.90 -14.51
CA LEU I 350 -29.29 -33.95 -14.86
C LEU I 350 -29.57 -33.92 -16.35
N PHE I 351 -28.53 -33.76 -17.17
CA PHE I 351 -28.70 -33.50 -18.59
C PHE I 351 -28.56 -34.78 -19.41
N ASN I 352 -29.63 -35.58 -19.46
CA ASN I 352 -29.61 -36.85 -20.20
C ASN I 352 -31.05 -37.16 -20.59
N GLY I 353 -31.37 -36.94 -21.86
CA GLY I 353 -32.71 -37.19 -22.34
C GLY I 353 -32.92 -36.54 -23.70
N THR I 354 -34.17 -36.59 -24.14
CA THR I 354 -34.55 -36.01 -25.42
C THR I 354 -36.03 -35.61 -25.36
N TYR I 355 -36.43 -34.78 -26.33
CA TYR I 355 -37.79 -34.24 -26.39
C TYR I 355 -38.33 -34.36 -27.80
N ASN I 356 -39.64 -34.59 -27.92
CA ASN I 356 -40.31 -34.87 -29.19
C ASN I 356 -41.50 -33.96 -29.43
N GLY I 357 -41.47 -32.73 -28.90
CA GLY I 357 -42.34 -31.68 -29.36
C GLY I 357 -43.75 -31.64 -28.81
N THR I 358 -44.07 -32.48 -27.82
CA THR I 358 -45.38 -32.46 -27.18
C THR I 358 -45.22 -32.45 -25.66
N TYR I 359 -46.04 -31.66 -24.99
CA TYR I 359 -45.96 -31.48 -23.55
C TYR I 359 -46.63 -32.65 -22.84
N ILE I 360 -46.08 -33.00 -21.67
CA ILE I 360 -46.46 -34.21 -20.94
C ILE I 360 -46.73 -33.82 -19.49
N SER I 361 -47.62 -34.56 -18.85
CA SER I 361 -48.07 -34.24 -17.50
C SER I 361 -47.09 -34.77 -16.45
N THR I 362 -47.35 -34.41 -15.19
CA THR I 362 -46.55 -34.87 -14.06
C THR I 362 -46.93 -36.26 -13.58
N ASN I 363 -48.02 -36.85 -14.09
CA ASN I 363 -48.45 -38.20 -13.76
C ASN I 363 -48.23 -39.10 -14.96
N SER I 364 -48.04 -40.40 -14.74
CA SER I 364 -48.03 -41.16 -13.49
C SER I 364 -46.75 -40.94 -12.69
N SER I 365 -46.83 -41.20 -11.38
CA SER I 365 -45.71 -41.02 -10.46
C SER I 365 -45.63 -42.20 -9.52
N ALA I 366 -44.46 -42.81 -9.41
CA ALA I 366 -44.25 -43.85 -8.41
C ALA I 366 -44.32 -43.26 -7.01
N ASN I 367 -43.62 -42.15 -6.79
CA ASN I 367 -43.72 -41.41 -5.53
C ASN I 367 -43.14 -40.02 -5.78
N SER I 368 -43.94 -38.98 -5.53
CA SER I 368 -43.54 -37.63 -5.88
C SER I 368 -42.40 -37.10 -5.01
N THR I 369 -42.09 -37.76 -3.90
CA THR I 369 -40.99 -37.32 -3.05
C THR I 369 -39.62 -37.74 -3.55
N SER I 370 -39.55 -38.57 -4.59
CA SER I 370 -38.26 -39.01 -5.12
C SER I 370 -37.53 -37.85 -5.78
N THR I 371 -36.20 -37.92 -5.74
CA THR I 371 -35.34 -36.83 -6.21
C THR I 371 -34.15 -37.40 -6.96
N ILE I 372 -33.71 -36.68 -7.99
CA ILE I 372 -32.43 -36.98 -8.62
C ILE I 372 -31.31 -36.40 -7.77
N THR I 373 -30.20 -37.13 -7.70
CA THR I 373 -29.08 -36.80 -6.83
C THR I 373 -27.81 -36.60 -7.64
N LEU I 374 -27.03 -35.60 -7.27
CA LEU I 374 -25.72 -35.32 -7.83
C LEU I 374 -24.66 -35.58 -6.77
N GLN I 375 -23.45 -35.92 -7.22
CA GLN I 375 -22.32 -36.17 -6.34
C GLN I 375 -21.25 -35.12 -6.58
N CYS I 376 -20.80 -34.47 -5.51
CA CYS I 376 -19.97 -33.28 -5.59
C CYS I 376 -18.75 -33.42 -4.69
N ARG I 377 -17.61 -32.93 -5.17
CA ARG I 377 -16.39 -32.83 -4.39
C ARG I 377 -16.32 -31.46 -3.71
N ILE I 378 -15.33 -31.30 -2.84
CA ILE I 378 -15.11 -30.06 -2.11
C ILE I 378 -13.63 -29.73 -2.15
N LYS I 379 -13.32 -28.44 -2.32
CA LYS I 379 -11.96 -27.94 -2.43
C LYS I 379 -11.73 -26.86 -1.39
N GLN I 380 -10.45 -26.49 -1.21
CA GLN I 380 -10.05 -25.40 -0.33
C GLN I 380 -9.13 -24.39 -1.00
N ILE I 381 -8.30 -24.81 -1.96
CA ILE I 381 -7.44 -23.90 -2.72
C ILE I 381 -8.22 -23.48 -3.96
N ILE I 382 -8.69 -22.24 -3.99
CA ILE I 382 -9.68 -21.77 -4.96
C ILE I 382 -9.03 -20.81 -5.94
N ASN I 383 -8.98 -21.20 -7.21
CA ASN I 383 -8.56 -20.35 -8.31
C ASN I 383 -9.73 -20.10 -9.24
N MET I 384 -10.22 -18.85 -9.23
CA MET I 384 -11.46 -18.49 -9.92
C MET I 384 -11.35 -17.32 -10.89
N TRP I 385 -10.64 -16.25 -10.51
CA TRP I 385 -10.50 -15.06 -11.33
C TRP I 385 -9.03 -14.70 -11.52
N GLN I 386 -8.72 -14.10 -12.67
CA GLN I 386 -7.36 -13.72 -13.02
C GLN I 386 -7.10 -12.25 -12.68
N GLY I 387 -5.86 -11.96 -12.32
CA GLY I 387 -5.46 -10.61 -11.97
C GLY I 387 -5.86 -10.16 -10.58
N VAL I 388 -6.43 -11.05 -9.77
CA VAL I 388 -6.95 -10.70 -8.44
C VAL I 388 -6.00 -11.23 -7.37
N GLY I 389 -4.76 -11.52 -7.76
CA GLY I 389 -3.90 -12.31 -6.90
C GLY I 389 -4.22 -13.78 -6.89
N ARG I 390 -5.14 -14.24 -7.75
CA ARG I 390 -5.61 -15.62 -7.88
C ARG I 390 -5.80 -16.33 -6.54
N CYS I 391 -5.02 -17.39 -6.26
CA CYS I 391 -5.51 -18.46 -5.41
C CYS I 391 -5.79 -17.99 -3.99
N MET I 392 -6.90 -18.49 -3.43
CA MET I 392 -7.34 -18.16 -2.09
C MET I 392 -7.58 -19.47 -1.35
N TYR I 393 -7.06 -19.57 -0.12
CA TYR I 393 -7.29 -20.73 0.73
C TYR I 393 -8.56 -20.50 1.55
N ALA I 394 -9.59 -21.28 1.27
CA ALA I 394 -10.84 -21.15 2.00
C ALA I 394 -10.71 -21.83 3.35
N PRO I 395 -11.01 -21.17 4.46
CA PRO I 395 -10.86 -21.82 5.77
C PRO I 395 -11.94 -22.87 5.96
N PRO I 396 -11.79 -23.75 6.96
CA PRO I 396 -12.84 -24.74 7.21
C PRO I 396 -13.96 -24.16 8.04
N ILE I 397 -15.09 -24.85 8.02
CA ILE I 397 -16.26 -24.50 8.82
C ILE I 397 -16.76 -25.76 9.52
N ALA I 398 -17.01 -25.65 10.82
CA ALA I 398 -17.32 -26.81 11.63
C ALA I 398 -18.77 -27.24 11.42
N GLY I 399 -19.12 -28.36 12.05
CA GLY I 399 -20.48 -28.85 11.99
C GLY I 399 -20.86 -29.30 10.58
N ASN I 400 -22.15 -29.19 10.28
CA ASN I 400 -22.72 -29.55 9.00
C ASN I 400 -23.42 -28.35 8.41
N ILE I 401 -23.65 -28.40 7.09
CA ILE I 401 -24.18 -27.26 6.35
C ILE I 401 -25.28 -27.69 5.40
N THR I 402 -26.16 -26.75 5.07
CA THR I 402 -27.18 -26.94 4.04
C THR I 402 -27.51 -25.58 3.45
N CYS I 403 -27.63 -25.54 2.13
CA CYS I 403 -27.76 -24.31 1.36
C CYS I 403 -28.88 -24.45 0.33
N ARG I 404 -30.07 -24.84 0.79
CA ARG I 404 -31.23 -24.95 -0.08
C ARG I 404 -31.47 -23.66 -0.86
N SER I 405 -31.61 -23.79 -2.17
CA SER I 405 -31.67 -22.64 -3.06
C SER I 405 -32.55 -22.98 -4.26
N ASN I 406 -32.72 -21.99 -5.14
CA ASN I 406 -33.59 -22.09 -6.30
C ASN I 406 -32.76 -22.01 -7.57
N ILE I 407 -33.07 -22.87 -8.54
CA ILE I 407 -32.48 -22.77 -9.88
C ILE I 407 -33.42 -21.95 -10.74
N THR I 408 -32.89 -20.90 -11.37
CA THR I 408 -33.69 -19.98 -12.19
C THR I 408 -33.02 -19.65 -13.52
N GLY I 409 -32.13 -20.50 -14.01
CA GLY I 409 -31.51 -20.26 -15.30
C GLY I 409 -30.52 -21.36 -15.64
N LEU I 410 -30.15 -21.40 -16.92
CA LEU I 410 -29.16 -22.33 -17.43
C LEU I 410 -28.21 -21.61 -18.36
N LEU I 411 -26.97 -22.08 -18.38
CA LEU I 411 -25.97 -21.66 -19.37
C LEU I 411 -25.56 -22.89 -20.17
N LEU I 412 -25.74 -22.80 -21.50
CA LEU I 412 -25.64 -23.95 -22.38
C LEU I 412 -24.71 -23.64 -23.55
N THR I 413 -24.35 -24.70 -24.28
CA THR I 413 -23.51 -24.58 -25.46
C THR I 413 -23.87 -25.70 -26.42
N ARG I 414 -23.66 -25.44 -27.70
CA ARG I 414 -24.14 -26.29 -28.79
C ARG I 414 -22.98 -26.75 -29.66
N ASP I 415 -23.02 -28.01 -30.06
CA ASP I 415 -22.01 -28.55 -30.96
C ASP I 415 -22.37 -28.21 -32.42
N GLY I 416 -21.55 -28.73 -33.33
CA GLY I 416 -21.76 -28.48 -34.75
C GLY I 416 -22.78 -29.42 -35.37
N GLY I 417 -23.07 -29.16 -36.65
CA GLY I 417 -24.03 -29.96 -37.39
C GLY I 417 -23.54 -31.39 -37.60
N THR I 418 -24.47 -32.31 -37.84
CA THR I 418 -24.15 -33.71 -38.07
C THR I 418 -25.05 -34.29 -39.15
N ASN I 419 -24.43 -34.80 -40.21
CA ASN I 419 -25.07 -35.68 -41.20
C ASN I 419 -26.39 -35.14 -41.76
N SER I 420 -26.58 -33.82 -41.72
CA SER I 420 -27.89 -33.23 -42.04
C SER I 420 -28.98 -33.83 -41.17
N ASN I 421 -28.65 -34.10 -39.90
CA ASN I 421 -29.48 -34.90 -39.01
C ASN I 421 -29.86 -34.05 -37.81
N GLU I 422 -31.03 -34.35 -37.24
CA GLU I 422 -31.67 -33.53 -36.22
C GLU I 422 -31.10 -33.71 -34.81
N THR I 423 -30.17 -34.64 -34.60
CA THR I 423 -29.71 -34.97 -33.25
C THR I 423 -28.59 -34.06 -32.74
N GLU I 424 -28.44 -32.86 -33.31
CA GLU I 424 -27.48 -31.90 -32.77
C GLU I 424 -27.89 -31.51 -31.36
N THR I 425 -26.95 -31.65 -30.42
CA THR I 425 -27.26 -31.68 -29.00
C THR I 425 -26.65 -30.50 -28.27
N PHE I 426 -27.22 -30.21 -27.10
CA PHE I 426 -26.80 -29.10 -26.26
C PHE I 426 -26.01 -29.62 -25.06
N ARG I 427 -25.10 -28.78 -24.56
CA ARG I 427 -24.23 -29.11 -23.44
C ARG I 427 -24.22 -27.96 -22.44
N PRO I 428 -24.21 -28.24 -21.13
CA PRO I 428 -23.94 -27.16 -20.18
C PRO I 428 -22.50 -26.69 -20.29
N ALA I 429 -22.30 -25.39 -20.06
CA ALA I 429 -20.95 -24.84 -20.04
C ALA I 429 -21.00 -23.44 -19.45
N GLY I 430 -19.82 -22.88 -19.21
CA GLY I 430 -19.70 -21.55 -18.66
C GLY I 430 -18.32 -21.30 -18.08
N GLY I 431 -18.12 -20.12 -17.49
CA GLY I 431 -16.85 -19.77 -16.89
C GLY I 431 -16.48 -18.31 -17.07
N ASP I 432 -17.07 -17.65 -18.05
CA ASP I 432 -16.94 -16.21 -18.21
C ASP I 432 -17.89 -15.57 -17.22
N MET I 433 -17.35 -14.87 -16.22
CA MET I 433 -18.16 -14.40 -15.11
C MET I 433 -19.20 -13.38 -15.56
N ARG I 434 -18.93 -12.67 -16.66
CA ARG I 434 -19.86 -11.67 -17.16
C ARG I 434 -21.24 -12.26 -17.45
N ASP I 435 -21.27 -13.49 -17.98
CA ASP I 435 -22.54 -14.09 -18.36
C ASP I 435 -23.45 -14.29 -17.16
N ASN I 436 -22.88 -14.50 -15.97
CA ASN I 436 -23.69 -14.60 -14.77
C ASN I 436 -24.41 -13.29 -14.48
N TRP I 437 -23.66 -12.18 -14.46
CA TRP I 437 -24.27 -10.91 -14.10
C TRP I 437 -25.09 -10.35 -15.25
N ARG I 438 -24.72 -10.69 -16.50
CA ARG I 438 -25.47 -10.23 -17.65
C ARG I 438 -26.91 -10.71 -17.64
N SER I 439 -27.17 -11.86 -17.00
CA SER I 439 -28.51 -12.39 -16.91
C SER I 439 -29.44 -11.50 -16.09
N GLU I 440 -28.90 -10.72 -15.15
CA GLU I 440 -29.69 -9.83 -14.31
C GLU I 440 -29.78 -8.41 -14.84
N LEU I 441 -28.84 -7.98 -15.67
CA LEU I 441 -28.77 -6.61 -16.18
C LEU I 441 -29.33 -6.47 -17.59
N TYR I 442 -30.07 -7.47 -18.09
CA TYR I 442 -30.69 -7.36 -19.41
C TYR I 442 -31.75 -6.27 -19.49
N LYS I 443 -32.23 -5.77 -18.35
CA LYS I 443 -33.30 -4.79 -18.36
C LYS I 443 -32.81 -3.36 -18.58
N TYR I 444 -31.66 -3.00 -18.02
CA TYR I 444 -31.30 -1.61 -17.78
C TYR I 444 -30.36 -1.07 -18.86
N LYS I 445 -30.30 0.27 -18.93
CA LYS I 445 -29.39 0.99 -19.79
C LYS I 445 -29.27 2.43 -19.28
N VAL I 446 -28.06 2.98 -19.34
CA VAL I 446 -27.76 4.29 -18.77
C VAL I 446 -27.86 5.33 -19.87
N VAL I 447 -28.15 6.58 -19.49
CA VAL I 447 -28.17 7.69 -20.43
C VAL I 447 -27.61 8.94 -19.77
N LYS I 448 -27.07 9.83 -20.61
CA LYS I 448 -26.63 11.16 -20.21
C LYS I 448 -27.69 12.17 -20.66
N ILE I 449 -28.13 13.02 -19.74
CA ILE I 449 -29.10 14.05 -20.07
C ILE I 449 -28.38 15.22 -20.73
N GLU I 450 -28.92 15.68 -21.87
CA GLU I 450 -28.42 16.83 -22.59
C GLU I 450 -29.50 17.91 -22.51
N PRO I 451 -29.56 18.65 -21.39
CA PRO I 451 -30.77 19.46 -21.11
C PRO I 451 -30.84 20.79 -21.84
N LEU I 452 -29.90 21.13 -22.72
CA LEU I 452 -29.89 22.40 -23.43
C LEU I 452 -30.26 22.17 -24.89
N GLY I 453 -31.17 23.00 -25.41
CA GLY I 453 -31.68 22.83 -26.76
C GLY I 453 -32.10 24.15 -27.38
N VAL I 454 -32.52 24.06 -28.64
CA VAL I 454 -32.77 25.23 -29.47
C VAL I 454 -34.03 24.98 -30.30
N ALA I 455 -34.81 26.03 -30.54
CA ALA I 455 -35.98 25.96 -31.40
C ALA I 455 -36.49 27.38 -31.63
N PRO I 456 -37.27 27.61 -32.70
CA PRO I 456 -37.81 28.95 -32.95
C PRO I 456 -39.18 29.16 -32.33
N THR I 457 -39.56 30.44 -32.26
CA THR I 457 -40.91 30.82 -31.87
C THR I 457 -41.08 32.31 -32.16
N ARG I 458 -42.34 32.74 -32.20
CA ARG I 458 -42.66 34.12 -32.52
C ARG I 458 -42.34 35.04 -31.33
N CYS I 459 -41.07 35.27 -31.07
CA CYS I 459 -40.66 36.12 -29.95
C CYS I 459 -39.28 36.69 -30.25
N LYS I 460 -39.22 37.95 -30.65
CA LYS I 460 -37.95 38.66 -30.68
C LYS I 460 -37.47 38.91 -29.25
N ARG I 461 -36.22 39.32 -29.12
CA ARG I 461 -35.76 39.85 -27.84
C ARG I 461 -36.23 41.30 -27.69
N ARG I 462 -36.46 41.70 -26.43
CA ARG I 462 -36.98 43.04 -26.18
C ARG I 462 -35.98 44.10 -26.59
N VAL I 463 -34.68 43.81 -26.51
CA VAL I 463 -33.66 44.78 -26.82
C VAL I 463 -33.67 45.11 -28.31
N LEU J 9 -44.95 14.82 -13.22
CA LEU J 9 -44.13 14.36 -14.35
C LEU J 9 -42.68 14.07 -13.96
N GLY J 10 -42.14 14.74 -12.95
CA GLY J 10 -40.86 14.34 -12.41
C GLY J 10 -39.72 14.50 -13.40
N PHE J 11 -38.76 13.58 -13.31
CA PHE J 11 -37.48 13.72 -14.02
C PHE J 11 -37.67 13.69 -15.54
N LEU J 12 -38.36 12.67 -16.06
CA LEU J 12 -38.46 12.50 -17.51
C LEU J 12 -39.87 12.13 -17.97
N GLY J 13 -40.90 12.35 -17.15
CA GLY J 13 -42.25 12.06 -17.59
C GLY J 13 -42.70 12.90 -18.77
N ALA J 14 -42.15 14.10 -18.93
CA ALA J 14 -42.50 14.95 -20.06
C ALA J 14 -41.91 14.47 -21.38
N ALA J 15 -40.98 13.52 -21.36
CA ALA J 15 -40.39 13.02 -22.60
C ALA J 15 -41.45 12.29 -23.42
N GLY J 16 -41.39 12.48 -24.73
CA GLY J 16 -42.34 11.86 -25.64
C GLY J 16 -43.58 12.70 -25.86
N SER J 17 -44.09 13.31 -24.80
CA SER J 17 -45.17 14.27 -24.94
C SER J 17 -44.71 15.44 -25.80
N THR J 18 -45.68 16.21 -26.29
CA THR J 18 -45.39 17.24 -27.28
C THR J 18 -44.47 18.32 -26.71
N MET J 19 -43.85 19.08 -27.61
CA MET J 19 -42.99 20.17 -27.18
C MET J 19 -43.77 21.23 -26.41
N GLY J 20 -45.05 21.40 -26.73
CA GLY J 20 -45.87 22.31 -25.94
C GLY J 20 -46.02 21.85 -24.51
N ALA J 21 -46.23 20.55 -24.31
CA ALA J 21 -46.33 20.01 -22.96
C ALA J 21 -45.00 20.11 -22.22
N ALA J 22 -43.90 19.79 -22.92
CA ALA J 22 -42.59 19.79 -22.29
C ALA J 22 -42.03 21.20 -22.09
N SER J 23 -42.62 22.22 -22.72
CA SER J 23 -42.18 23.59 -22.48
C SER J 23 -42.36 23.98 -21.03
N MET J 24 -43.39 23.46 -20.37
CA MET J 24 -43.58 23.57 -18.94
C MET J 24 -42.89 22.40 -18.24
N THR J 25 -42.69 22.54 -16.93
CA THR J 25 -42.01 21.59 -16.07
C THR J 25 -40.52 21.51 -16.35
N LEU J 26 -39.92 22.56 -16.93
CA LEU J 26 -38.47 22.57 -17.10
C LEU J 26 -37.76 22.65 -15.76
N THR J 27 -38.39 23.30 -14.77
CA THR J 27 -37.76 23.48 -13.46
C THR J 27 -37.56 22.14 -12.77
N VAL J 28 -38.36 21.13 -13.09
CA VAL J 28 -38.22 19.84 -12.44
C VAL J 28 -36.91 19.16 -12.85
N GLN J 29 -36.48 19.36 -14.09
CA GLN J 29 -35.23 18.77 -14.56
C GLN J 29 -34.01 19.60 -14.16
N ALA J 30 -34.15 20.93 -14.09
CA ALA J 30 -33.03 21.76 -13.69
C ALA J 30 -32.62 21.50 -12.24
N ARG J 31 -33.59 21.10 -11.40
CA ARG J 31 -33.36 20.89 -9.98
C ARG J 31 -32.70 19.54 -9.66
N ASN J 32 -32.37 18.73 -10.67
CA ASN J 32 -31.99 17.34 -10.48
C ASN J 32 -30.53 17.11 -10.84
N LEU J 33 -29.63 17.96 -10.35
CA LEU J 33 -28.18 17.84 -10.54
C LEU J 33 -27.48 17.80 -9.18
N LEU J 34 -28.01 16.96 -8.28
CA LEU J 34 -27.35 16.59 -7.03
C LEU J 34 -27.52 15.10 -6.83
N SER J 35 -26.48 14.43 -6.34
CA SER J 35 -26.59 13.04 -5.93
C SER J 35 -25.32 12.59 -5.24
N GLY J 36 -25.48 11.69 -4.27
CA GLY J 36 -24.42 10.78 -3.87
C GLY J 36 -23.62 11.18 -2.65
N THR J 37 -23.13 10.16 -1.97
CA THR J 37 -22.01 10.25 -1.05
C THR J 37 -21.08 9.08 -1.36
N VAL J 38 -19.83 9.20 -0.92
CA VAL J 38 -18.69 8.60 -1.62
C VAL J 38 -18.11 7.45 -0.83
N TRP J 39 -17.83 6.34 -1.53
CA TRP J 39 -16.75 5.42 -1.21
C TRP J 39 -15.75 5.45 -2.35
N GLY J 40 -14.47 5.50 -2.01
CA GLY J 40 -13.44 5.43 -3.03
C GLY J 40 -13.36 6.68 -3.88
N ILE J 41 -12.42 6.69 -4.84
CA ILE J 41 -12.23 7.88 -5.66
C ILE J 41 -13.17 7.90 -6.86
N LYS J 42 -13.79 6.76 -7.19
CA LYS J 42 -14.71 6.72 -8.34
C LYS J 42 -15.90 7.63 -8.13
N GLN J 43 -16.52 7.57 -6.95
CA GLN J 43 -17.70 8.39 -6.68
C GLN J 43 -17.33 9.86 -6.57
N LEU J 44 -16.15 10.16 -6.03
CA LEU J 44 -15.70 11.56 -6.00
C LEU J 44 -15.47 12.08 -7.41
N GLN J 45 -14.90 11.22 -8.28
CA GLN J 45 -14.77 11.56 -9.69
C GLN J 45 -16.13 11.87 -10.29
N ALA J 46 -17.13 11.06 -9.96
CA ALA J 46 -18.48 11.32 -10.45
C ALA J 46 -19.00 12.67 -9.98
N ARG J 47 -18.77 13.01 -8.71
CA ARG J 47 -19.21 14.30 -8.19
C ARG J 47 -18.56 15.46 -8.93
N VAL J 48 -17.23 15.41 -9.09
CA VAL J 48 -16.54 16.52 -9.74
C VAL J 48 -16.95 16.61 -11.21
N LEU J 49 -17.13 15.47 -11.87
CA LEU J 49 -17.59 15.47 -13.26
C LEU J 49 -18.96 16.11 -13.37
N ALA J 50 -19.87 15.79 -12.45
CA ALA J 50 -21.20 16.37 -12.48
C ALA J 50 -21.15 17.88 -12.28
N VAL J 51 -20.33 18.34 -11.34
CA VAL J 51 -20.26 19.78 -11.07
C VAL J 51 -19.71 20.52 -12.28
N GLU J 52 -18.63 20.00 -12.87
CA GLU J 52 -18.04 20.64 -14.03
C GLU J 52 -19.01 20.64 -15.21
N ARG J 53 -19.70 19.51 -15.43
CA ARG J 53 -20.65 19.41 -16.53
C ARG J 53 -21.81 20.36 -16.36
N TYR J 54 -22.28 20.56 -15.12
CA TYR J 54 -23.35 21.53 -14.90
C TYR J 54 -22.87 22.95 -15.15
N LEU J 55 -21.68 23.30 -14.63
CA LEU J 55 -21.19 24.66 -14.82
C LEU J 55 -20.90 24.95 -16.29
N ARG J 56 -20.59 23.92 -17.08
CA ARG J 56 -20.41 24.11 -18.52
C ARG J 56 -21.66 24.70 -19.15
N ASP J 57 -22.82 24.10 -18.87
CA ASP J 57 -24.06 24.61 -19.41
C ASP J 57 -24.42 25.95 -18.79
N GLN J 58 -24.18 26.10 -17.48
CA GLN J 58 -24.59 27.33 -16.79
C GLN J 58 -23.84 28.55 -17.32
N GLN J 59 -22.53 28.43 -17.50
CA GLN J 59 -21.71 29.57 -17.87
C GLN J 59 -21.76 29.79 -19.38
N LEU J 60 -22.32 28.83 -20.13
CA LEU J 60 -22.41 28.93 -21.58
C LEU J 60 -23.75 29.53 -21.95
N LEU J 61 -24.81 29.15 -21.23
CA LEU J 61 -26.11 29.79 -21.43
C LEU J 61 -26.06 31.26 -21.02
N GLY J 62 -25.28 31.58 -19.99
CA GLY J 62 -25.17 32.95 -19.54
C GLY J 62 -24.53 33.88 -20.56
N ILE J 63 -23.57 33.36 -21.33
CA ILE J 63 -22.87 34.20 -22.31
C ILE J 63 -23.81 34.69 -23.39
N TRP J 64 -24.90 33.97 -23.65
CA TRP J 64 -25.91 34.43 -24.61
C TRP J 64 -26.89 35.44 -24.01
N GLY J 65 -26.60 36.00 -22.83
CA GLY J 65 -27.49 36.95 -22.20
C GLY J 65 -28.70 36.34 -21.54
N CYS J 66 -28.78 35.01 -21.47
CA CYS J 66 -29.94 34.33 -20.92
C CYS J 66 -29.76 34.06 -19.42
N SER J 67 -29.48 35.12 -18.67
CA SER J 67 -29.47 35.02 -17.22
C SER J 67 -30.87 34.99 -16.63
N GLY J 68 -31.91 35.25 -17.44
CA GLY J 68 -33.28 35.10 -17.00
C GLY J 68 -33.71 33.65 -16.98
N LYS J 69 -33.03 32.84 -16.16
CA LYS J 69 -33.27 31.41 -16.06
C LYS J 69 -33.19 30.70 -17.42
N LEU J 70 -34.31 30.13 -17.91
CA LEU J 70 -34.18 28.96 -18.79
C LEU J 70 -35.12 28.98 -19.99
N ILE J 71 -35.81 30.08 -20.27
CA ILE J 71 -36.40 30.34 -21.58
C ILE J 71 -36.04 31.77 -21.95
N CYS J 72 -35.48 31.94 -23.14
CA CYS J 72 -34.74 33.17 -23.45
C CYS J 72 -34.77 33.41 -24.96
N CYS J 73 -35.55 34.40 -25.37
CA CYS J 73 -35.58 34.80 -26.77
C CYS J 73 -34.31 35.57 -27.14
N THR J 74 -33.89 35.39 -28.39
CA THR J 74 -32.68 36.01 -28.92
C THR J 74 -33.00 36.72 -30.23
N ASN J 75 -32.16 37.69 -30.58
CA ASN J 75 -32.38 38.51 -31.76
C ASN J 75 -32.09 37.76 -33.06
N VAL J 76 -31.37 36.65 -33.02
CA VAL J 76 -30.96 35.96 -34.24
C VAL J 76 -32.19 35.40 -34.94
N PRO J 77 -32.37 35.60 -36.25
CA PRO J 77 -33.51 34.97 -36.93
C PRO J 77 -33.22 33.51 -37.28
N TRP J 78 -34.29 32.77 -37.52
CA TRP J 78 -34.19 31.36 -37.88
C TRP J 78 -34.06 31.20 -39.38
N ASN J 79 -32.96 30.58 -39.82
CA ASN J 79 -32.74 30.26 -41.22
C ASN J 79 -33.60 29.04 -41.55
N SER J 80 -34.58 29.23 -42.43
CA SER J 80 -35.60 28.20 -42.64
C SER J 80 -35.02 26.94 -43.27
N SER J 81 -33.83 27.03 -43.88
CA SER J 81 -33.21 25.84 -44.46
C SER J 81 -32.89 24.79 -43.40
N TRP J 82 -32.72 25.21 -42.14
CA TRP J 82 -32.42 24.26 -41.07
C TRP J 82 -33.54 23.26 -40.85
N SER J 83 -34.80 23.69 -40.94
CA SER J 83 -35.95 22.82 -40.68
C SER J 83 -36.90 22.78 -41.87
N ASN J 84 -37.11 23.93 -42.52
CA ASN J 84 -38.10 24.05 -43.61
C ASN J 84 -39.48 23.64 -43.14
N ARG J 85 -39.97 24.33 -42.09
CA ARG J 85 -41.21 23.97 -41.44
C ARG J 85 -41.93 25.19 -40.91
N ASN J 86 -43.24 25.06 -40.78
CA ASN J 86 -44.09 26.07 -40.14
C ASN J 86 -44.11 25.81 -38.64
N LEU J 87 -44.40 26.87 -37.87
CA LEU J 87 -44.38 26.78 -36.41
C LEU J 87 -45.35 25.73 -35.87
N SER J 88 -46.39 25.37 -36.62
CA SER J 88 -47.31 24.33 -36.16
C SER J 88 -46.66 22.95 -36.23
N GLU J 89 -45.99 22.65 -37.35
CA GLU J 89 -45.39 21.33 -37.52
C GLU J 89 -44.21 21.11 -36.58
N ILE J 90 -43.50 22.19 -36.21
CA ILE J 90 -42.38 22.05 -35.29
C ILE J 90 -42.89 21.68 -33.89
N TRP J 91 -44.03 22.23 -33.49
CA TRP J 91 -44.36 22.40 -32.08
C TRP J 91 -45.57 21.59 -31.63
N ASP J 92 -46.63 21.55 -32.44
CA ASP J 92 -47.92 21.04 -31.98
C ASP J 92 -47.97 19.52 -31.82
N ASN J 93 -47.15 18.78 -32.57
CA ASN J 93 -47.24 17.31 -32.61
C ASN J 93 -45.92 16.65 -32.25
N MET J 94 -44.81 17.25 -32.65
CA MET J 94 -43.50 16.67 -32.39
C MET J 94 -43.17 16.73 -30.90
N THR J 95 -42.16 15.96 -30.51
CA THR J 95 -41.62 15.96 -29.16
C THR J 95 -40.17 16.42 -29.18
N TRP J 96 -39.73 16.98 -28.04
CA TRP J 96 -38.37 17.48 -27.92
C TRP J 96 -37.35 16.38 -28.19
N LEU J 97 -37.67 15.15 -27.78
CA LEU J 97 -36.70 14.07 -27.75
C LEU J 97 -36.21 13.72 -29.15
N GLN J 98 -37.09 13.75 -30.15
CA GLN J 98 -36.70 13.54 -31.53
C GLN J 98 -36.27 14.83 -32.22
N TRP J 99 -36.77 15.98 -31.74
CA TRP J 99 -36.38 17.26 -32.33
C TRP J 99 -34.90 17.50 -32.14
N ASP J 100 -34.35 17.10 -30.99
CA ASP J 100 -32.90 17.22 -30.79
C ASP J 100 -32.14 16.39 -31.80
N LYS J 101 -32.61 15.17 -32.09
CA LYS J 101 -31.97 14.34 -33.11
C LYS J 101 -32.05 15.02 -34.48
N GLU J 102 -33.21 15.58 -34.82
CA GLU J 102 -33.38 16.21 -36.13
C GLU J 102 -32.48 17.42 -36.28
N ILE J 103 -32.36 18.25 -35.24
CA ILE J 103 -31.55 19.46 -35.31
C ILE J 103 -30.07 19.23 -35.00
N SER J 104 -29.64 17.98 -34.82
CA SER J 104 -28.35 17.72 -34.21
C SER J 104 -27.16 18.20 -35.06
N ASN J 105 -27.39 18.46 -36.35
CA ASN J 105 -26.25 18.67 -37.26
C ASN J 105 -25.76 20.11 -37.22
N TYR J 106 -26.66 21.08 -37.04
CA TYR J 106 -26.39 22.47 -37.38
C TYR J 106 -25.86 23.31 -36.23
N THR J 107 -25.49 22.71 -35.10
CA THR J 107 -25.44 23.45 -33.83
C THR J 107 -24.31 24.48 -33.79
N GLN J 108 -23.20 24.24 -34.48
CA GLN J 108 -22.04 25.11 -34.31
C GLN J 108 -22.30 26.53 -34.79
N ILE J 109 -22.89 26.68 -35.97
CA ILE J 109 -23.18 28.01 -36.49
C ILE J 109 -24.19 28.73 -35.59
N ILE J 110 -25.17 27.98 -35.07
CA ILE J 110 -26.18 28.58 -34.21
C ILE J 110 -25.53 29.12 -32.94
N TYR J 111 -24.66 28.32 -32.33
CA TYR J 111 -23.97 28.77 -31.12
C TYR J 111 -23.06 29.96 -31.38
N GLY J 112 -22.35 29.96 -32.51
CA GLY J 112 -21.53 31.10 -32.87
C GLY J 112 -22.33 32.37 -33.05
N LEU J 113 -23.47 32.26 -33.73
CA LEU J 113 -24.35 33.42 -33.90
C LEU J 113 -24.85 33.95 -32.56
N LEU J 114 -25.31 33.05 -31.68
CA LEU J 114 -25.78 33.48 -30.38
C LEU J 114 -24.67 34.11 -29.55
N GLU J 115 -23.44 33.63 -29.70
CA GLU J 115 -22.32 34.27 -29.00
C GLU J 115 -22.06 35.67 -29.52
N GLU J 116 -21.92 35.82 -30.84
CA GLU J 116 -21.50 37.11 -31.40
C GLU J 116 -22.60 38.16 -31.28
N SER J 117 -23.86 37.77 -31.41
CA SER J 117 -24.95 38.74 -31.34
C SER J 117 -24.99 39.41 -29.97
N GLN J 118 -24.85 38.64 -28.91
CA GLN J 118 -24.82 39.23 -27.57
C GLN J 118 -23.50 39.94 -27.32
N ASN J 119 -22.40 39.44 -27.91
CA ASN J 119 -21.12 40.12 -27.76
C ASN J 119 -21.17 41.53 -28.31
N GLN J 120 -21.90 41.74 -29.41
CA GLN J 120 -21.98 43.08 -29.99
C GLN J 120 -23.17 43.87 -29.43
N GLN J 121 -24.18 43.19 -28.90
CA GLN J 121 -25.33 43.92 -28.34
C GLN J 121 -25.00 44.52 -26.98
N GLU J 122 -24.06 43.93 -26.24
CA GLU J 122 -23.81 44.35 -24.87
C GLU J 122 -23.29 45.78 -24.80
N LYS J 123 -22.44 46.17 -25.75
CA LYS J 123 -21.87 47.52 -25.72
C LYS J 123 -22.93 48.59 -25.90
N ASN J 124 -24.00 48.27 -26.63
CA ASN J 124 -25.05 49.25 -26.86
C ASN J 124 -25.78 49.63 -25.58
N GLU J 125 -25.71 48.81 -24.53
CA GLU J 125 -26.25 49.20 -23.24
C GLU J 125 -25.41 50.29 -22.58
N GLN J 126 -24.10 50.31 -22.84
CA GLN J 126 -23.29 51.47 -22.48
C GLN J 126 -23.63 52.65 -23.36
N ASP J 127 -23.72 52.42 -24.68
CA ASP J 127 -23.88 53.53 -25.62
C ASP J 127 -25.18 54.28 -25.40
N LEU J 128 -26.28 53.54 -25.16
CA LEU J 128 -27.54 54.18 -24.78
C LEU J 128 -27.66 54.25 -23.26
N LEU J 129 -26.57 54.63 -22.59
CA LEU J 129 -26.61 55.07 -21.20
C LEU J 129 -25.65 56.23 -20.96
N ALA J 130 -24.72 56.49 -21.89
CA ALA J 130 -23.69 57.50 -21.68
C ALA J 130 -24.15 58.90 -22.10
N LEU J 131 -25.36 59.05 -22.64
CA LEU J 131 -25.82 60.36 -23.07
C LEU J 131 -25.94 61.32 -21.88
N ASP J 132 -26.28 60.81 -20.72
CA ASP J 132 -26.40 61.63 -19.52
C ASP J 132 -25.01 62.00 -18.99
N GLN K 1 -33.80 -67.37 8.12
CA GLN K 1 -34.14 -66.20 8.98
C GLN K 1 -32.89 -65.58 9.57
N VAL K 2 -32.86 -64.24 9.60
CA VAL K 2 -31.73 -63.51 10.16
C VAL K 2 -31.62 -63.78 11.66
N GLN K 3 -30.39 -63.82 12.16
CA GLN K 3 -30.15 -63.99 13.58
C GLN K 3 -28.75 -63.48 13.92
N LEU K 4 -28.59 -63.02 15.17
CA LEU K 4 -27.30 -62.65 15.73
C LEU K 4 -26.87 -63.72 16.72
N VAL K 5 -25.62 -64.17 16.60
CA VAL K 5 -25.07 -65.22 17.45
C VAL K 5 -23.72 -64.74 17.98
N GLN K 6 -23.35 -65.26 19.14
CA GLN K 6 -22.13 -64.85 19.83
C GLN K 6 -21.46 -66.06 20.46
N SER K 7 -20.21 -65.87 20.85
CA SER K 7 -19.51 -66.87 21.67
C SER K 7 -20.22 -67.01 23.01
N GLY K 8 -20.13 -68.20 23.59
CA GLY K 8 -20.82 -68.48 24.83
C GLY K 8 -20.14 -67.84 26.02
N ALA K 9 -20.53 -68.29 27.20
CA ALA K 9 -19.99 -67.74 28.45
C ALA K 9 -18.49 -67.93 28.50
N GLU K 10 -17.79 -66.90 29.00
CA GLU K 10 -16.35 -66.79 28.90
C GLU K 10 -15.71 -66.85 30.28
N VAL K 11 -14.48 -67.36 30.32
CA VAL K 11 -13.69 -67.42 31.54
C VAL K 11 -12.31 -66.87 31.24
N LYS K 12 -11.81 -66.02 32.14
CA LYS K 12 -10.49 -65.39 32.02
C LYS K 12 -9.92 -65.24 33.43
N LYS K 13 -8.90 -64.39 33.58
CA LYS K 13 -8.51 -63.88 34.89
C LYS K 13 -8.23 -62.40 34.74
N PRO K 14 -8.29 -61.63 35.84
CA PRO K 14 -8.22 -60.16 35.72
C PRO K 14 -6.92 -59.68 35.09
N GLY K 15 -7.03 -58.59 34.32
CA GLY K 15 -5.90 -58.00 33.64
C GLY K 15 -5.77 -58.44 32.19
N ALA K 16 -6.21 -59.65 31.90
CA ALA K 16 -6.10 -60.19 30.54
C ALA K 16 -7.11 -59.53 29.62
N SER K 17 -6.73 -59.39 28.35
CA SER K 17 -7.62 -58.83 27.35
C SER K 17 -8.61 -59.89 26.86
N VAL K 18 -9.79 -59.43 26.45
CA VAL K 18 -10.91 -60.29 26.08
C VAL K 18 -11.30 -59.98 24.64
N LYS K 19 -11.78 -61.02 23.92
CA LYS K 19 -11.89 -61.03 22.46
C LYS K 19 -13.28 -61.58 22.06
N VAL K 20 -14.34 -61.00 22.62
CA VAL K 20 -15.70 -61.44 22.33
C VAL K 20 -15.96 -61.36 20.84
N SER K 21 -16.56 -62.41 20.29
CA SER K 21 -16.83 -62.55 18.85
C SER K 21 -18.33 -62.55 18.61
N CYS K 22 -18.74 -61.94 17.50
CA CYS K 22 -20.15 -61.77 17.16
C CYS K 22 -20.36 -62.14 15.70
N LYS K 23 -21.16 -63.17 15.45
CA LYS K 23 -21.40 -63.68 14.10
C LYS K 23 -22.69 -63.09 13.56
N ALA K 24 -22.64 -62.64 12.31
CA ALA K 24 -23.80 -62.12 11.59
C ALA K 24 -24.33 -63.22 10.70
N SER K 25 -25.50 -63.76 11.06
CA SER K 25 -26.10 -64.90 10.39
C SER K 25 -27.34 -64.49 9.61
N GLY K 26 -27.40 -64.92 8.35
CA GLY K 26 -28.60 -64.75 7.54
C GLY K 26 -28.97 -63.33 7.17
N TYR K 27 -27.99 -62.48 6.89
CA TYR K 27 -28.27 -61.16 6.33
C TYR K 27 -26.97 -60.58 5.79
N THR K 28 -27.10 -59.48 5.05
CA THR K 28 -25.94 -58.77 4.56
C THR K 28 -25.21 -58.07 5.70
N PHE K 29 -24.08 -58.64 6.11
CA PHE K 29 -23.24 -58.06 7.15
C PHE K 29 -22.56 -56.78 6.69
N THR K 30 -22.61 -56.46 5.40
CA THR K 30 -22.07 -55.23 4.85
C THR K 30 -22.99 -54.03 4.96
N ASP K 31 -24.28 -54.22 5.28
CA ASP K 31 -25.30 -53.21 5.04
C ASP K 31 -25.93 -52.62 6.30
N TYR K 32 -25.55 -53.07 7.49
CA TYR K 32 -26.11 -52.55 8.74
C TYR K 32 -25.00 -52.23 9.73
N TYR K 33 -25.21 -51.15 10.48
CA TYR K 33 -24.33 -50.83 11.59
C TYR K 33 -24.50 -51.86 12.70
N ILE K 34 -23.41 -52.14 13.41
CA ILE K 34 -23.40 -53.06 14.55
C ILE K 34 -23.01 -52.26 15.78
N HIS K 35 -23.70 -52.50 16.88
CA HIS K 35 -23.48 -51.79 18.14
C HIS K 35 -23.24 -52.79 19.27
N TRP K 36 -22.34 -52.43 20.18
CA TRP K 36 -22.00 -53.26 21.33
C TRP K 36 -22.58 -52.62 22.59
N VAL K 37 -23.15 -53.46 23.45
CA VAL K 37 -23.78 -53.02 24.69
C VAL K 37 -23.28 -53.90 25.83
N ARG K 38 -22.92 -53.27 26.94
CA ARG K 38 -22.55 -53.97 28.16
C ARG K 38 -23.74 -54.03 29.10
N GLN K 39 -23.81 -55.10 29.88
CA GLN K 39 -24.81 -55.25 30.94
C GLN K 39 -24.14 -55.95 32.12
N ALA K 40 -23.82 -55.18 33.16
CA ALA K 40 -23.30 -55.79 34.37
C ALA K 40 -24.35 -56.74 34.93
N PRO K 41 -23.93 -57.84 35.59
CA PRO K 41 -24.87 -58.95 35.81
C PRO K 41 -26.03 -58.57 36.70
N GLY K 42 -27.23 -58.53 36.10
CA GLY K 42 -28.43 -58.11 36.79
C GLY K 42 -28.60 -56.62 36.90
N GLN K 43 -27.87 -55.83 36.13
CA GLN K 43 -27.88 -54.36 36.20
C GLN K 43 -28.29 -53.78 34.86
N GLY K 44 -28.20 -52.45 34.76
CA GLY K 44 -28.63 -51.77 33.56
C GLY K 44 -27.60 -51.80 32.45
N LEU K 45 -28.03 -51.34 31.27
CA LEU K 45 -27.20 -51.42 30.09
C LEU K 45 -26.25 -50.22 30.00
N GLU K 46 -25.01 -50.50 29.58
CA GLU K 46 -24.01 -49.48 29.31
C GLU K 46 -23.57 -49.62 27.86
N TRP K 47 -23.37 -48.48 27.19
CA TRP K 47 -23.12 -48.46 25.76
C TRP K 47 -21.62 -48.42 25.48
N MET K 48 -21.17 -49.27 24.55
CA MET K 48 -19.75 -49.46 24.29
C MET K 48 -19.26 -48.74 23.04
N GLY K 49 -19.84 -49.04 21.88
CA GLY K 49 -19.41 -48.45 20.63
C GLY K 49 -20.09 -49.14 19.47
N TRP K 50 -19.68 -48.75 18.26
CA TRP K 50 -20.18 -49.35 17.03
C TRP K 50 -19.02 -49.69 16.10
N ILE K 51 -19.36 -50.36 15.00
CA ILE K 51 -18.42 -50.68 13.93
C ILE K 51 -19.15 -50.65 12.60
N ASN K 52 -18.50 -50.10 11.58
CA ASN K 52 -19.02 -50.10 10.22
C ASN K 52 -18.25 -51.17 9.43
N PRO K 53 -18.85 -52.31 9.08
CA PRO K 53 -18.06 -53.32 8.35
C PRO K 53 -17.61 -52.87 6.97
N ASN K 54 -18.52 -52.35 6.15
CA ASN K 54 -18.19 -52.00 4.77
C ASN K 54 -17.10 -50.94 4.71
N THR K 55 -17.06 -50.05 5.72
CA THR K 55 -16.01 -49.05 5.82
C THR K 55 -14.85 -49.51 6.68
N GLY K 56 -15.12 -50.30 7.72
CA GLY K 56 -14.13 -50.67 8.71
C GLY K 56 -13.90 -49.64 9.80
N ARG K 57 -14.57 -48.49 9.73
CA ARG K 57 -14.38 -47.43 10.71
C ARG K 57 -15.18 -47.72 11.96
N THR K 58 -14.67 -47.23 13.10
CA THR K 58 -15.26 -47.52 14.40
C THR K 58 -15.23 -46.27 15.26
N ASN K 59 -15.93 -46.35 16.39
CA ASN K 59 -15.81 -45.38 17.47
C ASN K 59 -16.22 -46.05 18.77
N SER K 60 -15.32 -46.01 19.75
CA SER K 60 -15.60 -46.51 21.08
C SER K 60 -16.01 -45.35 21.98
N ALA K 61 -16.84 -45.64 22.97
CA ALA K 61 -17.35 -44.60 23.85
C ALA K 61 -16.21 -43.93 24.59
N GLN K 62 -16.45 -42.68 25.01
CA GLN K 62 -15.42 -41.89 25.69
C GLN K 62 -14.90 -42.58 26.94
N LYS K 63 -15.71 -43.42 27.57
CA LYS K 63 -15.30 -44.12 28.78
C LYS K 63 -14.26 -45.21 28.51
N PHE K 64 -14.01 -45.55 27.23
CA PHE K 64 -13.14 -46.66 26.87
C PHE K 64 -12.18 -46.36 25.74
N GLN K 65 -12.09 -45.11 25.28
CA GLN K 65 -11.22 -44.80 24.13
C GLN K 65 -9.76 -45.06 24.50
N GLY K 66 -9.04 -45.74 23.61
CA GLY K 66 -7.69 -46.20 23.89
C GLY K 66 -7.62 -47.53 24.61
N ARG K 67 -8.77 -48.16 24.89
CA ARG K 67 -8.83 -49.46 25.57
C ARG K 67 -9.74 -50.46 24.90
N VAL K 68 -10.74 -50.04 24.13
CA VAL K 68 -11.65 -50.92 23.41
C VAL K 68 -11.58 -50.57 21.93
N THR K 69 -11.39 -51.59 21.09
CA THR K 69 -11.32 -51.38 19.65
C THR K 69 -11.89 -52.61 18.96
N MET K 70 -12.79 -52.39 18.00
CA MET K 70 -13.48 -53.45 17.31
C MET K 70 -12.92 -53.67 15.91
N THR K 71 -12.95 -54.93 15.48
CA THR K 71 -12.46 -55.32 14.16
C THR K 71 -13.36 -56.42 13.61
N ARG K 72 -13.21 -56.70 12.31
CA ARG K 72 -14.03 -57.71 11.65
C ARG K 72 -13.26 -58.30 10.47
N ASP K 73 -13.76 -59.45 10.01
CA ASP K 73 -13.27 -60.10 8.79
C ASP K 73 -14.49 -60.61 8.04
N THR K 74 -14.75 -60.03 6.87
CA THR K 74 -15.97 -60.34 6.14
C THR K 74 -16.02 -61.79 5.67
N SER K 75 -14.87 -62.39 5.38
CA SER K 75 -14.84 -63.75 4.84
C SER K 75 -15.37 -64.78 5.83
N ILE K 76 -15.41 -64.47 7.13
CA ILE K 76 -15.92 -65.35 8.16
C ILE K 76 -17.09 -64.73 8.92
N SER K 77 -17.62 -63.60 8.42
CA SER K 77 -18.93 -63.08 8.83
C SER K 77 -19.01 -62.83 10.34
N THR K 78 -17.93 -62.32 10.93
CA THR K 78 -17.84 -62.15 12.37
C THR K 78 -17.30 -60.77 12.70
N ALA K 79 -17.77 -60.22 13.80
CA ALA K 79 -17.25 -59.00 14.39
C ALA K 79 -16.56 -59.33 15.71
N TYR K 80 -15.59 -58.49 16.08
CA TYR K 80 -14.74 -58.71 17.25
C TYR K 80 -14.79 -57.51 18.18
N MET K 81 -14.82 -57.80 19.48
CA MET K 81 -14.75 -56.81 20.55
C MET K 81 -13.47 -57.06 21.33
N GLU K 82 -12.43 -56.27 21.05
CA GLU K 82 -11.21 -56.35 21.84
C GLU K 82 -11.31 -55.34 22.99
N LEU K 83 -10.91 -55.80 24.18
CA LEU K 83 -11.00 -55.00 25.40
C LEU K 83 -9.83 -55.38 26.30
N SER K 84 -8.86 -54.47 26.42
CA SER K 84 -7.59 -54.74 27.09
C SER K 84 -7.55 -54.07 28.46
N ARG K 85 -6.52 -54.41 29.23
CA ARG K 85 -6.30 -53.87 30.58
C ARG K 85 -7.54 -54.07 31.45
N LEU K 86 -8.10 -55.29 31.37
CA LEU K 86 -9.36 -55.63 32.01
C LEU K 86 -9.31 -55.44 33.52
N ARG K 87 -10.10 -54.49 34.03
CA ARG K 87 -10.40 -54.42 35.45
C ARG K 87 -11.49 -55.43 35.80
N SER K 88 -11.56 -55.79 37.08
CA SER K 88 -12.67 -56.61 37.53
C SER K 88 -13.99 -55.85 37.56
N ASP K 89 -13.95 -54.52 37.42
CA ASP K 89 -15.18 -53.75 37.23
C ASP K 89 -15.84 -54.04 35.89
N ASP K 90 -15.12 -54.65 34.96
CA ASP K 90 -15.68 -55.06 33.68
C ASP K 90 -16.49 -56.35 33.76
N THR K 91 -16.75 -56.87 34.97
CA THR K 91 -17.63 -58.02 35.14
C THR K 91 -19.00 -57.70 34.55
N ALA K 92 -19.36 -58.34 33.44
CA ALA K 92 -20.61 -57.98 32.78
C ALA K 92 -20.91 -58.94 31.64
N VAL K 93 -22.17 -58.89 31.21
CA VAL K 93 -22.59 -59.53 29.96
C VAL K 93 -22.34 -58.54 28.82
N TYR K 94 -21.87 -59.05 27.69
CA TYR K 94 -21.54 -58.24 26.52
C TYR K 94 -22.43 -58.68 25.38
N TYR K 95 -23.12 -57.71 24.76
CA TYR K 95 -24.13 -57.96 23.75
C TYR K 95 -23.67 -57.46 22.38
N CYS K 96 -24.28 -58.03 21.35
CA CYS K 96 -24.09 -57.63 19.96
C CYS K 96 -25.47 -57.42 19.34
N ALA K 97 -25.65 -56.27 18.68
CA ALA K 97 -26.95 -55.88 18.16
C ALA K 97 -26.80 -55.30 16.76
N ARG K 98 -27.89 -55.35 16.00
CA ARG K 98 -27.95 -54.85 14.63
C ARG K 98 -28.57 -53.47 14.64
N GLY K 99 -27.81 -52.47 14.19
CA GLY K 99 -28.22 -51.09 14.21
C GLY K 99 -28.91 -50.63 12.95
N GLY K 100 -28.72 -49.36 12.61
CA GLY K 100 -29.41 -48.78 11.47
C GLY K 100 -28.82 -49.23 10.14
N TRP K 101 -29.48 -48.78 9.07
CA TRP K 101 -29.09 -49.17 7.72
C TRP K 101 -28.01 -48.21 7.19
N ILE K 102 -27.00 -48.78 6.54
CA ILE K 102 -25.88 -48.01 6.04
C ILE K 102 -26.24 -47.40 4.69
N GLY K 103 -25.80 -46.16 4.46
CA GLY K 103 -26.02 -45.51 3.19
C GLY K 103 -24.86 -44.58 2.86
N LEU K 104 -24.64 -44.41 1.55
CA LEU K 104 -23.58 -43.53 1.09
C LEU K 104 -23.85 -42.08 1.49
N TYR K 105 -25.09 -41.64 1.33
CA TYR K 105 -25.54 -40.38 1.90
C TYR K 105 -26.07 -40.67 3.29
N TYR K 106 -26.61 -39.64 3.96
CA TYR K 106 -27.32 -39.83 5.23
C TYR K 106 -26.34 -40.31 6.31
N ASP K 107 -26.78 -40.38 7.57
CA ASP K 107 -25.88 -40.82 8.64
C ASP K 107 -26.73 -41.40 9.76
N SER K 108 -26.77 -42.73 9.84
CA SER K 108 -27.49 -43.46 10.88
C SER K 108 -26.56 -44.10 11.90
N SER K 109 -25.32 -43.63 12.00
CA SER K 109 -24.35 -44.25 12.89
C SER K 109 -24.77 -44.16 14.35
N GLY K 110 -25.31 -43.02 14.77
CA GLY K 110 -25.69 -42.79 16.15
C GLY K 110 -27.15 -42.97 16.49
N TYR K 111 -27.94 -43.56 15.62
CA TYR K 111 -29.36 -43.72 15.90
C TYR K 111 -29.56 -44.86 16.91
N PRO K 112 -30.31 -44.64 18.00
CA PRO K 112 -30.69 -45.81 18.83
C PRO K 112 -31.87 -46.57 18.26
N ASN K 113 -31.57 -47.41 17.25
CA ASN K 113 -32.54 -48.28 16.60
C ASN K 113 -32.08 -49.73 16.65
N PHE K 114 -31.65 -50.18 17.83
CA PHE K 114 -31.12 -51.54 17.96
C PHE K 114 -32.25 -52.54 17.75
N ASP K 115 -32.23 -53.19 16.58
CA ASP K 115 -33.35 -54.00 16.12
C ASP K 115 -33.36 -55.40 16.74
N TYR K 116 -32.32 -56.19 16.48
CA TYR K 116 -32.15 -57.52 17.06
C TYR K 116 -30.88 -57.56 17.90
N TRP K 117 -30.72 -58.64 18.68
CA TRP K 117 -29.66 -58.78 19.66
C TRP K 117 -29.03 -60.16 19.57
N GLY K 118 -27.76 -60.26 19.99
CA GLY K 118 -27.11 -61.55 20.11
C GLY K 118 -27.25 -62.12 21.51
N GLN K 119 -27.13 -63.45 21.61
CA GLN K 119 -27.43 -64.12 22.87
C GLN K 119 -26.36 -63.88 23.94
N GLY K 120 -25.18 -63.37 23.58
CA GLY K 120 -24.28 -62.78 24.55
C GLY K 120 -23.40 -63.79 25.26
N THR K 121 -22.43 -63.24 26.00
CA THR K 121 -21.51 -64.00 26.85
C THR K 121 -21.37 -63.30 28.19
N LEU K 122 -21.15 -64.08 29.24
CA LEU K 122 -20.87 -63.55 30.57
C LEU K 122 -19.42 -63.85 30.93
N VAL K 123 -18.67 -62.81 31.28
CA VAL K 123 -17.22 -62.88 31.48
C VAL K 123 -16.97 -63.12 32.97
N THR K 124 -16.13 -64.12 33.27
CA THR K 124 -15.89 -64.57 34.64
C THR K 124 -14.48 -64.13 35.06
N VAL K 125 -14.42 -63.08 35.88
CA VAL K 125 -13.17 -62.62 36.48
C VAL K 125 -13.49 -62.01 37.83
N SER K 126 -12.55 -62.13 38.77
CA SER K 126 -12.65 -61.47 40.07
C SER K 126 -11.31 -61.54 40.80
N GLN L 1 -22.76 -45.00 35.78
CA GLN L 1 -24.10 -44.37 35.99
C GLN L 1 -24.56 -43.66 34.72
N SER L 2 -25.86 -43.62 34.52
CA SER L 2 -26.43 -43.01 33.33
C SER L 2 -26.40 -41.49 33.44
N ALA L 3 -26.08 -40.83 32.33
CA ALA L 3 -26.28 -39.39 32.25
C ALA L 3 -27.76 -39.04 32.30
N LEU L 4 -28.60 -39.83 31.64
CA LEU L 4 -30.04 -39.64 31.73
C LEU L 4 -30.55 -40.10 33.09
N THR L 5 -31.56 -39.40 33.60
CA THR L 5 -32.24 -39.76 34.83
C THR L 5 -33.59 -40.37 34.50
N GLN L 6 -33.97 -41.42 35.22
CA GLN L 6 -35.25 -42.06 34.97
C GLN L 6 -35.63 -42.86 36.21
N PRO L 7 -36.93 -43.05 36.50
CA PRO L 7 -37.32 -43.84 37.67
C PRO L 7 -36.78 -45.26 37.66
N ALA L 8 -36.96 -45.94 38.79
CA ALA L 8 -36.53 -47.33 38.98
C ALA L 8 -37.68 -48.31 39.10
N SER L 9 -38.89 -47.85 39.40
CA SER L 9 -40.03 -48.75 39.49
C SER L 9 -41.32 -47.94 39.61
N VAL L 10 -42.36 -48.42 38.94
CA VAL L 10 -43.73 -47.99 39.15
C VAL L 10 -44.61 -49.23 39.17
N SER L 11 -45.46 -49.34 40.19
CA SER L 11 -46.17 -50.56 40.49
C SER L 11 -47.67 -50.34 40.41
N GLY L 12 -48.41 -51.45 40.39
CA GLY L 12 -49.86 -51.40 40.23
C GLY L 12 -50.50 -52.73 39.92
N SER L 13 -51.36 -52.74 38.90
CA SER L 13 -52.19 -53.89 38.56
C SER L 13 -52.56 -53.78 37.08
N PRO L 14 -53.10 -54.85 36.49
CA PRO L 14 -53.39 -54.81 35.05
C PRO L 14 -54.41 -53.73 34.68
N GLY L 15 -54.30 -53.24 33.45
CA GLY L 15 -55.28 -52.35 32.86
C GLY L 15 -55.04 -50.87 33.07
N GLN L 16 -54.00 -50.48 33.79
CA GLN L 16 -53.79 -49.08 34.14
C GLN L 16 -53.12 -48.31 33.02
N SER L 17 -52.69 -47.07 33.31
CA SER L 17 -51.81 -46.30 32.45
C SER L 17 -50.68 -45.73 33.29
N ILE L 18 -49.54 -45.51 32.64
CA ILE L 18 -48.29 -45.17 33.32
C ILE L 18 -47.66 -43.98 32.58
N THR L 19 -46.80 -43.25 33.29
CA THR L 19 -45.87 -42.32 32.64
C THR L 19 -44.55 -42.40 33.40
N ILE L 20 -43.47 -42.72 32.68
CA ILE L 20 -42.15 -42.94 33.26
C ILE L 20 -41.20 -41.93 32.63
N SER L 21 -40.57 -41.10 33.45
CA SER L 21 -39.92 -39.87 32.98
C SER L 21 -38.42 -40.08 32.81
N CYS L 22 -38.00 -40.29 31.56
CA CYS L 22 -36.59 -40.18 31.21
C CYS L 22 -36.26 -38.72 30.92
N THR L 23 -35.18 -38.23 31.54
CA THR L 23 -34.85 -36.80 31.55
C THR L 23 -33.45 -36.58 31.01
N GLY L 24 -33.28 -35.51 30.24
CA GLY L 24 -31.99 -35.08 29.76
C GLY L 24 -31.87 -33.57 29.79
N THR L 25 -31.20 -32.99 28.79
CA THR L 25 -31.06 -31.54 28.68
C THR L 25 -30.93 -31.20 27.20
N SER L 26 -30.46 -29.98 26.91
CA SER L 26 -30.42 -29.49 25.53
C SER L 26 -29.52 -30.34 24.67
N TYR L 27 -28.42 -30.86 25.23
CA TYR L 27 -27.38 -31.49 24.43
C TYR L 27 -27.77 -32.87 23.92
N ASP L 28 -28.65 -33.60 24.62
CA ASP L 28 -29.03 -34.96 24.22
C ASP L 28 -30.50 -35.07 23.86
N VAL L 29 -31.39 -34.60 24.74
CA VAL L 29 -32.82 -34.76 24.51
C VAL L 29 -33.41 -33.53 23.83
N GLY L 30 -33.03 -32.33 24.27
CA GLY L 30 -33.64 -31.12 23.78
C GLY L 30 -33.43 -30.83 22.31
N SER L 31 -32.17 -30.97 21.85
CA SER L 31 -31.85 -30.58 20.48
C SER L 31 -32.32 -31.59 19.44
N TYR L 32 -32.51 -32.85 19.81
CA TYR L 32 -32.68 -33.94 18.86
C TYR L 32 -33.95 -34.72 19.15
N ASN L 33 -34.44 -35.39 18.13
CA ASN L 33 -35.61 -36.27 18.21
C ASN L 33 -35.23 -37.74 18.39
N LEU L 34 -33.95 -38.04 18.62
CA LEU L 34 -33.47 -39.42 18.68
C LEU L 34 -33.62 -39.91 20.13
N VAL L 35 -34.77 -40.51 20.41
CA VAL L 35 -35.09 -41.07 21.72
C VAL L 35 -35.80 -42.39 21.50
N SER L 36 -35.50 -43.36 22.36
CA SER L 36 -36.04 -44.71 22.22
C SER L 36 -36.23 -45.32 23.60
N TRP L 37 -37.01 -46.39 23.66
CA TRP L 37 -37.26 -47.15 24.88
C TRP L 37 -37.06 -48.63 24.61
N TYR L 38 -36.47 -49.33 25.57
CA TYR L 38 -36.11 -50.74 25.43
C TYR L 38 -36.66 -51.52 26.62
N GLN L 39 -37.38 -52.60 26.32
CA GLN L 39 -37.83 -53.51 27.37
C GLN L 39 -36.69 -54.44 27.77
N GLN L 40 -36.70 -54.84 29.05
CA GLN L 40 -35.65 -55.71 29.61
C GLN L 40 -36.33 -56.65 30.60
N HIS L 41 -36.71 -57.82 30.11
CA HIS L 41 -37.27 -58.84 30.99
C HIS L 41 -36.19 -59.35 31.95
N PRO L 42 -36.56 -59.92 33.11
CA PRO L 42 -35.55 -60.36 34.06
C PRO L 42 -34.68 -61.50 33.51
N GLY L 43 -33.40 -61.20 33.29
CA GLY L 43 -32.46 -62.19 32.79
C GLY L 43 -32.49 -62.41 31.29
N LYS L 44 -33.29 -61.64 30.54
CA LYS L 44 -33.41 -61.79 29.11
C LYS L 44 -32.63 -60.69 28.39
N ALA L 45 -32.47 -60.87 27.08
CA ALA L 45 -31.87 -59.81 26.28
C ALA L 45 -32.86 -58.66 26.13
N PRO L 46 -32.39 -57.44 25.89
CA PRO L 46 -33.32 -56.32 25.75
C PRO L 46 -34.17 -56.44 24.49
N LYS L 47 -35.33 -55.80 24.52
CA LYS L 47 -36.27 -55.77 23.40
C LYS L 47 -36.64 -54.32 23.13
N LEU L 48 -36.59 -53.93 21.86
CA LEU L 48 -36.98 -52.58 21.47
C LEU L 48 -38.50 -52.45 21.54
N MET L 49 -38.97 -51.36 22.14
CA MET L 49 -40.38 -51.06 22.28
C MET L 49 -40.77 -49.80 21.51
N ILE L 50 -40.02 -48.71 21.71
CA ILE L 50 -40.30 -47.41 21.13
C ILE L 50 -39.01 -46.91 20.48
N TYR L 51 -39.13 -46.38 19.26
CA TYR L 51 -37.98 -45.79 18.58
C TYR L 51 -38.38 -44.46 17.95
N GLU L 52 -37.44 -43.52 18.00
CA GLU L 52 -37.62 -42.19 17.40
C GLU L 52 -38.86 -41.51 17.97
N VAL L 53 -38.76 -41.19 19.26
CA VAL L 53 -39.84 -40.57 20.04
C VAL L 53 -40.98 -41.57 20.20
N SER L 54 -41.73 -41.83 19.13
CA SER L 54 -42.80 -42.83 19.20
C SER L 54 -43.05 -43.45 17.84
N LYS L 55 -42.43 -44.60 17.59
CA LYS L 55 -42.71 -45.36 16.34
C LYS L 55 -42.69 -46.84 16.76
N ARG L 56 -43.85 -47.49 16.83
CA ARG L 56 -43.89 -48.88 17.33
C ARG L 56 -43.44 -49.87 16.25
N PRO L 57 -42.37 -50.66 16.47
CA PRO L 57 -41.95 -51.67 15.50
C PRO L 57 -42.95 -52.82 15.46
N SER L 58 -42.97 -53.59 14.37
CA SER L 58 -43.87 -54.77 14.29
C SER L 58 -43.59 -55.68 15.48
N GLY L 59 -44.66 -56.13 16.17
CA GLY L 59 -44.48 -56.96 17.37
C GLY L 59 -44.74 -56.16 18.63
N VAL L 60 -44.60 -54.83 18.56
CA VAL L 60 -44.93 -53.96 19.72
C VAL L 60 -46.43 -53.63 19.64
N SER L 61 -47.16 -53.83 20.74
CA SER L 61 -48.64 -53.64 20.72
C SER L 61 -49.00 -52.20 21.10
N ASN L 62 -50.20 -51.76 20.72
CA ASN L 62 -50.67 -50.43 21.10
C ASN L 62 -50.91 -50.27 22.59
N ARG L 63 -50.53 -51.28 23.40
CA ARG L 63 -50.45 -51.12 24.84
C ARG L 63 -49.35 -50.15 25.26
N PHE L 64 -48.45 -49.77 24.36
CA PHE L 64 -47.30 -48.93 24.66
C PHE L 64 -47.39 -47.64 23.86
N SER L 65 -46.91 -46.55 24.45
CA SER L 65 -46.89 -45.26 23.78
C SER L 65 -45.89 -44.35 24.48
N GLY L 66 -45.58 -43.23 23.83
CA GLY L 66 -44.66 -42.26 24.37
C GLY L 66 -44.70 -40.99 23.56
N SER L 67 -44.11 -39.94 24.13
CA SER L 67 -44.11 -38.63 23.46
C SER L 67 -43.05 -37.74 24.08
N LYS L 68 -42.55 -36.81 23.27
CA LYS L 68 -41.53 -35.87 23.69
C LYS L 68 -42.15 -34.73 24.50
N SER L 69 -41.37 -34.21 25.45
CA SER L 69 -41.71 -32.99 26.17
C SER L 69 -40.40 -32.30 26.57
N GLY L 70 -39.94 -31.40 25.71
CA GLY L 70 -38.75 -30.62 25.98
C GLY L 70 -37.51 -31.44 26.28
N ASN L 71 -37.06 -31.40 27.53
CA ASN L 71 -35.92 -32.17 27.99
C ASN L 71 -36.33 -33.40 28.80
N THR L 72 -37.58 -33.86 28.65
CA THR L 72 -38.00 -35.14 29.19
C THR L 72 -39.03 -35.77 28.26
N ALA L 73 -38.74 -37.00 27.85
CA ALA L 73 -39.64 -37.82 27.05
C ALA L 73 -39.91 -39.11 27.80
N SER L 74 -41.17 -39.53 27.84
CA SER L 74 -41.63 -40.50 28.80
C SER L 74 -42.31 -41.69 28.13
N LEU L 75 -42.31 -42.82 28.83
CA LEU L 75 -42.93 -44.06 28.37
C LEU L 75 -44.35 -44.13 28.93
N THR L 76 -45.33 -44.18 28.04
CA THR L 76 -46.74 -44.22 28.39
C THR L 76 -47.30 -45.59 28.00
N ILE L 77 -47.42 -46.47 29.00
CA ILE L 77 -48.04 -47.77 28.82
C ILE L 77 -49.55 -47.63 29.06
N SER L 78 -50.33 -48.48 28.41
CA SER L 78 -51.77 -48.54 28.63
C SER L 78 -52.23 -49.98 28.47
N GLY L 79 -53.29 -50.34 29.19
CA GLY L 79 -53.76 -51.72 29.15
C GLY L 79 -52.74 -52.72 29.64
N LEU L 80 -52.23 -52.53 30.85
CA LEU L 80 -51.14 -53.35 31.38
C LEU L 80 -51.45 -54.84 31.35
N GLN L 81 -50.38 -55.63 31.28
CA GLN L 81 -50.44 -57.07 31.41
C GLN L 81 -49.33 -57.50 32.34
N ALA L 82 -49.59 -58.54 33.14
CA ALA L 82 -48.53 -59.11 33.98
C ALA L 82 -47.42 -59.73 33.14
N GLU L 83 -47.73 -60.13 31.90
CA GLU L 83 -46.73 -60.70 31.02
C GLU L 83 -45.64 -59.69 30.66
N ASP L 84 -45.96 -58.40 30.63
CA ASP L 84 -45.01 -57.35 30.31
C ASP L 84 -44.32 -56.79 31.55
N GLU L 85 -44.34 -57.52 32.67
CA GLU L 85 -43.78 -57.04 33.92
C GLU L 85 -42.26 -57.05 33.89
N ALA L 86 -41.68 -56.18 33.06
CA ALA L 86 -40.25 -56.18 32.79
C ALA L 86 -39.60 -54.89 33.27
N ASP L 87 -38.28 -54.82 33.14
CA ASP L 87 -37.58 -53.55 33.28
C ASP L 87 -37.72 -52.74 32.00
N TYR L 88 -37.46 -51.44 32.10
CA TYR L 88 -37.57 -50.54 30.96
C TYR L 88 -36.49 -49.48 31.04
N TYR L 89 -35.77 -49.29 29.93
CA TYR L 89 -34.61 -48.39 29.85
C TYR L 89 -34.80 -47.46 28.68
N CYS L 90 -34.78 -46.15 28.95
CA CYS L 90 -34.80 -45.18 27.87
C CYS L 90 -33.44 -45.15 27.18
N CYS L 91 -33.42 -44.55 25.99
CA CYS L 91 -32.20 -44.49 25.20
C CYS L 91 -32.30 -43.32 24.24
N SER L 92 -31.18 -42.64 24.01
CA SER L 92 -31.21 -41.43 23.20
C SER L 92 -29.81 -41.09 22.70
N TYR L 93 -29.77 -40.44 21.53
CA TYR L 93 -28.56 -39.84 21.01
C TYR L 93 -28.11 -38.70 21.92
N ALA L 94 -26.79 -38.46 21.96
CA ALA L 94 -26.22 -37.51 22.91
C ALA L 94 -25.13 -36.65 22.28
N GLY L 95 -25.26 -36.31 21.00
CA GLY L 95 -24.28 -35.45 20.39
C GLY L 95 -22.96 -36.19 20.18
N SER L 96 -21.99 -35.44 19.63
CA SER L 96 -20.78 -36.04 19.09
C SER L 96 -21.22 -37.16 18.15
N SER L 97 -20.96 -38.42 18.49
CA SER L 97 -21.76 -39.54 17.98
C SER L 97 -21.70 -40.61 19.05
N THR L 98 -22.70 -40.62 19.93
CA THR L 98 -22.74 -41.54 21.06
C THR L 98 -24.20 -41.91 21.32
N VAL L 99 -24.39 -42.99 22.07
CA VAL L 99 -25.70 -43.48 22.46
C VAL L 99 -25.68 -43.74 23.96
N VAL L 100 -26.71 -43.25 24.65
CA VAL L 100 -26.78 -43.24 26.10
C VAL L 100 -28.07 -43.93 26.53
N PHE L 101 -28.05 -44.55 27.71
CA PHE L 101 -29.18 -45.25 28.30
C PHE L 101 -29.59 -44.54 29.60
N GLY L 102 -30.57 -45.11 30.29
CA GLY L 102 -31.01 -44.54 31.56
C GLY L 102 -32.01 -45.41 32.28
N GLY L 103 -31.97 -45.35 33.62
CA GLY L 103 -33.07 -45.85 34.43
C GLY L 103 -32.97 -47.33 34.74
N GLY L 104 -33.91 -47.79 35.58
CA GLY L 104 -34.05 -49.18 35.94
C GLY L 104 -35.50 -49.61 36.07
N THR L 105 -36.39 -49.06 35.25
CA THR L 105 -37.82 -49.07 35.57
C THR L 105 -38.45 -50.45 35.51
N LYS L 106 -38.49 -51.11 36.67
CA LYS L 106 -39.18 -52.39 36.83
C LYS L 106 -40.68 -52.18 36.90
N LEU L 107 -41.40 -52.66 35.89
CA LEU L 107 -42.86 -52.69 35.99
C LEU L 107 -43.28 -53.76 36.98
N THR L 108 -44.36 -53.50 37.71
CA THR L 108 -44.91 -54.43 38.67
C THR L 108 -46.43 -54.47 38.52
N VAL L 109 -46.98 -55.68 38.47
CA VAL L 109 -48.38 -55.90 38.17
C VAL L 109 -48.96 -56.94 39.12
N LEU L 110 -49.69 -56.49 40.13
CA LEU L 110 -50.35 -57.39 41.07
C LEU L 110 -51.76 -57.71 40.60
C1 NAG M . 27.69 9.59 29.47
C2 NAG M . 28.90 10.31 30.07
C3 NAG M . 29.59 11.13 28.99
C4 NAG M . 29.97 10.23 27.81
C5 NAG M . 28.74 9.49 27.30
C6 NAG M . 29.07 8.48 26.24
C7 NAG M . 27.65 12.15 31.15
C8 NAG M . 27.42 12.87 32.44
N2 NAG M . 28.53 11.14 31.21
O3 NAG M . 30.76 11.74 29.53
O4 NAG M . 30.51 11.03 26.75
O5 NAG M . 28.12 8.76 28.38
O6 NAG M . 27.94 7.68 25.90
O7 NAG M . 27.08 12.46 30.11
C1 NAG M . 31.89 10.73 26.42
C2 NAG M . 32.13 11.09 24.96
C3 NAG M . 33.58 10.79 24.57
C4 NAG M . 34.53 11.49 25.52
C5 NAG M . 34.18 11.19 26.99
C6 NAG M . 34.98 12.01 27.96
C7 NAG M . 30.21 10.93 23.42
C8 NAG M . 29.37 10.02 22.58
N2 NAG M . 31.21 10.36 24.08
O3 NAG M . 33.81 11.22 23.25
O4 NAG M . 35.86 11.02 25.29
O5 NAG M . 32.80 11.47 27.23
O6 NAG M . 36.28 11.47 28.16
O7 NAG M . 29.99 12.14 23.49
C1 BMA M . 36.85 12.06 25.14
C2 BMA M . 38.21 11.46 25.46
C3 BMA M . 39.38 12.41 25.13
C4 BMA M . 39.16 13.17 23.80
C5 BMA M . 37.70 13.65 23.62
C6 BMA M . 37.44 14.18 22.23
O2 BMA M . 38.43 10.29 24.69
O3 BMA M . 40.58 11.63 25.06
O4 BMA M . 40.00 14.32 23.74
O5 BMA M . 36.82 12.55 23.82
O6 BMA M . 36.01 14.28 22.00
C1 MAN M . 41.82 12.32 25.37
C2 MAN M . 42.91 11.44 24.72
C3 MAN M . 43.03 10.14 25.51
C4 MAN M . 43.23 10.40 27.00
C5 MAN M . 42.10 11.29 27.54
C6 MAN M . 42.33 11.70 28.98
O2 MAN M . 44.23 12.05 24.77
O3 MAN M . 44.07 9.31 25.00
O4 MAN M . 43.24 9.17 27.71
O5 MAN M . 42.02 12.51 26.76
O6 MAN M . 41.42 12.76 29.30
C1 MAN M . 35.46 13.27 21.09
C2 MAN M . 35.97 13.44 19.64
C3 MAN M . 35.61 14.84 19.17
C4 MAN M . 34.08 15.02 19.19
C5 MAN M . 33.48 14.60 20.59
C6 MAN M . 31.96 14.43 20.55
O2 MAN M . 35.29 12.55 18.75
O3 MAN M . 36.13 15.14 17.84
O4 MAN M . 33.76 16.37 18.93
O5 MAN M . 34.04 13.34 21.09
O6 MAN M . 31.60 13.61 19.41
C1 NAG N . 14.36 14.49 43.57
C2 NAG N . 15.70 15.17 43.25
C3 NAG N . 16.84 14.51 44.02
C4 NAG N . 16.53 14.45 45.51
C5 NAG N . 15.18 13.79 45.73
C6 NAG N . 14.75 13.79 47.18
C7 NAG N . 15.56 16.12 41.00
C8 NAG N . 15.92 15.94 39.55
N2 NAG N . 15.96 15.16 41.83
O3 NAG N . 18.03 15.24 43.79
O4 NAG N . 17.53 13.70 46.19
O5 NAG N . 14.16 14.48 44.99
O6 NAG N . 13.79 12.77 47.44
O7 NAG N . 14.93 17.10 41.39
C1 NAG N . 18.50 14.49 46.91
C2 NAG N . 19.11 13.60 47.99
C3 NAG N . 20.17 14.37 48.78
C4 NAG N . 21.20 14.94 47.82
C5 NAG N . 20.53 15.76 46.73
C6 NAG N . 21.50 16.25 45.69
C7 NAG N . 18.01 11.83 49.31
C8 NAG N . 16.86 11.49 50.22
N2 NAG N . 18.07 13.10 48.88
O3 NAG N . 20.78 13.49 49.72
O4 NAG N . 22.10 15.79 48.54
O5 NAG N . 19.55 14.97 46.06
O6 NAG N . 21.15 17.55 45.22
O7 NAG N . 18.83 10.99 48.97
C1 BMA N . 23.22 15.14 49.17
C2 BMA N . 24.30 16.23 49.32
C3 BMA N . 25.41 15.81 50.27
C4 BMA N . 24.85 15.19 51.53
C5 BMA N . 23.91 14.03 51.16
C6 BMA N . 23.32 13.34 52.38
O2 BMA N . 23.73 17.41 49.88
O3 BMA N . 26.23 16.93 50.63
O4 BMA N . 25.89 14.72 52.36
O5 BMA N . 22.83 14.57 50.40
O6 BMA N . 23.28 14.31 53.43
C1 MAN N . 27.61 16.76 50.27
C2 MAN N . 28.39 18.00 50.85
C3 MAN N . 28.23 19.23 49.94
C4 MAN N . 28.32 18.90 48.45
C5 MAN N . 27.35 17.78 48.12
C6 MAN N . 27.33 17.38 46.66
O2 MAN N . 29.83 17.76 50.96
O3 MAN N . 29.19 20.23 50.27
O4 MAN N . 27.99 20.05 47.69
O5 MAN N . 27.75 16.63 48.86
O6 MAN N . 26.46 16.26 46.53
C1 MAN N . 30.22 17.15 52.21
C2 MAN N . 31.72 17.51 52.47
C3 MAN N . 32.59 16.74 51.48
C4 MAN N . 32.29 15.23 51.56
C5 MAN N . 30.80 15.02 51.22
C6 MAN N . 30.39 13.56 51.30
O2 MAN N . 32.25 17.10 53.78
O3 MAN N . 33.99 16.96 51.71
O4 MAN N . 33.09 14.53 50.64
O5 MAN N . 30.01 15.75 52.18
O6 MAN N . 29.14 13.44 50.64
C1 MAN N . 31.57 17.55 54.99
C2 MAN N . 31.66 19.09 55.17
C3 MAN N . 33.07 19.52 55.56
C4 MAN N . 33.60 18.68 56.72
C5 MAN N . 33.51 17.19 56.38
C6 MAN N . 33.95 16.29 57.50
O2 MAN N . 30.84 19.53 56.25
O3 MAN N . 33.12 20.90 55.88
O4 MAN N . 34.95 19.02 57.00
O5 MAN N . 32.13 16.87 56.09
O6 MAN N . 33.61 14.95 57.17
C1 MAN N . 22.22 14.12 54.39
C2 MAN N . 22.11 15.46 55.13
C3 MAN N . 23.40 15.74 55.90
C4 MAN N . 23.77 14.52 56.80
C5 MAN N . 23.78 13.23 55.97
C6 MAN N . 23.94 11.97 56.79
O2 MAN N . 21.08 15.42 56.11
O3 MAN N . 23.25 16.92 56.67
O4 MAN N . 25.05 14.69 57.38
O5 MAN N . 22.52 13.09 55.27
O6 MAN N . 25.04 12.16 57.73
C1 MAN N . 25.56 10.89 58.21
C2 MAN N . 24.61 10.34 59.40
C3 MAN N . 25.10 10.73 60.80
C4 MAN N . 26.61 10.69 60.94
C5 MAN N . 27.22 11.60 59.88
C6 MAN N . 28.73 11.74 59.99
O2 MAN N . 24.38 8.87 59.43
O3 MAN N . 24.50 9.91 61.81
O4 MAN N . 26.97 11.15 62.23
O5 MAN N . 26.93 11.02 58.59
O6 MAN N . 29.15 12.80 59.15
C1 MAN N . 25.41 7.91 59.09
C2 MAN N . 24.68 6.78 58.34
C3 MAN N . 23.80 6.02 59.33
C4 MAN N . 24.61 5.53 60.54
C5 MAN N . 25.32 6.72 61.20
C6 MAN N . 26.28 6.31 62.30
O2 MAN N . 25.59 5.81 57.81
O3 MAN N . 23.14 4.92 58.71
O4 MAN N . 23.75 4.91 61.48
O5 MAN N . 26.11 7.43 60.22
O6 MAN N . 25.55 5.57 63.27
C1 MAN N . 24.46 17.72 56.78
C2 MAN N . 24.15 18.74 57.93
C3 MAN N . 23.32 19.90 57.41
C4 MAN N . 23.98 20.52 56.18
C5 MAN N . 24.05 19.46 55.08
C6 MAN N . 24.70 19.99 53.81
O2 MAN N . 25.34 19.34 58.49
O3 MAN N . 23.12 20.90 58.41
O4 MAN N . 23.22 21.63 55.73
O5 MAN N . 24.84 18.35 55.54
O6 MAN N . 26.04 20.37 54.12
C1 NAG O . 26.68 -8.68 28.63
C2 NAG O . 28.02 -8.10 28.99
C3 NAG O . 28.97 -8.21 27.81
C4 NAG O . 29.00 -9.64 27.26
C5 NAG O . 27.60 -10.24 27.11
C6 NAG O . 27.62 -11.72 26.85
C7 NAG O . 27.55 -6.35 30.65
C8 NAG O . 27.46 -4.87 30.90
N2 NAG O . 27.88 -6.71 29.41
O3 NAG O . 30.28 -7.82 28.22
O4 NAG O . 29.57 -9.60 25.94
O5 NAG O . 26.84 -10.04 28.30
O6 NAG O . 26.49 -12.36 27.43
O7 NAG O . 27.34 -7.17 31.54
C1 NAG O . 30.80 -10.32 25.84
C2 NAG O . 31.12 -10.45 24.35
C3 NAG O . 32.47 -11.12 24.16
C4 NAG O . 33.56 -10.43 24.98
C5 NAG O . 33.10 -10.29 26.44
C6 NAG O . 34.05 -9.47 27.28
C7 NAG O . 29.23 -10.66 22.78
C8 NAG O . 28.23 -11.61 22.19
N2 NAG O . 30.07 -11.20 23.67
O3 NAG O . 32.82 -11.08 22.77
O4 NAG O . 34.72 -11.24 24.92
O5 NAG O . 31.83 -9.62 26.49
O6 NAG O . 34.31 -8.20 26.70
O7 NAG O . 29.27 -9.48 22.46
C1 BMA O . 35.98 -10.55 24.84
C2 BMA O . 36.92 -11.43 25.64
C3 BMA O . 38.36 -10.93 25.57
C4 BMA O . 38.76 -10.61 24.11
C5 BMA O . 37.70 -9.72 23.43
C6 BMA O . 38.00 -9.46 21.96
O2 BMA O . 36.93 -12.75 25.13
O3 BMA O . 39.27 -11.90 26.13
O4 BMA O . 40.02 -9.95 24.09
O5 BMA O . 36.43 -10.39 23.51
O6 BMA O . 39.21 -8.68 21.88
C1 MAN O . 39.51 -11.72 27.55
C2 MAN O . 40.62 -12.72 27.98
C3 MAN O . 40.05 -14.14 28.02
C4 MAN O . 38.83 -14.20 28.95
C5 MAN O . 37.76 -13.24 28.44
C6 MAN O . 36.55 -13.18 29.35
O2 MAN O . 41.07 -12.43 29.32
O3 MAN O . 41.01 -15.11 28.42
O4 MAN O . 38.31 -15.52 28.95
O5 MAN O . 38.31 -11.89 28.35
O6 MAN O . 35.57 -12.36 28.75
C1 NAG P . 22.07 15.27 32.95
C2 NAG P . 20.90 16.21 32.62
C3 NAG P . 21.17 17.64 33.10
C4 NAG P . 21.65 17.65 34.54
C5 NAG P . 22.84 16.72 34.68
C6 NAG P . 23.39 16.64 36.09
C7 NAG P . 19.47 15.98 30.62
C8 NAG P . 19.42 16.05 29.12
N2 NAG P . 20.66 16.23 31.18
O3 NAG P . 19.99 18.41 32.98
O4 NAG P . 22.06 18.97 34.92
O5 NAG P . 22.43 15.40 34.32
O6 NAG P . 22.91 15.49 36.77
O7 NAG P . 18.47 15.73 31.29
C1 NAG P . 21.02 19.79 35.48
C2 NAG P . 21.75 20.96 36.13
C3 NAG P . 20.77 21.99 36.68
C4 NAG P . 19.80 22.41 35.58
C5 NAG P . 19.11 21.17 35.03
C6 NAG P . 18.15 21.48 33.91
C7 NAG P . 22.28 19.85 38.27
C8 NAG P . 23.38 19.46 39.23
N2 NAG P . 22.66 20.50 37.17
O3 NAG P . 21.52 23.10 37.16
O4 NAG P . 18.80 23.32 36.05
O5 NAG P . 20.09 20.27 34.51
O6 NAG P . 17.01 22.20 34.38
O7 NAG P . 21.11 19.59 38.50
C1 BMA P . 19.17 24.69 36.42
C2 BMA P . 20.09 25.40 35.35
C3 BMA P . 20.29 26.88 35.68
C4 BMA P . 18.95 27.58 36.02
C5 BMA P . 18.21 26.77 37.10
C6 BMA P . 16.87 27.36 37.53
O2 BMA P . 19.50 25.33 34.07
O3 BMA P . 20.96 27.58 34.60
O4 BMA P . 19.21 28.89 36.49
O5 BMA P . 17.98 25.45 36.60
O6 BMA P . 16.48 26.64 38.73
C1 NAG Q . -20.57 -32.58 15.52
C2 NAG Q . -21.46 -33.32 16.52
C3 NAG Q . -21.76 -32.41 17.72
C4 NAG Q . -20.46 -31.95 18.34
C5 NAG Q . -19.57 -31.29 17.29
C6 NAG Q . -18.20 -30.92 17.81
C7 NAG Q . -23.61 -33.00 15.33
C8 NAG Q . -24.80 -33.69 14.76
N2 NAG Q . -22.69 -33.79 15.91
O3 NAG Q . -22.53 -33.14 18.68
O4 NAG Q . -20.71 -31.02 19.39
O5 NAG Q . -19.36 -32.17 16.18
O6 NAG Q . -17.37 -30.42 16.78
O7 NAG Q . -23.46 -31.78 15.27
C1 NAG Q . -20.29 -31.44 20.72
C2 NAG Q . -20.01 -30.22 21.57
C3 NAG Q . -19.56 -30.64 22.96
C4 NAG Q . -20.58 -31.59 23.59
C5 NAG Q . -20.91 -32.74 22.65
C6 NAG Q . -22.07 -33.58 23.14
C7 NAG Q . -19.27 -28.21 20.35
C8 NAG Q . -18.10 -27.48 19.76
N2 NAG Q . -19.00 -29.37 20.95
O3 NAG Q . -19.40 -29.48 23.77
O4 NAG Q . -20.03 -32.14 24.78
O5 NAG Q . -21.30 -32.23 21.35
O6 NAG Q . -21.65 -34.51 24.13
O7 NAG Q . -20.42 -27.76 20.28
C1 BMA Q . -20.91 -32.06 25.93
C2 BMA Q . -20.46 -33.15 26.92
C3 BMA Q . -21.20 -33.05 28.27
C4 BMA Q . -21.41 -31.58 28.75
C5 BMA Q . -21.73 -30.59 27.58
C6 BMA Q . -21.60 -29.16 28.02
O2 BMA Q . -19.08 -33.00 27.21
O3 BMA Q . -20.43 -33.76 29.24
O4 BMA Q . -22.50 -31.52 29.66
O5 BMA Q . -20.80 -30.80 26.52
O6 BMA Q . -21.66 -28.29 26.86
C1 MAN Q . -21.15 -34.29 30.39
C2 MAN Q . -20.06 -34.56 31.44
C3 MAN Q . -19.20 -35.74 30.97
C4 MAN Q . -20.07 -36.95 30.64
C5 MAN Q . -21.16 -36.58 29.61
C6 MAN Q . -22.15 -37.71 29.38
O2 MAN Q . -20.59 -34.95 32.73
O3 MAN Q . -18.20 -36.09 31.94
O4 MAN Q . -19.27 -38.00 30.12
O5 MAN Q . -21.91 -35.44 30.08
O6 MAN Q . -23.26 -37.18 28.67
C1 MAN Q . -20.40 -27.67 26.50
C2 MAN Q . -19.95 -26.61 27.56
C3 MAN Q . -21.04 -25.56 27.67
C4 MAN Q . -21.22 -24.87 26.32
C5 MAN Q . -21.45 -25.92 25.17
C6 MAN Q . -21.33 -25.31 23.77
O2 MAN Q . -18.78 -25.93 27.14
O3 MAN Q . -20.75 -24.56 28.70
O4 MAN Q . -22.34 -24.00 26.37
O5 MAN Q . -20.49 -27.03 25.24
O6 MAN Q . -20.14 -24.50 23.70
C1 NAG R . -3.65 -38.09 11.47
C2 NAG R . -4.33 -38.79 12.62
C3 NAG R . -3.72 -38.31 13.94
C4 NAG R . -2.20 -38.42 13.91
C5 NAG R . -1.60 -37.90 12.61
C6 NAG R . -0.14 -38.29 12.43
C7 NAG R . -6.64 -39.31 11.93
C8 NAG R . -8.07 -38.92 12.03
N2 NAG R . -5.77 -38.54 12.61
O3 NAG R . -4.25 -39.09 15.01
O4 NAG R . -1.67 -37.61 14.94
O5 NAG R . -2.30 -38.42 11.46
O6 NAG R . 0.14 -38.57 11.07
O7 NAG R . -6.26 -40.28 11.27
C1 NAG R . -0.94 -38.33 15.95
C2 NAG R . -0.17 -37.30 16.76
C3 NAG R . 0.55 -37.98 17.92
C4 NAG R . -0.40 -38.84 18.73
C5 NAG R . -1.16 -39.79 17.80
C6 NAG R . -2.24 -40.60 18.51
C7 NAG R . 0.93 -35.27 15.93
C8 NAG R . 1.96 -34.71 14.98
N2 NAG R . 0.76 -36.59 15.91
O3 NAG R . 1.12 -36.97 18.76
O4 NAG R . 0.38 -39.60 19.65
O5 NAG R . -1.83 -39.05 16.79
O6 NAG R . -3.13 -39.75 19.21
O7 NAG R . 0.30 -34.54 16.68
C1 BMA R . -0.19 -39.79 20.96
C2 BMA R . 0.30 -41.18 21.36
C3 BMA R . -0.12 -41.53 22.78
C4 BMA R . 0.21 -40.38 23.75
C5 BMA R . -0.33 -39.03 23.21
C6 BMA R . 0.05 -37.85 24.08
O2 BMA R . 1.71 -41.24 21.32
O3 BMA R . 0.53 -42.74 23.23
O4 BMA R . -0.38 -40.64 25.02
O5 BMA R . 0.24 -38.82 21.90
O6 BMA R . -0.62 -37.99 25.34
C1 MAN R . -0.22 -43.95 22.92
C2 MAN R . 0.52 -45.15 23.59
C3 MAN R . 1.79 -45.47 22.82
C4 MAN R . 1.47 -45.75 21.35
C5 MAN R . 0.79 -44.52 20.74
C6 MAN R . 0.36 -44.75 19.31
O2 MAN R . -0.31 -46.32 23.54
O3 MAN R . 2.51 -46.57 23.37
O4 MAN R . 2.67 -46.03 20.64
O5 MAN R . -0.39 -44.18 21.52
O6 MAN R . -0.14 -43.54 18.77
C1 NAG S . -31.14 -36.67 -0.99
C2 NAG S . -31.60 -36.72 0.46
C3 NAG S . -31.29 -38.08 1.08
C4 NAG S . -31.86 -39.20 0.21
C5 NAG S . -31.36 -39.05 -1.22
C6 NAG S . -31.96 -40.07 -2.17
C7 NAG S . -31.55 -34.44 1.39
C8 NAG S . -30.79 -33.47 2.23
N2 NAG S . -31.00 -35.66 1.25
O3 NAG S . -31.86 -38.15 2.38
O4 NAG S . -31.44 -40.47 0.71
O5 NAG S . -31.71 -37.75 -1.72
O6 NAG S . -31.17 -40.23 -3.33
O7 NAG S . -32.62 -34.15 0.86
C1 NAG S . -32.45 -41.19 1.46
C2 NAG S . -32.07 -42.67 1.41
C3 NAG S . -33.08 -43.49 2.21
C4 NAG S . -33.19 -42.95 3.62
C5 NAG S . -33.51 -41.46 3.58
C6 NAG S . -33.52 -40.83 4.97
C7 NAG S . -31.03 -43.94 -0.42
C8 NAG S . -31.13 -44.32 -1.87
N2 NAG S . -32.00 -43.14 0.03
O3 NAG S . -32.67 -44.85 2.23
O4 NAG S . -34.26 -43.60 4.32
O5 NAG S . -32.52 -40.76 2.82
O6 NAG S . -34.72 -40.12 5.20
O7 NAG S . -30.12 -44.35 0.29
C1 BMA S . -33.90 -44.84 4.96
C2 BMA S . -34.96 -45.04 6.06
C3 BMA S . -34.94 -46.46 6.63
C4 BMA S . -34.88 -47.48 5.52
C5 BMA S . -33.69 -47.19 4.59
C6 BMA S . -33.56 -48.18 3.45
O2 BMA S . -36.26 -44.84 5.54
O3 BMA S . -36.09 -46.70 7.43
O4 BMA S . -34.76 -48.78 6.06
O5 BMA S . -33.90 -45.90 4.02
O6 BMA S . -34.86 -48.68 3.19
C1 MAN S . -35.77 -47.03 8.80
C2 MAN S . -37.13 -47.38 9.51
C3 MAN S . -37.89 -46.13 9.96
C4 MAN S . -36.96 -45.05 10.54
C5 MAN S . -35.83 -44.78 9.56
C6 MAN S . -34.87 -43.70 10.02
O2 MAN S . -36.94 -48.19 10.72
O3 MAN S . -38.91 -46.44 10.89
O4 MAN S . -37.72 -43.86 10.76
O5 MAN S . -35.08 -45.98 9.43
O6 MAN S . -33.81 -43.62 9.09
C1 MAN S . -36.93 -49.62 10.47
C2 MAN S . -37.32 -50.35 11.80
C3 MAN S . -36.17 -50.19 12.80
C4 MAN S . -34.85 -50.68 12.19
C5 MAN S . -34.56 -49.86 10.93
C6 MAN S . -33.29 -50.28 10.21
O2 MAN S . -37.46 -51.81 11.69
O3 MAN S . -36.44 -50.89 14.02
O4 MAN S . -33.79 -50.51 13.12
O5 MAN S . -35.65 -50.03 10.00
O6 MAN S . -32.90 -49.23 9.35
C1 MAN S . -38.38 -52.34 10.69
C2 MAN S . -39.87 -51.93 10.98
C3 MAN S . -40.41 -52.69 12.20
C4 MAN S . -40.14 -54.19 12.07
C5 MAN S . -38.64 -54.43 11.85
C6 MAN S . -38.29 -55.90 11.67
O2 MAN S . -40.71 -52.33 9.90
O3 MAN S . -41.80 -52.46 12.39
O4 MAN S . -40.55 -54.86 13.27
O5 MAN S . -38.24 -53.75 10.66
O6 MAN S . -36.94 -55.99 11.23
C1 MAN S . -35.12 -49.07 1.82
C2 MAN S . -36.64 -49.15 1.69
C3 MAN S . -37.16 -50.24 2.62
C4 MAN S . -36.44 -51.58 2.33
C5 MAN S . -34.91 -51.37 2.41
C6 MAN S . -34.11 -52.58 1.97
O2 MAN S . -37.04 -49.54 0.37
O3 MAN S . -38.59 -50.37 2.53
O4 MAN S . -36.80 -52.58 3.27
O5 MAN S . -34.51 -50.30 1.53
O6 MAN S . -34.63 -53.77 2.65
C1 MAN S . -33.67 -54.85 2.68
C2 MAN S . -33.69 -55.63 1.27
C3 MAN S . -34.63 -56.85 1.25
C4 MAN S . -34.63 -57.62 2.57
C5 MAN S . -34.97 -56.66 3.70
C6 MAN S . -35.11 -57.35 5.04
O2 MAN S . -32.38 -56.11 0.76
O3 MAN S . -34.34 -57.72 0.17
O4 MAN S . -35.58 -58.67 2.50
O5 MAN S . -33.91 -55.70 3.81
O6 MAN S . -35.68 -56.43 5.97
C1 MAN S . -31.34 -56.62 1.64
C2 MAN S . -30.03 -56.12 1.03
C3 MAN S . -29.76 -56.83 -0.29
C4 MAN S . -29.82 -58.36 -0.11
C5 MAN S . -31.16 -58.76 0.53
C6 MAN S . -31.21 -60.23 0.90
O2 MAN S . -28.90 -56.41 1.87
O3 MAN S . -28.51 -56.46 -0.86
O4 MAN S . -29.69 -58.99 -1.37
O5 MAN S . -31.36 -58.02 1.75
O6 MAN S . -30.97 -60.99 -0.27
C1 MAN S . -39.22 -50.67 3.79
C2 MAN S . -40.60 -51.32 3.44
C3 MAN S . -41.57 -50.23 2.97
C4 MAN S . -41.66 -49.11 4.01
C5 MAN S . -40.28 -48.50 4.23
C6 MAN S . -40.28 -47.43 5.31
O2 MAN S . -41.29 -51.94 4.58
O3 MAN S . -42.85 -50.75 2.67
O4 MAN S . -42.57 -48.12 3.57
O5 MAN S . -39.34 -49.52 4.63
O6 MAN S . -40.65 -48.06 6.54
C1 NAG T . -27.30 -30.96 10.23
C2 NAG T . -28.05 -29.83 9.51
C3 NAG T . -29.55 -29.82 9.88
C4 NAG T . -30.15 -31.20 9.77
C5 NAG T . -29.32 -32.18 10.59
C6 NAG T . -29.83 -33.60 10.54
C7 NAG T . -27.07 -27.64 8.91
C8 NAG T . -26.49 -26.37 9.46
N2 NAG T . -27.45 -28.54 9.83
O3 NAG T . -30.23 -28.93 9.01
O4 NAG T . -31.48 -31.20 10.27
O5 NAG T . -27.99 -32.19 10.06
O6 NAG T . -29.15 -34.37 9.56
O7 NAG T . -27.19 -27.84 7.71
C1 NAG T . -32.50 -30.93 9.30
C2 NAG T . -33.82 -31.36 9.94
C3 NAG T . -35.00 -31.02 9.04
C4 NAG T . -34.97 -29.55 8.65
C5 NAG T . -33.63 -29.24 8.01
C6 NAG T . -33.47 -27.79 7.62
C7 NAG T . -33.67 -33.76 9.40
C8 NAG T . -33.67 -35.15 9.96
N2 NAG T . -33.81 -32.77 10.28
O3 NAG T . -36.20 -31.33 9.74
O4 NAG T . -35.99 -29.21 7.72
O5 NAG T . -32.57 -29.54 8.94
O6 NAG T . -34.32 -27.43 6.55
O7 NAG T . -33.55 -33.55 8.20
C1 BMA T . -37.39 -29.15 8.14
C2 BMA T . -37.62 -28.33 9.45
C3 BMA T . -39.12 -28.18 9.74
C4 BMA T . -39.91 -27.72 8.49
C5 BMA T . -39.56 -28.62 7.28
C6 BMA T . -40.22 -28.19 5.97
O2 BMA T . -37.09 -27.02 9.32
O3 BMA T . -39.39 -27.27 10.85
O4 BMA T . -41.30 -27.78 8.74
O5 BMA T . -38.14 -28.58 7.08
O6 BMA T . -40.06 -29.29 5.04
C1 NAG U . 22.89 -16.07 -30.74
C2 NAG U . 23.12 -16.78 -32.07
C3 NAG U . 21.79 -17.31 -32.62
C4 NAG U . 21.13 -18.22 -31.58
C5 NAG U . 20.99 -17.48 -30.26
C6 NAG U . 20.46 -18.36 -29.15
C7 NAG U . 23.29 -14.77 -33.48
C8 NAG U . 24.14 -14.03 -34.48
N2 NAG U . 23.79 -15.92 -33.04
O3 NAG U . 22.03 -18.03 -33.82
O4 NAG U . 19.84 -18.62 -32.05
O5 NAG U . 22.26 -16.98 -29.81
O6 NAG U . 20.45 -17.68 -27.91
O7 NAG U . 22.22 -14.32 -33.10
C1 NAG U . 19.68 -20.05 -32.26
C2 NAG U . 18.21 -20.41 -32.09
C3 NAG U . 18.01 -21.90 -32.30
C4 NAG U . 18.58 -22.33 -33.65
C5 NAG U . 20.02 -21.85 -33.81
C6 NAG U . 20.57 -22.08 -35.20
C7 NAG U . 16.94 -18.95 -30.56
C8 NAG U . 16.55 -18.69 -29.13
N2 NAG U . 17.72 -20.01 -30.77
O3 NAG U . 16.62 -22.20 -32.24
O4 NAG U . 18.59 -23.76 -33.72
O5 NAG U . 20.12 -20.44 -33.56
O6 NAG U . 20.99 -23.43 -35.38
O7 NAG U . 16.58 -18.21 -31.47
C1 BMA U . 18.04 -24.31 -34.93
C2 BMA U . 18.65 -25.70 -35.11
C3 BMA U . 18.01 -26.47 -36.28
C4 BMA U . 16.48 -26.26 -36.40
C5 BMA U . 16.03 -24.82 -36.06
C6 BMA U . 14.53 -24.73 -35.87
O2 BMA U . 18.41 -26.48 -33.95
O3 BMA U . 18.30 -27.86 -36.10
O4 BMA U . 16.04 -26.55 -37.72
O5 BMA U . 16.64 -24.39 -34.86
O6 BMA U . 14.16 -23.43 -35.35
C1 MAN U . 18.32 -28.70 -37.29
C2 MAN U . 18.16 -30.14 -36.76
C3 MAN U . 19.43 -30.54 -36.00
C4 MAN U . 20.67 -30.33 -36.89
C5 MAN U . 20.74 -28.88 -37.39
C6 MAN U . 21.85 -28.66 -38.40
O2 MAN U . 18.00 -31.12 -37.81
O3 MAN U . 19.38 -31.89 -35.55
O4 MAN U . 21.85 -30.61 -36.13
O5 MAN U . 19.50 -28.53 -38.05
O6 MAN U . 21.63 -27.42 -39.06
C1 NAG V . 33.33 0.56 -34.68
C2 NAG V . 32.76 -0.46 -35.68
C3 NAG V . 33.76 -1.59 -35.90
C4 NAG V . 35.12 -1.04 -36.30
C5 NAG V . 35.58 -0.01 -35.28
C6 NAG V . 36.87 0.66 -35.66
C7 NAG V . 30.31 -0.42 -35.57
C8 NAG V . 29.09 -1.09 -35.00
N2 NAG V . 31.48 -0.97 -35.23
O3 NAG V . 33.26 -2.46 -36.91
O4 NAG V . 36.07 -2.10 -36.35
O5 NAG V . 34.60 1.02 -35.14
O6 NAG V . 37.54 1.21 -34.53
O7 NAG V . 30.24 0.57 -36.27
C1 NAG V . 36.41 -2.56 -37.68
C2 NAG V . 37.78 -3.23 -37.60
C3 NAG V . 38.18 -3.76 -38.98
C4 NAG V . 37.08 -4.68 -39.52
C5 NAG V . 35.74 -3.96 -39.51
C6 NAG V . 34.60 -4.86 -39.92
C7 NAG V . 39.71 -2.65 -36.21
C8 NAG V . 40.67 -1.56 -35.81
N2 NAG V . 38.78 -2.31 -37.10
O3 NAG V . 39.41 -4.47 -38.86
O4 NAG V . 37.37 -5.04 -40.86
O5 NAG V . 35.44 -3.49 -38.19
O6 NAG V . 33.56 -4.11 -40.56
O7 NAG V . 39.79 -3.78 -35.74
C1 BMA V . 38.25 -6.18 -41.03
C2 BMA V . 37.95 -6.72 -42.45
C3 BMA V . 39.01 -7.71 -42.92
C4 BMA V . 40.40 -7.18 -42.64
C5 BMA V . 40.54 -6.83 -41.15
C6 BMA V . 41.93 -6.31 -40.78
O2 BMA V . 37.96 -5.65 -43.38
O3 BMA V . 38.88 -7.96 -44.32
O4 BMA V . 41.37 -8.16 -42.99
O5 BMA V . 39.60 -5.80 -40.86
O6 BMA V . 42.46 -5.69 -41.94
C1 MAN V . 38.63 -9.35 -44.62
C2 MAN V . 38.63 -9.49 -46.18
C3 MAN V . 37.28 -9.07 -46.79
C4 MAN V . 36.07 -9.56 -45.98
C5 MAN V . 36.25 -9.14 -44.53
C6 MAN V . 35.09 -9.55 -43.63
O2 MAN V . 38.85 -10.86 -46.63
O3 MAN V . 37.16 -9.50 -48.14
O4 MAN V . 34.89 -8.97 -46.51
O5 MAN V . 37.41 -9.78 -44.03
O6 MAN V . 35.42 -9.19 -42.29
C1 MAN V . 40.25 -11.21 -46.79
C2 MAN V . 40.35 -12.41 -47.79
C3 MAN V . 39.81 -13.66 -47.12
C4 MAN V . 40.53 -13.91 -45.78
C5 MAN V . 40.31 -12.70 -44.88
C6 MAN V . 41.01 -12.82 -43.54
O2 MAN V . 41.71 -12.77 -48.18
O3 MAN V . 39.94 -14.80 -47.97
O4 MAN V . 40.01 -15.07 -45.17
O5 MAN V . 40.84 -11.52 -45.53
O6 MAN V . 40.44 -11.85 -42.66
C1 MAN V . 42.57 -11.78 -48.78
C2 MAN V . 42.05 -11.30 -50.19
C3 MAN V . 42.23 -12.40 -51.22
C4 MAN V . 43.67 -12.93 -51.21
C5 MAN V . 44.03 -13.41 -49.80
C6 MAN V . 45.45 -13.91 -49.69
O2 MAN V . 42.82 -10.20 -50.67
O3 MAN V . 41.91 -11.94 -52.53
O4 MAN V . 43.80 -14.01 -52.13
O5 MAN V . 43.88 -12.31 -48.89
O6 MAN V . 45.73 -14.16 -48.31
C1 MAN V . 43.39 -4.62 -41.69
C2 MAN V . 43.53 -3.87 -43.02
C3 MAN V . 44.13 -4.81 -44.07
C4 MAN V . 45.47 -5.39 -43.55
C5 MAN V . 45.24 -6.06 -42.18
C6 MAN V . 46.51 -6.53 -41.50
O2 MAN V . 44.44 -2.78 -42.92
O3 MAN V . 44.29 -4.14 -45.33
O4 MAN V . 45.99 -6.35 -44.44
O5 MAN V . 44.63 -5.13 -41.27
O6 MAN V . 47.31 -7.27 -42.47
C1 MAN V . 48.29 -8.12 -41.82
C2 MAN V . 49.60 -7.23 -41.46
C3 MAN V . 50.68 -7.26 -42.56
C4 MAN V . 50.83 -8.63 -43.20
C5 MAN V . 49.48 -9.06 -43.74
C6 MAN V . 49.54 -10.38 -44.51
O2 MAN V . 50.28 -7.56 -40.18
O3 MAN V . 51.93 -6.81 -42.05
O4 MAN V . 51.78 -8.55 -44.26
O5 MAN V . 48.60 -9.27 -42.63
O6 MAN V . 48.30 -10.58 -45.17
C1 MAN V . 50.38 -8.92 -39.68
C2 MAN V . 50.24 -8.78 -38.15
C3 MAN V . 51.46 -8.08 -37.57
C4 MAN V . 52.76 -8.80 -38.01
C5 MAN V . 52.80 -8.91 -39.55
C6 MAN V . 53.96 -9.75 -40.04
O2 MAN V . 50.17 -10.05 -37.51
O3 MAN V . 51.42 -8.00 -36.16
O4 MAN V . 53.88 -8.07 -37.56
O5 MAN V . 51.60 -9.54 -40.02
O6 MAN V . 55.17 -9.19 -39.53
C1 MAN V . 44.02 -5.00 -46.46
C2 MAN V . 44.68 -4.33 -47.70
C3 MAN V . 43.86 -3.12 -48.10
C4 MAN V . 42.40 -3.52 -48.36
C5 MAN V . 41.80 -4.12 -47.07
C6 MAN V . 40.39 -4.65 -47.29
O2 MAN V . 44.72 -5.15 -48.90
O3 MAN V . 44.38 -2.46 -49.25
O4 MAN V . 41.64 -2.38 -48.73
O5 MAN V . 42.62 -5.24 -46.63
O6 MAN V . 40.45 -5.72 -48.24
C1 NAG W . 29.96 -22.02 -14.91
C2 NAG W . 30.07 -22.96 -16.10
C3 NAG W . 29.08 -24.11 -15.95
C4 NAG W . 29.20 -24.77 -14.58
C5 NAG W . 29.30 -23.75 -13.44
C6 NAG W . 29.73 -24.35 -12.13
C7 NAG W . 30.78 -21.56 -17.99
C8 NAG W . 30.35 -20.89 -19.26
N2 NAG W . 29.83 -22.24 -17.35
O3 NAG W . 29.31 -25.06 -16.97
O4 NAG W . 28.02 -25.51 -14.33
O5 NAG W . 30.26 -22.73 -13.75
O6 NAG W . 30.53 -23.45 -11.38
O7 NAG W . 31.93 -21.49 -17.58
C1 NAG W . 28.24 -26.93 -14.22
C2 NAG W . 26.97 -27.53 -13.66
C3 NAG W . 27.08 -29.05 -13.59
C4 NAG W . 27.54 -29.63 -14.93
C5 NAG W . 28.77 -28.91 -15.43
C6 NAG W . 29.18 -29.30 -16.83
C7 NAG W . 25.47 -26.57 -11.95
C8 NAG W . 25.37 -26.04 -10.56
N2 NAG W . 26.68 -26.99 -12.35
O3 NAG W . 25.82 -29.61 -13.22
O4 NAG W . 27.85 -31.01 -14.72
O5 NAG W . 28.52 -27.49 -15.48
O6 NAG W . 28.10 -29.18 -17.75
O7 NAG W . 24.49 -26.63 -12.69
C1 BMA W . 27.47 -31.91 -15.78
C2 BMA W . 28.58 -32.96 -15.77
C3 BMA W . 28.30 -34.08 -16.75
C4 BMA W . 26.85 -34.60 -16.62
C5 BMA W . 25.85 -33.42 -16.64
C6 BMA W . 24.41 -33.85 -16.43
O2 BMA W . 28.68 -33.56 -14.48
O3 BMA W . 29.22 -35.18 -16.56
O4 BMA W . 26.55 -35.49 -17.68
O5 BMA W . 26.20 -32.51 -15.58
O6 BMA W . 24.01 -34.66 -17.55
C1 MAN W . 30.44 -35.07 -17.37
C2 MAN W . 31.25 -36.38 -17.18
C3 MAN W . 31.89 -36.41 -15.79
C4 MAN W . 32.74 -35.16 -15.57
C5 MAN W . 31.87 -33.91 -15.72
C6 MAN W . 32.69 -32.63 -15.61
O2 MAN W . 32.34 -36.43 -18.11
O3 MAN W . 32.67 -37.58 -15.57
O4 MAN W . 33.32 -35.19 -14.28
O5 MAN W . 31.22 -33.92 -17.02
O6 MAN W . 31.80 -31.52 -15.63
C1 NAG X . 23.70 -8.18 -34.52
C2 NAG X . 23.05 -6.78 -34.69
C3 NAG X . 23.10 -6.31 -36.15
C4 NAG X . 24.49 -6.46 -36.73
C5 NAG X . 24.89 -7.91 -36.60
C6 NAG X . 26.26 -8.22 -37.18
C7 NAG X . 21.25 -6.13 -33.14
C8 NAG X . 19.80 -6.28 -32.81
N2 NAG X . 21.68 -6.80 -34.20
O3 NAG X . 22.68 -4.95 -36.18
O4 NAG X . 24.51 -6.10 -38.11
O5 NAG X . 24.95 -8.23 -35.21
O6 NAG X . 27.28 -8.02 -36.23
O7 NAG X . 22.00 -5.43 -32.46
C1 NAG X . 24.60 -4.69 -38.38
C2 NAG X . 25.15 -4.54 -39.80
C3 NAG X . 25.08 -3.08 -40.27
C4 NAG X . 23.64 -2.60 -40.15
C5 NAG X . 23.25 -2.69 -38.68
C6 NAG X . 21.86 -2.19 -38.41
C7 NAG X . 27.56 -4.54 -39.22
C8 NAG X . 28.88 -5.20 -39.46
N2 NAG X . 26.52 -5.03 -39.90
O3 NAG X . 25.52 -2.99 -41.63
O4 NAG X . 23.45 -1.28 -40.66
O5 NAG X . 23.31 -4.06 -38.29
O6 NAG X . 21.71 -0.83 -38.78
O7 NAG X . 27.44 -3.59 -38.45
C1 BMA X . 23.03 -1.14 -42.06
C2 BMA X . 21.68 -1.86 -42.40
C3 BMA X . 21.24 -1.56 -43.81
C4 BMA X . 21.17 -0.05 -44.04
C5 BMA X . 22.55 0.57 -43.72
C6 BMA X . 22.58 2.09 -43.88
O2 BMA X . 20.63 -1.42 -41.53
O3 BMA X . 19.98 -2.21 -44.10
O4 BMA X . 20.83 0.21 -45.39
O5 BMA X . 22.90 0.25 -42.35
O6 BMA X . 23.97 2.47 -43.68
#